data_4I9N
#
_entry.id   4I9N
#
_cell.length_a   84.040
_cell.length_b   139.815
_cell.length_c   138.934
_cell.angle_alpha   90.000
_cell.angle_beta   94.570
_cell.angle_gamma   90.000
#
_symmetry.space_group_name_H-M   'P 1 21 1'
#
loop_
_entity.id
_entity.type
_entity.pdbx_description
1 polymer 'L-lactate dehydrogenase A chain'
2 non-polymer '6-({2-[(5-chloro-4-{[(2S)-2,3-dihydroxypropyl]oxy}-2-methoxyphenyl)amino]-2-oxoethyl}sulfanyl)pyridine-3-carboxylic acid'
3 non-polymer '6-[3-(carboxymethoxy)-5-fluorophenyl]pyridine-3-carboxylic acid'
4 water water
#
_entity_poly.entity_id   1
_entity_poly.type   'polypeptide(L)'
_entity_poly.pdbx_seq_one_letter_code
;AALKDQLIHNLLKEEHVPQNKITVVGVGAVGMACAISILMKDLADELALVDVMEDKLKGEMMDLQHGSLFLRTPKIVSGK
DYSVTANSKLVIITAGARQQEGESRLNLVQRNVNIFKFIIPNVVKYSPHCKLLVVSNPVDILTYVAWKISGFPKNRVIGS
GCNLDSARFRYLMGERLGVHALSCHGWILGEHGDSSVPVWSGMNVAGVSLKTLHPELGTDADKEQWKQVHKQVVDSAYEV
IKLKGYTTWAIGLSVADLAESIMKNLRRVHPISTMLKGLYGIKEDVFLSVPCVLGQNGISDVVKVTLTSEEEAHLKKSAD
TLWGIQKELQF
;
_entity_poly.pdbx_strand_id   A,B,C,D,E,F,G,H
#
loop_
_chem_comp.id
_chem_comp.type
_chem_comp.name
_chem_comp.formula
1E5 non-polymer '6-[3-(carboxymethoxy)-5-fluorophenyl]pyridine-3-carboxylic acid' 'C14 H10 F N O5'
1E6 non-polymer '6-({2-[(5-chloro-4-{[(2S)-2,3-dihydroxypropyl]oxy}-2-methoxyphenyl)amino]-2-oxoethyl}sulfanyl)pyridine-3-carboxylic acid' 'C18 H19 Cl N2 O7 S'
#
# COMPACT_ATOMS: atom_id res chain seq x y z
N ALA A 1 72.82 8.02 -9.17
CA ALA A 1 72.13 6.69 -9.21
C ALA A 1 70.90 6.76 -10.11
N ALA A 2 70.57 5.65 -10.75
CA ALA A 2 69.40 5.58 -11.62
C ALA A 2 68.16 5.99 -10.83
N LEU A 3 67.13 6.45 -11.52
CA LEU A 3 65.95 7.00 -10.85
C LEU A 3 65.25 5.97 -9.96
N LYS A 4 65.31 4.72 -10.38
CA LYS A 4 64.67 3.64 -9.63
C LYS A 4 65.34 3.48 -8.28
N ASP A 5 66.66 3.65 -8.26
CA ASP A 5 67.42 3.55 -7.03
C ASP A 5 67.27 4.79 -6.17
N GLN A 6 66.92 5.92 -6.80
CA GLN A 6 66.71 7.14 -6.04
C GLN A 6 65.45 7.00 -5.20
N LEU A 7 64.43 6.38 -5.79
CA LEU A 7 63.11 6.29 -5.18
C LEU A 7 63.01 5.07 -4.27
N ILE A 8 63.68 3.99 -4.68
CA ILE A 8 63.48 2.68 -4.07
C ILE A 8 64.77 2.02 -3.58
N HIS A 9 64.84 1.77 -2.28
CA HIS A 9 65.97 1.04 -1.72
C HIS A 9 65.65 -0.44 -1.62
N ASN A 10 66.50 -1.25 -2.25
CA ASN A 10 66.30 -2.69 -2.26
C ASN A 10 66.86 -3.32 -0.97
N LEU A 11 66.05 -4.12 -0.30
CA LEU A 11 66.49 -4.74 0.95
C LEU A 11 66.63 -6.25 0.86
N LEU A 12 66.21 -6.83 -0.27
CA LEU A 12 66.20 -8.28 -0.42
C LEU A 12 66.60 -8.74 -1.82
N LYS A 13 67.39 -9.80 -1.88
CA LYS A 13 67.74 -10.43 -3.15
C LYS A 13 66.62 -11.39 -3.55
N GLU A 14 65.79 -10.95 -4.48
CA GLU A 14 64.47 -11.53 -4.66
C GLU A 14 64.48 -12.75 -5.58
N GLU A 15 64.11 -13.89 -4.99
CA GLU A 15 63.99 -15.15 -5.69
C GLU A 15 62.56 -15.33 -6.16
N HIS A 16 62.35 -15.34 -7.47
CA HIS A 16 60.98 -15.49 -7.96
C HIS A 16 60.61 -16.95 -8.21
N VAL A 17 60.12 -17.61 -7.17
CA VAL A 17 59.53 -18.93 -7.31
C VAL A 17 58.01 -18.84 -7.25
N PRO A 18 57.37 -18.91 -8.43
CA PRO A 18 55.91 -18.82 -8.56
C PRO A 18 55.17 -19.87 -7.73
N GLN A 19 54.08 -19.44 -7.09
CA GLN A 19 53.44 -20.23 -6.05
C GLN A 19 52.09 -20.78 -6.48
N ASN A 20 51.36 -20.03 -7.29
CA ASN A 20 50.08 -20.50 -7.76
C ASN A 20 49.95 -20.23 -9.25
N LYS A 21 50.90 -20.77 -10.01
CA LYS A 21 51.07 -20.43 -11.41
C LYS A 21 50.17 -21.31 -12.27
N ILE A 22 49.67 -20.76 -13.36
CA ILE A 22 48.84 -21.53 -14.27
C ILE A 22 49.22 -21.22 -15.72
N THR A 23 49.37 -22.28 -16.51
CA THR A 23 49.69 -22.12 -17.92
C THR A 23 48.51 -22.53 -18.78
N VAL A 24 48.26 -21.74 -19.82
CA VAL A 24 47.31 -22.10 -20.86
C VAL A 24 48.10 -22.42 -22.12
N VAL A 25 47.93 -23.63 -22.65
CA VAL A 25 48.57 -24.00 -23.90
C VAL A 25 47.60 -23.73 -25.04
N GLY A 26 48.04 -22.91 -25.98
CA GLY A 26 47.17 -22.48 -27.05
C GLY A 26 46.47 -21.17 -26.70
N VAL A 27 46.63 -20.18 -27.56
CA VAL A 27 45.97 -18.90 -27.38
C VAL A 27 44.91 -18.69 -28.45
N GLY A 28 44.22 -19.77 -28.80
CA GLY A 28 43.05 -19.66 -29.65
C GLY A 28 41.89 -19.00 -28.92
N ALA A 29 40.69 -19.13 -29.49
CA ALA A 29 39.50 -18.55 -28.90
C ALA A 29 39.26 -19.14 -27.50
N VAL A 30 39.40 -20.45 -27.38
CA VAL A 30 39.19 -21.13 -26.11
C VAL A 30 40.29 -20.80 -25.09
N GLY A 31 41.54 -20.93 -25.53
CA GLY A 31 42.67 -20.66 -24.65
C GLY A 31 42.57 -19.29 -23.99
N MET A 32 42.14 -18.28 -24.73
CA MET A 32 42.12 -16.92 -24.19
C MET A 32 40.88 -16.72 -23.31
N ALA A 33 39.81 -17.45 -23.61
CA ALA A 33 38.60 -17.39 -22.81
C ALA A 33 38.91 -17.94 -21.42
N CYS A 34 39.66 -19.03 -21.38
CA CYS A 34 40.10 -19.59 -20.12
C CYS A 34 41.03 -18.59 -19.46
N ALA A 35 41.95 -18.04 -20.23
CA ALA A 35 42.94 -17.10 -19.67
C ALA A 35 42.26 -15.92 -18.95
N ILE A 36 41.27 -15.31 -19.60
CA ILE A 36 40.66 -14.12 -19.06
C ILE A 36 39.70 -14.47 -17.91
N SER A 37 38.96 -15.57 -18.03
CA SER A 37 38.12 -16.04 -16.91
C SER A 37 38.96 -16.30 -15.65
N ILE A 38 40.11 -16.93 -15.84
CA ILE A 38 41.05 -17.20 -14.74
C ILE A 38 41.60 -15.90 -14.17
N LEU A 39 41.95 -14.97 -15.05
CA LEU A 39 42.53 -13.70 -14.60
C LEU A 39 41.48 -12.92 -13.80
N MET A 40 40.24 -12.96 -14.24
CA MET A 40 39.18 -12.21 -13.58
C MET A 40 38.79 -12.87 -12.26
N LYS A 41 39.11 -14.15 -12.10
CA LYS A 41 38.74 -14.86 -10.87
C LYS A 41 39.86 -14.91 -9.86
N ASP A 42 40.96 -14.21 -10.13
CA ASP A 42 42.09 -14.18 -9.21
C ASP A 42 42.59 -15.55 -8.77
N LEU A 43 42.78 -16.47 -9.71
CA LEU A 43 43.16 -17.83 -9.32
C LEU A 43 44.66 -18.07 -9.33
N ALA A 44 45.38 -17.25 -10.08
CA ALA A 44 46.84 -17.39 -10.19
C ALA A 44 47.58 -16.16 -9.67
N ASP A 45 48.81 -16.35 -9.19
CA ASP A 45 49.70 -15.22 -9.02
C ASP A 45 50.59 -15.04 -10.27
N GLU A 46 50.51 -16.01 -11.18
CA GLU A 46 51.24 -15.93 -12.43
C GLU A 46 50.53 -16.73 -13.52
N LEU A 47 50.51 -16.19 -14.74
CA LEU A 47 49.90 -16.87 -15.88
C LEU A 47 50.89 -16.95 -17.05
N ALA A 48 50.99 -18.13 -17.65
CA ALA A 48 51.84 -18.30 -18.82
C ALA A 48 50.99 -18.70 -20.01
N LEU A 49 51.35 -18.21 -21.18
CA LEU A 49 50.69 -18.65 -22.41
C LEU A 49 51.73 -19.22 -23.35
N VAL A 50 51.48 -20.42 -23.85
CA VAL A 50 52.35 -21.04 -24.84
C VAL A 50 51.61 -21.29 -26.15
N ASP A 51 52.32 -21.18 -27.26
CA ASP A 51 51.78 -21.47 -28.59
C ASP A 51 52.96 -21.47 -29.59
N VAL A 52 52.72 -21.94 -30.81
CA VAL A 52 53.73 -21.82 -31.86
C VAL A 52 53.52 -20.59 -32.73
N MET A 53 52.34 -19.99 -32.65
CA MET A 53 52.09 -18.72 -33.32
C MET A 53 52.64 -17.56 -32.49
N GLU A 54 53.86 -17.14 -32.79
CA GLU A 54 54.60 -16.23 -31.91
C GLU A 54 54.08 -14.80 -31.85
N ASP A 55 53.70 -14.23 -32.99
CA ASP A 55 53.14 -12.87 -33.00
C ASP A 55 51.80 -12.82 -32.29
N LYS A 56 50.92 -13.77 -32.62
CA LYS A 56 49.64 -13.93 -31.94
C LYS A 56 49.89 -14.02 -30.43
N LEU A 57 50.82 -14.90 -30.05
CA LEU A 57 51.20 -15.15 -28.67
C LEU A 57 51.71 -13.89 -27.96
N LYS A 58 52.53 -13.10 -28.64
CA LYS A 58 53.07 -11.88 -28.09
C LYS A 58 51.97 -10.82 -27.90
N GLY A 59 51.11 -10.69 -28.91
CA GLY A 59 49.99 -9.78 -28.82
C GLY A 59 49.09 -10.06 -27.61
N GLU A 60 48.64 -11.30 -27.47
CA GLU A 60 47.71 -11.66 -26.40
C GLU A 60 48.35 -11.41 -25.05
N MET A 61 49.64 -11.69 -24.95
CA MET A 61 50.37 -11.39 -23.73
C MET A 61 50.32 -9.89 -23.45
N MET A 62 50.71 -9.08 -24.43
CA MET A 62 50.75 -7.64 -24.26
C MET A 62 49.37 -7.13 -23.92
N ASP A 63 48.38 -7.57 -24.67
CA ASP A 63 47.02 -7.11 -24.45
C ASP A 63 46.55 -7.42 -23.02
N LEU A 64 46.97 -8.57 -22.48
CA LEU A 64 46.60 -8.91 -21.11
C LEU A 64 47.37 -8.04 -20.13
N GLN A 65 48.68 -7.97 -20.31
CA GLN A 65 49.53 -7.19 -19.43
C GLN A 65 48.97 -5.77 -19.28
N HIS A 66 48.41 -5.24 -20.36
CA HIS A 66 47.93 -3.85 -20.37
C HIS A 66 46.78 -3.61 -19.41
N GLY A 67 46.15 -4.68 -18.96
CA GLY A 67 45.06 -4.52 -18.01
C GLY A 67 45.46 -4.86 -16.60
N SER A 68 46.77 -4.88 -16.32
CA SER A 68 47.27 -5.21 -14.99
C SER A 68 46.64 -4.36 -13.90
N LEU A 69 46.59 -3.05 -14.13
CA LEU A 69 45.98 -2.14 -13.18
C LEU A 69 44.69 -2.73 -12.63
N PHE A 70 44.00 -3.50 -13.48
CA PHE A 70 42.63 -3.94 -13.19
C PHE A 70 42.56 -5.39 -12.68
N LEU A 71 43.70 -6.04 -12.56
CA LEU A 71 43.73 -7.45 -12.24
C LEU A 71 44.50 -7.62 -10.95
N ARG A 72 44.44 -8.81 -10.37
CA ARG A 72 45.20 -9.07 -9.16
C ARG A 72 46.19 -10.20 -9.39
N THR A 73 46.62 -10.36 -10.64
CA THR A 73 47.56 -11.43 -11.02
C THR A 73 48.83 -10.82 -11.58
N PRO A 74 49.83 -10.62 -10.71
CA PRO A 74 50.95 -9.71 -10.98
C PRO A 74 51.87 -10.04 -12.16
N LYS A 75 51.90 -11.29 -12.59
CA LYS A 75 52.81 -11.64 -13.68
C LYS A 75 52.16 -12.43 -14.80
N ILE A 76 52.36 -11.96 -16.02
CA ILE A 76 51.91 -12.68 -17.21
C ILE A 76 53.09 -12.83 -18.17
N VAL A 77 53.29 -14.05 -18.67
CA VAL A 77 54.42 -14.32 -19.56
C VAL A 77 53.99 -15.20 -20.73
N SER A 78 54.72 -15.12 -21.84
CA SER A 78 54.45 -15.90 -23.03
C SER A 78 55.74 -16.33 -23.74
N GLY A 79 55.64 -17.35 -24.58
CA GLY A 79 56.78 -17.80 -25.37
C GLY A 79 56.48 -19.10 -26.08
N LYS A 80 57.19 -19.35 -27.17
CA LYS A 80 57.12 -20.64 -27.85
C LYS A 80 57.92 -21.71 -27.10
N ASP A 81 58.88 -21.28 -26.26
CA ASP A 81 59.66 -22.21 -25.44
C ASP A 81 59.04 -22.50 -24.06
N TYR A 82 59.00 -23.77 -23.68
CA TYR A 82 58.23 -24.18 -22.50
C TYR A 82 58.89 -23.89 -21.16
N SER A 83 60.07 -23.27 -21.19
CA SER A 83 60.70 -22.84 -19.96
C SER A 83 59.83 -21.79 -19.28
N VAL A 84 59.06 -21.04 -20.09
CA VAL A 84 58.14 -20.02 -19.58
C VAL A 84 57.03 -20.62 -18.72
N THR A 85 56.81 -21.94 -18.85
CA THR A 85 55.72 -22.57 -18.10
C THR A 85 56.22 -23.25 -16.85
N ALA A 86 57.48 -23.02 -16.50
CA ALA A 86 58.11 -23.76 -15.41
C ALA A 86 57.37 -23.57 -14.08
N ASN A 87 57.20 -24.67 -13.35
CA ASN A 87 56.67 -24.62 -11.99
C ASN A 87 55.17 -24.31 -11.92
N SER A 88 54.43 -24.63 -12.96
CA SER A 88 52.97 -24.51 -12.95
C SER A 88 52.34 -25.53 -12.02
N LYS A 89 51.31 -25.09 -11.31
CA LYS A 89 50.42 -25.98 -10.56
C LYS A 89 49.43 -26.65 -11.49
N LEU A 90 48.98 -25.91 -12.49
CA LEU A 90 47.95 -26.37 -13.42
C LEU A 90 48.29 -25.95 -14.84
N VAL A 91 48.21 -26.89 -15.77
CA VAL A 91 48.43 -26.57 -17.17
C VAL A 91 47.24 -27.07 -17.99
N ILE A 92 46.64 -26.15 -18.73
CA ILE A 92 45.37 -26.40 -19.39
C ILE A 92 45.65 -26.51 -20.88
N ILE A 93 45.27 -27.64 -21.48
CA ILE A 93 45.62 -27.87 -22.88
C ILE A 93 44.47 -27.56 -23.83
N THR A 94 44.64 -26.49 -24.60
CA THR A 94 43.63 -26.15 -25.61
C THR A 94 44.15 -26.37 -27.02
N ALA A 95 45.38 -26.86 -27.15
CA ALA A 95 46.04 -27.02 -28.45
C ALA A 95 45.38 -28.11 -29.30
N GLY A 96 45.24 -27.87 -30.59
CA GLY A 96 44.72 -28.91 -31.48
C GLY A 96 44.97 -28.61 -32.94
N ALA A 97 44.62 -29.55 -33.83
CA ALA A 97 44.85 -29.35 -35.24
C ALA A 97 43.61 -28.82 -35.98
N ARG A 98 43.83 -28.33 -37.20
CA ARG A 98 42.77 -27.70 -37.95
C ARG A 98 42.43 -28.46 -39.21
N LEU A 106 40.30 -38.63 -43.90
CA LEU A 106 40.83 -37.84 -42.80
C LEU A 106 40.27 -38.21 -41.45
N ASN A 107 41.17 -38.20 -40.49
CA ASN A 107 40.89 -38.64 -39.13
C ASN A 107 42.11 -38.50 -38.23
N LEU A 108 42.86 -37.43 -38.47
CA LEU A 108 43.02 -36.35 -37.48
C LEU A 108 43.74 -36.70 -36.20
N VAL A 109 43.04 -37.36 -35.29
CA VAL A 109 43.51 -37.63 -33.94
C VAL A 109 45.00 -37.95 -33.86
N GLN A 110 45.52 -38.66 -34.86
CA GLN A 110 46.94 -39.02 -34.82
C GLN A 110 47.82 -37.77 -34.92
N ARG A 111 47.35 -36.76 -35.66
CA ARG A 111 48.05 -35.49 -35.71
C ARG A 111 47.96 -34.76 -34.37
N ASN A 112 46.76 -34.67 -33.79
CA ASN A 112 46.61 -34.13 -32.46
C ASN A 112 47.50 -34.92 -31.50
N VAL A 113 47.59 -36.23 -31.76
CA VAL A 113 48.51 -37.09 -31.02
C VAL A 113 49.94 -36.62 -31.25
N ASN A 114 50.24 -36.28 -32.50
CA ASN A 114 51.57 -35.80 -32.84
C ASN A 114 51.84 -34.49 -32.11
N ILE A 115 50.87 -33.58 -32.14
CA ILE A 115 50.97 -32.34 -31.40
C ILE A 115 51.20 -32.57 -29.89
N PHE A 116 50.42 -33.46 -29.28
CA PHE A 116 50.61 -33.80 -27.87
C PHE A 116 51.95 -34.51 -27.61
N LYS A 117 52.50 -35.15 -28.64
CA LYS A 117 53.80 -35.82 -28.55
C LYS A 117 54.95 -34.85 -28.32
N PHE A 118 54.79 -33.63 -28.81
CA PHE A 118 55.76 -32.58 -28.56
C PHE A 118 55.38 -31.78 -27.31
N ILE A 119 54.12 -31.40 -27.19
CA ILE A 119 53.68 -30.50 -26.13
C ILE A 119 53.78 -31.12 -24.73
N ILE A 120 53.20 -32.30 -24.55
CA ILE A 120 53.13 -32.89 -23.22
C ILE A 120 54.52 -33.09 -22.60
N PRO A 121 55.45 -33.75 -23.31
CA PRO A 121 56.76 -33.93 -22.69
C PRO A 121 57.45 -32.59 -22.34
N ASN A 122 57.28 -31.59 -23.21
CA ASN A 122 57.71 -30.23 -22.91
C ASN A 122 57.09 -29.70 -21.61
N VAL A 123 55.81 -29.99 -21.42
CA VAL A 123 55.08 -29.59 -20.21
C VAL A 123 55.58 -30.29 -18.95
N VAL A 124 55.65 -31.61 -19.00
CA VAL A 124 56.07 -32.37 -17.83
C VAL A 124 57.50 -32.01 -17.47
N LYS A 125 58.28 -31.66 -18.49
CA LYS A 125 59.67 -31.27 -18.30
C LYS A 125 59.83 -30.05 -17.38
N TYR A 126 58.97 -29.04 -17.59
CA TYR A 126 59.12 -27.78 -16.87
C TYR A 126 58.22 -27.66 -15.64
N SER A 127 57.25 -28.57 -15.53
CA SER A 127 56.32 -28.58 -14.40
C SER A 127 56.03 -30.01 -13.99
N PRO A 128 57.04 -30.68 -13.43
CA PRO A 128 57.02 -32.12 -13.10
C PRO A 128 55.83 -32.50 -12.21
N HIS A 129 55.37 -31.56 -11.39
CA HIS A 129 54.36 -31.87 -10.39
C HIS A 129 52.98 -31.29 -10.68
N CYS A 130 52.74 -30.87 -11.92
CA CYS A 130 51.53 -30.11 -12.25
C CYS A 130 50.34 -31.02 -12.45
N LYS A 131 49.15 -30.45 -12.40
CA LYS A 131 47.95 -31.13 -12.87
C LYS A 131 47.70 -30.71 -14.32
N LEU A 132 47.21 -31.66 -15.11
CA LEU A 132 46.89 -31.41 -16.51
C LEU A 132 45.38 -31.39 -16.73
N LEU A 133 44.90 -30.36 -17.42
CA LEU A 133 43.49 -30.22 -17.77
C LEU A 133 43.40 -30.10 -19.26
N VAL A 134 42.90 -31.14 -19.93
CA VAL A 134 42.80 -31.15 -21.38
C VAL A 134 41.41 -30.69 -21.82
N VAL A 135 41.35 -29.78 -22.76
CA VAL A 135 40.07 -29.25 -23.20
C VAL A 135 39.90 -29.59 -24.68
N SER A 136 41.01 -30.01 -25.31
CA SER A 136 41.02 -30.21 -26.76
C SER A 136 40.09 -31.35 -27.13
N ASN A 137 39.45 -31.25 -28.29
CA ASN A 137 38.59 -32.33 -28.75
C ASN A 137 39.29 -33.18 -29.81
N PRO A 138 39.02 -34.49 -29.81
CA PRO A 138 38.07 -35.19 -28.92
C PRO A 138 38.60 -35.38 -27.50
N VAL A 139 37.90 -34.81 -26.53
CA VAL A 139 38.47 -34.60 -25.20
C VAL A 139 38.80 -35.88 -24.42
N ASP A 140 37.95 -36.90 -24.52
CA ASP A 140 38.22 -38.13 -23.78
C ASP A 140 39.43 -38.89 -24.33
N ILE A 141 39.62 -38.84 -25.65
CA ILE A 141 40.79 -39.45 -26.30
C ILE A 141 42.08 -38.68 -26.01
N LEU A 142 42.08 -37.38 -26.24
CA LEU A 142 43.29 -36.58 -26.05
C LEU A 142 43.74 -36.60 -24.59
N THR A 143 42.77 -36.60 -23.68
CA THR A 143 43.09 -36.75 -22.27
C THR A 143 43.81 -38.06 -21.99
N TYR A 144 43.31 -39.16 -22.55
CA TYR A 144 44.01 -40.44 -22.51
C TYR A 144 45.42 -40.30 -23.10
N VAL A 145 45.51 -39.66 -24.26
CA VAL A 145 46.80 -39.47 -24.90
C VAL A 145 47.74 -38.68 -23.99
N ALA A 146 47.27 -37.58 -23.42
CA ALA A 146 48.10 -36.76 -22.55
C ALA A 146 48.53 -37.57 -21.34
N TRP A 147 47.61 -38.37 -20.81
CA TRP A 147 47.90 -39.21 -19.65
C TRP A 147 49.02 -40.21 -19.91
N LYS A 148 48.98 -40.86 -21.06
CA LYS A 148 50.00 -41.88 -21.38
C LYS A 148 51.36 -41.24 -21.63
N ILE A 149 51.39 -40.18 -22.44
CA ILE A 149 52.63 -39.49 -22.72
C ILE A 149 53.27 -38.86 -21.48
N SER A 150 52.45 -38.44 -20.52
CA SER A 150 52.95 -37.68 -19.38
C SER A 150 53.66 -38.56 -18.35
N GLY A 151 53.24 -39.81 -18.22
CA GLY A 151 53.76 -40.68 -17.19
C GLY A 151 53.15 -40.38 -15.83
N PHE A 152 52.23 -39.42 -15.79
CA PHE A 152 51.55 -39.01 -14.56
C PHE A 152 50.58 -40.08 -14.01
N PRO A 153 50.42 -40.15 -12.68
CA PRO A 153 49.30 -40.90 -12.14
C PRO A 153 47.96 -40.27 -12.60
N LYS A 154 46.91 -41.09 -12.65
CA LYS A 154 45.63 -40.69 -13.23
C LYS A 154 44.90 -39.54 -12.52
N ASN A 155 45.13 -39.38 -11.23
CA ASN A 155 44.46 -38.34 -10.46
C ASN A 155 44.90 -36.96 -10.95
N ARG A 156 46.04 -36.91 -11.62
CA ARG A 156 46.61 -35.62 -12.00
C ARG A 156 46.40 -35.27 -13.47
N VAL A 157 45.54 -36.03 -14.16
CA VAL A 157 45.26 -35.76 -15.56
C VAL A 157 43.76 -35.73 -15.78
N ILE A 158 43.23 -34.55 -16.04
CA ILE A 158 41.78 -34.34 -16.11
C ILE A 158 41.35 -33.92 -17.51
N GLY A 159 40.19 -34.41 -17.93
CA GLY A 159 39.57 -33.93 -19.16
C GLY A 159 38.36 -33.10 -18.78
N SER A 160 38.13 -32.02 -19.51
CA SER A 160 37.00 -31.13 -19.21
C SER A 160 35.68 -31.83 -19.52
N GLY A 161 35.74 -32.83 -20.40
CA GLY A 161 34.62 -33.73 -20.59
C GLY A 161 33.25 -33.08 -20.68
N CYS A 162 32.32 -33.54 -19.84
CA CYS A 162 30.92 -33.13 -19.91
C CYS A 162 30.59 -31.96 -18.99
N ASN A 163 31.63 -31.30 -18.48
CA ASN A 163 31.44 -30.19 -17.57
C ASN A 163 30.57 -29.09 -18.19
N LEU A 164 30.92 -28.65 -19.40
CA LEU A 164 30.22 -27.56 -20.05
C LEU A 164 28.80 -27.98 -20.44
N ASP A 165 28.66 -29.21 -20.92
CA ASP A 165 27.36 -29.69 -21.37
C ASP A 165 26.41 -29.84 -20.20
N SER A 166 26.96 -30.17 -19.03
CA SER A 166 26.14 -30.20 -17.82
C SER A 166 25.69 -28.81 -17.45
N ALA A 167 26.55 -27.82 -17.67
CA ALA A 167 26.21 -26.44 -17.34
C ALA A 167 25.14 -25.93 -18.31
N ARG A 168 25.27 -26.29 -19.58
CA ARG A 168 24.26 -25.97 -20.57
C ARG A 168 22.92 -26.62 -20.23
N PHE A 169 22.96 -27.89 -19.83
CA PHE A 169 21.74 -28.62 -19.51
C PHE A 169 21.02 -28.00 -18.31
N ARG A 170 21.80 -27.51 -17.34
CA ARG A 170 21.22 -26.90 -16.15
C ARG A 170 20.70 -25.52 -16.49
N TYR A 171 21.39 -24.81 -17.37
CA TYR A 171 20.87 -23.56 -17.88
C TYR A 171 19.54 -23.82 -18.57
N LEU A 172 19.52 -24.78 -19.49
CA LEU A 172 18.31 -25.07 -20.27
C LEU A 172 17.18 -25.55 -19.37
N MET A 173 17.55 -26.28 -18.32
CA MET A 173 16.56 -26.71 -17.34
C MET A 173 15.95 -25.48 -16.66
N GLY A 174 16.81 -24.57 -16.23
CA GLY A 174 16.36 -23.38 -15.55
C GLY A 174 15.41 -22.51 -16.36
N GLU A 175 15.55 -22.52 -17.68
CA GLU A 175 14.66 -21.79 -18.55
C GLU A 175 13.27 -22.39 -18.58
N ARG A 176 13.18 -23.72 -18.61
CA ARG A 176 11.86 -24.38 -18.58
C ARG A 176 11.18 -24.26 -17.22
N LEU A 177 11.98 -24.26 -16.16
CA LEU A 177 11.42 -24.27 -14.81
C LEU A 177 11.26 -22.87 -14.24
N GLY A 178 11.99 -21.92 -14.82
CA GLY A 178 11.90 -20.54 -14.39
C GLY A 178 12.72 -20.24 -13.14
N VAL A 179 13.78 -21.01 -12.89
CA VAL A 179 14.70 -20.69 -11.79
C VAL A 179 16.15 -20.81 -12.25
N HIS A 180 17.06 -20.27 -11.45
CA HIS A 180 18.45 -20.18 -11.87
C HIS A 180 19.10 -21.57 -12.04
N ALA A 181 20.07 -21.65 -12.96
CA ALA A 181 20.79 -22.90 -13.19
C ALA A 181 21.45 -23.43 -11.91
N LEU A 182 21.90 -22.51 -11.05
CA LEU A 182 22.44 -22.89 -9.73
C LEU A 182 21.46 -23.75 -8.93
N SER A 183 20.17 -23.53 -9.12
CA SER A 183 19.17 -24.27 -8.35
C SER A 183 18.57 -25.44 -9.12
N CYS A 184 18.98 -25.61 -10.37
CA CYS A 184 18.57 -26.78 -11.13
C CYS A 184 19.73 -27.76 -11.23
N HIS A 185 19.51 -28.99 -10.77
CA HIS A 185 20.59 -29.96 -10.77
C HIS A 185 20.34 -31.06 -11.78
N GLY A 186 21.38 -31.39 -12.55
CA GLY A 186 21.25 -32.42 -13.56
C GLY A 186 22.61 -32.76 -14.13
N TRP A 187 22.80 -34.03 -14.48
CA TRP A 187 24.12 -34.48 -14.83
C TRP A 187 24.15 -35.11 -16.19
N ILE A 188 25.08 -34.65 -17.02
CA ILE A 188 25.38 -35.34 -18.26
C ILE A 188 26.71 -36.05 -18.11
N LEU A 189 26.67 -37.37 -18.20
CA LEU A 189 27.86 -38.19 -18.01
C LEU A 189 28.26 -38.98 -19.26
N GLY A 190 29.39 -39.69 -19.14
CA GLY A 190 29.80 -40.61 -20.18
C GLY A 190 30.75 -40.03 -21.19
N GLU A 191 30.69 -40.54 -22.42
CA GLU A 191 31.44 -39.98 -23.53
C GLU A 191 30.95 -38.55 -23.84
N HIS A 192 31.88 -37.62 -23.96
CA HIS A 192 31.55 -36.24 -24.30
C HIS A 192 31.05 -36.19 -25.74
N GLY A 193 30.00 -35.41 -25.98
CA GLY A 193 29.46 -35.28 -27.33
C GLY A 193 28.13 -35.99 -27.53
N ASP A 194 27.90 -36.47 -28.74
CA ASP A 194 26.62 -37.04 -29.12
C ASP A 194 26.18 -38.28 -28.33
N SER A 195 27.11 -39.06 -27.82
CA SER A 195 26.73 -40.26 -27.08
C SER A 195 26.73 -40.07 -25.57
N SER A 196 26.77 -38.82 -25.12
CA SER A 196 26.76 -38.54 -23.69
C SER A 196 25.41 -38.94 -23.07
N VAL A 197 25.41 -39.16 -21.76
CA VAL A 197 24.23 -39.67 -21.05
C VAL A 197 23.54 -38.62 -20.18
N PRO A 198 22.31 -38.23 -20.55
CA PRO A 198 21.48 -37.42 -19.65
C PRO A 198 20.91 -38.30 -18.56
N VAL A 199 21.47 -38.21 -17.35
CA VAL A 199 21.04 -39.06 -16.24
C VAL A 199 19.72 -38.56 -15.66
N TRP A 200 18.63 -38.99 -16.29
CA TRP A 200 17.29 -38.52 -15.95
C TRP A 200 16.95 -38.63 -14.47
N SER A 201 17.43 -39.69 -13.84
CA SER A 201 17.01 -39.99 -12.47
C SER A 201 17.56 -38.98 -11.47
N GLY A 202 18.50 -38.14 -11.91
CA GLY A 202 19.20 -37.27 -10.98
C GLY A 202 18.72 -35.83 -11.03
N MET A 203 17.93 -35.51 -12.06
CA MET A 203 17.42 -34.16 -12.24
C MET A 203 16.42 -33.79 -11.16
N ASN A 204 16.65 -32.66 -10.53
CA ASN A 204 15.80 -32.21 -9.42
C ASN A 204 15.95 -30.73 -9.15
N VAL A 205 14.93 -30.17 -8.51
CA VAL A 205 15.06 -28.89 -7.83
C VAL A 205 14.74 -29.11 -6.35
N ALA A 206 15.62 -28.61 -5.48
CA ALA A 206 15.44 -28.74 -4.04
C ALA A 206 15.24 -30.18 -3.57
N GLY A 207 15.86 -31.14 -4.25
CA GLY A 207 15.77 -32.53 -3.84
C GLY A 207 14.50 -33.22 -4.29
N VAL A 208 13.75 -32.55 -5.16
CA VAL A 208 12.54 -33.13 -5.74
C VAL A 208 12.83 -33.75 -7.11
N SER A 209 12.88 -35.07 -7.16
CA SER A 209 13.14 -35.77 -8.40
C SER A 209 12.07 -35.46 -9.46
N LEU A 210 12.53 -35.10 -10.65
CA LEU A 210 11.61 -34.82 -11.75
C LEU A 210 11.09 -36.12 -12.35
N LYS A 211 11.96 -37.10 -12.49
CA LYS A 211 11.57 -38.38 -13.04
C LYS A 211 10.48 -39.06 -12.20
N THR A 212 10.52 -38.84 -10.88
CA THR A 212 9.51 -39.42 -10.01
C THR A 212 8.20 -38.67 -10.11
N LEU A 213 8.28 -37.34 -10.22
CA LEU A 213 7.11 -36.49 -10.44
C LEU A 213 6.46 -36.77 -11.79
N HIS A 214 7.28 -37.12 -12.77
CA HIS A 214 6.84 -37.18 -14.16
C HIS A 214 7.55 -38.33 -14.87
N PRO A 215 7.08 -39.57 -14.65
CA PRO A 215 7.81 -40.80 -15.00
C PRO A 215 8.23 -40.93 -16.47
N GLU A 216 7.58 -40.19 -17.37
CA GLU A 216 7.90 -40.26 -18.79
C GLU A 216 9.09 -39.38 -19.15
N LEU A 217 9.60 -38.65 -18.17
CA LEU A 217 10.75 -37.76 -18.36
C LEU A 217 11.82 -38.38 -19.25
N GLY A 218 12.11 -37.72 -20.36
CA GLY A 218 13.22 -38.13 -21.21
C GLY A 218 12.92 -39.28 -22.13
N THR A 219 11.66 -39.72 -22.20
CA THR A 219 11.29 -40.81 -23.09
C THR A 219 10.61 -40.31 -24.36
N ASP A 220 10.29 -41.23 -25.26
CA ASP A 220 9.66 -40.87 -26.53
C ASP A 220 8.21 -40.43 -26.30
N ALA A 221 7.60 -40.93 -25.23
CA ALA A 221 6.20 -40.64 -24.93
C ALA A 221 6.07 -39.37 -24.12
N ASP A 222 7.22 -38.79 -23.78
CA ASP A 222 7.25 -37.59 -22.96
C ASP A 222 6.56 -36.45 -23.69
N LYS A 223 5.38 -36.05 -23.21
CA LYS A 223 4.64 -35.00 -23.87
C LYS A 223 5.41 -33.68 -23.88
N GLU A 224 6.35 -33.53 -22.96
CA GLU A 224 7.10 -32.29 -22.86
C GLU A 224 8.45 -32.36 -23.57
N GLN A 225 8.79 -33.53 -24.09
CA GLN A 225 9.97 -33.66 -24.93
C GLN A 225 11.23 -33.16 -24.23
N TRP A 226 11.49 -33.69 -23.04
CA TRP A 226 12.70 -33.34 -22.30
C TRP A 226 13.91 -34.00 -22.92
N LYS A 227 13.71 -35.10 -23.63
CA LYS A 227 14.80 -35.72 -24.37
C LYS A 227 15.42 -34.71 -25.34
N GLN A 228 14.61 -33.78 -25.83
CA GLN A 228 15.10 -32.74 -26.73
C GLN A 228 16.00 -31.74 -26.00
N VAL A 229 15.83 -31.61 -24.69
CA VAL A 229 16.73 -30.78 -23.91
C VAL A 229 18.16 -31.32 -24.03
N HIS A 230 18.33 -32.61 -23.81
CA HIS A 230 19.64 -33.22 -24.02
C HIS A 230 20.09 -33.05 -25.46
N LYS A 231 19.16 -33.25 -26.38
CA LYS A 231 19.44 -33.12 -27.81
C LYS A 231 20.01 -31.74 -28.11
N GLN A 232 19.40 -30.72 -27.53
CA GLN A 232 19.78 -29.33 -27.82
C GLN A 232 21.13 -28.95 -27.23
N VAL A 233 21.53 -29.61 -26.13
CA VAL A 233 22.85 -29.45 -25.54
C VAL A 233 23.93 -30.10 -26.40
N VAL A 234 23.61 -31.25 -26.96
CA VAL A 234 24.53 -31.96 -27.82
C VAL A 234 24.72 -31.22 -29.13
N ASP A 235 23.73 -30.44 -29.53
CA ASP A 235 23.83 -29.61 -30.73
C ASP A 235 24.40 -28.23 -30.47
N SER A 236 24.21 -27.72 -29.25
CA SER A 236 24.32 -26.27 -29.08
C SER A 236 25.69 -25.77 -29.52
N ALA A 237 26.70 -26.62 -29.34
CA ALA A 237 28.06 -26.25 -29.77
C ALA A 237 28.07 -25.96 -31.27
N TYR A 238 27.65 -26.96 -32.04
CA TYR A 238 27.56 -26.83 -33.49
C TYR A 238 26.73 -25.60 -33.88
N GLU A 239 25.61 -25.39 -33.21
CA GLU A 239 24.71 -24.28 -33.55
C GLU A 239 25.36 -22.92 -33.30
N VAL A 240 26.14 -22.80 -32.23
CA VAL A 240 26.84 -21.54 -31.91
C VAL A 240 28.01 -21.31 -32.88
N ILE A 241 28.72 -22.37 -33.22
CA ILE A 241 29.73 -22.29 -34.29
C ILE A 241 29.12 -21.81 -35.61
N LYS A 242 27.94 -22.32 -35.95
CA LYS A 242 27.20 -21.87 -37.11
C LYS A 242 26.94 -20.36 -37.06
N LEU A 243 26.75 -19.82 -35.86
CA LEU A 243 26.37 -18.42 -35.70
C LEU A 243 27.53 -17.43 -35.64
N LYS A 244 28.58 -17.75 -34.89
CA LYS A 244 29.70 -16.82 -34.67
C LYS A 244 31.05 -17.42 -35.04
N GLY A 245 31.05 -18.72 -35.34
CA GLY A 245 32.24 -19.34 -35.91
C GLY A 245 32.95 -20.31 -34.99
N TYR A 246 32.80 -20.11 -33.69
CA TYR A 246 33.39 -20.98 -32.66
C TYR A 246 32.58 -20.74 -31.39
N THR A 247 32.95 -21.41 -30.30
CA THR A 247 32.46 -20.98 -28.99
C THR A 247 33.66 -20.58 -28.17
N THR A 248 33.42 -19.74 -27.15
CA THR A 248 34.52 -19.26 -26.30
C THR A 248 34.13 -19.05 -24.84
N TRP A 249 33.24 -18.11 -24.63
CA TRP A 249 32.98 -17.57 -23.31
C TRP A 249 32.53 -18.65 -22.31
N ALA A 250 31.60 -19.49 -22.75
CA ALA A 250 31.01 -20.52 -21.89
C ALA A 250 32.02 -21.63 -21.53
N ILE A 251 32.75 -22.11 -22.53
CA ILE A 251 33.80 -23.08 -22.28
C ILE A 251 34.88 -22.49 -21.38
N GLY A 252 35.32 -21.26 -21.68
CA GLY A 252 36.31 -20.61 -20.85
C GLY A 252 35.87 -20.45 -19.40
N LEU A 253 34.60 -20.09 -19.17
CA LEU A 253 34.07 -19.95 -17.81
C LEU A 253 34.01 -21.30 -17.10
N SER A 254 33.63 -22.35 -17.84
CA SER A 254 33.52 -23.67 -17.23
C SER A 254 34.88 -24.26 -16.87
N VAL A 255 35.92 -23.90 -17.61
CA VAL A 255 37.26 -24.36 -17.28
C VAL A 255 37.84 -23.64 -16.06
N ALA A 256 37.54 -22.34 -15.94
CA ALA A 256 38.00 -21.58 -14.79
C ALA A 256 37.33 -22.10 -13.52
N ASP A 257 36.09 -22.55 -13.64
CA ASP A 257 35.40 -23.13 -12.50
C ASP A 257 36.20 -24.34 -12.02
N LEU A 258 36.80 -25.05 -12.97
CA LEU A 258 37.55 -26.25 -12.60
C LEU A 258 38.88 -25.85 -11.96
N ALA A 259 39.54 -24.85 -12.54
CA ALA A 259 40.76 -24.33 -11.97
C ALA A 259 40.52 -23.91 -10.52
N GLU A 260 39.34 -23.35 -10.27
CA GLU A 260 39.04 -22.85 -8.93
C GLU A 260 39.08 -23.99 -7.93
N SER A 261 38.34 -25.06 -8.22
CA SER A 261 38.32 -26.20 -7.32
C SER A 261 39.73 -26.79 -7.14
N ILE A 262 40.53 -26.74 -8.19
CA ILE A 262 41.88 -27.27 -8.11
C ILE A 262 42.75 -26.36 -7.25
N MET A 263 42.84 -25.09 -7.62
CA MET A 263 43.68 -24.17 -6.88
C MET A 263 43.33 -24.05 -5.39
N LYS A 264 42.03 -24.11 -5.07
CA LYS A 264 41.58 -23.87 -3.69
C LYS A 264 41.23 -25.15 -2.95
N ASN A 265 41.60 -26.29 -3.53
CA ASN A 265 41.37 -27.59 -2.91
C ASN A 265 39.94 -27.71 -2.37
N LEU A 266 38.96 -27.34 -3.20
CA LEU A 266 37.57 -27.25 -2.75
C LEU A 266 36.94 -28.62 -2.51
N ARG A 267 37.34 -29.61 -3.31
CA ARG A 267 36.73 -30.93 -3.27
C ARG A 267 35.25 -30.82 -3.64
N ARG A 268 34.97 -30.02 -4.65
CA ARG A 268 33.65 -29.98 -5.24
C ARG A 268 33.50 -31.13 -6.22
N VAL A 269 32.25 -31.48 -6.53
CA VAL A 269 31.99 -32.50 -7.51
C VAL A 269 31.63 -31.92 -8.87
N HIS A 270 32.30 -32.39 -9.91
CA HIS A 270 32.07 -31.91 -11.28
C HIS A 270 32.01 -33.09 -12.21
N PRO A 271 31.17 -33.02 -13.25
CA PRO A 271 31.19 -34.01 -14.32
C PRO A 271 32.37 -33.74 -15.25
N ILE A 272 33.48 -34.40 -14.99
CA ILE A 272 34.67 -34.27 -15.82
C ILE A 272 35.26 -35.64 -16.13
N SER A 273 36.17 -35.68 -17.11
CA SER A 273 36.62 -36.96 -17.62
C SER A 273 37.83 -37.47 -16.84
N THR A 274 37.70 -38.66 -16.27
CA THR A 274 38.76 -39.25 -15.48
C THR A 274 39.01 -40.64 -16.02
N MET A 275 40.20 -41.19 -15.76
CA MET A 275 40.53 -42.57 -16.15
C MET A 275 39.78 -43.52 -15.23
N LEU A 276 38.72 -44.17 -15.73
CA LEU A 276 37.87 -44.93 -14.82
C LEU A 276 37.89 -46.46 -14.92
N LYS A 277 38.94 -47.00 -15.51
CA LYS A 277 39.14 -48.44 -15.50
C LYS A 277 39.00 -48.98 -14.07
N GLY A 278 38.25 -50.07 -13.91
CA GLY A 278 38.02 -50.62 -12.58
C GLY A 278 36.69 -50.17 -11.99
N LEU A 279 36.09 -49.13 -12.58
CA LEU A 279 34.80 -48.65 -12.11
C LEU A 279 33.75 -48.69 -13.21
N TYR A 280 32.48 -48.66 -12.81
CA TYR A 280 31.37 -48.62 -13.74
C TYR A 280 31.50 -49.75 -14.74
N GLY A 281 31.95 -50.91 -14.26
CA GLY A 281 32.03 -52.08 -15.11
C GLY A 281 33.03 -51.95 -16.23
N ILE A 282 33.87 -50.92 -16.17
CA ILE A 282 34.79 -50.67 -17.27
C ILE A 282 36.12 -51.38 -17.06
N LYS A 283 36.64 -51.98 -18.13
CA LYS A 283 37.83 -52.81 -18.05
C LYS A 283 38.96 -52.30 -18.93
N GLU A 284 38.69 -51.23 -19.68
CA GLU A 284 39.72 -50.64 -20.53
C GLU A 284 40.29 -49.36 -19.92
N ASP A 285 41.52 -49.02 -20.32
CA ASP A 285 42.09 -47.72 -19.99
C ASP A 285 41.48 -46.63 -20.89
N VAL A 286 40.42 -46.00 -20.40
CA VAL A 286 39.75 -44.92 -21.10
C VAL A 286 39.27 -43.85 -20.12
N PHE A 287 38.96 -42.67 -20.64
CA PHE A 287 38.46 -41.57 -19.82
C PHE A 287 37.00 -41.28 -20.12
N LEU A 288 36.14 -41.43 -19.09
CA LEU A 288 34.73 -41.08 -19.19
C LEU A 288 34.34 -40.05 -18.11
N SER A 289 33.33 -39.24 -18.39
CA SER A 289 32.88 -38.25 -17.43
C SER A 289 31.97 -38.87 -16.39
N VAL A 290 32.38 -38.76 -15.14
CA VAL A 290 31.58 -39.19 -14.00
C VAL A 290 31.70 -38.09 -12.93
N PRO A 291 30.74 -38.03 -12.00
CA PRO A 291 30.88 -37.01 -10.96
C PRO A 291 32.18 -37.22 -10.18
N CYS A 292 33.12 -36.29 -10.30
CA CYS A 292 34.43 -36.42 -9.64
C CYS A 292 34.68 -35.35 -8.58
N VAL A 293 35.28 -35.77 -7.46
CA VAL A 293 35.72 -34.84 -6.44
C VAL A 293 37.04 -34.20 -6.89
N LEU A 294 37.04 -32.88 -7.02
CA LEU A 294 38.16 -32.17 -7.64
C LEU A 294 38.85 -31.26 -6.62
N GLY A 295 40.16 -31.46 -6.44
CA GLY A 295 40.91 -30.72 -5.45
C GLY A 295 42.39 -30.59 -5.80
N GLN A 296 43.20 -30.20 -4.82
CA GLN A 296 44.59 -29.80 -5.07
C GLN A 296 45.43 -30.96 -5.59
N ASN A 297 44.85 -32.15 -5.59
CA ASN A 297 45.55 -33.34 -6.06
C ASN A 297 44.89 -33.91 -7.30
N GLY A 298 44.13 -33.05 -7.99
CA GLY A 298 43.38 -33.50 -9.13
C GLY A 298 42.16 -34.25 -8.64
N ILE A 299 41.76 -35.30 -9.38
CA ILE A 299 40.61 -36.12 -9.04
C ILE A 299 40.99 -37.20 -8.03
N SER A 300 40.43 -37.12 -6.83
CA SER A 300 40.84 -38.02 -5.77
C SER A 300 39.80 -39.07 -5.43
N ASP A 301 38.59 -38.88 -5.93
CA ASP A 301 37.46 -39.72 -5.56
C ASP A 301 36.45 -39.62 -6.68
N VAL A 302 35.59 -40.61 -6.82
CA VAL A 302 34.53 -40.52 -7.81
C VAL A 302 33.23 -41.06 -7.26
N VAL A 303 32.15 -40.33 -7.47
CA VAL A 303 30.83 -40.75 -7.03
C VAL A 303 30.34 -41.91 -7.90
N LYS A 304 29.88 -42.97 -7.26
CA LYS A 304 29.34 -44.11 -8.00
C LYS A 304 27.86 -43.86 -8.20
N VAL A 305 27.48 -43.44 -9.40
CA VAL A 305 26.10 -43.11 -9.67
C VAL A 305 25.32 -44.39 -9.92
N THR A 306 24.08 -44.43 -9.42
CA THR A 306 23.21 -45.57 -9.70
C THR A 306 22.57 -45.41 -11.07
N LEU A 307 23.00 -46.22 -12.03
CA LEU A 307 22.47 -46.15 -13.39
C LEU A 307 21.48 -47.28 -13.66
N THR A 308 20.56 -47.03 -14.58
CA THR A 308 19.69 -48.08 -15.11
C THR A 308 20.58 -49.02 -15.90
N SER A 309 20.04 -50.18 -16.28
CA SER A 309 20.85 -51.23 -16.88
C SER A 309 21.27 -50.85 -18.29
N GLU A 310 20.47 -50.04 -18.98
CA GLU A 310 20.84 -49.57 -20.30
C GLU A 310 21.77 -48.36 -20.23
N GLU A 311 21.63 -47.58 -19.16
CA GLU A 311 22.58 -46.52 -18.89
C GLU A 311 23.95 -47.14 -18.64
N GLU A 312 23.97 -48.29 -17.99
CA GLU A 312 25.22 -48.98 -17.72
C GLU A 312 25.81 -49.57 -19.00
N ALA A 313 24.96 -50.16 -19.84
CA ALA A 313 25.41 -50.71 -21.12
C ALA A 313 25.87 -49.59 -22.05
N HIS A 314 25.34 -48.39 -21.83
CA HIS A 314 25.68 -47.27 -22.69
C HIS A 314 27.08 -46.78 -22.37
N LEU A 315 27.36 -46.63 -21.07
CA LEU A 315 28.71 -46.31 -20.60
C LEU A 315 29.75 -47.30 -21.14
N LYS A 316 29.47 -48.60 -20.99
CA LYS A 316 30.39 -49.63 -21.44
C LYS A 316 30.63 -49.56 -22.95
N LYS A 317 29.61 -49.14 -23.70
CA LYS A 317 29.73 -49.01 -25.15
C LYS A 317 30.69 -47.88 -25.49
N SER A 318 30.61 -46.79 -24.72
CA SER A 318 31.50 -45.67 -24.94
C SER A 318 32.96 -46.08 -24.66
N ALA A 319 33.17 -46.85 -23.59
CA ALA A 319 34.50 -47.33 -23.26
C ALA A 319 35.09 -48.11 -24.43
N ASP A 320 34.31 -49.03 -25.00
CA ASP A 320 34.79 -49.87 -26.10
C ASP A 320 34.98 -49.07 -27.39
N THR A 321 34.16 -48.06 -27.57
CA THR A 321 34.30 -47.10 -28.66
C THR A 321 35.62 -46.35 -28.61
N LEU A 322 35.86 -45.69 -27.47
CA LEU A 322 37.06 -44.88 -27.29
C LEU A 322 38.31 -45.76 -27.41
N TRP A 323 38.26 -46.92 -26.77
CA TRP A 323 39.38 -47.86 -26.80
C TRP A 323 39.71 -48.29 -28.23
N GLY A 324 38.68 -48.68 -28.98
CA GLY A 324 38.89 -49.09 -30.35
C GLY A 324 39.67 -48.04 -31.12
N ILE A 325 39.27 -46.78 -30.92
CA ILE A 325 39.96 -45.66 -31.53
C ILE A 325 41.36 -45.50 -30.95
N GLN A 326 41.50 -45.75 -29.65
CA GLN A 326 42.81 -45.67 -29.02
C GLN A 326 43.76 -46.74 -29.55
N LYS A 327 43.23 -47.95 -29.80
CA LYS A 327 44.05 -49.08 -30.22
C LYS A 327 44.84 -48.77 -31.48
N GLU A 328 44.34 -47.85 -32.30
CA GLU A 328 45.03 -47.50 -33.52
C GLU A 328 46.24 -46.60 -33.22
N LEU A 329 45.99 -45.31 -33.00
CA LEU A 329 46.99 -44.33 -32.55
C LEU A 329 48.35 -44.88 -32.09
N GLN A 330 49.44 -44.14 -32.35
CA GLN A 330 50.77 -44.52 -31.89
C GLN A 330 51.61 -43.41 -31.23
N PHE A 331 52.27 -43.75 -30.12
CA PHE A 331 53.04 -42.78 -29.33
C PHE A 331 54.52 -43.10 -29.30
N ALA B 1 28.83 -52.25 3.95
CA ALA B 1 29.57 -51.12 3.30
C ALA B 1 29.00 -49.80 3.80
N ALA B 2 29.83 -48.99 4.44
CA ALA B 2 29.39 -47.67 4.91
C ALA B 2 28.72 -46.94 3.74
N LEU B 3 27.76 -46.08 4.06
CA LEU B 3 27.07 -45.30 3.04
C LEU B 3 28.04 -44.45 2.23
N LYS B 4 29.05 -43.88 2.88
CA LYS B 4 30.05 -43.08 2.19
C LYS B 4 30.74 -43.91 1.11
N ASP B 5 31.01 -45.18 1.43
CA ASP B 5 31.69 -46.07 0.50
C ASP B 5 30.79 -46.60 -0.60
N GLN B 6 29.48 -46.65 -0.34
CA GLN B 6 28.51 -46.92 -1.41
C GLN B 6 28.49 -45.76 -2.39
N LEU B 7 28.48 -44.54 -1.87
CA LEU B 7 28.39 -43.32 -2.68
C LEU B 7 29.69 -42.98 -3.43
N ILE B 8 30.81 -43.00 -2.71
CA ILE B 8 32.08 -42.51 -3.26
C ILE B 8 33.15 -43.60 -3.32
N HIS B 9 33.79 -43.74 -4.48
CA HIS B 9 34.97 -44.58 -4.60
C HIS B 9 36.23 -43.74 -4.45
N ASN B 10 37.11 -44.14 -3.54
CA ASN B 10 38.34 -43.40 -3.29
C ASN B 10 39.46 -43.83 -4.25
N LEU B 11 39.83 -42.94 -5.17
CA LEU B 11 40.82 -43.25 -6.20
C LEU B 11 42.22 -42.75 -5.82
N LEU B 12 42.34 -42.16 -4.63
CA LEU B 12 43.61 -41.59 -4.21
C LEU B 12 43.71 -41.47 -2.70
N LYS B 13 44.85 -41.87 -2.18
CA LYS B 13 45.07 -41.89 -0.74
C LYS B 13 46.18 -40.93 -0.40
N GLU B 14 45.82 -39.65 -0.32
CA GLU B 14 46.77 -38.54 -0.35
C GLU B 14 46.93 -37.86 1.01
N GLU B 15 47.89 -36.93 1.09
CA GLU B 15 48.23 -36.36 2.39
C GLU B 15 48.28 -34.83 2.42
N HIS B 16 47.33 -34.23 3.13
CA HIS B 16 47.49 -32.93 3.77
C HIS B 16 48.02 -31.78 2.89
N VAL B 17 49.33 -31.56 2.95
CA VAL B 17 49.92 -30.22 3.01
C VAL B 17 49.17 -29.09 2.29
N PRO B 18 48.67 -28.12 3.08
CA PRO B 18 48.00 -26.91 2.60
C PRO B 18 48.95 -26.01 1.82
N GLN B 19 48.45 -25.41 0.74
CA GLN B 19 49.31 -24.63 -0.15
C GLN B 19 49.26 -23.15 0.13
N ASN B 20 48.21 -22.68 0.80
CA ASN B 20 48.08 -21.25 1.04
C ASN B 20 47.44 -20.98 2.38
N LYS B 21 48.08 -21.49 3.42
CA LYS B 21 47.54 -21.51 4.76
C LYS B 21 47.76 -20.17 5.43
N ILE B 22 46.75 -19.67 6.13
CA ILE B 22 46.95 -18.48 6.94
C ILE B 22 46.52 -18.74 8.37
N THR B 23 47.35 -18.31 9.33
CA THR B 23 46.96 -18.38 10.73
C THR B 23 46.67 -17.02 11.37
N VAL B 24 45.65 -16.99 12.21
CA VAL B 24 45.37 -15.83 13.04
C VAL B 24 45.56 -16.24 14.50
N VAL B 25 46.50 -15.60 15.19
CA VAL B 25 46.73 -15.86 16.60
C VAL B 25 45.93 -14.84 17.41
N GLY B 26 45.08 -15.35 18.31
CA GLY B 26 44.13 -14.52 19.03
C GLY B 26 42.80 -14.39 18.32
N VAL B 27 41.74 -14.87 18.97
CA VAL B 27 40.39 -14.81 18.40
C VAL B 27 39.50 -13.81 19.14
N GLY B 28 40.11 -12.70 19.57
CA GLY B 28 39.32 -11.59 20.05
C GLY B 28 38.71 -10.80 18.88
N ALA B 29 38.26 -9.58 19.15
CA ALA B 29 37.54 -8.80 18.17
C ALA B 29 38.35 -8.50 16.91
N VAL B 30 39.62 -8.18 17.09
CA VAL B 30 40.47 -7.86 15.94
C VAL B 30 40.87 -9.10 15.13
N GLY B 31 41.31 -10.15 15.82
CA GLY B 31 41.74 -11.36 15.14
C GLY B 31 40.62 -11.93 14.30
N MET B 32 39.41 -11.95 14.85
CA MET B 32 38.26 -12.51 14.15
C MET B 32 37.85 -11.68 12.94
N ALA B 33 37.87 -10.37 13.08
CA ALA B 33 37.58 -9.52 11.93
C ALA B 33 38.63 -9.73 10.82
N CYS B 34 39.87 -10.00 11.20
CA CYS B 34 40.90 -10.37 10.23
C CYS B 34 40.51 -11.67 9.53
N ALA B 35 40.02 -12.65 10.30
CA ALA B 35 39.68 -13.95 9.75
C ALA B 35 38.53 -13.82 8.74
N ILE B 36 37.43 -13.20 9.17
CA ILE B 36 36.26 -13.13 8.32
C ILE B 36 36.61 -12.32 7.09
N SER B 37 37.45 -11.30 7.25
CA SER B 37 37.85 -10.52 6.09
C SER B 37 38.71 -11.34 5.14
N ILE B 38 39.60 -12.16 5.72
CA ILE B 38 40.45 -13.03 4.93
C ILE B 38 39.61 -14.09 4.25
N LEU B 39 38.68 -14.67 5.00
CA LEU B 39 37.80 -15.72 4.48
C LEU B 39 36.90 -15.23 3.34
N MET B 40 36.43 -13.98 3.44
CA MET B 40 35.60 -13.42 2.37
C MET B 40 36.39 -12.90 1.17
N LYS B 41 37.71 -12.80 1.30
CA LYS B 41 38.51 -12.37 0.16
C LYS B 41 39.16 -13.54 -0.59
N ASP B 42 38.87 -14.75 -0.15
CA ASP B 42 39.44 -15.97 -0.75
C ASP B 42 40.97 -15.99 -0.82
N LEU B 43 41.63 -15.51 0.23
CA LEU B 43 43.09 -15.46 0.26
C LEU B 43 43.75 -16.78 0.65
N ALA B 44 43.00 -17.71 1.23
CA ALA B 44 43.62 -18.92 1.76
C ALA B 44 42.91 -20.19 1.29
N ASP B 45 43.59 -21.34 1.42
CA ASP B 45 42.92 -22.62 1.31
C ASP B 45 42.79 -23.32 2.64
N GLU B 46 43.45 -22.78 3.68
CA GLU B 46 43.24 -23.21 5.05
C GLU B 46 43.43 -22.09 6.06
N LEU B 47 42.54 -22.01 7.05
CA LEU B 47 42.68 -21.04 8.13
C LEU B 47 42.79 -21.72 9.50
N ALA B 48 43.85 -21.41 10.22
CA ALA B 48 44.01 -21.88 11.58
C ALA B 48 43.71 -20.74 12.55
N LEU B 49 43.01 -21.05 13.62
CA LEU B 49 42.85 -20.11 14.72
C LEU B 49 43.58 -20.66 15.96
N VAL B 50 44.37 -19.81 16.61
CA VAL B 50 44.95 -20.22 17.87
C VAL B 50 44.82 -19.16 18.95
N ASP B 51 44.63 -19.62 20.18
CA ASP B 51 44.43 -18.73 21.33
C ASP B 51 44.60 -19.62 22.55
N VAL B 52 44.55 -19.04 23.75
CA VAL B 52 44.52 -19.85 24.97
C VAL B 52 43.12 -19.95 25.60
N MET B 53 42.17 -19.18 25.08
CA MET B 53 40.77 -19.29 25.52
C MET B 53 40.07 -20.41 24.74
N GLU B 54 40.09 -21.62 25.29
CA GLU B 54 39.77 -22.81 24.53
C GLU B 54 38.32 -22.90 24.04
N ASP B 55 37.38 -22.52 24.90
CA ASP B 55 35.96 -22.46 24.53
C ASP B 55 35.71 -21.42 23.44
N LYS B 56 36.25 -20.23 23.65
CA LYS B 56 36.05 -19.13 22.72
C LYS B 56 36.65 -19.55 21.38
N LEU B 57 37.81 -20.21 21.44
CA LEU B 57 38.52 -20.65 20.24
C LEU B 57 37.67 -21.64 19.45
N LYS B 58 37.16 -22.64 20.14
CA LYS B 58 36.35 -23.67 19.50
C LYS B 58 35.03 -23.09 18.98
N GLY B 59 34.44 -22.16 19.72
CA GLY B 59 33.17 -21.60 19.30
C GLY B 59 33.29 -20.79 18.03
N GLU B 60 34.31 -19.92 17.99
CA GLU B 60 34.57 -19.11 16.81
C GLU B 60 34.86 -20.00 15.60
N MET B 61 35.61 -21.09 15.82
CA MET B 61 35.90 -22.03 14.74
C MET B 61 34.62 -22.61 14.14
N MET B 62 33.81 -23.24 14.98
CA MET B 62 32.61 -23.91 14.49
C MET B 62 31.68 -22.91 13.82
N ASP B 63 31.65 -21.69 14.32
CA ASP B 63 30.78 -20.66 13.77
C ASP B 63 31.22 -20.34 12.35
N LEU B 64 32.53 -20.23 12.14
CA LEU B 64 33.05 -19.98 10.80
C LEU B 64 32.72 -21.17 9.91
N GLN B 65 32.96 -22.38 10.42
CA GLN B 65 32.70 -23.58 9.63
C GLN B 65 31.26 -23.64 9.14
N HIS B 66 30.32 -23.31 10.02
CA HIS B 66 28.92 -23.39 9.64
C HIS B 66 28.61 -22.50 8.45
N GLY B 67 29.59 -21.72 8.03
CA GLY B 67 29.39 -20.84 6.89
C GLY B 67 30.12 -21.28 5.64
N SER B 68 30.60 -22.52 5.62
CA SER B 68 31.39 -23.06 4.50
C SER B 68 30.67 -22.90 3.17
N LEU B 69 29.38 -23.24 3.18
CA LEU B 69 28.57 -23.24 1.97
C LEU B 69 28.74 -21.92 1.24
N PHE B 70 29.00 -20.87 2.00
CA PHE B 70 29.09 -19.52 1.48
C PHE B 70 30.52 -19.03 1.28
N LEU B 71 31.50 -19.86 1.65
CA LEU B 71 32.91 -19.51 1.53
C LEU B 71 33.65 -20.40 0.52
N ARG B 72 34.85 -19.99 0.13
CA ARG B 72 35.70 -20.82 -0.73
C ARG B 72 37.03 -21.12 -0.02
N THR B 73 36.96 -21.41 1.27
CA THR B 73 38.12 -21.81 2.04
C THR B 73 37.78 -23.09 2.76
N PRO B 74 38.12 -24.24 2.15
CA PRO B 74 37.55 -25.55 2.54
C PRO B 74 37.91 -26.03 3.94
N LYS B 75 39.01 -25.55 4.51
CA LYS B 75 39.46 -26.07 5.78
C LYS B 75 39.71 -24.98 6.80
N ILE B 76 39.03 -25.10 7.93
CA ILE B 76 39.21 -24.20 9.05
C ILE B 76 39.53 -25.05 10.28
N VAL B 77 40.67 -24.80 10.90
CA VAL B 77 41.04 -25.48 12.15
C VAL B 77 41.34 -24.51 13.29
N SER B 78 41.36 -25.06 14.50
CA SER B 78 41.75 -24.28 15.66
C SER B 78 42.29 -25.18 16.77
N GLY B 79 42.98 -24.57 17.72
CA GLY B 79 43.54 -25.32 18.83
C GLY B 79 44.51 -24.47 19.63
N LYS B 80 44.73 -24.89 20.85
CA LYS B 80 45.65 -24.22 21.77
C LYS B 80 47.07 -24.67 21.42
N ASP B 81 47.17 -25.87 20.85
CA ASP B 81 48.46 -26.43 20.47
C ASP B 81 48.81 -25.94 19.07
N TYR B 82 50.05 -25.52 18.87
CA TYR B 82 50.41 -24.81 17.65
C TYR B 82 50.67 -25.69 16.44
N SER B 83 50.67 -27.01 16.63
CA SER B 83 50.78 -27.90 15.49
C SER B 83 49.68 -27.56 14.46
N VAL B 84 48.53 -27.08 14.94
CA VAL B 84 47.40 -26.75 14.07
C VAL B 84 47.75 -25.64 13.07
N THR B 85 48.86 -24.96 13.30
CA THR B 85 49.26 -23.87 12.42
C THR B 85 50.40 -24.28 11.49
N ALA B 86 50.68 -25.58 11.42
CA ALA B 86 51.82 -26.04 10.63
C ALA B 86 51.74 -25.57 9.17
N ASN B 87 52.88 -25.14 8.64
CA ASN B 87 53.03 -24.83 7.22
C ASN B 87 52.24 -23.62 6.72
N SER B 88 52.03 -22.65 7.60
CA SER B 88 51.39 -21.39 7.23
C SER B 88 52.34 -20.57 6.37
N LYS B 89 51.78 -19.90 5.37
CA LYS B 89 52.53 -18.93 4.59
C LYS B 89 52.62 -17.66 5.43
N LEU B 90 51.50 -17.32 6.07
CA LEU B 90 51.43 -16.09 6.85
C LEU B 90 50.78 -16.31 8.21
N VAL B 91 51.37 -15.72 9.25
CA VAL B 91 50.84 -15.81 10.59
C VAL B 91 50.60 -14.41 11.17
N ILE B 92 49.34 -14.13 11.49
CA ILE B 92 48.90 -12.80 11.90
C ILE B 92 48.74 -12.74 13.41
N ILE B 93 49.60 -11.97 14.08
CA ILE B 93 49.58 -11.87 15.54
C ILE B 93 48.67 -10.76 16.04
N THR B 94 47.71 -11.11 16.88
CA THR B 94 46.83 -10.10 17.46
C THR B 94 46.71 -10.35 18.97
N ALA B 95 47.53 -11.29 19.45
CA ALA B 95 47.61 -11.61 20.87
C ALA B 95 48.26 -10.49 21.68
N GLY B 96 47.76 -10.27 22.88
CA GLY B 96 48.34 -9.25 23.76
C GLY B 96 47.71 -9.25 25.14
N ALA B 97 48.33 -8.55 26.09
CA ALA B 97 47.75 -8.36 27.42
C ALA B 97 46.90 -7.09 27.43
N ARG B 105 51.23 1.77 34.95
CA ARG B 105 52.21 0.76 34.55
C ARG B 105 52.66 0.90 33.09
N LEU B 106 53.76 0.25 32.82
CA LEU B 106 54.33 0.21 31.48
C LEU B 106 55.35 -0.90 31.47
N ASN B 107 55.00 -1.91 32.23
CA ASN B 107 55.52 -3.23 32.03
C ASN B 107 54.31 -3.96 31.46
N LEU B 108 53.41 -3.18 30.87
CA LEU B 108 52.30 -3.76 30.14
C LEU B 108 52.88 -4.23 28.81
N VAL B 109 54.06 -3.71 28.46
CA VAL B 109 54.82 -4.23 27.32
C VAL B 109 55.49 -5.54 27.73
N GLN B 110 56.10 -5.55 28.91
CA GLN B 110 56.90 -6.70 29.32
C GLN B 110 56.02 -7.94 29.37
N ARG B 111 54.78 -7.77 29.82
CA ARG B 111 53.83 -8.88 29.85
C ARG B 111 53.45 -9.27 28.43
N ASN B 112 53.39 -8.29 27.53
CA ASN B 112 53.18 -8.59 26.12
C ASN B 112 54.41 -9.30 25.56
N VAL B 113 55.58 -8.92 26.08
CA VAL B 113 56.83 -9.55 25.70
C VAL B 113 56.85 -11.02 26.12
N ASN B 114 56.39 -11.28 27.34
CA ASN B 114 56.38 -12.64 27.87
C ASN B 114 55.37 -13.50 27.08
N ILE B 115 54.28 -12.89 26.64
CA ILE B 115 53.34 -13.59 25.79
C ILE B 115 54.01 -13.99 24.47
N PHE B 116 54.64 -13.04 23.80
CA PHE B 116 55.35 -13.33 22.57
C PHE B 116 56.45 -14.37 22.81
N LYS B 117 57.10 -14.33 23.97
CA LYS B 117 58.12 -15.33 24.28
C LYS B 117 57.58 -16.75 24.15
N PHE B 118 56.31 -16.95 24.53
CA PHE B 118 55.65 -18.25 24.34
C PHE B 118 55.12 -18.48 22.92
N ILE B 119 54.34 -17.54 22.39
CA ILE B 119 53.68 -17.73 21.09
C ILE B 119 54.63 -17.82 19.91
N ILE B 120 55.64 -16.95 19.88
CA ILE B 120 56.44 -16.81 18.68
C ILE B 120 57.32 -18.02 18.40
N PRO B 121 58.03 -18.53 19.43
CA PRO B 121 58.79 -19.77 19.20
C PRO B 121 57.90 -20.92 18.75
N ASN B 122 56.70 -21.01 19.33
CA ASN B 122 55.70 -21.97 18.90
C ASN B 122 55.31 -21.77 17.43
N VAL B 123 55.07 -20.53 17.04
CA VAL B 123 54.74 -20.20 15.67
C VAL B 123 55.83 -20.65 14.70
N VAL B 124 57.07 -20.30 15.01
CA VAL B 124 58.18 -20.59 14.09
C VAL B 124 58.53 -22.08 14.08
N LYS B 125 58.22 -22.79 15.15
CA LYS B 125 58.43 -24.24 15.16
C LYS B 125 57.60 -24.91 14.08
N TYR B 126 56.32 -24.56 14.01
CA TYR B 126 55.41 -25.22 13.10
C TYR B 126 55.35 -24.61 11.70
N SER B 127 55.75 -23.36 11.56
CA SER B 127 55.85 -22.73 10.24
C SER B 127 57.18 -21.98 10.06
N PRO B 128 58.29 -22.73 9.87
CA PRO B 128 59.62 -22.15 9.84
C PRO B 128 59.76 -21.04 8.82
N HIS B 129 59.04 -21.16 7.70
CA HIS B 129 59.21 -20.23 6.58
C HIS B 129 58.10 -19.21 6.40
N CYS B 130 57.33 -18.94 7.46
CA CYS B 130 56.17 -18.07 7.30
C CYS B 130 56.56 -16.60 7.34
N LYS B 131 55.75 -15.74 6.73
CA LYS B 131 55.85 -14.31 7.01
C LYS B 131 55.08 -14.02 8.29
N LEU B 132 55.64 -13.19 9.18
CA LEU B 132 54.96 -12.78 10.39
C LEU B 132 54.32 -11.40 10.24
N LEU B 133 53.03 -11.31 10.57
CA LEU B 133 52.30 -10.05 10.53
C LEU B 133 51.75 -9.72 11.91
N VAL B 134 52.41 -8.75 12.55
CA VAL B 134 52.11 -8.36 13.93
C VAL B 134 51.17 -7.18 13.91
N VAL B 135 50.07 -7.29 14.66
CA VAL B 135 49.05 -6.24 14.76
C VAL B 135 48.90 -5.74 16.21
N SER B 136 49.35 -6.53 17.18
CA SER B 136 49.21 -6.19 18.60
C SER B 136 49.90 -4.86 18.93
N ASN B 137 49.23 -4.01 19.70
CA ASN B 137 49.79 -2.72 20.11
C ASN B 137 50.52 -2.85 21.43
N PRO B 138 51.59 -2.06 21.63
CA PRO B 138 52.11 -1.08 20.65
C PRO B 138 52.87 -1.75 19.51
N VAL B 139 52.40 -1.52 18.29
CA VAL B 139 52.75 -2.39 17.17
C VAL B 139 54.22 -2.33 16.73
N ASP B 140 54.85 -1.16 16.75
CA ASP B 140 56.23 -1.08 16.29
C ASP B 140 57.16 -1.85 17.24
N ILE B 141 56.95 -1.67 18.54
CA ILE B 141 57.74 -2.37 19.55
C ILE B 141 57.48 -3.88 19.50
N LEU B 142 56.20 -4.25 19.44
CA LEU B 142 55.83 -5.66 19.38
C LEU B 142 56.31 -6.36 18.11
N THR B 143 56.41 -5.63 17.00
CA THR B 143 57.01 -6.24 15.81
C THR B 143 58.53 -6.45 15.97
N TYR B 144 59.21 -5.50 16.62
CA TYR B 144 60.61 -5.68 16.98
C TYR B 144 60.79 -6.93 17.85
N VAL B 145 59.88 -7.13 18.80
CA VAL B 145 60.00 -8.23 19.74
C VAL B 145 59.88 -9.61 19.08
N ALA B 146 58.88 -9.78 18.22
CA ALA B 146 58.71 -11.02 17.47
C ALA B 146 59.85 -11.25 16.49
N TRP B 147 60.42 -10.16 15.98
CA TRP B 147 61.58 -10.27 15.13
C TRP B 147 62.75 -10.86 15.94
N LYS B 148 63.03 -10.26 17.10
CA LYS B 148 64.11 -10.77 17.95
C LYS B 148 63.86 -12.24 18.31
N ILE B 149 62.68 -12.53 18.85
CA ILE B 149 62.37 -13.89 19.30
C ILE B 149 62.36 -14.92 18.15
N SER B 150 61.86 -14.53 16.98
CA SER B 150 61.70 -15.48 15.88
C SER B 150 63.03 -15.90 15.28
N GLY B 151 63.93 -14.93 15.13
CA GLY B 151 65.19 -15.18 14.45
C GLY B 151 65.09 -14.92 12.97
N PHE B 152 63.86 -14.66 12.51
CA PHE B 152 63.59 -14.45 11.09
C PHE B 152 64.38 -13.28 10.49
N PRO B 153 64.69 -13.34 9.19
CA PRO B 153 65.22 -12.14 8.52
C PRO B 153 64.14 -11.06 8.44
N LYS B 154 64.56 -9.80 8.36
CA LYS B 154 63.67 -8.67 8.57
C LYS B 154 62.54 -8.58 7.54
N ASN B 155 62.81 -9.03 6.32
CA ASN B 155 61.83 -8.98 5.25
C ASN B 155 60.59 -9.81 5.58
N ARG B 156 60.73 -10.74 6.51
CA ARG B 156 59.66 -11.68 6.81
C ARG B 156 58.95 -11.35 8.12
N VAL B 157 59.27 -10.20 8.71
CA VAL B 157 58.58 -9.75 9.92
C VAL B 157 57.99 -8.35 9.74
N ILE B 158 56.67 -8.27 9.76
CA ILE B 158 55.95 -7.09 9.32
C ILE B 158 55.00 -6.64 10.42
N GLY B 159 54.96 -5.34 10.67
CA GLY B 159 54.00 -4.78 11.60
C GLY B 159 53.01 -3.96 10.80
N SER B 160 51.73 -4.02 11.17
CA SER B 160 50.69 -3.29 10.45
C SER B 160 50.94 -1.80 10.52
N GLY B 161 51.60 -1.38 11.60
CA GLY B 161 52.00 0.01 11.73
C GLY B 161 50.92 1.01 11.35
N CYS B 162 51.23 1.85 10.35
CA CYS B 162 50.38 2.97 9.99
C CYS B 162 49.43 2.71 8.83
N ASN B 163 49.26 1.45 8.44
CA ASN B 163 48.45 1.13 7.25
C ASN B 163 46.98 1.53 7.44
N LEU B 164 46.38 1.14 8.55
CA LEU B 164 45.01 1.58 8.84
C LEU B 164 44.90 3.10 8.96
N ASP B 165 45.82 3.73 9.68
CA ASP B 165 45.71 5.17 9.91
C ASP B 165 45.83 5.97 8.61
N SER B 166 46.51 5.41 7.60
CA SER B 166 46.60 6.06 6.29
C SER B 166 45.27 5.98 5.53
N ALA B 167 44.63 4.82 5.59
CA ALA B 167 43.32 4.60 5.02
C ALA B 167 42.28 5.48 5.70
N ARG B 168 42.41 5.66 7.01
CA ARG B 168 41.54 6.58 7.73
C ARG B 168 41.77 7.98 7.21
N PHE B 169 43.04 8.32 7.03
CA PHE B 169 43.44 9.63 6.56
C PHE B 169 42.81 9.88 5.18
N ARG B 170 42.85 8.86 4.33
CA ARG B 170 42.41 8.98 2.94
C ARG B 170 40.89 9.04 2.89
N TYR B 171 40.22 8.28 3.76
CA TYR B 171 38.79 8.41 3.90
C TYR B 171 38.38 9.84 4.28
N LEU B 172 38.98 10.39 5.33
CA LEU B 172 38.60 11.72 5.80
C LEU B 172 38.89 12.77 4.71
N MET B 173 40.05 12.64 4.07
CA MET B 173 40.40 13.45 2.91
C MET B 173 39.28 13.45 1.86
N GLY B 174 38.86 12.26 1.45
CA GLY B 174 37.78 12.17 0.47
C GLY B 174 36.45 12.74 0.96
N GLU B 175 36.32 12.93 2.27
CA GLU B 175 35.14 13.57 2.81
C GLU B 175 35.20 15.08 2.53
N ARG B 176 36.38 15.68 2.75
CA ARG B 176 36.57 17.10 2.50
C ARG B 176 36.44 17.42 1.02
N LEU B 177 36.82 16.48 0.17
CA LEU B 177 36.97 16.78 -1.25
C LEU B 177 35.84 16.22 -2.09
N GLY B 178 35.06 15.30 -1.52
CA GLY B 178 33.91 14.76 -2.23
C GLY B 178 34.27 13.73 -3.28
N VAL B 179 35.41 13.05 -3.09
CA VAL B 179 35.72 11.88 -3.90
C VAL B 179 36.05 10.68 -3.01
N HIS B 180 35.96 9.50 -3.60
CA HIS B 180 36.28 8.27 -2.90
C HIS B 180 37.72 8.25 -2.40
N ALA B 181 37.93 7.55 -1.28
CA ALA B 181 39.27 7.40 -0.68
C ALA B 181 40.23 6.79 -1.68
N LEU B 182 39.74 5.89 -2.52
CA LEU B 182 40.58 5.23 -3.50
C LEU B 182 41.32 6.28 -4.32
N SER B 183 40.67 7.41 -4.54
CA SER B 183 41.22 8.45 -5.40
C SER B 183 42.00 9.50 -4.63
N CYS B 184 41.88 9.53 -3.30
CA CYS B 184 42.64 10.49 -2.51
C CYS B 184 43.94 9.86 -2.03
N HIS B 185 45.06 10.55 -2.22
CA HIS B 185 46.35 9.99 -1.83
C HIS B 185 47.03 10.78 -0.72
N GLY B 186 47.59 10.05 0.23
CA GLY B 186 48.19 10.65 1.40
C GLY B 186 48.77 9.58 2.29
N TRP B 187 49.86 9.93 2.99
CA TRP B 187 50.60 8.96 3.76
C TRP B 187 50.87 9.44 5.18
N ILE B 188 50.58 8.56 6.13
CA ILE B 188 51.04 8.73 7.49
C ILE B 188 52.11 7.67 7.76
N LEU B 189 53.29 8.14 8.16
CA LEU B 189 54.47 7.31 8.25
C LEU B 189 55.04 7.32 9.66
N GLY B 190 56.05 6.48 9.87
CA GLY B 190 56.83 6.56 11.08
C GLY B 190 56.18 5.83 12.23
N GLU B 191 56.25 6.43 13.40
CA GLU B 191 55.79 5.78 14.60
C GLU B 191 54.25 5.77 14.68
N HIS B 192 53.66 4.58 14.74
CA HIS B 192 52.21 4.45 14.89
C HIS B 192 51.79 5.23 16.15
N GLY B 193 50.54 5.71 16.20
CA GLY B 193 50.11 6.52 17.34
C GLY B 193 50.16 8.04 17.17
N ASP B 194 50.23 8.76 18.30
CA ASP B 194 50.21 10.24 18.34
C ASP B 194 51.41 10.91 17.64
N SER B 195 52.50 10.18 17.50
CA SER B 195 53.71 10.80 16.97
C SER B 195 53.92 10.42 15.53
N SER B 196 52.86 9.97 14.87
CA SER B 196 52.95 9.62 13.45
C SER B 196 53.08 10.88 12.60
N VAL B 197 53.68 10.74 11.43
CA VAL B 197 53.99 11.87 10.56
C VAL B 197 52.98 11.95 9.42
N PRO B 198 52.15 13.00 9.37
CA PRO B 198 51.37 13.26 8.15
C PRO B 198 52.24 13.95 7.09
N VAL B 199 52.58 13.22 6.04
CA VAL B 199 53.48 13.76 5.02
C VAL B 199 52.73 14.69 4.06
N TRP B 200 52.51 15.93 4.48
CA TRP B 200 51.58 16.82 3.79
C TRP B 200 51.89 16.92 2.30
N SER B 201 53.18 16.96 1.97
CA SER B 201 53.63 17.17 0.60
C SER B 201 53.20 16.07 -0.38
N GLY B 202 52.86 14.89 0.15
CA GLY B 202 52.50 13.78 -0.72
C GLY B 202 51.02 13.75 -1.07
N MET B 203 50.24 14.55 -0.36
CA MET B 203 48.80 14.50 -0.50
C MET B 203 48.36 15.07 -1.85
N ASN B 204 47.46 14.36 -2.51
CA ASN B 204 47.03 14.79 -3.81
C ASN B 204 45.84 14.02 -4.31
N VAL B 205 45.21 14.57 -5.33
CA VAL B 205 44.24 13.85 -6.13
C VAL B 205 44.76 13.91 -7.57
N ALA B 206 44.80 12.76 -8.24
CA ALA B 206 45.22 12.73 -9.64
C ALA B 206 46.51 13.53 -9.85
N GLY B 207 47.49 13.32 -8.98
CA GLY B 207 48.78 13.95 -9.17
C GLY B 207 48.83 15.46 -8.99
N VAL B 208 47.77 16.05 -8.43
CA VAL B 208 47.77 17.48 -8.12
C VAL B 208 48.14 17.72 -6.65
N SER B 209 49.30 18.31 -6.42
CA SER B 209 49.82 18.51 -5.08
C SER B 209 48.92 19.46 -4.30
N LEU B 210 48.37 18.97 -3.20
CA LEU B 210 47.49 19.81 -2.39
C LEU B 210 48.30 20.91 -1.72
N LYS B 211 49.49 20.56 -1.24
CA LYS B 211 50.33 21.50 -0.52
C LYS B 211 50.88 22.57 -1.44
N THR B 212 50.91 22.28 -2.74
CA THR B 212 51.34 23.28 -3.72
C THR B 212 50.21 24.26 -4.06
N LEU B 213 49.03 23.72 -4.33
CA LEU B 213 47.85 24.57 -4.48
C LEU B 213 47.63 25.41 -3.22
N HIS B 214 48.16 24.93 -2.10
CA HIS B 214 47.79 25.50 -0.80
C HIS B 214 48.91 25.34 0.22
N PRO B 215 49.90 26.25 0.20
CA PRO B 215 51.14 26.11 0.94
C PRO B 215 51.00 26.02 2.46
N GLU B 216 49.95 26.63 3.00
CA GLU B 216 49.73 26.64 4.45
C GLU B 216 49.16 25.29 4.91
N LEU B 217 49.12 24.31 4.01
CA LEU B 217 48.49 23.03 4.32
C LEU B 217 49.17 22.34 5.49
N GLY B 218 48.39 22.08 6.54
CA GLY B 218 48.91 21.37 7.70
C GLY B 218 49.47 22.27 8.79
N THR B 219 49.68 23.54 8.46
CA THR B 219 50.26 24.49 9.41
C THR B 219 49.24 24.99 10.41
N ASP B 220 49.71 25.67 11.46
CA ASP B 220 48.81 26.28 12.42
C ASP B 220 48.04 27.42 11.78
N ALA B 221 48.66 28.07 10.80
CA ALA B 221 48.05 29.18 10.10
C ALA B 221 46.95 28.73 9.13
N ASP B 222 46.91 27.43 8.85
CA ASP B 222 45.96 26.90 7.87
C ASP B 222 44.54 27.25 8.31
N LYS B 223 43.90 28.09 7.51
CA LYS B 223 42.54 28.53 7.80
C LYS B 223 41.63 27.31 7.71
N GLU B 224 42.02 26.37 6.86
CA GLU B 224 41.22 25.17 6.62
C GLU B 224 41.58 24.03 7.57
N GLN B 225 42.63 24.23 8.36
CA GLN B 225 42.86 23.42 9.56
C GLN B 225 43.16 21.95 9.30
N TRP B 226 43.73 21.65 8.14
CA TRP B 226 43.99 20.26 7.77
C TRP B 226 44.82 19.50 8.79
N LYS B 227 45.55 20.23 9.62
CA LYS B 227 46.27 19.60 10.73
C LYS B 227 45.32 18.81 11.63
N GLN B 228 44.14 19.35 11.87
CA GLN B 228 43.16 18.67 12.71
C GLN B 228 42.73 17.35 12.10
N VAL B 229 42.86 17.24 10.78
CA VAL B 229 42.53 16.00 10.09
C VAL B 229 43.44 14.87 10.57
N HIS B 230 44.75 15.14 10.62
CA HIS B 230 45.69 14.17 11.17
C HIS B 230 45.46 13.90 12.66
N LYS B 231 45.17 14.95 13.41
CA LYS B 231 44.83 14.78 14.81
C LYS B 231 43.62 13.86 14.90
N GLN B 232 42.66 14.06 14.02
CA GLN B 232 41.44 13.27 14.07
C GLN B 232 41.68 11.82 13.69
N VAL B 233 42.68 11.55 12.85
CA VAL B 233 43.08 10.18 12.57
C VAL B 233 43.66 9.54 13.83
N VAL B 234 44.62 10.24 14.45
CA VAL B 234 45.30 9.75 15.63
C VAL B 234 44.41 9.53 16.84
N ASP B 235 43.21 10.10 16.81
CA ASP B 235 42.27 9.96 17.92
C ASP B 235 41.17 8.94 17.66
N SER B 236 41.02 8.56 16.39
CA SER B 236 39.82 7.84 15.99
C SER B 236 39.65 6.50 16.71
N ALA B 237 40.74 5.79 16.95
CA ALA B 237 40.67 4.54 17.68
C ALA B 237 40.07 4.78 19.07
N TYR B 238 40.59 5.79 19.75
CA TYR B 238 40.10 6.20 21.07
C TYR B 238 38.62 6.61 21.03
N GLU B 239 38.21 7.29 19.95
CA GLU B 239 36.83 7.72 19.80
C GLU B 239 35.86 6.55 19.57
N VAL B 240 36.30 5.60 18.74
CA VAL B 240 35.47 4.42 18.45
C VAL B 240 35.38 3.51 19.67
N ILE B 241 36.50 3.32 20.35
CA ILE B 241 36.51 2.56 21.59
C ILE B 241 35.57 3.23 22.61
N LYS B 242 35.53 4.55 22.54
CA LYS B 242 34.71 5.34 23.46
C LYS B 242 33.23 5.04 23.21
N LEU B 243 32.90 4.70 21.96
CA LEU B 243 31.51 4.54 21.52
C LEU B 243 31.04 3.08 21.52
N LYS B 244 31.91 2.17 21.07
CA LYS B 244 31.49 0.77 20.91
C LYS B 244 32.36 -0.23 21.67
N GLY B 245 33.42 0.25 22.32
CA GLY B 245 34.18 -0.60 23.23
C GLY B 245 35.52 -1.08 22.72
N TYR B 246 35.73 -0.94 21.42
CA TYR B 246 36.92 -1.45 20.71
C TYR B 246 36.69 -1.17 19.23
N THR B 247 37.73 -1.25 18.41
CA THR B 247 37.53 -1.28 16.96
C THR B 247 37.83 -2.68 16.42
N THR B 248 37.14 -3.05 15.34
CA THR B 248 37.38 -4.31 14.66
C THR B 248 37.39 -4.21 13.15
N TRP B 249 36.27 -3.78 12.57
CA TRP B 249 36.06 -3.97 11.14
C TRP B 249 37.13 -3.32 10.26
N ALA B 250 37.53 -2.10 10.58
CA ALA B 250 38.45 -1.37 9.71
C ALA B 250 39.86 -1.98 9.76
N ILE B 251 40.33 -2.29 10.97
CA ILE B 251 41.64 -2.93 11.12
C ILE B 251 41.61 -4.29 10.43
N GLY B 252 40.50 -5.01 10.58
CA GLY B 252 40.34 -6.27 9.90
C GLY B 252 40.48 -6.14 8.39
N LEU B 253 39.78 -5.18 7.80
CA LEU B 253 39.84 -4.99 6.35
C LEU B 253 41.24 -4.57 5.94
N SER B 254 41.91 -3.86 6.83
CA SER B 254 43.25 -3.35 6.52
C SER B 254 44.28 -4.50 6.49
N VAL B 255 44.23 -5.37 7.50
CA VAL B 255 45.10 -6.55 7.57
C VAL B 255 44.87 -7.53 6.41
N ALA B 256 43.61 -7.68 6.00
CA ALA B 256 43.29 -8.56 4.90
C ALA B 256 43.89 -8.01 3.59
N ASP B 257 43.93 -6.69 3.44
CA ASP B 257 44.52 -6.10 2.25
C ASP B 257 46.04 -6.32 2.23
N LEU B 258 46.66 -6.32 3.40
CA LEU B 258 48.09 -6.66 3.47
C LEU B 258 48.26 -8.13 3.07
N ALA B 259 47.35 -8.98 3.55
CA ALA B 259 47.46 -10.40 3.33
C ALA B 259 47.33 -10.68 1.85
N GLU B 260 46.58 -9.83 1.16
CA GLU B 260 46.35 -10.02 -0.28
C GLU B 260 47.61 -9.70 -1.09
N SER B 261 48.37 -8.71 -0.65
CA SER B 261 49.63 -8.40 -1.31
C SER B 261 50.62 -9.56 -1.12
N ILE B 262 50.70 -10.07 0.10
CA ILE B 262 51.57 -11.20 0.43
C ILE B 262 51.16 -12.44 -0.36
N MET B 263 49.94 -12.93 -0.13
CA MET B 263 49.46 -14.16 -0.77
C MET B 263 49.49 -14.14 -2.31
N LYS B 264 49.33 -12.97 -2.92
CA LYS B 264 49.29 -12.89 -4.39
C LYS B 264 50.53 -12.22 -4.96
N ASN B 265 51.50 -11.95 -4.10
CA ASN B 265 52.77 -11.37 -4.53
C ASN B 265 52.57 -10.15 -5.42
N LEU B 266 51.80 -9.19 -4.92
CA LEU B 266 51.35 -8.10 -5.77
C LEU B 266 52.44 -7.04 -5.93
N ARG B 267 53.40 -7.05 -5.00
CA ARG B 267 54.39 -6.00 -4.91
C ARG B 267 53.75 -4.62 -4.89
N ARG B 268 52.65 -4.49 -4.16
CA ARG B 268 52.06 -3.17 -3.97
C ARG B 268 52.80 -2.43 -2.86
N VAL B 269 52.64 -1.11 -2.82
CA VAL B 269 53.29 -0.29 -1.82
C VAL B 269 52.29 0.06 -0.71
N HIS B 270 52.64 -0.26 0.53
CA HIS B 270 51.80 -0.01 1.70
C HIS B 270 52.63 0.70 2.77
N PRO B 271 52.00 1.57 3.58
CA PRO B 271 52.64 2.11 4.80
C PRO B 271 52.56 1.11 5.96
N ILE B 272 53.60 0.31 6.12
CA ILE B 272 53.68 -0.62 7.24
C ILE B 272 55.04 -0.51 7.92
N SER B 273 55.14 -1.07 9.13
CA SER B 273 56.34 -0.92 9.92
C SER B 273 57.35 -1.98 9.54
N THR B 274 58.55 -1.51 9.20
CA THR B 274 59.63 -2.38 8.78
C THR B 274 60.87 -2.04 9.60
N MET B 275 61.80 -2.99 9.69
CA MET B 275 63.07 -2.78 10.39
C MET B 275 63.98 -1.90 9.52
N LEU B 276 64.01 -0.61 9.81
CA LEU B 276 64.62 0.31 8.87
C LEU B 276 65.99 0.84 9.22
N LYS B 277 66.71 0.11 10.06
CA LYS B 277 68.11 0.44 10.34
C LYS B 277 68.93 0.63 9.05
N GLY B 278 69.58 1.78 8.93
CA GLY B 278 70.38 2.05 7.74
C GLY B 278 69.67 2.89 6.70
N LEU B 279 68.39 3.16 6.93
CA LEU B 279 67.63 4.03 6.04
C LEU B 279 67.03 5.20 6.83
N TYR B 280 66.77 6.30 6.15
CA TYR B 280 66.08 7.45 6.75
C TYR B 280 66.87 8.09 7.88
N GLY B 281 68.16 7.80 7.95
CA GLY B 281 69.02 8.39 8.96
C GLY B 281 69.04 7.61 10.25
N ILE B 282 68.40 6.45 10.27
CA ILE B 282 68.22 5.70 11.51
C ILE B 282 69.27 4.62 11.69
N LYS B 283 69.83 4.55 12.90
CA LYS B 283 70.97 3.68 13.19
C LYS B 283 70.64 2.61 14.22
N GLU B 284 69.40 2.58 14.67
CA GLU B 284 68.98 1.64 15.71
C GLU B 284 68.16 0.49 15.11
N ASP B 285 68.03 -0.60 15.86
CA ASP B 285 67.18 -1.72 15.47
C ASP B 285 65.72 -1.48 15.83
N VAL B 286 65.02 -0.76 14.96
CA VAL B 286 63.66 -0.36 15.23
C VAL B 286 62.77 -0.48 14.00
N PHE B 287 61.47 -0.56 14.24
CA PHE B 287 60.52 -0.64 13.15
C PHE B 287 59.72 0.64 13.05
N LEU B 288 59.73 1.23 11.86
CA LEU B 288 58.90 2.39 11.55
C LEU B 288 58.13 2.13 10.26
N SER B 289 56.93 2.70 10.16
CA SER B 289 56.17 2.70 8.90
C SER B 289 56.80 3.65 7.88
N VAL B 290 57.22 3.07 6.75
CA VAL B 290 57.60 3.83 5.56
C VAL B 290 56.90 3.13 4.40
N PRO B 291 56.83 3.77 3.21
CA PRO B 291 56.12 3.09 2.12
C PRO B 291 56.86 1.81 1.69
N CYS B 292 56.20 0.67 1.81
CA CYS B 292 56.87 -0.62 1.63
C CYS B 292 56.34 -1.47 0.47
N VAL B 293 57.28 -2.04 -0.29
CA VAL B 293 56.93 -2.99 -1.34
C VAL B 293 56.73 -4.37 -0.72
N LEU B 294 55.51 -4.89 -0.86
CA LEU B 294 55.10 -6.06 -0.12
C LEU B 294 54.69 -7.21 -1.07
N GLY B 295 55.33 -8.36 -0.93
CA GLY B 295 55.00 -9.50 -1.77
C GLY B 295 55.15 -10.83 -1.06
N GLN B 296 55.31 -11.92 -1.82
CA GLN B 296 55.39 -13.27 -1.24
C GLN B 296 56.60 -13.47 -0.34
N ASN B 297 57.55 -12.54 -0.38
CA ASN B 297 58.71 -12.60 0.50
C ASN B 297 58.67 -11.52 1.56
N GLY B 298 57.47 -11.00 1.82
CA GLY B 298 57.32 -9.92 2.77
C GLY B 298 57.74 -8.58 2.19
N ILE B 299 58.50 -7.82 2.96
CA ILE B 299 58.98 -6.53 2.52
C ILE B 299 60.37 -6.66 1.86
N SER B 300 60.43 -6.44 0.55
CA SER B 300 61.67 -6.59 -0.21
C SER B 300 62.33 -5.26 -0.61
N ASP B 301 61.56 -4.19 -0.53
CA ASP B 301 62.01 -2.88 -0.96
C ASP B 301 61.34 -1.80 -0.12
N VAL B 302 61.97 -0.64 -0.05
CA VAL B 302 61.38 0.52 0.60
C VAL B 302 61.48 1.75 -0.30
N VAL B 303 60.36 2.44 -0.48
CA VAL B 303 60.37 3.75 -1.09
C VAL B 303 61.10 4.72 -0.17
N LYS B 304 62.00 5.51 -0.73
CA LYS B 304 62.69 6.54 0.04
C LYS B 304 61.98 7.88 -0.14
N VAL B 305 61.15 8.21 0.85
CA VAL B 305 60.35 9.42 0.78
C VAL B 305 61.21 10.64 1.06
N THR B 306 61.03 11.69 0.26
CA THR B 306 61.76 12.94 0.46
C THR B 306 61.12 13.66 1.63
N LEU B 307 61.78 13.64 2.77
CA LEU B 307 61.24 14.26 3.98
C LEU B 307 61.84 15.65 4.17
N THR B 308 61.13 16.54 4.84
CA THR B 308 61.72 17.81 5.24
C THR B 308 62.62 17.53 6.42
N SER B 309 63.57 18.43 6.68
CA SER B 309 64.47 18.27 7.79
C SER B 309 63.67 18.08 9.07
N GLU B 310 62.53 18.77 9.15
CA GLU B 310 61.65 18.65 10.29
C GLU B 310 60.98 17.27 10.34
N GLU B 311 60.71 16.70 9.18
CA GLU B 311 60.10 15.38 9.11
C GLU B 311 61.13 14.29 9.46
N GLU B 312 62.38 14.51 9.07
CA GLU B 312 63.45 13.54 9.30
C GLU B 312 63.81 13.45 10.78
N ALA B 313 64.07 14.60 11.38
CA ALA B 313 64.37 14.66 12.80
C ALA B 313 63.23 14.07 13.62
N HIS B 314 62.01 14.16 13.09
CA HIS B 314 60.84 13.63 13.77
C HIS B 314 60.85 12.09 13.75
N LEU B 315 61.26 11.53 12.62
CA LEU B 315 61.45 10.08 12.47
C LEU B 315 62.63 9.62 13.32
N LYS B 316 63.69 10.42 13.34
CA LYS B 316 64.85 10.15 14.16
C LYS B 316 64.49 10.09 15.64
N LYS B 317 63.64 11.01 16.09
CA LYS B 317 63.20 11.02 17.47
C LYS B 317 62.37 9.77 17.79
N SER B 318 61.53 9.35 16.87
CA SER B 318 60.75 8.12 17.08
C SER B 318 61.69 6.92 17.21
N ALA B 319 62.74 6.90 16.41
CA ALA B 319 63.71 5.81 16.48
C ALA B 319 64.30 5.69 17.90
N ASP B 320 64.73 6.82 18.46
CA ASP B 320 65.35 6.83 19.79
C ASP B 320 64.39 6.54 20.93
N THR B 321 63.13 6.95 20.84
CA THR B 321 62.24 6.65 21.95
C THR B 321 61.84 5.18 21.89
N LEU B 322 61.72 4.64 20.68
CA LEU B 322 61.46 3.21 20.50
C LEU B 322 62.62 2.39 21.03
N TRP B 323 63.84 2.74 20.63
CA TRP B 323 65.01 2.02 21.11
C TRP B 323 65.12 2.15 22.62
N GLY B 324 64.79 3.34 23.13
CA GLY B 324 64.71 3.53 24.56
C GLY B 324 63.76 2.57 25.25
N ILE B 325 62.60 2.34 24.67
CA ILE B 325 61.66 1.39 25.28
C ILE B 325 62.19 -0.04 25.18
N GLN B 326 62.68 -0.42 24.01
CA GLN B 326 63.16 -1.78 23.77
C GLN B 326 64.30 -2.21 24.70
N LYS B 327 65.21 -1.28 24.98
CA LYS B 327 66.33 -1.55 25.87
C LYS B 327 65.85 -2.06 27.23
N GLU B 328 64.70 -1.57 27.68
CA GLU B 328 64.20 -1.93 29.00
C GLU B 328 63.47 -3.28 29.06
N LEU B 329 63.45 -4.00 27.96
CA LEU B 329 62.78 -5.30 27.90
C LEU B 329 63.71 -6.44 28.30
N GLN B 330 63.17 -7.46 28.97
CA GLN B 330 63.89 -8.71 29.21
C GLN B 330 63.44 -9.84 28.29
N PHE B 331 64.40 -10.43 27.60
CA PHE B 331 64.15 -11.49 26.62
C PHE B 331 64.61 -12.86 27.10
N ALA C 1 -1.09 -29.96 -14.29
CA ALA C 1 -0.62 -31.14 -15.06
C ALA C 1 0.85 -31.01 -15.43
N ALA C 2 1.23 -29.87 -16.03
CA ALA C 2 2.58 -29.68 -16.53
C ALA C 2 3.60 -29.94 -15.43
N LEU C 3 4.85 -30.20 -15.81
CA LEU C 3 5.88 -30.57 -14.84
C LEU C 3 6.28 -29.36 -13.99
N LYS C 4 6.54 -28.25 -14.66
CA LYS C 4 6.84 -27.01 -13.96
C LYS C 4 5.76 -26.72 -12.91
N ASP C 5 4.50 -26.84 -13.31
CA ASP C 5 3.40 -26.55 -12.40
C ASP C 5 3.33 -27.57 -11.28
N GLN C 6 3.75 -28.80 -11.56
CA GLN C 6 3.78 -29.87 -10.57
C GLN C 6 4.81 -29.58 -9.51
N LEU C 7 5.94 -29.03 -9.95
CA LEU C 7 7.10 -28.84 -9.09
C LEU C 7 7.02 -27.52 -8.33
N ILE C 8 6.39 -26.53 -8.97
CA ILE C 8 6.53 -25.14 -8.57
C ILE C 8 5.16 -24.49 -8.44
N HIS C 9 4.85 -23.96 -7.26
CA HIS C 9 3.64 -23.13 -7.13
C HIS C 9 3.96 -21.65 -7.39
N ASN C 10 3.27 -21.05 -8.34
CA ASN C 10 3.48 -19.64 -8.67
C ASN C 10 2.63 -18.72 -7.82
N LEU C 11 3.26 -17.73 -7.20
CA LEU C 11 2.58 -16.85 -6.27
C LEU C 11 2.65 -15.41 -6.73
N LEU C 12 3.55 -15.11 -7.64
CA LEU C 12 3.72 -13.74 -8.06
C LEU C 12 3.73 -13.61 -9.58
N LYS C 13 3.03 -12.59 -10.08
CA LYS C 13 3.00 -12.32 -11.51
C LYS C 13 4.22 -11.49 -11.92
N GLU C 14 4.49 -11.42 -13.21
CA GLU C 14 5.65 -10.69 -13.72
C GLU C 14 5.41 -9.18 -13.80
N GLU C 15 6.25 -8.42 -13.10
CA GLU C 15 6.32 -6.97 -13.26
C GLU C 15 7.74 -6.62 -13.68
N HIS C 16 8.39 -7.55 -14.37
CA HIS C 16 9.85 -7.54 -14.54
C HIS C 16 10.42 -6.24 -15.08
N VAL C 17 11.04 -5.48 -14.20
CA VAL C 17 11.79 -4.30 -14.57
C VAL C 17 13.24 -4.45 -14.13
N PRO C 18 14.18 -4.29 -15.07
CA PRO C 18 15.61 -4.34 -14.78
C PRO C 18 15.97 -3.19 -13.85
N GLN C 19 16.82 -3.44 -12.87
CA GLN C 19 17.23 -2.39 -11.94
C GLN C 19 18.63 -1.86 -12.26
N ASN C 20 19.50 -2.76 -12.73
CA ASN C 20 20.87 -2.39 -13.07
C ASN C 20 21.23 -3.01 -14.41
N LYS C 21 20.57 -2.54 -15.45
CA LYS C 21 20.75 -3.06 -16.80
C LYS C 21 21.86 -2.32 -17.50
N ILE C 22 22.75 -3.07 -18.15
CA ILE C 22 23.74 -2.47 -19.01
C ILE C 22 23.55 -2.98 -20.44
N THR C 23 23.64 -2.06 -21.40
CA THR C 23 23.62 -2.40 -22.81
C THR C 23 24.99 -2.13 -23.43
N VAL C 24 25.52 -3.11 -24.15
CA VAL C 24 26.72 -2.94 -24.96
C VAL C 24 26.33 -2.92 -26.43
N VAL C 25 26.54 -1.78 -27.10
CA VAL C 25 26.26 -1.65 -28.53
C VAL C 25 27.44 -2.10 -29.37
N GLY C 26 27.25 -3.17 -30.13
CA GLY C 26 28.34 -3.74 -30.91
C GLY C 26 28.90 -4.98 -30.24
N VAL C 27 28.93 -6.10 -30.97
CA VAL C 27 29.51 -7.33 -30.44
C VAL C 27 30.77 -7.75 -31.18
N GLY C 28 31.58 -6.77 -31.54
CA GLY C 28 32.89 -7.06 -32.08
C GLY C 28 33.84 -7.45 -30.97
N ALA C 29 35.13 -7.36 -31.24
CA ALA C 29 36.15 -7.80 -30.28
C ALA C 29 36.07 -6.96 -29.00
N VAL C 30 35.91 -5.65 -29.14
CA VAL C 30 35.82 -4.74 -28.01
C VAL C 30 34.50 -4.87 -27.25
N GLY C 31 33.40 -4.95 -27.98
CA GLY C 31 32.10 -5.07 -27.33
C GLY C 31 32.05 -6.29 -26.44
N MET C 32 32.38 -7.45 -27.00
CA MET C 32 32.32 -8.70 -26.25
C MET C 32 33.27 -8.67 -25.04
N ALA C 33 34.44 -8.09 -25.22
CA ALA C 33 35.40 -7.99 -24.13
C ALA C 33 34.82 -7.15 -23.00
N CYS C 34 34.10 -6.09 -23.36
CA CYS C 34 33.47 -5.25 -22.35
C CYS C 34 32.43 -6.10 -21.65
N ALA C 35 31.73 -6.91 -22.45
CA ALA C 35 30.60 -7.67 -21.97
C ALA C 35 31.02 -8.74 -20.97
N ILE C 36 32.08 -9.49 -21.30
CA ILE C 36 32.54 -10.54 -20.40
C ILE C 36 33.17 -9.95 -19.15
N SER C 37 33.86 -8.82 -19.28
CA SER C 37 34.40 -8.13 -18.10
C SER C 37 33.29 -7.66 -17.15
N ILE C 38 32.29 -6.98 -17.72
CA ILE C 38 31.12 -6.57 -16.95
C ILE C 38 30.40 -7.76 -16.34
N LEU C 39 30.32 -8.87 -17.09
CA LEU C 39 29.67 -10.05 -16.56
C LEU C 39 30.46 -10.69 -15.40
N MET C 40 31.79 -10.63 -15.46
CA MET C 40 32.59 -11.25 -14.41
C MET C 40 32.82 -10.38 -13.16
N LYS C 41 32.48 -9.10 -13.25
CA LYS C 41 32.52 -8.20 -12.10
C LYS C 41 31.14 -7.96 -11.47
N ASP C 42 30.13 -8.68 -11.95
CA ASP C 42 28.77 -8.59 -11.41
C ASP C 42 28.27 -7.15 -11.24
N LEU C 43 28.27 -6.38 -12.33
CA LEU C 43 27.83 -4.97 -12.28
C LEU C 43 26.36 -4.79 -12.70
N ALA C 44 25.74 -5.84 -13.25
CA ALA C 44 24.42 -5.71 -13.85
C ALA C 44 23.54 -6.92 -13.52
N ASP C 45 22.22 -6.72 -13.41
CA ASP C 45 21.27 -7.83 -13.28
C ASP C 45 20.57 -8.10 -14.60
N GLU C 46 21.03 -7.42 -15.64
CA GLU C 46 20.62 -7.75 -17.00
C GLU C 46 21.60 -7.12 -17.98
N LEU C 47 22.01 -7.90 -18.98
CA LEU C 47 22.92 -7.42 -20.00
C LEU C 47 22.16 -7.49 -21.32
N ALA C 48 22.36 -6.50 -22.17
CA ALA C 48 21.75 -6.49 -23.49
C ALA C 48 22.80 -6.18 -24.52
N LEU C 49 22.77 -6.93 -25.61
CA LEU C 49 23.70 -6.71 -26.71
C LEU C 49 22.93 -6.30 -27.96
N VAL C 50 23.45 -5.36 -28.73
CA VAL C 50 22.83 -5.00 -30.00
C VAL C 50 23.85 -4.81 -31.09
N ASP C 51 23.46 -5.16 -32.31
CA ASP C 51 24.34 -5.04 -33.45
C ASP C 51 23.46 -5.20 -34.69
N VAL C 52 24.05 -5.11 -35.88
CA VAL C 52 23.30 -5.34 -37.11
C VAL C 52 23.56 -6.73 -37.69
N MET C 53 24.70 -7.31 -37.34
CA MET C 53 25.04 -8.65 -37.79
C MET C 53 24.26 -9.69 -36.96
N GLU C 54 23.09 -10.09 -37.46
CA GLU C 54 22.11 -10.77 -36.62
C GLU C 54 22.54 -12.17 -36.16
N ASP C 55 23.14 -12.95 -37.06
CA ASP C 55 23.69 -14.24 -36.69
C ASP C 55 24.78 -14.15 -35.61
N LYS C 56 25.82 -13.37 -35.87
CA LYS C 56 26.88 -13.22 -34.90
C LYS C 56 26.28 -12.79 -33.54
N LEU C 57 25.29 -11.91 -33.60
CA LEU C 57 24.68 -11.40 -32.38
C LEU C 57 24.03 -12.49 -31.54
N LYS C 58 23.13 -13.25 -32.17
CA LYS C 58 22.46 -14.37 -31.51
C LYS C 58 23.47 -15.41 -31.00
N GLY C 59 24.53 -15.61 -31.78
CA GLY C 59 25.57 -16.54 -31.38
C GLY C 59 26.29 -16.08 -30.14
N GLU C 60 26.63 -14.80 -30.07
CA GLU C 60 27.36 -14.28 -28.92
C GLU C 60 26.51 -14.32 -27.65
N MET C 61 25.26 -13.87 -27.75
CA MET C 61 24.32 -13.98 -26.65
C MET C 61 24.26 -15.41 -26.15
N MET C 62 24.22 -16.36 -27.08
CA MET C 62 24.00 -17.75 -26.69
C MET C 62 25.18 -18.31 -25.90
N ASP C 63 26.40 -18.01 -26.35
CA ASP C 63 27.63 -18.43 -25.68
C ASP C 63 27.67 -17.88 -24.24
N LEU C 64 27.39 -16.59 -24.09
CA LEU C 64 27.33 -16.00 -22.76
C LEU C 64 26.30 -16.72 -21.88
N GLN C 65 25.18 -17.10 -22.49
CA GLN C 65 24.07 -17.71 -21.76
C GLN C 65 24.39 -19.10 -21.26
N HIS C 66 25.29 -19.80 -21.95
CA HIS C 66 25.68 -21.14 -21.57
C HIS C 66 26.60 -21.13 -20.34
N GLY C 67 27.12 -19.95 -20.02
CA GLY C 67 27.98 -19.82 -18.86
C GLY C 67 27.24 -19.36 -17.61
N SER C 68 25.92 -19.30 -17.70
CA SER C 68 25.06 -18.76 -16.64
C SER C 68 25.29 -19.40 -15.27
N LEU C 69 25.53 -20.71 -15.28
CA LEU C 69 25.83 -21.43 -14.04
C LEU C 69 27.00 -20.78 -13.30
N PHE C 70 27.92 -20.19 -14.06
CA PHE C 70 29.13 -19.62 -13.46
C PHE C 70 29.04 -18.11 -13.29
N LEU C 71 27.85 -17.56 -13.52
CA LEU C 71 27.66 -16.13 -13.41
C LEU C 71 26.56 -15.75 -12.40
N ARG C 72 26.51 -14.48 -12.02
CA ARG C 72 25.46 -13.97 -11.17
C ARG C 72 24.70 -12.82 -11.87
N THR C 73 24.62 -12.89 -13.20
CA THR C 73 23.83 -11.96 -13.98
C THR C 73 22.74 -12.76 -14.71
N PRO C 74 21.51 -12.73 -14.20
CA PRO C 74 20.50 -13.75 -14.51
C PRO C 74 19.88 -13.63 -15.90
N LYS C 75 19.91 -12.42 -16.47
CA LYS C 75 19.28 -12.20 -17.77
C LYS C 75 20.21 -11.53 -18.79
N ILE C 76 20.36 -12.19 -19.93
CA ILE C 76 21.14 -11.68 -21.04
C ILE C 76 20.27 -11.77 -22.28
N VAL C 77 20.11 -10.64 -22.99
CA VAL C 77 19.22 -10.58 -24.15
C VAL C 77 19.90 -9.86 -25.30
N SER C 78 19.34 -9.96 -26.50
CA SER C 78 19.96 -9.35 -27.67
C SER C 78 19.01 -9.25 -28.86
N GLY C 79 19.44 -8.49 -29.86
CA GLY C 79 18.61 -8.31 -31.03
C GLY C 79 18.92 -7.03 -31.78
N LYS C 80 18.41 -6.94 -33.00
CA LYS C 80 18.69 -5.81 -33.89
C LYS C 80 17.81 -4.63 -33.51
N ASP C 81 16.73 -4.93 -32.78
CA ASP C 81 15.78 -3.90 -32.40
C ASP C 81 16.08 -3.34 -31.00
N TYR C 82 16.25 -2.02 -30.90
CA TYR C 82 16.74 -1.42 -29.66
C TYR C 82 15.74 -1.48 -28.51
N SER C 83 14.60 -2.11 -28.74
CA SER C 83 13.65 -2.32 -27.64
C SER C 83 14.24 -3.25 -26.57
N VAL C 84 15.26 -4.04 -26.93
CA VAL C 84 15.89 -4.94 -25.98
C VAL C 84 16.82 -4.19 -25.03
N THR C 85 17.10 -2.92 -25.36
CA THR C 85 18.02 -2.10 -24.57
C THR C 85 17.31 -1.22 -23.56
N ALA C 86 15.98 -1.24 -23.58
CA ALA C 86 15.16 -0.30 -22.79
C ALA C 86 15.47 -0.31 -21.30
N ASN C 87 15.45 0.87 -20.70
CA ASN C 87 15.71 1.01 -19.27
C ASN C 87 17.13 0.58 -18.89
N SER C 88 18.07 0.88 -19.78
CA SER C 88 19.47 0.77 -19.43
C SER C 88 19.84 1.92 -18.53
N LYS C 89 20.61 1.61 -17.49
CA LYS C 89 21.26 2.62 -16.67
C LYS C 89 22.53 3.05 -17.39
N LEU C 90 23.17 2.11 -18.08
CA LEU C 90 24.42 2.39 -18.78
C LEU C 90 24.39 1.84 -20.20
N VAL C 91 24.86 2.61 -21.16
CA VAL C 91 24.91 2.15 -22.55
C VAL C 91 26.25 2.44 -23.18
N ILE C 92 26.98 1.38 -23.48
CA ILE C 92 28.35 1.48 -23.97
C ILE C 92 28.34 1.29 -25.48
N ILE C 93 28.87 2.28 -26.20
CA ILE C 93 28.87 2.26 -27.66
C ILE C 93 30.25 1.88 -28.16
N THR C 94 30.32 0.79 -28.92
CA THR C 94 31.58 0.35 -29.53
C THR C 94 31.43 0.16 -31.03
N ALA C 95 30.34 0.68 -31.58
CA ALA C 95 30.04 0.51 -32.99
C ALA C 95 30.95 1.38 -33.85
N GLY C 96 31.04 1.07 -35.14
CA GLY C 96 31.84 1.87 -36.04
C GLY C 96 32.19 1.18 -37.35
N ALA C 97 32.57 1.98 -38.36
CA ALA C 97 33.09 1.41 -39.61
C ALA C 97 34.61 1.35 -39.53
N ARG C 98 35.22 0.46 -40.30
CA ARG C 98 36.68 0.38 -40.34
C ARG C 98 37.24 1.34 -41.37
N GLY C 102 43.18 5.37 -47.95
CA GLY C 102 43.02 6.61 -48.70
C GLY C 102 41.69 7.26 -48.39
N GLU C 103 40.82 6.53 -47.69
CA GLU C 103 39.49 7.00 -47.34
C GLU C 103 39.50 8.44 -46.83
N SER C 104 40.47 8.75 -45.98
CA SER C 104 40.55 10.02 -45.25
C SER C 104 40.06 9.82 -43.82
N ARG C 105 40.66 10.57 -42.89
CA ARG C 105 40.13 10.69 -41.56
C ARG C 105 38.66 11.10 -41.72
N LEU C 106 38.43 12.14 -42.52
CA LEU C 106 37.15 12.84 -42.54
C LEU C 106 36.00 11.98 -43.04
N ASN C 107 36.22 11.27 -44.14
CA ASN C 107 35.20 10.41 -44.70
C ASN C 107 34.91 9.21 -43.79
N LEU C 108 35.94 8.73 -43.10
CA LEU C 108 35.78 7.67 -42.11
C LEU C 108 34.89 8.16 -40.97
N VAL C 109 35.20 9.36 -40.47
CA VAL C 109 34.50 9.93 -39.34
C VAL C 109 33.02 10.11 -39.69
N GLN C 110 32.77 10.51 -40.93
CA GLN C 110 31.42 10.85 -41.35
C GLN C 110 30.54 9.60 -41.42
N ARG C 111 31.13 8.47 -41.79
CA ARG C 111 30.36 7.23 -41.85
C ARG C 111 30.05 6.71 -40.44
N ASN C 112 31.01 6.90 -39.53
CA ASN C 112 30.77 6.62 -38.12
C ASN C 112 29.69 7.57 -37.59
N VAL C 113 29.75 8.83 -37.99
CA VAL C 113 28.71 9.79 -37.65
C VAL C 113 27.34 9.33 -38.17
N ASN C 114 27.34 8.69 -39.33
CA ASN C 114 26.09 8.22 -39.93
C ASN C 114 25.53 7.03 -39.18
N ILE C 115 26.42 6.22 -38.61
CA ILE C 115 26.00 5.11 -37.77
C ILE C 115 25.38 5.58 -36.46
N PHE C 116 25.96 6.63 -35.89
CA PHE C 116 25.47 7.18 -34.63
C PHE C 116 24.12 7.86 -34.84
N LYS C 117 23.90 8.39 -36.03
CA LYS C 117 22.64 9.05 -36.36
C LYS C 117 21.50 8.05 -36.38
N PHE C 118 21.84 6.79 -36.64
CA PHE C 118 20.86 5.73 -36.49
C PHE C 118 20.85 5.16 -35.06
N ILE C 119 22.03 4.94 -34.51
CA ILE C 119 22.12 4.27 -33.21
C ILE C 119 21.67 5.13 -32.03
N ILE C 120 22.34 6.25 -31.83
CA ILE C 120 22.10 7.07 -30.63
C ILE C 120 20.65 7.47 -30.39
N PRO C 121 19.92 7.85 -31.45
CA PRO C 121 18.50 8.17 -31.25
C PRO C 121 17.68 6.95 -30.81
N ASN C 122 18.07 5.77 -31.29
CA ASN C 122 17.44 4.55 -30.80
C ASN C 122 17.78 4.28 -29.34
N VAL C 123 19.04 4.47 -28.97
CA VAL C 123 19.42 4.33 -27.58
C VAL C 123 18.58 5.27 -26.71
N VAL C 124 18.49 6.54 -27.10
CA VAL C 124 17.76 7.55 -26.33
C VAL C 124 16.24 7.31 -26.23
N LYS C 125 15.62 6.87 -27.32
CA LYS C 125 14.20 6.58 -27.32
C LYS C 125 13.85 5.52 -26.28
N TYR C 126 14.80 4.64 -25.99
CA TYR C 126 14.52 3.47 -25.15
C TYR C 126 15.12 3.55 -23.74
N SER C 127 16.16 4.35 -23.57
CA SER C 127 16.71 4.59 -22.24
C SER C 127 16.97 6.08 -22.11
N PRO C 128 15.90 6.86 -21.88
CA PRO C 128 15.97 8.32 -21.82
C PRO C 128 16.95 8.80 -20.77
N HIS C 129 17.06 8.05 -19.68
CA HIS C 129 17.83 8.49 -18.51
C HIS C 129 19.20 7.81 -18.38
N CYS C 130 19.62 7.08 -19.41
CA CYS C 130 20.85 6.30 -19.32
C CYS C 130 22.04 7.23 -19.30
N LYS C 131 23.18 6.73 -18.82
CA LYS C 131 24.46 7.34 -19.15
C LYS C 131 24.95 6.73 -20.47
N LEU C 132 25.60 7.55 -21.30
CA LEU C 132 26.22 7.08 -22.54
C LEU C 132 27.73 7.04 -22.37
N LEU C 133 28.34 5.96 -22.81
CA LEU C 133 29.79 5.83 -22.74
C LEU C 133 30.31 5.34 -24.08
N VAL C 134 30.97 6.23 -24.81
CA VAL C 134 31.45 5.91 -26.15
C VAL C 134 32.87 5.40 -26.07
N VAL C 135 33.21 4.48 -26.98
CA VAL C 135 34.53 3.85 -26.99
C VAL C 135 35.09 3.87 -28.42
N SER C 136 34.20 3.89 -29.40
CA SER C 136 34.60 3.88 -30.81
C SER C 136 35.55 5.03 -31.09
N ASN C 137 36.52 4.79 -31.96
CA ASN C 137 37.48 5.82 -32.32
C ASN C 137 37.08 6.58 -33.59
N PRO C 138 37.54 7.84 -33.72
CA PRO C 138 38.24 8.64 -32.70
C PRO C 138 37.27 9.04 -31.61
N VAL C 139 37.58 8.66 -30.37
CA VAL C 139 36.62 8.71 -29.29
C VAL C 139 36.25 10.14 -28.93
N ASP C 140 37.25 11.01 -28.91
CA ASP C 140 37.01 12.40 -28.50
C ASP C 140 35.97 13.02 -29.42
N ILE C 141 36.06 12.69 -30.70
CA ILE C 141 35.12 13.19 -31.68
C ILE C 141 33.78 12.45 -31.60
N LEU C 142 33.83 11.12 -31.46
CA LEU C 142 32.59 10.35 -31.49
C LEU C 142 31.80 10.47 -30.19
N THR C 143 32.43 10.99 -29.14
CA THR C 143 31.70 11.26 -27.90
C THR C 143 30.95 12.59 -28.06
N TYR C 144 31.62 13.55 -28.70
CA TYR C 144 30.99 14.80 -29.10
C TYR C 144 29.77 14.58 -30.03
N VAL C 145 29.92 13.71 -31.03
CA VAL C 145 28.80 13.41 -31.91
C VAL C 145 27.69 12.78 -31.11
N ALA C 146 28.05 11.96 -30.14
CA ALA C 146 27.07 11.25 -29.33
C ALA C 146 26.29 12.26 -28.49
N TRP C 147 27.01 13.25 -27.94
CA TRP C 147 26.41 14.29 -27.10
C TRP C 147 25.48 15.17 -27.91
N LYS C 148 25.99 15.68 -29.02
CA LYS C 148 25.21 16.53 -29.89
C LYS C 148 23.92 15.82 -30.30
N ILE C 149 24.04 14.61 -30.84
CA ILE C 149 22.86 13.88 -31.32
C ILE C 149 21.88 13.54 -30.22
N SER C 150 22.38 13.12 -29.06
CA SER C 150 21.51 12.60 -28.02
C SER C 150 20.66 13.68 -27.39
N GLY C 151 21.19 14.90 -27.37
CA GLY C 151 20.54 15.97 -26.65
C GLY C 151 20.68 15.81 -25.15
N PHE C 152 21.61 14.96 -24.73
CA PHE C 152 21.82 14.72 -23.30
C PHE C 152 22.65 15.84 -22.68
N PRO C 153 22.39 16.14 -21.40
CA PRO C 153 23.31 16.98 -20.62
C PRO C 153 24.71 16.37 -20.54
N LYS C 154 25.74 17.20 -20.58
CA LYS C 154 27.11 16.74 -20.76
C LYS C 154 27.54 15.74 -19.68
N ASN C 155 26.97 15.88 -18.49
CA ASN C 155 27.35 15.01 -17.39
C ASN C 155 27.06 13.55 -17.74
N ARG C 156 26.18 13.33 -18.72
CA ARG C 156 25.75 11.97 -19.06
C ARG C 156 26.34 11.37 -20.34
N VAL C 157 27.27 12.07 -20.98
CA VAL C 157 27.93 11.53 -22.16
C VAL C 157 29.44 11.49 -21.93
N ILE C 158 29.98 10.28 -21.89
CA ILE C 158 31.35 10.03 -21.43
C ILE C 158 32.10 9.28 -22.53
N GLY C 159 33.33 9.68 -22.79
CA GLY C 159 34.15 8.96 -23.75
C GLY C 159 35.28 8.31 -23.00
N SER C 160 35.51 7.04 -23.23
CA SER C 160 36.54 6.31 -22.49
C SER C 160 37.88 7.02 -22.63
N GLY C 161 38.07 7.75 -23.73
CA GLY C 161 39.23 8.61 -23.85
C GLY C 161 40.53 7.92 -23.49
N CYS C 162 41.33 8.56 -22.62
CA CYS C 162 42.68 8.11 -22.27
C CYS C 162 42.73 7.16 -21.07
N ASN C 163 41.62 6.56 -20.71
CA ASN C 163 41.55 5.77 -19.48
C ASN C 163 42.46 4.55 -19.55
N LEU C 164 42.35 3.78 -20.63
CA LEU C 164 43.21 2.61 -20.83
C LEU C 164 44.68 3.02 -21.04
N ASP C 165 44.90 4.19 -21.63
CA ASP C 165 46.27 4.61 -21.86
C ASP C 165 46.96 5.03 -20.56
N SER C 166 46.24 5.77 -19.71
CA SER C 166 46.74 6.04 -18.36
C SER C 166 47.09 4.74 -17.64
N ALA C 167 46.24 3.72 -17.81
CA ALA C 167 46.49 2.43 -17.18
C ALA C 167 47.71 1.74 -17.81
N ARG C 168 47.85 1.87 -19.14
CA ARG C 168 49.02 1.31 -19.81
C ARG C 168 50.28 1.99 -19.30
N PHE C 169 50.15 3.27 -18.95
CA PHE C 169 51.28 4.08 -18.57
C PHE C 169 51.73 3.67 -17.17
N ARG C 170 50.78 3.41 -16.30
CA ARG C 170 51.09 2.98 -14.94
C ARG C 170 51.66 1.56 -14.95
N TYR C 171 51.26 0.76 -15.93
CA TYR C 171 51.83 -0.57 -16.09
C TYR C 171 53.32 -0.51 -16.46
N LEU C 172 53.65 0.32 -17.45
CA LEU C 172 55.05 0.45 -17.88
C LEU C 172 55.90 1.11 -16.80
N MET C 173 55.35 2.15 -16.18
CA MET C 173 55.95 2.72 -14.98
C MET C 173 56.31 1.58 -14.01
N GLY C 174 55.29 0.84 -13.59
CA GLY C 174 55.52 -0.28 -12.70
C GLY C 174 56.61 -1.25 -13.13
N GLU C 175 56.72 -1.53 -14.43
CA GLU C 175 57.75 -2.46 -14.91
C GLU C 175 59.15 -1.88 -14.69
N ARG C 176 59.31 -0.59 -14.97
CA ARG C 176 60.60 0.05 -14.80
C ARG C 176 60.94 0.14 -13.31
N LEU C 177 59.92 0.22 -12.46
CA LEU C 177 60.17 0.52 -11.05
C LEU C 177 60.19 -0.71 -10.14
N GLY C 178 59.66 -1.82 -10.64
CA GLY C 178 59.58 -3.02 -9.84
C GLY C 178 58.43 -3.02 -8.84
N VAL C 179 57.37 -2.28 -9.13
CA VAL C 179 56.17 -2.35 -8.29
C VAL C 179 54.91 -2.40 -9.16
N HIS C 180 53.83 -2.91 -8.57
CA HIS C 180 52.57 -3.09 -9.28
C HIS C 180 52.05 -1.77 -9.83
N ALA C 181 51.27 -1.83 -10.92
CA ALA C 181 50.73 -0.62 -11.53
C ALA C 181 49.78 0.13 -10.57
N LEU C 182 49.15 -0.63 -9.67
CA LEU C 182 48.26 -0.02 -8.68
C LEU C 182 48.95 1.00 -7.80
N SER C 183 50.24 0.80 -7.55
CA SER C 183 51.00 1.67 -6.65
C SER C 183 51.83 2.71 -7.41
N CYS C 184 51.67 2.74 -8.74
CA CYS C 184 52.34 3.74 -9.58
C CYS C 184 51.30 4.70 -10.13
N HIS C 185 51.60 5.99 -10.09
CA HIS C 185 50.63 6.98 -10.53
C HIS C 185 51.14 7.90 -11.64
N GLY C 186 50.31 8.07 -12.67
CA GLY C 186 50.64 8.95 -13.76
C GLY C 186 49.39 9.24 -14.57
N TRP C 187 49.33 10.43 -15.16
CA TRP C 187 48.13 10.84 -15.85
C TRP C 187 48.34 11.30 -17.28
N ILE C 188 47.70 10.61 -18.21
CA ILE C 188 47.66 11.04 -19.59
C ILE C 188 46.32 11.72 -19.87
N LEU C 189 46.40 12.93 -20.43
CA LEU C 189 45.21 13.76 -20.62
C LEU C 189 45.18 14.29 -22.03
N GLY C 190 44.16 15.06 -22.34
CA GLY C 190 44.06 15.69 -23.65
C GLY C 190 43.32 14.85 -24.67
N GLU C 191 43.75 15.00 -25.92
CA GLU C 191 43.16 14.28 -27.04
C GLU C 191 43.70 12.85 -27.05
N HIS C 192 42.80 11.88 -27.23
CA HIS C 192 43.18 10.48 -27.27
C HIS C 192 44.24 10.21 -28.35
N GLY C 193 45.21 9.37 -28.03
CA GLY C 193 46.18 8.96 -29.04
C GLY C 193 47.52 9.65 -28.94
N ASP C 194 48.09 10.06 -30.07
CA ASP C 194 49.45 10.60 -30.07
C ASP C 194 49.58 12.06 -29.63
N SER C 195 48.50 12.83 -29.70
CA SER C 195 48.56 14.21 -29.23
C SER C 195 48.25 14.31 -27.72
N SER C 196 48.00 13.17 -27.09
CA SER C 196 47.73 13.11 -25.65
C SER C 196 48.96 13.53 -24.86
N VAL C 197 48.74 14.15 -23.70
CA VAL C 197 49.83 14.69 -22.88
C VAL C 197 50.09 13.86 -21.63
N PRO C 198 51.34 13.37 -21.48
CA PRO C 198 51.75 12.70 -20.24
C PRO C 198 52.17 13.76 -19.21
N VAL C 199 51.35 13.94 -18.18
CA VAL C 199 51.59 14.99 -17.20
C VAL C 199 52.71 14.58 -16.27
N TRP C 200 53.93 14.94 -16.65
CA TRP C 200 55.15 14.49 -15.98
C TRP C 200 55.23 14.86 -14.50
N SER C 201 54.54 15.93 -14.11
CA SER C 201 54.68 16.47 -12.76
C SER C 201 53.74 15.79 -11.77
N GLY C 202 52.81 14.99 -12.27
CA GLY C 202 51.96 14.21 -11.39
C GLY C 202 52.49 12.82 -11.08
N MET C 203 53.44 12.34 -11.86
CA MET C 203 53.89 10.96 -11.70
C MET C 203 54.58 10.75 -10.36
N ASN C 204 54.07 9.81 -9.58
CA ASN C 204 54.69 9.50 -8.29
C ASN C 204 54.45 8.08 -7.82
N VAL C 205 55.24 7.66 -6.84
CA VAL C 205 54.90 6.53 -5.98
C VAL C 205 54.88 7.00 -4.52
N ALA C 206 53.87 6.58 -3.77
CA ALA C 206 53.73 6.93 -2.35
C ALA C 206 53.80 8.44 -2.13
N GLY C 207 53.33 9.21 -3.10
CA GLY C 207 53.35 10.66 -2.96
C GLY C 207 54.73 11.27 -3.15
N VAL C 208 55.71 10.44 -3.49
CA VAL C 208 57.05 10.94 -3.79
C VAL C 208 57.09 11.34 -5.27
N SER C 209 57.25 12.63 -5.53
CA SER C 209 57.22 13.11 -6.92
C SER C 209 58.48 12.69 -7.66
N LEU C 210 58.31 11.85 -8.68
CA LEU C 210 59.43 11.38 -9.49
C LEU C 210 60.18 12.51 -10.19
N LYS C 211 59.43 13.53 -10.61
CA LYS C 211 60.01 14.67 -11.32
C LYS C 211 60.90 15.52 -10.42
N THR C 212 60.61 15.52 -9.12
CA THR C 212 61.40 16.29 -8.18
C THR C 212 62.69 15.54 -7.84
N LEU C 213 62.59 14.22 -7.77
CA LEU C 213 63.78 13.40 -7.64
C LEU C 213 64.61 13.54 -8.91
N HIS C 214 63.94 13.39 -10.05
CA HIS C 214 64.60 13.29 -11.34
C HIS C 214 64.12 14.42 -12.26
N PRO C 215 64.64 15.64 -12.06
CA PRO C 215 64.08 16.85 -12.69
C PRO C 215 64.09 16.82 -14.23
N GLU C 216 64.94 15.99 -14.80
CA GLU C 216 64.98 15.79 -16.25
C GLU C 216 63.79 15.01 -16.78
N LEU C 217 63.02 14.40 -15.88
CA LEU C 217 61.92 13.50 -16.25
C LEU C 217 60.94 14.13 -17.23
N GLY C 218 60.81 13.51 -18.40
CA GLY C 218 59.90 14.02 -19.42
C GLY C 218 60.68 14.59 -20.60
N THR C 219 61.80 15.22 -20.30
CA THR C 219 62.53 16.00 -21.30
C THR C 219 63.44 15.15 -22.16
N ASP C 220 64.04 15.78 -23.16
CA ASP C 220 64.92 15.09 -24.10
C ASP C 220 66.34 15.05 -23.55
N ALA C 221 66.56 15.72 -22.42
CA ALA C 221 67.86 15.73 -21.77
C ALA C 221 68.03 14.52 -20.85
N ASP C 222 67.11 13.56 -20.98
CA ASP C 222 66.98 12.46 -20.01
C ASP C 222 67.75 11.22 -20.46
N LYS C 223 68.66 10.74 -19.63
CA LYS C 223 69.44 9.55 -19.95
C LYS C 223 68.58 8.29 -19.94
N GLU C 224 67.51 8.31 -19.15
CA GLU C 224 66.66 7.14 -19.00
C GLU C 224 65.45 7.23 -19.91
N GLN C 225 65.43 8.24 -20.77
CA GLN C 225 64.38 8.40 -21.78
C GLN C 225 62.98 8.03 -21.28
N TRP C 226 62.53 8.69 -20.23
CA TRP C 226 61.21 8.41 -19.70
C TRP C 226 60.14 8.93 -20.64
N LYS C 227 60.51 9.89 -21.49
CA LYS C 227 59.58 10.43 -22.46
C LYS C 227 59.06 9.29 -23.32
N GLN C 228 59.94 8.33 -23.55
CA GLN C 228 59.64 7.18 -24.40
C GLN C 228 58.51 6.27 -23.90
N VAL C 229 58.28 6.27 -22.59
CA VAL C 229 57.26 5.42 -22.00
C VAL C 229 55.90 5.83 -22.53
N HIS C 230 55.70 7.14 -22.69
CA HIS C 230 54.46 7.65 -23.22
C HIS C 230 54.33 7.32 -24.71
N LYS C 231 55.43 7.40 -25.44
CA LYS C 231 55.42 6.99 -26.83
C LYS C 231 55.03 5.51 -26.88
N GLN C 232 55.65 4.71 -26.00
CA GLN C 232 55.34 3.29 -25.92
C GLN C 232 53.85 3.06 -25.72
N VAL C 233 53.25 3.85 -24.84
CA VAL C 233 51.82 3.74 -24.56
C VAL C 233 51.05 4.08 -25.82
N VAL C 234 51.34 5.27 -26.35
CA VAL C 234 50.69 5.80 -27.55
C VAL C 234 50.76 4.82 -28.71
N ASP C 235 51.83 4.02 -28.74
CA ASP C 235 52.10 3.11 -29.85
C ASP C 235 51.62 1.67 -29.57
N SER C 236 51.44 1.33 -28.30
CA SER C 236 51.24 -0.06 -27.90
C SER C 236 49.95 -0.63 -28.47
N ALA C 237 49.02 0.26 -28.80
CA ALA C 237 47.76 -0.16 -29.36
C ALA C 237 47.96 -0.83 -30.71
N TYR C 238 48.64 -0.14 -31.63
CA TYR C 238 48.84 -0.70 -32.95
C TYR C 238 49.94 -1.76 -32.96
N GLU C 239 50.81 -1.73 -31.96
CA GLU C 239 51.80 -2.80 -31.82
C GLU C 239 51.07 -4.12 -31.54
N VAL C 240 50.00 -4.04 -30.75
CA VAL C 240 49.21 -5.23 -30.46
C VAL C 240 48.36 -5.58 -31.67
N ILE C 241 47.80 -4.57 -32.33
CA ILE C 241 47.05 -4.82 -33.56
C ILE C 241 47.97 -5.44 -34.62
N LYS C 242 49.22 -5.02 -34.61
CA LYS C 242 50.19 -5.57 -35.54
C LYS C 242 50.38 -7.07 -35.28
N LEU C 243 50.20 -7.48 -34.02
CA LEU C 243 50.58 -8.83 -33.59
C LEU C 243 49.40 -9.81 -33.55
N LYS C 244 48.23 -9.31 -33.18
CA LYS C 244 47.05 -10.17 -33.07
C LYS C 244 45.86 -9.69 -33.90
N GLY C 245 46.04 -8.56 -34.59
CA GLY C 245 44.99 -8.07 -35.46
C GLY C 245 44.07 -7.00 -34.89
N TYR C 246 44.10 -6.84 -33.56
CA TYR C 246 43.18 -5.95 -32.86
C TYR C 246 43.54 -6.02 -31.37
N THR C 247 42.91 -5.21 -30.53
CA THR C 247 43.05 -5.43 -29.09
C THR C 247 41.66 -5.63 -28.48
N THR C 248 41.62 -6.22 -27.29
CA THR C 248 40.34 -6.51 -26.63
C THR C 248 40.41 -6.50 -25.12
N TRP C 249 41.29 -7.33 -24.56
CA TRP C 249 41.18 -7.68 -23.16
C TRP C 249 41.39 -6.46 -22.30
N ALA C 250 42.33 -5.61 -22.69
CA ALA C 250 42.71 -4.46 -21.88
C ALA C 250 41.67 -3.36 -21.94
N ILE C 251 41.13 -3.09 -23.13
CA ILE C 251 40.10 -2.07 -23.27
C ILE C 251 38.80 -2.50 -22.58
N GLY C 252 38.44 -3.77 -22.70
CA GLY C 252 37.27 -4.27 -21.99
C GLY C 252 37.39 -4.18 -20.47
N LEU C 253 38.57 -4.47 -19.94
CA LEU C 253 38.82 -4.34 -18.52
C LEU C 253 38.73 -2.89 -18.09
N SER C 254 39.22 -1.98 -18.93
CA SER C 254 39.23 -0.56 -18.57
C SER C 254 37.82 0.02 -18.54
N VAL C 255 37.03 -0.36 -19.55
CA VAL C 255 35.63 0.00 -19.63
C VAL C 255 34.85 -0.55 -18.44
N ALA C 256 35.14 -1.78 -18.06
CA ALA C 256 34.45 -2.41 -16.95
C ALA C 256 34.71 -1.63 -15.66
N ASP C 257 35.93 -1.15 -15.50
CA ASP C 257 36.29 -0.38 -14.32
C ASP C 257 35.51 0.94 -14.29
N LEU C 258 35.34 1.56 -15.46
CA LEU C 258 34.50 2.73 -15.56
C LEU C 258 33.05 2.39 -15.21
N ALA C 259 32.55 1.29 -15.73
CA ALA C 259 31.16 0.94 -15.44
C ALA C 259 30.96 0.72 -13.94
N GLU C 260 32.01 0.28 -13.25
CA GLU C 260 31.88 -0.04 -11.83
C GLU C 260 31.69 1.25 -11.05
N SER C 261 32.47 2.27 -11.41
CA SER C 261 32.34 3.56 -10.79
C SER C 261 30.95 4.15 -11.01
N ILE C 262 30.39 3.96 -12.20
CA ILE C 262 29.08 4.50 -12.48
C ILE C 262 27.99 3.73 -11.74
N MET C 263 28.00 2.40 -11.88
CA MET C 263 26.95 1.55 -11.33
C MET C 263 26.90 1.55 -9.79
N LYS C 264 28.04 1.79 -9.16
CA LYS C 264 28.11 1.75 -7.71
C LYS C 264 28.24 3.16 -7.14
N ASN C 265 28.30 4.13 -8.03
CA ASN C 265 28.35 5.53 -7.64
C ASN C 265 29.58 5.77 -6.77
N LEU C 266 30.72 5.26 -7.23
CA LEU C 266 31.92 5.27 -6.40
C LEU C 266 32.55 6.66 -6.27
N ARG C 267 32.33 7.51 -7.27
CA ARG C 267 33.01 8.80 -7.31
C ARG C 267 34.51 8.61 -7.24
N ARG C 268 35.04 7.65 -7.99
CA ARG C 268 36.47 7.57 -8.24
C ARG C 268 36.84 8.54 -9.35
N VAL C 269 38.09 8.95 -9.37
CA VAL C 269 38.59 9.85 -10.40
C VAL C 269 39.25 9.03 -11.50
N HIS C 270 38.75 9.20 -12.73
CA HIS C 270 39.31 8.56 -13.92
C HIS C 270 39.72 9.58 -14.99
N PRO C 271 40.74 9.25 -15.80
CA PRO C 271 41.08 10.07 -16.96
C PRO C 271 40.19 9.72 -18.14
N ILE C 272 39.07 10.43 -18.26
CA ILE C 272 38.09 10.18 -19.34
C ILE C 272 37.78 11.47 -20.09
N SER C 273 37.23 11.32 -21.29
CA SER C 273 36.96 12.45 -22.15
C SER C 273 35.58 13.04 -21.87
N THR C 274 35.54 14.35 -21.63
CA THR C 274 34.34 15.04 -21.17
C THR C 274 34.27 16.41 -21.85
N MET C 275 33.07 16.97 -22.01
CA MET C 275 32.94 18.27 -22.67
C MET C 275 33.55 19.34 -21.76
N LEU C 276 34.68 19.90 -22.17
CA LEU C 276 35.44 20.76 -21.28
C LEU C 276 35.60 22.19 -21.76
N LYS C 277 34.63 22.67 -22.53
CA LYS C 277 34.60 24.08 -22.89
C LYS C 277 34.43 24.93 -21.63
N GLY C 278 35.37 25.83 -21.41
CA GLY C 278 35.34 26.67 -20.22
C GLY C 278 36.45 26.34 -19.25
N LEU C 279 36.81 25.07 -19.16
CA LEU C 279 37.89 24.63 -18.27
C LEU C 279 39.19 24.40 -19.03
N TYR C 280 40.30 24.39 -18.31
CA TYR C 280 41.59 24.12 -18.93
C TYR C 280 41.84 25.07 -20.09
N GLY C 281 41.10 26.18 -20.11
CA GLY C 281 41.33 27.24 -21.09
C GLY C 281 40.75 26.97 -22.47
N ILE C 282 39.80 26.05 -22.55
CA ILE C 282 39.27 25.63 -23.84
C ILE C 282 38.00 26.38 -24.22
N LYS C 283 37.99 26.90 -25.44
CA LYS C 283 36.94 27.82 -25.87
C LYS C 283 35.85 27.17 -26.72
N GLU C 284 36.22 26.14 -27.48
CA GLU C 284 35.27 25.45 -28.36
C GLU C 284 34.48 24.32 -27.67
N ASP C 285 33.48 23.78 -28.37
CA ASP C 285 32.69 22.63 -27.90
C ASP C 285 33.40 21.31 -28.21
N VAL C 286 34.21 20.87 -27.25
CA VAL C 286 35.21 19.83 -27.49
C VAL C 286 35.37 18.88 -26.30
N PHE C 287 35.57 17.60 -26.59
CA PHE C 287 35.79 16.62 -25.53
C PHE C 287 37.25 16.23 -25.40
N LEU C 288 37.79 16.39 -24.19
CA LEU C 288 39.17 16.03 -23.88
C LEU C 288 39.22 15.27 -22.58
N SER C 289 40.18 14.37 -22.44
CA SER C 289 40.34 13.62 -21.22
C SER C 289 40.92 14.49 -20.11
N VAL C 290 40.18 14.61 -19.01
CA VAL C 290 40.69 15.24 -17.80
C VAL C 290 40.31 14.33 -16.65
N PRO C 291 40.99 14.45 -15.50
CA PRO C 291 40.49 13.64 -14.39
C PRO C 291 39.04 14.04 -14.14
N CYS C 292 38.13 13.08 -14.11
CA CYS C 292 36.73 13.36 -13.78
C CYS C 292 36.29 12.45 -12.64
N VAL C 293 35.45 12.98 -11.75
CA VAL C 293 34.83 12.19 -10.71
C VAL C 293 33.62 11.55 -11.36
N LEU C 294 33.47 10.24 -11.20
CA LEU C 294 32.50 9.47 -11.97
C LEU C 294 31.57 8.66 -11.08
N GLY C 295 30.27 8.88 -11.22
CA GLY C 295 29.30 8.26 -10.34
C GLY C 295 27.99 7.95 -11.05
N GLN C 296 26.93 7.73 -10.27
CA GLN C 296 25.66 7.25 -10.82
C GLN C 296 24.96 8.25 -11.74
N ASN C 297 25.44 9.49 -11.74
CA ASN C 297 24.96 10.52 -12.66
C ASN C 297 26.05 10.92 -13.67
N GLY C 298 26.99 10.02 -13.94
CA GLY C 298 28.01 10.30 -14.93
C GLY C 298 29.15 11.11 -14.37
N ILE C 299 29.64 12.08 -15.15
CA ILE C 299 30.68 12.99 -14.70
C ILE C 299 30.10 14.19 -13.93
N SER C 300 30.49 14.32 -12.66
CA SER C 300 29.87 15.27 -11.74
C SER C 300 30.84 16.39 -11.40
N ASP C 301 32.12 16.05 -11.39
CA ASP C 301 33.16 17.04 -11.15
C ASP C 301 34.39 16.75 -12.00
N VAL C 302 35.21 17.78 -12.20
CA VAL C 302 36.47 17.64 -12.90
C VAL C 302 37.58 18.18 -12.01
N VAL C 303 38.65 17.40 -11.85
CA VAL C 303 39.84 17.88 -11.14
C VAL C 303 40.63 18.78 -12.08
N LYS C 304 40.94 19.98 -11.62
CA LYS C 304 41.73 20.90 -12.42
C LYS C 304 43.21 20.71 -12.13
N VAL C 305 43.90 20.06 -13.05
CA VAL C 305 45.31 19.79 -12.90
C VAL C 305 46.09 21.06 -13.20
N THR C 306 47.20 21.27 -12.51
CA THR C 306 48.05 22.40 -12.80
C THR C 306 48.99 22.03 -13.94
N LEU C 307 48.80 22.67 -15.09
CA LEU C 307 49.56 22.34 -16.27
C LEU C 307 50.63 23.42 -16.51
N THR C 308 51.77 23.01 -17.06
CA THR C 308 52.77 23.98 -17.47
C THR C 308 52.19 24.81 -18.63
N SER C 309 52.96 25.75 -19.15
CA SER C 309 52.45 26.56 -20.25
C SER C 309 52.38 25.75 -21.53
N GLU C 310 53.36 24.87 -21.75
CA GLU C 310 53.40 24.04 -22.95
C GLU C 310 52.27 23.01 -22.94
N GLU C 311 51.97 22.47 -21.77
CA GLU C 311 50.95 21.43 -21.68
C GLU C 311 49.60 22.04 -22.00
N GLU C 312 49.38 23.26 -21.56
CA GLU C 312 48.13 23.96 -21.86
C GLU C 312 48.07 24.30 -23.35
N ALA C 313 49.23 24.59 -23.93
CA ALA C 313 49.28 24.89 -25.36
C ALA C 313 48.87 23.65 -26.17
N HIS C 314 49.31 22.48 -25.74
CA HIS C 314 48.94 21.24 -26.40
C HIS C 314 47.44 21.02 -26.39
N LEU C 315 46.80 21.16 -25.23
CA LEU C 315 45.35 20.96 -25.13
C LEU C 315 44.60 21.94 -26.02
N LYS C 316 45.07 23.18 -26.07
CA LYS C 316 44.47 24.19 -26.93
C LYS C 316 44.52 23.77 -28.39
N LYS C 317 45.71 23.38 -28.85
CA LYS C 317 45.91 22.91 -30.22
C LYS C 317 45.05 21.69 -30.55
N SER C 318 44.89 20.78 -29.59
CA SER C 318 44.01 19.64 -29.81
C SER C 318 42.60 20.15 -30.03
N ALA C 319 42.14 21.04 -29.15
CA ALA C 319 40.79 21.57 -29.22
C ALA C 319 40.52 22.24 -30.57
N ASP C 320 41.54 22.83 -31.14
CA ASP C 320 41.42 23.48 -32.44
C ASP C 320 41.26 22.44 -33.53
N THR C 321 42.10 21.40 -33.48
CA THR C 321 42.04 20.32 -34.45
C THR C 321 40.70 19.60 -34.38
N LEU C 322 40.26 19.27 -33.18
CA LEU C 322 38.96 18.61 -32.98
C LEU C 322 37.84 19.44 -33.61
N TRP C 323 37.72 20.69 -33.17
CA TRP C 323 36.65 21.56 -33.65
C TRP C 323 36.72 21.73 -35.17
N GLY C 324 37.93 21.93 -35.68
CA GLY C 324 38.10 22.04 -37.11
C GLY C 324 37.47 20.89 -37.87
N ILE C 325 37.44 19.71 -37.26
CA ILE C 325 36.89 18.51 -37.88
C ILE C 325 35.37 18.43 -37.76
N GLN C 326 34.89 18.64 -36.53
CA GLN C 326 33.46 18.58 -36.22
C GLN C 326 32.73 19.63 -37.02
N LYS C 327 33.41 20.76 -37.24
CA LYS C 327 32.88 21.88 -38.00
C LYS C 327 32.52 21.46 -39.42
N GLU C 328 33.15 20.37 -39.88
CA GLU C 328 32.99 19.92 -41.27
C GLU C 328 32.17 18.64 -41.40
N LEU C 329 31.51 18.25 -40.32
CA LEU C 329 30.74 17.01 -40.33
C LEU C 329 29.28 17.32 -40.67
N GLN C 330 28.58 16.32 -41.19
CA GLN C 330 27.15 16.44 -41.47
C GLN C 330 26.34 15.69 -40.43
N PHE C 331 25.60 16.43 -39.61
CA PHE C 331 24.70 15.81 -38.65
C PHE C 331 23.31 15.65 -39.25
N ALA D 1 39.54 31.40 -1.98
CA ALA D 1 38.93 30.21 -2.65
C ALA D 1 39.38 28.90 -2.00
N ALA D 2 38.42 28.20 -1.39
CA ALA D 2 38.70 26.96 -0.65
C ALA D 2 39.51 25.95 -1.46
N LEU D 3 40.30 25.14 -0.75
CA LEU D 3 41.17 24.17 -1.40
C LEU D 3 40.38 23.23 -2.32
N LYS D 4 39.19 22.82 -1.87
CA LYS D 4 38.36 21.93 -2.66
C LYS D 4 37.96 22.54 -4.00
N ASP D 5 37.59 23.82 -3.97
CA ASP D 5 37.17 24.53 -5.17
C ASP D 5 38.36 24.91 -6.04
N GLN D 6 39.53 25.02 -5.42
CA GLN D 6 40.77 25.28 -6.15
C GLN D 6 41.17 24.02 -6.92
N LEU D 7 40.87 22.85 -6.35
CA LEU D 7 41.25 21.56 -6.92
C LEU D 7 40.14 20.98 -7.79
N ILE D 8 38.92 21.06 -7.30
CA ILE D 8 37.81 20.38 -7.92
C ILE D 8 36.77 21.36 -8.45
N HIS D 9 36.52 21.30 -9.76
CA HIS D 9 35.50 22.13 -10.37
C HIS D 9 34.20 21.35 -10.49
N ASN D 10 33.18 21.80 -9.75
CA ASN D 10 31.89 21.15 -9.73
C ASN D 10 31.08 21.49 -10.98
N LEU D 11 30.43 20.48 -11.56
CA LEU D 11 29.68 20.66 -12.80
C LEU D 11 28.23 20.31 -12.60
N LEU D 12 27.96 19.44 -11.64
CA LEU D 12 26.60 19.00 -11.40
C LEU D 12 26.19 19.31 -9.97
N LYS D 13 24.98 19.82 -9.80
CA LYS D 13 24.38 19.90 -8.48
C LYS D 13 23.76 18.53 -8.24
N GLU D 14 24.22 17.86 -7.20
CA GLU D 14 23.81 16.48 -6.97
C GLU D 14 22.61 16.42 -6.02
N GLU D 15 21.53 15.81 -6.49
CA GLU D 15 20.49 15.35 -5.59
C GLU D 15 20.65 13.84 -5.48
N HIS D 16 21.18 13.39 -4.35
CA HIS D 16 21.58 12.00 -4.22
C HIS D 16 20.40 11.08 -3.91
N VAL D 17 20.13 10.15 -4.82
CA VAL D 17 19.18 9.08 -4.57
C VAL D 17 19.90 7.75 -4.68
N PRO D 18 19.83 6.93 -3.61
CA PRO D 18 20.48 5.61 -3.62
C PRO D 18 19.73 4.63 -4.53
N GLN D 19 20.48 3.82 -5.27
CA GLN D 19 19.86 2.86 -6.19
C GLN D 19 19.80 1.43 -5.67
N ASN D 20 20.78 1.04 -4.86
CA ASN D 20 20.82 -0.30 -4.29
C ASN D 20 21.07 -0.27 -2.78
N LYS D 21 20.20 0.44 -2.08
CA LYS D 21 20.38 0.71 -0.66
C LYS D 21 19.87 -0.44 0.18
N ILE D 22 20.68 -0.83 1.16
CA ILE D 22 20.25 -1.85 2.09
C ILE D 22 20.32 -1.28 3.50
N THR D 23 19.29 -1.56 4.30
CA THR D 23 19.29 -1.17 5.71
C THR D 23 19.37 -2.40 6.60
N VAL D 24 20.22 -2.34 7.62
CA VAL D 24 20.25 -3.35 8.67
C VAL D 24 19.77 -2.74 9.97
N VAL D 25 18.67 -3.26 10.51
CA VAL D 25 18.14 -2.79 11.78
C VAL D 25 18.72 -3.67 12.89
N GLY D 26 19.52 -3.07 13.76
CA GLY D 26 20.18 -3.84 14.80
C GLY D 26 21.68 -3.94 14.56
N VAL D 27 22.46 -3.33 15.45
CA VAL D 27 23.92 -3.39 15.36
C VAL D 27 24.49 -4.22 16.51
N GLY D 28 23.79 -5.31 16.84
CA GLY D 28 24.36 -6.33 17.69
C GLY D 28 25.26 -7.26 16.90
N ALA D 29 25.65 -8.38 17.50
CA ALA D 29 26.54 -9.34 16.86
C ALA D 29 26.02 -9.77 15.49
N VAL D 30 24.75 -10.14 15.43
CA VAL D 30 24.16 -10.62 14.19
C VAL D 30 24.03 -9.49 13.16
N GLY D 31 23.48 -8.34 13.56
CA GLY D 31 23.35 -7.22 12.64
C GLY D 31 24.63 -6.77 11.94
N MET D 32 25.74 -6.75 12.68
CA MET D 32 27.02 -6.30 12.12
C MET D 32 27.68 -7.37 11.27
N ALA D 33 27.51 -8.63 11.64
CA ALA D 33 27.95 -9.74 10.80
C ALA D 33 27.25 -9.69 9.46
N CYS D 34 25.94 -9.38 9.47
CA CYS D 34 25.21 -9.15 8.22
C CYS D 34 25.83 -8.01 7.47
N ALA D 35 26.04 -6.90 8.19
CA ALA D 35 26.56 -5.69 7.58
C ALA D 35 27.90 -5.91 6.88
N ILE D 36 28.87 -6.48 7.59
CA ILE D 36 30.20 -6.66 7.01
C ILE D 36 30.15 -7.64 5.80
N SER D 37 29.40 -8.74 5.95
CA SER D 37 29.29 -9.70 4.85
C SER D 37 28.73 -9.03 3.61
N ILE D 38 27.66 -8.27 3.79
CA ILE D 38 27.03 -7.54 2.71
C ILE D 38 28.01 -6.52 2.14
N LEU D 39 28.71 -5.79 2.99
CA LEU D 39 29.71 -4.84 2.50
C LEU D 39 30.76 -5.54 1.60
N MET D 40 31.19 -6.73 2.00
CA MET D 40 32.29 -7.36 1.28
C MET D 40 31.89 -8.15 0.03
N LYS D 41 30.59 -8.34 -0.14
CA LYS D 41 30.07 -8.92 -1.37
C LYS D 41 29.52 -7.86 -2.31
N ASP D 42 29.74 -6.59 -1.96
CA ASP D 42 29.33 -5.49 -2.83
C ASP D 42 27.88 -5.59 -3.29
N LEU D 43 26.95 -5.75 -2.35
CA LEU D 43 25.56 -5.92 -2.72
C LEU D 43 24.74 -4.63 -2.70
N ALA D 44 25.31 -3.55 -2.20
CA ALA D 44 24.58 -2.30 -2.05
C ALA D 44 25.48 -1.09 -2.26
N ASP D 45 24.92 0.00 -2.79
CA ASP D 45 25.69 1.23 -2.95
C ASP D 45 25.51 2.17 -1.76
N GLU D 46 24.55 1.83 -0.91
CA GLU D 46 24.36 2.53 0.35
C GLU D 46 23.87 1.60 1.43
N LEU D 47 24.53 1.66 2.58
CA LEU D 47 24.15 0.86 3.73
C LEU D 47 23.77 1.78 4.90
N ALA D 48 22.67 1.47 5.57
CA ALA D 48 22.21 2.26 6.71
C ALA D 48 22.02 1.34 7.89
N LEU D 49 22.32 1.85 9.07
CA LEU D 49 22.17 1.11 10.31
C LEU D 49 21.24 1.89 11.24
N VAL D 50 20.30 1.20 11.86
CA VAL D 50 19.53 1.79 12.94
C VAL D 50 19.56 0.91 14.18
N ASP D 51 19.53 1.56 15.33
CA ASP D 51 19.35 0.86 16.59
C ASP D 51 18.79 1.90 17.56
N VAL D 52 18.63 1.52 18.83
CA VAL D 52 18.32 2.49 19.86
C VAL D 52 19.54 2.88 20.69
N MET D 53 20.59 2.08 20.61
CA MET D 53 21.83 2.37 21.33
C MET D 53 22.69 3.30 20.49
N GLU D 54 22.71 4.58 20.84
CA GLU D 54 23.24 5.60 19.94
C GLU D 54 24.75 5.63 19.82
N ASP D 55 25.44 5.43 20.94
CA ASP D 55 26.90 5.39 20.93
C ASP D 55 27.37 4.17 20.15
N LYS D 56 26.76 3.03 20.45
CA LYS D 56 27.11 1.79 19.80
C LYS D 56 26.89 1.94 18.29
N LEU D 57 25.79 2.62 17.95
CA LEU D 57 25.38 2.77 16.57
C LEU D 57 26.43 3.60 15.80
N LYS D 58 26.88 4.68 16.43
CA LYS D 58 27.84 5.60 15.84
C LYS D 58 29.22 4.96 15.76
N GLY D 59 29.53 4.11 16.74
CA GLY D 59 30.82 3.44 16.78
C GLY D 59 30.95 2.49 15.60
N GLU D 60 29.94 1.66 15.40
CA GLU D 60 29.96 0.72 14.29
C GLU D 60 30.04 1.43 12.95
N MET D 61 29.31 2.53 12.83
CA MET D 61 29.25 3.29 11.58
C MET D 61 30.62 3.84 11.20
N MET D 62 31.26 4.50 12.17
CA MET D 62 32.59 5.06 11.96
C MET D 62 33.61 3.96 11.68
N ASP D 63 33.49 2.83 12.37
CA ASP D 63 34.42 1.72 12.16
C ASP D 63 34.33 1.23 10.71
N LEU D 64 33.12 1.06 10.21
CA LEU D 64 32.94 0.62 8.83
C LEU D 64 33.41 1.68 7.85
N GLN D 65 33.19 2.94 8.21
CA GLN D 65 33.60 4.05 7.35
C GLN D 65 35.12 4.10 7.19
N HIS D 66 35.84 3.80 8.26
CA HIS D 66 37.29 3.86 8.24
C HIS D 66 37.86 2.72 7.38
N GLY D 67 37.00 1.75 7.08
CA GLY D 67 37.37 0.72 6.12
C GLY D 67 37.03 1.04 4.67
N SER D 68 36.61 2.28 4.39
CA SER D 68 36.06 2.65 3.09
C SER D 68 37.03 2.35 1.95
N LEU D 69 38.31 2.63 2.18
CA LEU D 69 39.34 2.39 1.17
C LEU D 69 39.35 0.95 0.61
N PHE D 70 38.83 -0.01 1.38
CA PHE D 70 38.95 -1.41 1.02
C PHE D 70 37.61 -1.97 0.58
N LEU D 71 36.63 -1.08 0.47
CA LEU D 71 35.28 -1.48 0.08
C LEU D 71 34.84 -0.81 -1.22
N ARG D 72 33.67 -1.22 -1.70
CA ARG D 72 33.08 -0.64 -2.90
C ARG D 72 31.64 -0.19 -2.62
N THR D 73 31.35 0.07 -1.35
CA THR D 73 30.07 0.65 -0.94
C THR D 73 30.29 2.06 -0.38
N PRO D 74 30.10 3.08 -1.23
CA PRO D 74 30.64 4.43 -1.04
C PRO D 74 29.99 5.26 0.07
N LYS D 75 28.79 4.86 0.49
CA LYS D 75 28.09 5.63 1.50
C LYS D 75 27.55 4.72 2.58
N ILE D 76 27.95 5.01 3.82
CA ILE D 76 27.46 4.27 4.97
C ILE D 76 26.90 5.29 5.95
N VAL D 77 25.65 5.09 6.38
CA VAL D 77 24.99 6.02 7.29
C VAL D 77 24.30 5.32 8.44
N SER D 78 24.12 6.04 9.54
CA SER D 78 23.43 5.47 10.68
C SER D 78 22.65 6.54 11.44
N GLY D 79 21.66 6.10 12.20
CA GLY D 79 21.01 6.98 13.14
C GLY D 79 19.81 6.33 13.80
N LYS D 80 19.41 6.90 14.92
CA LYS D 80 18.27 6.41 15.66
C LYS D 80 16.99 6.72 14.88
N ASP D 81 17.04 7.77 14.07
CA ASP D 81 15.87 8.17 13.29
C ASP D 81 15.82 7.44 11.95
N TYR D 82 14.65 6.91 11.59
CA TYR D 82 14.48 6.07 10.41
C TYR D 82 14.47 6.77 9.07
N SER D 83 14.65 8.10 9.07
CA SER D 83 14.82 8.81 7.81
C SER D 83 16.10 8.37 7.11
N VAL D 84 17.08 7.89 7.88
CA VAL D 84 18.34 7.40 7.33
C VAL D 84 18.18 6.14 6.50
N THR D 85 17.04 5.49 6.59
CA THR D 85 16.83 4.25 5.84
C THR D 85 15.94 4.46 4.63
N ALA D 86 15.59 5.71 4.36
CA ALA D 86 14.66 6.02 3.27
C ALA D 86 15.12 5.40 1.95
N ASN D 87 14.17 4.84 1.20
CA ASN D 87 14.46 4.31 -0.12
C ASN D 87 15.41 3.10 -0.12
N SER D 88 15.14 2.13 0.74
CA SER D 88 15.88 0.86 0.75
C SER D 88 15.18 -0.17 -0.12
N LYS D 89 15.97 -0.97 -0.83
CA LYS D 89 15.45 -2.14 -1.53
C LYS D 89 15.26 -3.27 -0.52
N LEU D 90 16.16 -3.35 0.47
CA LEU D 90 16.15 -4.43 1.44
C LEU D 90 16.37 -3.92 2.85
N VAL D 91 15.51 -4.34 3.76
CA VAL D 91 15.64 -3.99 5.16
C VAL D 91 15.66 -5.26 5.99
N ILE D 92 16.72 -5.42 6.78
CA ILE D 92 16.96 -6.68 7.48
C ILE D 92 16.81 -6.45 8.99
N ILE D 93 15.89 -7.19 9.62
CA ILE D 93 15.54 -6.94 11.01
C ILE D 93 16.21 -7.97 11.91
N THR D 94 17.07 -7.50 12.81
CA THR D 94 17.75 -8.38 13.74
C THR D 94 17.49 -7.95 15.18
N ALA D 95 16.63 -6.95 15.34
CA ALA D 95 16.28 -6.41 16.65
C ALA D 95 15.47 -7.41 17.48
N GLY D 96 15.78 -7.47 18.78
CA GLY D 96 14.99 -8.29 19.69
C GLY D 96 15.28 -7.98 21.14
N ALA D 97 14.35 -8.32 22.02
CA ALA D 97 14.60 -8.26 23.46
C ALA D 97 15.34 -9.51 23.90
N ARG D 98 16.30 -9.36 24.80
CA ARG D 98 16.92 -10.53 25.40
C ARG D 98 16.20 -10.86 26.69
N GLN D 99 15.98 -12.14 26.92
CA GLN D 99 15.16 -12.60 28.03
C GLN D 99 15.71 -12.09 29.35
N GLN D 100 14.95 -12.28 30.43
CA GLN D 100 15.42 -11.89 31.74
C GLN D 100 15.83 -13.06 32.64
N GLU D 101 14.93 -13.53 33.50
CA GLU D 101 15.31 -14.54 34.50
C GLU D 101 14.50 -15.84 34.45
N GLY D 102 13.18 -15.74 34.60
CA GLY D 102 12.51 -14.48 34.82
C GLY D 102 11.17 -14.40 34.12
N GLU D 103 11.19 -13.95 32.87
CA GLU D 103 9.97 -13.85 32.08
C GLU D 103 9.80 -15.11 31.23
N SER D 104 8.55 -15.53 31.08
CA SER D 104 8.22 -16.67 30.22
C SER D 104 8.57 -16.32 28.78
N ARG D 105 8.70 -17.36 27.94
CA ARG D 105 9.13 -17.16 26.57
C ARG D 105 8.03 -16.50 25.74
N LEU D 106 6.79 -16.65 26.21
CA LEU D 106 5.67 -15.94 25.59
C LEU D 106 5.79 -14.43 25.82
N ASN D 107 6.09 -14.03 27.05
CA ASN D 107 6.22 -12.61 27.35
C ASN D 107 7.45 -11.98 26.69
N LEU D 108 8.46 -12.80 26.42
CA LEU D 108 9.63 -12.33 25.71
C LEU D 108 9.26 -12.04 24.25
N VAL D 109 8.46 -12.94 23.65
CA VAL D 109 7.97 -12.72 22.30
C VAL D 109 7.14 -11.44 22.25
N GLN D 110 6.24 -11.27 23.21
CA GLN D 110 5.37 -10.09 23.24
C GLN D 110 6.21 -8.80 23.24
N ARG D 111 7.24 -8.75 24.08
CA ARG D 111 8.14 -7.60 24.11
C ARG D 111 8.76 -7.37 22.73
N ASN D 112 9.14 -8.45 22.06
CA ASN D 112 9.59 -8.36 20.68
C ASN D 112 8.51 -7.80 19.76
N VAL D 113 7.28 -8.28 19.91
CA VAL D 113 6.15 -7.71 19.19
C VAL D 113 6.02 -6.21 19.49
N ASN D 114 6.33 -5.80 20.72
CA ASN D 114 6.32 -4.38 21.07
C ASN D 114 7.46 -3.64 20.37
N ILE D 115 8.58 -4.33 20.16
CA ILE D 115 9.68 -3.73 19.42
C ILE D 115 9.30 -3.55 17.95
N PHE D 116 8.72 -4.59 17.35
CA PHE D 116 8.34 -4.58 15.94
C PHE D 116 7.21 -3.58 15.64
N LYS D 117 6.34 -3.35 16.63
CA LYS D 117 5.24 -2.37 16.52
C LYS D 117 5.74 -0.94 16.42
N PHE D 118 6.93 -0.70 16.95
CA PHE D 118 7.58 0.57 16.78
C PHE D 118 8.41 0.60 15.50
N ILE D 119 9.11 -0.49 15.22
CA ILE D 119 10.09 -0.50 14.12
C ILE D 119 9.49 -0.63 12.73
N ILE D 120 8.60 -1.59 12.54
CA ILE D 120 8.13 -1.91 11.21
C ILE D 120 7.38 -0.76 10.55
N PRO D 121 6.53 -0.04 11.30
CA PRO D 121 5.84 1.11 10.71
C PRO D 121 6.79 2.24 10.34
N ASN D 122 7.87 2.39 11.10
CA ASN D 122 8.92 3.34 10.75
C ASN D 122 9.62 2.90 9.46
N VAL D 123 9.91 1.61 9.36
CA VAL D 123 10.55 1.08 8.16
C VAL D 123 9.66 1.31 6.93
N VAL D 124 8.41 0.87 7.02
CA VAL D 124 7.47 0.96 5.91
C VAL D 124 7.22 2.40 5.46
N LYS D 125 7.26 3.33 6.40
CA LYS D 125 7.03 4.74 6.10
C LYS D 125 8.10 5.33 5.18
N TYR D 126 9.34 4.90 5.37
CA TYR D 126 10.45 5.51 4.64
C TYR D 126 10.95 4.69 3.46
N SER D 127 10.67 3.40 3.46
CA SER D 127 10.89 2.57 2.28
C SER D 127 9.64 1.75 1.99
N PRO D 128 8.59 2.40 1.46
CA PRO D 128 7.29 1.76 1.21
C PRO D 128 7.40 0.51 0.35
N HIS D 129 8.42 0.44 -0.49
CA HIS D 129 8.48 -0.63 -1.47
C HIS D 129 9.54 -1.69 -1.14
N CYS D 130 10.28 -1.48 -0.06
CA CYS D 130 11.38 -2.37 0.28
C CYS D 130 10.94 -3.83 0.34
N LYS D 131 11.90 -4.74 0.38
CA LYS D 131 11.62 -6.08 0.87
C LYS D 131 12.03 -6.16 2.35
N LEU D 132 11.29 -6.91 3.13
CA LEU D 132 11.63 -7.12 4.53
C LEU D 132 12.23 -8.51 4.72
N LEU D 133 13.36 -8.56 5.40
CA LEU D 133 13.97 -9.85 5.73
C LEU D 133 14.15 -9.94 7.24
N VAL D 134 13.38 -10.81 7.86
CA VAL D 134 13.38 -10.94 9.31
C VAL D 134 14.29 -12.09 9.75
N VAL D 135 15.21 -11.79 10.67
CA VAL D 135 16.21 -12.75 11.13
C VAL D 135 15.97 -13.08 12.60
N SER D 136 15.35 -12.16 13.31
CA SER D 136 15.18 -12.27 14.76
C SER D 136 14.36 -13.50 15.13
N ASN D 137 14.71 -14.12 16.24
CA ASN D 137 14.00 -15.29 16.73
C ASN D 137 12.96 -14.93 17.78
N PRO D 138 11.89 -15.73 17.88
CA PRO D 138 11.62 -16.87 16.99
C PRO D 138 11.19 -16.40 15.60
N VAL D 139 11.96 -16.77 14.58
CA VAL D 139 11.87 -16.11 13.28
C VAL D 139 10.53 -16.30 12.54
N ASP D 140 9.99 -17.51 12.56
CA ASP D 140 8.72 -17.78 11.89
C ASP D 140 7.62 -16.86 12.43
N ILE D 141 7.61 -16.73 13.74
CA ILE D 141 6.59 -15.95 14.43
C ILE D 141 6.78 -14.46 14.22
N LEU D 142 8.02 -14.00 14.31
CA LEU D 142 8.29 -12.57 14.22
C LEU D 142 8.21 -12.12 12.78
N THR D 143 8.29 -13.06 11.86
CA THR D 143 8.15 -12.74 10.46
C THR D 143 6.67 -12.58 10.14
N TYR D 144 5.85 -13.47 10.65
CA TYR D 144 4.40 -13.30 10.56
C TYR D 144 3.99 -11.95 11.13
N VAL D 145 4.60 -11.58 12.24
CA VAL D 145 4.25 -10.35 12.92
C VAL D 145 4.66 -9.15 12.07
N ALA D 146 5.84 -9.22 11.49
CA ALA D 146 6.29 -8.15 10.61
C ALA D 146 5.38 -8.06 9.39
N TRP D 147 4.96 -9.22 8.89
CA TRP D 147 4.02 -9.26 7.77
C TRP D 147 2.75 -8.50 8.15
N LYS D 148 2.14 -8.89 9.26
CA LYS D 148 0.88 -8.31 9.69
C LYS D 148 1.00 -6.79 9.84
N ILE D 149 2.03 -6.34 10.56
CA ILE D 149 2.18 -4.92 10.87
C ILE D 149 2.47 -4.06 9.64
N SER D 150 3.25 -4.58 8.70
CA SER D 150 3.72 -3.77 7.57
C SER D 150 2.61 -3.50 6.56
N GLY D 151 1.75 -4.50 6.37
CA GLY D 151 0.73 -4.41 5.34
C GLY D 151 1.32 -4.62 3.97
N PHE D 152 2.49 -5.27 3.88
CA PHE D 152 3.07 -5.61 2.60
C PHE D 152 2.45 -6.88 2.06
N PRO D 153 2.40 -7.02 0.73
CA PRO D 153 2.08 -8.32 0.13
C PRO D 153 3.09 -9.35 0.61
N LYS D 154 2.69 -10.61 0.69
CA LYS D 154 3.52 -11.63 1.30
C LYS D 154 4.82 -11.87 0.57
N ASN D 155 4.81 -11.77 -0.75
CA ASN D 155 6.04 -11.95 -1.50
C ASN D 155 7.18 -11.10 -0.95
N ARG D 156 6.86 -9.99 -0.29
CA ARG D 156 7.87 -9.01 0.14
C ARG D 156 8.23 -9.10 1.63
N VAL D 157 7.77 -10.14 2.30
CA VAL D 157 8.14 -10.32 3.71
C VAL D 157 8.66 -11.73 3.94
N ILE D 158 9.96 -11.83 4.21
CA ILE D 158 10.66 -13.11 4.20
C ILE D 158 11.27 -13.40 5.57
N GLY D 159 11.19 -14.65 6.00
CA GLY D 159 11.92 -15.08 7.18
C GLY D 159 13.17 -15.90 6.84
N SER D 160 14.27 -15.65 7.54
CA SER D 160 15.49 -16.40 7.26
C SER D 160 15.31 -17.86 7.63
N GLY D 161 14.34 -18.13 8.51
CA GLY D 161 13.96 -19.51 8.79
C GLY D 161 15.08 -20.53 8.81
N CYS D 162 14.89 -21.62 8.06
CA CYS D 162 15.84 -22.72 8.04
C CYS D 162 17.01 -22.55 7.06
N ASN D 163 17.31 -21.32 6.67
CA ASN D 163 18.35 -21.11 5.68
C ASN D 163 19.72 -21.50 6.23
N LEU D 164 20.02 -21.04 7.44
CA LEU D 164 21.31 -21.37 8.05
C LEU D 164 21.44 -22.85 8.46
N ASP D 165 20.36 -23.43 8.97
CA ASP D 165 20.40 -24.82 9.43
C ASP D 165 20.62 -25.79 8.27
N SER D 166 20.06 -25.47 7.11
CA SER D 166 20.30 -26.27 5.92
C SER D 166 21.77 -26.18 5.48
N ALA D 167 22.35 -24.99 5.56
CA ALA D 167 23.76 -24.82 5.24
C ALA D 167 24.62 -25.59 6.23
N ARG D 168 24.20 -25.58 7.49
CA ARG D 168 24.87 -26.36 8.52
C ARG D 168 24.74 -27.84 8.19
N PHE D 169 23.52 -28.26 7.86
CA PHE D 169 23.24 -29.65 7.56
C PHE D 169 24.12 -30.12 6.40
N ARG D 170 24.26 -29.26 5.39
CA ARG D 170 25.10 -29.58 4.24
C ARG D 170 26.56 -29.69 4.64
N TYR D 171 27.03 -28.77 5.49
CA TYR D 171 28.39 -28.85 6.00
C TYR D 171 28.65 -30.14 6.77
N LEU D 172 27.84 -30.41 7.78
CA LEU D 172 27.98 -31.65 8.55
C LEU D 172 27.92 -32.82 7.58
N MET D 173 27.10 -32.67 6.53
CA MET D 173 26.94 -33.70 5.51
C MET D 173 28.24 -33.89 4.74
N GLY D 174 28.91 -32.79 4.39
CA GLY D 174 30.16 -32.89 3.65
C GLY D 174 31.33 -33.35 4.50
N GLU D 175 31.23 -33.15 5.80
CA GLU D 175 32.21 -33.72 6.72
C GLU D 175 32.12 -35.24 6.82
N ARG D 176 30.91 -35.79 6.76
CA ARG D 176 30.77 -37.25 6.78
C ARG D 176 31.22 -37.86 5.46
N LEU D 177 31.02 -37.14 4.35
CA LEU D 177 31.17 -37.73 3.03
C LEU D 177 32.47 -37.32 2.36
N GLY D 178 33.17 -36.37 2.98
CA GLY D 178 34.46 -35.96 2.46
C GLY D 178 34.33 -35.07 1.24
N VAL D 179 33.20 -34.39 1.14
CA VAL D 179 32.88 -33.56 -0.01
C VAL D 179 32.46 -32.18 0.48
N HIS D 180 32.78 -31.15 -0.29
CA HIS D 180 32.46 -29.79 0.10
C HIS D 180 30.94 -29.61 0.19
N ALA D 181 30.49 -28.83 1.17
CA ALA D 181 29.07 -28.57 1.38
C ALA D 181 28.37 -28.14 0.07
N LEU D 182 29.11 -27.46 -0.79
CA LEU D 182 28.54 -26.96 -2.04
C LEU D 182 28.00 -28.09 -2.89
N SER D 183 28.62 -29.26 -2.81
CA SER D 183 28.25 -30.41 -3.62
C SER D 183 27.29 -31.34 -2.89
N CYS D 184 27.06 -31.08 -1.60
CA CYS D 184 26.13 -31.88 -0.80
C CYS D 184 24.76 -31.21 -0.76
N HIS D 185 23.71 -32.00 -0.93
CA HIS D 185 22.38 -31.44 -1.02
C HIS D 185 21.43 -32.07 -0.03
N GLY D 186 20.73 -31.21 0.70
CA GLY D 186 19.78 -31.64 1.70
C GLY D 186 19.04 -30.44 2.29
N TRP D 187 17.78 -30.65 2.65
CA TRP D 187 16.95 -29.54 3.06
C TRP D 187 16.35 -29.72 4.46
N ILE D 188 16.50 -28.70 5.30
CA ILE D 188 15.73 -28.64 6.54
C ILE D 188 14.55 -27.71 6.26
N LEU D 189 13.35 -28.19 6.52
CA LEU D 189 12.15 -27.42 6.19
C LEU D 189 11.20 -27.30 7.38
N GLY D 190 10.21 -26.43 7.24
CA GLY D 190 9.18 -26.33 8.24
C GLY D 190 9.53 -25.31 9.30
N GLU D 191 9.34 -25.67 10.56
CA GLU D 191 9.55 -24.73 11.65
C GLU D 191 11.02 -24.63 12.04
N HIS D 192 11.51 -23.40 12.15
CA HIS D 192 12.87 -23.16 12.60
C HIS D 192 13.08 -23.71 14.00
N GLY D 193 14.12 -24.55 14.15
CA GLY D 193 14.49 -25.03 15.47
C GLY D 193 14.22 -26.50 15.73
N ASP D 194 13.91 -26.82 16.98
CA ASP D 194 13.71 -28.21 17.40
C ASP D 194 12.77 -29.00 16.49
N SER D 195 11.76 -28.33 15.93
CA SER D 195 10.71 -29.03 15.20
C SER D 195 10.93 -29.03 13.69
N SER D 196 12.12 -28.63 13.27
CA SER D 196 12.46 -28.58 11.85
C SER D 196 12.49 -29.99 11.27
N VAL D 197 12.28 -30.09 9.95
CA VAL D 197 12.16 -31.39 9.29
C VAL D 197 13.30 -31.64 8.29
N PRO D 198 14.21 -32.58 8.61
CA PRO D 198 15.28 -32.97 7.69
C PRO D 198 14.69 -33.85 6.57
N VAL D 199 14.57 -33.29 5.37
CA VAL D 199 13.90 -34.03 4.30
C VAL D 199 14.84 -35.07 3.69
N TRP D 200 14.80 -36.26 4.31
CA TRP D 200 15.69 -37.36 3.96
C TRP D 200 15.67 -37.75 2.49
N SER D 201 14.49 -37.70 1.88
CA SER D 201 14.30 -38.21 0.52
C SER D 201 14.96 -37.34 -0.55
N GLY D 202 15.40 -36.14 -0.16
CA GLY D 202 16.04 -35.26 -1.11
C GLY D 202 17.55 -35.17 -0.95
N MET D 203 18.10 -35.83 0.05
CA MET D 203 19.53 -35.70 0.27
C MET D 203 20.28 -36.44 -0.85
N ASN D 204 21.37 -35.86 -1.33
CA ASN D 204 22.07 -36.47 -2.44
C ASN D 204 23.41 -35.81 -2.70
N VAL D 205 24.26 -36.55 -3.41
CA VAL D 205 25.42 -35.96 -4.05
C VAL D 205 25.32 -36.32 -5.53
N ALA D 206 25.58 -35.36 -6.41
CA ALA D 206 25.61 -35.63 -7.84
C ALA D 206 24.27 -36.16 -8.34
N GLY D 207 23.22 -35.88 -7.58
CA GLY D 207 21.90 -36.38 -7.92
C GLY D 207 21.69 -37.85 -7.60
N VAL D 208 22.57 -38.40 -6.76
CA VAL D 208 22.45 -39.79 -6.31
C VAL D 208 21.73 -39.76 -4.97
N SER D 209 20.59 -40.45 -4.87
CA SER D 209 19.81 -40.44 -3.66
C SER D 209 20.46 -41.26 -2.55
N LEU D 210 20.79 -40.61 -1.44
CA LEU D 210 21.37 -41.30 -0.29
C LEU D 210 20.34 -42.30 0.24
N LYS D 211 19.09 -41.85 0.28
CA LYS D 211 17.98 -42.64 0.80
C LYS D 211 17.82 -43.94 0.03
N THR D 212 17.89 -43.84 -1.29
CA THR D 212 17.75 -45.02 -2.13
C THR D 212 18.92 -45.98 -1.88
N LEU D 213 20.12 -45.42 -1.74
CA LEU D 213 21.33 -46.21 -1.49
C LEU D 213 21.31 -46.80 -0.08
N HIS D 214 20.65 -46.10 0.83
CA HIS D 214 20.68 -46.45 2.24
C HIS D 214 19.30 -46.27 2.86
N PRO D 215 18.43 -47.26 2.70
CA PRO D 215 17.02 -47.15 3.09
C PRO D 215 16.79 -46.87 4.58
N GLU D 216 17.82 -47.07 5.40
CA GLU D 216 17.74 -46.76 6.82
C GLU D 216 17.97 -45.27 7.11
N LEU D 217 18.40 -44.54 6.08
CA LEU D 217 18.77 -43.13 6.23
C LEU D 217 17.77 -42.34 7.07
N GLY D 218 18.19 -41.93 8.26
CA GLY D 218 17.37 -41.06 9.08
C GLY D 218 16.22 -41.78 9.78
N THR D 219 16.42 -43.05 10.09
CA THR D 219 15.46 -43.82 10.88
C THR D 219 16.07 -44.13 12.23
N ASP D 220 15.24 -44.61 13.15
CA ASP D 220 15.73 -44.99 14.48
C ASP D 220 16.62 -46.24 14.39
N ALA D 221 16.38 -47.09 13.39
CA ALA D 221 17.10 -48.34 13.25
C ALA D 221 18.35 -48.18 12.39
N ASP D 222 18.56 -46.98 11.86
CA ASP D 222 19.72 -46.69 11.05
C ASP D 222 21.01 -46.87 11.84
N LYS D 223 21.91 -47.70 11.32
CA LYS D 223 23.13 -48.06 12.04
C LYS D 223 24.16 -46.95 12.02
N GLU D 224 24.07 -46.07 11.03
CA GLU D 224 24.98 -44.95 10.94
C GLU D 224 24.40 -43.71 11.59
N GLN D 225 23.13 -43.79 11.98
CA GLN D 225 22.54 -42.80 12.86
C GLN D 225 22.49 -41.41 12.26
N TRP D 226 22.10 -41.31 10.99
CA TRP D 226 22.12 -40.02 10.32
C TRP D 226 21.20 -38.99 10.96
N LYS D 227 20.14 -39.46 11.62
CA LYS D 227 19.25 -38.57 12.35
C LYS D 227 20.05 -37.65 13.25
N GLN D 228 21.06 -38.19 13.91
CA GLN D 228 21.89 -37.40 14.81
C GLN D 228 22.48 -36.18 14.10
N VAL D 229 22.59 -36.24 12.78
CA VAL D 229 23.15 -35.14 12.02
C VAL D 229 22.14 -34.00 12.09
N HIS D 230 20.87 -34.32 11.92
CA HIS D 230 19.81 -33.35 12.18
C HIS D 230 19.93 -32.75 13.58
N LYS D 231 20.09 -33.61 14.58
CA LYS D 231 20.19 -33.16 15.96
C LYS D 231 21.38 -32.21 16.12
N GLN D 232 22.48 -32.56 15.48
CA GLN D 232 23.65 -31.67 15.48
C GLN D 232 23.29 -30.29 14.94
N VAL D 233 22.48 -30.27 13.88
CA VAL D 233 22.02 -29.02 13.28
C VAL D 233 21.16 -28.22 14.26
N VAL D 234 20.16 -28.88 14.83
CA VAL D 234 19.24 -28.30 15.80
C VAL D 234 19.95 -27.73 17.03
N ASP D 235 21.01 -28.40 17.47
CA ASP D 235 21.75 -28.02 18.69
C ASP D 235 22.90 -27.06 18.44
N SER D 236 23.27 -26.87 17.18
CA SER D 236 24.55 -26.27 16.88
C SER D 236 24.60 -24.81 17.31
N ALA D 237 23.47 -24.11 17.26
CA ALA D 237 23.43 -22.73 17.77
C ALA D 237 23.72 -22.74 19.27
N TYR D 238 23.00 -23.61 19.98
CA TYR D 238 23.21 -23.75 21.42
C TYR D 238 24.68 -24.06 21.72
N GLU D 239 25.20 -25.11 21.09
CA GLU D 239 26.59 -25.53 21.29
C GLU D 239 27.57 -24.37 21.09
N VAL D 240 27.26 -23.51 20.13
CA VAL D 240 28.12 -22.38 19.81
C VAL D 240 27.97 -21.28 20.85
N ILE D 241 26.74 -21.07 21.33
CA ILE D 241 26.49 -20.13 22.42
C ILE D 241 27.20 -20.53 23.71
N LYS D 242 27.22 -21.83 24.00
CA LYS D 242 27.98 -22.34 25.15
C LYS D 242 29.46 -21.99 25.01
N LEU D 243 29.96 -22.01 23.79
CA LEU D 243 31.40 -21.84 23.57
C LEU D 243 31.81 -20.36 23.53
N LYS D 244 31.02 -19.53 22.85
CA LYS D 244 31.42 -18.14 22.61
C LYS D 244 30.36 -17.13 22.99
N GLY D 245 29.18 -17.61 23.39
CA GLY D 245 28.20 -16.72 23.99
C GLY D 245 27.16 -16.17 23.03
N TYR D 246 27.29 -16.53 21.75
CA TYR D 246 26.32 -16.11 20.73
C TYR D 246 26.88 -16.65 19.41
N THR D 247 26.12 -16.52 18.31
CA THR D 247 26.66 -16.83 17.00
C THR D 247 26.61 -15.58 16.12
N THR D 248 27.51 -15.48 15.14
CA THR D 248 27.49 -14.35 14.23
C THR D 248 27.89 -14.67 12.80
N TRP D 249 29.11 -15.13 12.63
CA TRP D 249 29.68 -15.23 11.31
C TRP D 249 28.83 -16.07 10.36
N ALA D 250 28.35 -17.20 10.84
CA ALA D 250 27.54 -18.08 10.00
C ALA D 250 26.20 -17.44 9.61
N ILE D 251 25.44 -16.99 10.61
CA ILE D 251 24.15 -16.40 10.32
C ILE D 251 24.32 -15.21 9.37
N GLY D 252 25.41 -14.48 9.54
CA GLY D 252 25.68 -13.33 8.70
C GLY D 252 25.94 -13.67 7.25
N LEU D 253 26.72 -14.72 6.99
CA LEU D 253 27.02 -15.11 5.62
C LEU D 253 25.73 -15.58 4.96
N SER D 254 24.94 -16.36 5.70
CA SER D 254 23.70 -16.92 5.14
C SER D 254 22.64 -15.86 4.84
N VAL D 255 22.64 -14.76 5.58
CA VAL D 255 21.73 -13.66 5.29
C VAL D 255 22.17 -12.92 4.02
N ALA D 256 23.48 -12.72 3.91
CA ALA D 256 24.05 -11.99 2.77
C ALA D 256 23.82 -12.77 1.48
N ASP D 257 23.79 -14.09 1.59
CA ASP D 257 23.50 -14.91 0.42
C ASP D 257 22.06 -14.68 -0.02
N LEU D 258 21.14 -14.62 0.95
CA LEU D 258 19.76 -14.24 0.66
C LEU D 258 19.70 -12.84 0.04
N ALA D 259 20.43 -11.89 0.63
CA ALA D 259 20.50 -10.53 0.10
C ALA D 259 20.97 -10.52 -1.36
N GLU D 260 21.92 -11.37 -1.69
CA GLU D 260 22.44 -11.38 -3.05
C GLU D 260 21.42 -11.89 -4.06
N SER D 261 20.63 -12.88 -3.68
CA SER D 261 19.56 -13.38 -4.54
C SER D 261 18.50 -12.31 -4.77
N ILE D 262 18.28 -11.46 -3.78
CA ILE D 262 17.30 -10.38 -3.89
C ILE D 262 17.86 -9.21 -4.72
N MET D 263 18.93 -8.58 -4.27
CA MET D 263 19.52 -7.47 -5.03
C MET D 263 19.78 -7.79 -6.50
N LYS D 264 20.07 -9.05 -6.81
CA LYS D 264 20.46 -9.42 -8.17
C LYS D 264 19.42 -10.25 -8.91
N ASN D 265 18.21 -10.35 -8.33
CA ASN D 265 17.11 -11.02 -9.03
C ASN D 265 17.53 -12.38 -9.60
N LEU D 266 18.11 -13.23 -8.75
CA LEU D 266 18.71 -14.47 -9.24
C LEU D 266 17.72 -15.62 -9.36
N ARG D 267 16.68 -15.60 -8.54
CA ARG D 267 15.69 -16.64 -8.59
C ARG D 267 16.33 -17.99 -8.27
N ARG D 268 17.27 -17.96 -7.32
CA ARG D 268 17.79 -19.20 -6.73
C ARG D 268 16.79 -19.71 -5.73
N VAL D 269 16.86 -21.00 -5.45
CA VAL D 269 15.96 -21.59 -4.48
C VAL D 269 16.63 -21.70 -3.11
N HIS D 270 16.03 -21.03 -2.12
CA HIS D 270 16.56 -21.05 -0.76
C HIS D 270 15.51 -21.63 0.19
N PRO D 271 15.94 -22.31 1.26
CA PRO D 271 15.05 -22.77 2.34
C PRO D 271 14.76 -21.62 3.33
N ILE D 272 13.71 -20.86 3.04
CA ILE D 272 13.39 -19.67 3.82
C ILE D 272 11.91 -19.62 4.18
N SER D 273 11.59 -18.83 5.20
CA SER D 273 10.26 -18.85 5.78
C SER D 273 9.33 -17.88 5.07
N THR D 274 8.18 -18.38 4.67
CA THR D 274 7.19 -17.58 3.94
C THR D 274 5.79 -17.91 4.40
N MET D 275 4.84 -17.04 4.05
CA MET D 275 3.43 -17.30 4.32
C MET D 275 2.98 -18.43 3.42
N LEU D 276 2.69 -19.59 3.98
CA LEU D 276 2.30 -20.72 3.16
C LEU D 276 0.93 -21.29 3.51
N LYS D 277 0.13 -20.50 4.19
CA LYS D 277 -1.28 -20.82 4.35
C LYS D 277 -1.89 -21.14 3.00
N GLY D 278 -2.42 -22.36 2.84
CA GLY D 278 -3.05 -22.74 1.60
C GLY D 278 -2.19 -23.69 0.79
N LEU D 279 -0.93 -23.82 1.18
CA LEU D 279 0.00 -24.76 0.53
C LEU D 279 0.50 -25.77 1.55
N TYR D 280 1.07 -26.87 1.05
CA TYR D 280 1.63 -27.91 1.92
C TYR D 280 0.62 -28.39 2.95
N GLY D 281 -0.66 -28.32 2.60
CA GLY D 281 -1.71 -28.81 3.48
C GLY D 281 -1.97 -27.95 4.71
N ILE D 282 -1.49 -26.71 4.69
CA ILE D 282 -1.60 -25.84 5.86
C ILE D 282 -2.81 -24.91 5.78
N LYS D 283 -3.61 -24.91 6.83
CA LYS D 283 -4.86 -24.14 6.85
C LYS D 283 -4.74 -22.79 7.58
N GLU D 284 -3.61 -22.56 8.25
CA GLU D 284 -3.46 -21.37 9.08
C GLU D 284 -2.53 -20.30 8.52
N ASP D 285 -2.69 -19.07 9.02
CA ASP D 285 -1.85 -17.94 8.64
C ASP D 285 -0.48 -18.00 9.30
N VAL D 286 0.34 -18.95 8.90
CA VAL D 286 1.67 -19.08 9.46
C VAL D 286 2.79 -19.08 8.43
N PHE D 287 3.99 -18.74 8.89
CA PHE D 287 5.19 -18.84 8.09
C PHE D 287 5.97 -20.10 8.41
N LEU D 288 6.34 -20.82 7.35
CA LEU D 288 7.14 -22.03 7.47
C LEU D 288 8.19 -22.03 6.37
N SER D 289 9.38 -22.56 6.65
CA SER D 289 10.40 -22.69 5.61
C SER D 289 10.02 -23.76 4.60
N VAL D 290 9.92 -23.38 3.34
CA VAL D 290 9.95 -24.31 2.21
C VAL D 290 10.91 -23.75 1.17
N PRO D 291 11.23 -24.53 0.13
CA PRO D 291 12.13 -23.96 -0.88
C PRO D 291 11.43 -22.86 -1.69
N CYS D 292 11.98 -21.65 -1.64
CA CYS D 292 11.39 -20.51 -2.33
C CYS D 292 12.33 -19.94 -3.39
N VAL D 293 11.78 -19.64 -4.55
CA VAL D 293 12.51 -18.90 -5.55
C VAL D 293 12.59 -17.47 -5.04
N LEU D 294 13.80 -16.93 -4.96
CA LEU D 294 14.02 -15.63 -4.33
C LEU D 294 14.61 -14.65 -5.34
N GLY D 295 13.99 -13.46 -5.45
CA GLY D 295 14.40 -12.52 -6.47
C GLY D 295 14.07 -11.09 -6.09
N GLN D 296 14.08 -10.19 -7.07
CA GLN D 296 13.94 -8.76 -6.79
C GLN D 296 12.58 -8.39 -6.23
N ASN D 297 11.58 -9.24 -6.48
CA ASN D 297 10.24 -9.05 -5.92
C ASN D 297 10.02 -9.91 -4.67
N GLY D 298 11.11 -10.34 -4.04
CA GLY D 298 10.99 -11.26 -2.92
C GLY D 298 10.74 -12.67 -3.37
N ILE D 299 9.86 -13.36 -2.65
CA ILE D 299 9.48 -14.73 -2.94
C ILE D 299 8.39 -14.82 -3.99
N SER D 300 8.73 -15.37 -5.16
CA SER D 300 7.82 -15.37 -6.31
C SER D 300 7.14 -16.72 -6.52
N ASP D 301 7.81 -17.80 -6.16
CA ASP D 301 7.24 -19.14 -6.26
C ASP D 301 7.77 -19.98 -5.12
N VAL D 302 7.09 -21.09 -4.80
CA VAL D 302 7.70 -22.08 -3.93
C VAL D 302 7.67 -23.46 -4.56
N VAL D 303 8.76 -24.20 -4.36
CA VAL D 303 8.84 -25.58 -4.83
C VAL D 303 7.97 -26.46 -3.94
N LYS D 304 7.26 -27.40 -4.56
CA LYS D 304 6.39 -28.29 -3.82
C LYS D 304 7.05 -29.62 -3.56
N VAL D 305 7.82 -29.67 -2.47
CA VAL D 305 8.51 -30.90 -2.08
C VAL D 305 7.52 -32.00 -1.76
N THR D 306 7.73 -33.19 -2.33
CA THR D 306 6.88 -34.32 -2.03
C THR D 306 7.22 -34.83 -0.64
N LEU D 307 6.29 -34.66 0.29
CA LEU D 307 6.54 -35.07 1.66
C LEU D 307 5.84 -36.38 1.98
N THR D 308 6.41 -37.10 2.94
CA THR D 308 5.78 -38.30 3.45
C THR D 308 4.61 -37.87 4.30
N SER D 309 3.78 -38.84 4.67
CA SER D 309 2.65 -38.59 5.56
C SER D 309 3.13 -37.99 6.88
N GLU D 310 4.10 -38.64 7.54
CA GLU D 310 4.59 -38.18 8.84
C GLU D 310 5.17 -36.76 8.77
N GLU D 311 5.78 -36.42 7.64
CA GLU D 311 6.40 -35.11 7.47
C GLU D 311 5.35 -34.02 7.27
N GLU D 312 4.30 -34.35 6.53
CA GLU D 312 3.15 -33.46 6.44
C GLU D 312 2.58 -33.23 7.83
N ALA D 313 2.61 -34.28 8.64
CA ALA D 313 2.05 -34.23 9.99
C ALA D 313 2.87 -33.37 10.94
N HIS D 314 4.19 -33.35 10.74
CA HIS D 314 5.05 -32.50 11.56
C HIS D 314 4.84 -31.04 11.20
N LEU D 315 4.60 -30.77 9.92
CA LEU D 315 4.39 -29.40 9.49
C LEU D 315 3.05 -28.86 10.00
N LYS D 316 2.01 -29.67 9.88
CA LYS D 316 0.69 -29.23 10.27
C LYS D 316 0.65 -29.02 11.78
N LYS D 317 1.37 -29.85 12.52
CA LYS D 317 1.46 -29.66 13.97
C LYS D 317 2.23 -28.39 14.29
N SER D 318 3.28 -28.14 13.53
CA SER D 318 4.06 -26.93 13.71
C SER D 318 3.20 -25.72 13.37
N ALA D 319 2.31 -25.90 12.40
CA ALA D 319 1.38 -24.85 12.00
C ALA D 319 0.36 -24.52 13.11
N ASP D 320 -0.16 -25.56 13.75
CA ASP D 320 -1.09 -25.38 14.86
C ASP D 320 -0.42 -24.62 15.99
N THR D 321 0.79 -25.03 16.34
CA THR D 321 1.52 -24.43 17.44
C THR D 321 1.80 -22.95 17.24
N LEU D 322 2.20 -22.58 16.03
CA LEU D 322 2.53 -21.19 15.74
C LEU D 322 1.27 -20.34 15.78
N TRP D 323 0.21 -20.82 15.13
CA TRP D 323 -1.06 -20.12 15.13
C TRP D 323 -1.58 -19.93 16.55
N GLY D 324 -1.32 -20.92 17.40
CA GLY D 324 -1.71 -20.83 18.79
C GLY D 324 -1.00 -19.73 19.54
N ILE D 325 0.31 -19.63 19.36
CA ILE D 325 1.05 -18.56 19.99
C ILE D 325 0.65 -17.23 19.38
N GLN D 326 0.42 -17.22 18.08
CA GLN D 326 0.07 -15.99 17.37
C GLN D 326 -1.24 -15.35 17.86
N LYS D 327 -2.15 -16.19 18.34
CA LYS D 327 -3.42 -15.71 18.88
C LYS D 327 -3.25 -15.05 20.24
N GLU D 328 -2.32 -15.57 21.03
CA GLU D 328 -2.05 -15.03 22.35
C GLU D 328 -1.38 -13.66 22.32
N LEU D 329 -1.05 -13.17 21.13
CA LEU D 329 -0.22 -11.98 20.99
C LEU D 329 -1.05 -10.69 20.89
N GLN D 330 -0.55 -9.62 21.48
CA GLN D 330 -1.21 -8.30 21.40
C GLN D 330 -0.57 -7.47 20.30
N PHE D 331 -1.37 -7.04 19.34
CA PHE D 331 -0.87 -6.20 18.26
C PHE D 331 -1.27 -4.73 18.41
N ALA E 1 -42.08 -30.83 3.57
CA ALA E 1 -41.70 -29.48 4.09
C ALA E 1 -42.12 -28.39 3.10
N ALA E 2 -42.71 -27.32 3.61
CA ALA E 2 -42.92 -26.12 2.81
C ALA E 2 -41.54 -25.58 2.39
N LEU E 3 -41.50 -24.88 1.27
CA LEU E 3 -40.27 -24.20 0.90
C LEU E 3 -39.87 -23.26 2.05
N LYS E 4 -40.86 -22.58 2.63
CA LYS E 4 -40.63 -21.67 3.74
C LYS E 4 -39.86 -22.38 4.87
N ASP E 5 -40.37 -23.54 5.28
CA ASP E 5 -39.78 -24.30 6.36
C ASP E 5 -38.40 -24.85 6.03
N GLN E 6 -38.17 -25.18 4.76
CA GLN E 6 -36.83 -25.55 4.32
C GLN E 6 -35.88 -24.36 4.47
N LEU E 7 -36.34 -23.19 4.06
CA LEU E 7 -35.51 -21.98 4.04
C LEU E 7 -35.36 -21.41 5.44
N ILE E 8 -36.45 -21.34 6.17
CA ILE E 8 -36.51 -20.56 7.40
C ILE E 8 -36.89 -21.40 8.63
N HIS E 9 -35.95 -21.48 9.57
CA HIS E 9 -36.19 -22.19 10.81
C HIS E 9 -36.77 -21.20 11.80
N ASN E 10 -37.96 -21.51 12.29
CA ASN E 10 -38.69 -20.63 13.19
C ASN E 10 -38.23 -20.80 14.64
N LEU E 11 -37.83 -19.71 15.28
CA LEU E 11 -37.37 -19.77 16.67
C LEU E 11 -38.34 -19.14 17.67
N LEU E 12 -39.19 -18.25 17.21
CA LEU E 12 -40.10 -17.55 18.10
C LEU E 12 -41.53 -17.74 17.67
N LYS E 13 -42.41 -17.97 18.63
CA LYS E 13 -43.85 -17.88 18.41
C LYS E 13 -44.32 -16.48 18.76
N GLU E 14 -45.59 -16.21 18.44
CA GLU E 14 -46.29 -14.96 18.79
C GLU E 14 -47.05 -14.42 17.59
N GLU E 15 -47.95 -13.47 17.84
CA GLU E 15 -48.74 -12.88 16.76
C GLU E 15 -48.16 -11.54 16.34
N HIS E 16 -48.23 -10.55 17.23
CA HIS E 16 -47.75 -9.20 16.95
C HIS E 16 -48.46 -8.19 17.83
N VAL E 17 -47.69 -7.36 18.52
CA VAL E 17 -48.23 -6.26 19.30
C VAL E 17 -47.64 -4.92 18.85
N PRO E 18 -48.36 -4.18 17.99
CA PRO E 18 -47.81 -2.97 17.37
C PRO E 18 -47.38 -1.94 18.40
N GLN E 19 -46.30 -1.22 18.10
CA GLN E 19 -45.74 -0.26 19.05
C GLN E 19 -46.03 1.19 18.66
N ASN E 20 -46.04 1.47 17.35
CA ASN E 20 -46.24 2.83 16.88
C ASN E 20 -47.25 2.85 15.74
N LYS E 21 -48.44 2.35 16.03
CA LYS E 21 -49.46 2.15 15.01
C LYS E 21 -50.25 3.43 14.77
N ILE E 22 -50.52 3.74 13.51
CA ILE E 22 -51.33 4.91 13.18
C ILE E 22 -52.46 4.54 12.23
N THR E 23 -53.67 4.93 12.58
CA THR E 23 -54.83 4.67 11.73
C THR E 23 -55.26 5.93 11.01
N VAL E 24 -55.62 5.78 9.74
CA VAL E 24 -56.28 6.85 9.01
C VAL E 24 -57.70 6.42 8.66
N VAL E 25 -58.68 7.19 9.12
CA VAL E 25 -60.08 6.89 8.83
C VAL E 25 -60.56 7.69 7.62
N GLY E 26 -60.96 7.00 6.56
CA GLY E 26 -61.33 7.68 5.33
C GLY E 26 -60.20 7.71 4.33
N VAL E 27 -60.38 7.05 3.18
CA VAL E 27 -59.32 6.98 2.19
C VAL E 27 -59.60 7.82 0.96
N GLY E 28 -60.33 8.92 1.13
CA GLY E 28 -60.44 9.89 0.05
C GLY E 28 -59.10 10.56 -0.19
N ALA E 29 -59.07 11.61 -1.00
CA ALA E 29 -57.83 12.27 -1.36
C ALA E 29 -57.04 12.77 -0.15
N VAL E 30 -57.73 13.36 0.82
CA VAL E 30 -57.07 13.85 2.03
C VAL E 30 -56.49 12.74 2.90
N GLY E 31 -57.24 11.66 3.08
CA GLY E 31 -56.75 10.58 3.92
C GLY E 31 -55.57 9.85 3.32
N MET E 32 -55.60 9.68 1.99
CA MET E 32 -54.51 8.96 1.33
C MET E 32 -53.25 9.84 1.28
N ALA E 33 -53.43 11.15 1.12
CA ALA E 33 -52.30 12.07 1.21
C ALA E 33 -51.68 12.04 2.59
N CYS E 34 -52.50 11.90 3.63
CA CYS E 34 -51.95 11.82 4.99
C CYS E 34 -51.15 10.53 5.10
N ALA E 35 -51.70 9.46 4.55
CA ALA E 35 -51.13 8.13 4.73
C ALA E 35 -49.79 7.98 4.01
N ILE E 36 -49.66 8.57 2.84
CA ILE E 36 -48.42 8.47 2.11
C ILE E 36 -47.36 9.38 2.75
N SER E 37 -47.79 10.53 3.26
CA SER E 37 -46.89 11.47 3.91
C SER E 37 -46.36 10.86 5.21
N ILE E 38 -47.22 10.13 5.91
CA ILE E 38 -46.82 9.41 7.12
C ILE E 38 -45.90 8.24 6.81
N LEU E 39 -46.23 7.48 5.76
CA LEU E 39 -45.43 6.33 5.37
C LEU E 39 -43.99 6.68 4.96
N MET E 40 -43.81 7.87 4.42
CA MET E 40 -42.50 8.26 3.92
C MET E 40 -41.66 9.04 4.94
N LYS E 41 -42.30 9.52 6.00
CA LYS E 41 -41.56 10.11 7.12
C LYS E 41 -41.27 9.09 8.22
N ASP E 42 -41.65 7.83 7.99
CA ASP E 42 -41.33 6.76 8.94
C ASP E 42 -41.83 7.05 10.35
N LEU E 43 -43.14 7.28 10.49
CA LEU E 43 -43.69 7.66 11.78
C LEU E 43 -44.31 6.46 12.46
N ALA E 44 -44.64 5.44 11.67
CA ALA E 44 -45.42 4.33 12.17
C ALA E 44 -44.76 2.98 11.86
N ASP E 45 -45.00 1.97 12.70
CA ASP E 45 -44.58 0.62 12.34
C ASP E 45 -45.76 -0.22 11.88
N GLU E 46 -46.95 0.35 11.96
CA GLU E 46 -48.15 -0.26 11.38
C GLU E 46 -49.18 0.79 10.97
N LEU E 47 -49.76 0.61 9.79
CA LEU E 47 -50.73 1.57 9.31
C LEU E 47 -52.06 0.89 9.03
N ALA E 48 -53.10 1.38 9.68
CA ALA E 48 -54.44 0.87 9.46
C ALA E 48 -55.27 1.90 8.70
N LEU E 49 -55.95 1.44 7.66
CA LEU E 49 -56.91 2.27 6.98
C LEU E 49 -58.29 1.66 7.19
N VAL E 50 -59.28 2.51 7.37
CA VAL E 50 -60.67 2.06 7.40
C VAL E 50 -61.59 3.06 6.70
N ASP E 51 -62.60 2.54 6.01
CA ASP E 51 -63.61 3.35 5.35
C ASP E 51 -64.84 2.46 5.25
N VAL E 52 -65.87 2.92 4.54
CA VAL E 52 -67.05 2.12 4.29
C VAL E 52 -67.10 1.66 2.85
N MET E 53 -66.31 2.31 2.00
CA MET E 53 -66.18 1.90 0.60
C MET E 53 -65.16 0.77 0.49
N GLU E 54 -65.64 -0.46 0.66
CA GLU E 54 -64.77 -1.62 0.84
C GLU E 54 -63.81 -1.83 -0.33
N ASP E 55 -64.31 -1.70 -1.55
CA ASP E 55 -63.47 -1.86 -2.72
C ASP E 55 -62.32 -0.85 -2.71
N LYS E 56 -62.68 0.43 -2.79
CA LYS E 56 -61.70 1.50 -2.83
C LYS E 56 -60.72 1.36 -1.67
N LEU E 57 -61.23 0.90 -0.54
CA LEU E 57 -60.42 0.73 0.66
C LEU E 57 -59.35 -0.33 0.43
N LYS E 58 -59.79 -1.49 -0.03
CA LYS E 58 -58.90 -2.61 -0.35
C LYS E 58 -57.88 -2.23 -1.44
N GLY E 59 -58.33 -1.45 -2.42
CA GLY E 59 -57.45 -1.05 -3.50
C GLY E 59 -56.30 -0.16 -3.06
N GLU E 60 -56.59 0.77 -2.14
CA GLU E 60 -55.57 1.69 -1.65
C GLU E 60 -54.58 0.97 -0.75
N MET E 61 -55.08 0.03 0.04
CA MET E 61 -54.20 -0.84 0.81
C MET E 61 -53.22 -1.56 -0.10
N MET E 62 -53.71 -2.18 -1.18
CA MET E 62 -52.85 -2.97 -2.05
C MET E 62 -51.80 -2.13 -2.77
N ASP E 63 -52.21 -0.93 -3.21
CA ASP E 63 -51.30 0.01 -3.85
C ASP E 63 -50.14 0.37 -2.91
N LEU E 64 -50.46 0.84 -1.70
CA LEU E 64 -49.43 1.18 -0.71
C LEU E 64 -48.53 -0.02 -0.46
N GLN E 65 -49.15 -1.17 -0.23
CA GLN E 65 -48.42 -2.39 0.09
C GLN E 65 -47.39 -2.71 -0.98
N HIS E 66 -47.74 -2.43 -2.24
CA HIS E 66 -46.85 -2.76 -3.35
C HIS E 66 -45.60 -1.92 -3.35
N GLY E 67 -45.62 -0.83 -2.61
CA GLY E 67 -44.43 0.00 -2.51
C GLY E 67 -43.60 -0.29 -1.29
N SER E 68 -43.83 -1.44 -0.66
CA SER E 68 -43.16 -1.79 0.60
C SER E 68 -41.65 -1.81 0.47
N LEU E 69 -41.16 -2.28 -0.68
CA LEU E 69 -39.73 -2.30 -0.95
C LEU E 69 -39.10 -0.95 -0.62
N PHE E 70 -39.84 0.11 -0.85
CA PHE E 70 -39.31 1.48 -0.81
C PHE E 70 -39.70 2.20 0.48
N LEU E 71 -40.28 1.47 1.41
CA LEU E 71 -40.76 2.05 2.65
C LEU E 71 -40.16 1.33 3.83
N ARG E 72 -40.35 1.89 5.02
CA ARG E 72 -39.88 1.29 6.26
C ARG E 72 -41.05 1.15 7.24
N THR E 73 -42.22 0.85 6.69
CA THR E 73 -43.42 0.59 7.48
C THR E 73 -43.93 -0.79 7.07
N PRO E 74 -43.59 -1.81 7.88
CA PRO E 74 -43.71 -3.21 7.45
C PRO E 74 -45.15 -3.73 7.32
N LYS E 75 -46.10 -3.12 8.04
CA LYS E 75 -47.46 -3.61 8.03
C LYS E 75 -48.48 -2.56 7.64
N ILE E 76 -49.25 -2.86 6.60
CA ILE E 76 -50.35 -2.01 6.16
C ILE E 76 -51.60 -2.86 6.01
N VAL E 77 -52.61 -2.56 6.82
CA VAL E 77 -53.84 -3.35 6.87
C VAL E 77 -55.05 -2.45 6.70
N SER E 78 -56.13 -3.02 6.16
CA SER E 78 -57.34 -2.25 5.91
C SER E 78 -58.56 -3.05 6.34
N GLY E 79 -59.67 -2.36 6.58
CA GLY E 79 -60.90 -3.03 6.92
C GLY E 79 -62.08 -2.11 7.21
N LYS E 80 -63.27 -2.58 6.88
CA LYS E 80 -64.51 -1.89 7.21
C LYS E 80 -64.74 -2.01 8.72
N ASP E 81 -64.21 -3.08 9.29
CA ASP E 81 -64.35 -3.37 10.72
C ASP E 81 -63.20 -2.73 11.50
N TYR E 82 -63.53 -1.99 12.55
CA TYR E 82 -62.54 -1.17 13.25
C TYR E 82 -61.61 -1.99 14.13
N SER E 83 -61.76 -3.31 14.08
CA SER E 83 -60.85 -4.21 14.79
C SER E 83 -59.44 -4.07 14.24
N VAL E 84 -59.35 -3.62 12.98
CA VAL E 84 -58.06 -3.50 12.31
C VAL E 84 -57.33 -2.22 12.71
N THR E 85 -57.96 -1.43 13.58
CA THR E 85 -57.35 -0.18 14.04
C THR E 85 -56.88 -0.34 15.47
N ALA E 86 -57.11 -1.52 16.04
CA ALA E 86 -56.81 -1.79 17.44
C ALA E 86 -55.40 -1.36 17.83
N ASN E 87 -55.28 -0.76 19.02
CA ASN E 87 -53.98 -0.42 19.58
C ASN E 87 -53.26 0.69 18.81
N SER E 88 -54.01 1.54 18.13
CA SER E 88 -53.45 2.71 17.48
C SER E 88 -52.99 3.76 18.51
N LYS E 89 -51.73 4.16 18.42
CA LYS E 89 -51.24 5.31 19.18
C LYS E 89 -51.96 6.57 18.73
N LEU E 90 -52.21 6.66 17.43
CA LEU E 90 -52.86 7.85 16.85
C LEU E 90 -53.88 7.46 15.81
N VAL E 91 -55.02 8.15 15.81
CA VAL E 91 -56.08 7.91 14.84
C VAL E 91 -56.47 9.21 14.17
N ILE E 92 -56.32 9.28 12.85
CA ILE E 92 -56.57 10.50 12.12
C ILE E 92 -57.92 10.42 11.40
N ILE E 93 -58.83 11.31 11.78
CA ILE E 93 -60.20 11.30 11.26
C ILE E 93 -60.35 12.21 10.05
N THR E 94 -60.61 11.62 8.90
CA THR E 94 -60.90 12.40 7.70
C THR E 94 -62.30 12.14 7.13
N ALA E 95 -63.12 11.40 7.87
CA ALA E 95 -64.47 11.06 7.43
C ALA E 95 -65.34 12.29 7.27
N GLY E 96 -66.16 12.31 6.22
CA GLY E 96 -67.13 13.38 6.06
C GLY E 96 -68.25 13.02 5.11
N ALA E 97 -69.41 13.63 5.32
CA ALA E 97 -70.48 13.55 4.34
C ALA E 97 -70.27 14.65 3.32
N ARG E 98 -70.79 14.48 2.11
CA ARG E 98 -70.72 15.55 1.14
C ARG E 98 -72.06 16.26 1.05
N GLN E 99 -72.01 17.59 1.03
CA GLN E 99 -73.21 18.40 0.86
C GLN E 99 -74.06 17.81 -0.25
N GLN E 100 -75.38 17.86 -0.08
CA GLN E 100 -76.30 17.46 -1.15
C GLN E 100 -77.12 18.66 -1.59
N GLU E 101 -77.68 18.59 -2.79
CA GLU E 101 -78.51 19.67 -3.30
C GLU E 101 -79.81 19.77 -2.51
N GLY E 102 -79.97 20.85 -1.75
CA GLY E 102 -81.22 21.08 -1.05
C GLY E 102 -81.17 20.77 0.43
N GLU E 103 -79.97 20.83 1.02
CA GLU E 103 -79.84 20.72 2.46
C GLU E 103 -78.96 21.83 3.03
N SER E 104 -79.14 22.11 4.30
CA SER E 104 -78.47 23.24 4.94
C SER E 104 -77.10 22.89 5.49
N ARG E 105 -76.26 23.91 5.65
CA ARG E 105 -75.00 23.78 6.35
C ARG E 105 -75.22 23.06 7.69
N LEU E 106 -76.42 23.18 8.23
CA LEU E 106 -76.73 22.56 9.52
C LEU E 106 -76.94 21.06 9.40
N ASN E 107 -77.71 20.64 8.40
CA ASN E 107 -78.01 19.23 8.19
C ASN E 107 -76.75 18.46 7.84
N LEU E 108 -75.89 19.11 7.06
CA LEU E 108 -74.60 18.54 6.72
C LEU E 108 -73.79 18.25 7.99
N VAL E 109 -73.59 19.26 8.82
CA VAL E 109 -72.82 19.10 10.04
C VAL E 109 -73.49 18.08 10.94
N GLN E 110 -74.80 17.90 10.74
CA GLN E 110 -75.58 16.97 11.53
C GLN E 110 -75.33 15.53 11.10
N ARG E 111 -75.25 15.31 9.80
CA ARG E 111 -74.93 13.98 9.26
C ARG E 111 -73.50 13.61 9.61
N ASN E 112 -72.61 14.60 9.53
CA ASN E 112 -71.23 14.39 9.92
C ASN E 112 -71.18 13.94 11.37
N VAL E 113 -71.99 14.58 12.21
CA VAL E 113 -72.15 14.12 13.59
C VAL E 113 -72.62 12.65 13.63
N ASN E 114 -73.59 12.32 12.78
CA ASN E 114 -74.12 10.96 12.73
C ASN E 114 -73.07 9.99 12.23
N ILE E 115 -72.20 10.47 11.34
CA ILE E 115 -71.02 9.70 10.95
C ILE E 115 -70.10 9.41 12.13
N PHE E 116 -69.83 10.43 12.95
CA PHE E 116 -68.97 10.29 14.13
C PHE E 116 -69.62 9.44 15.22
N LYS E 117 -70.94 9.49 15.29
CA LYS E 117 -71.64 8.70 16.28
C LYS E 117 -71.26 7.24 16.07
N PHE E 118 -71.01 6.87 14.82
CA PHE E 118 -70.63 5.49 14.53
C PHE E 118 -69.14 5.23 14.59
N ILE E 119 -68.36 6.17 14.08
CA ILE E 119 -66.93 5.93 13.96
C ILE E 119 -66.21 6.08 15.30
N ILE E 120 -66.37 7.23 15.93
CA ILE E 120 -65.62 7.56 17.14
C ILE E 120 -65.73 6.47 18.21
N PRO E 121 -66.93 5.90 18.42
CA PRO E 121 -67.03 4.89 19.47
C PRO E 121 -66.33 3.60 19.07
N ASN E 122 -66.44 3.24 17.80
CA ASN E 122 -65.69 2.11 17.26
C ASN E 122 -64.18 2.32 17.33
N VAL E 123 -63.75 3.57 17.22
CA VAL E 123 -62.34 3.90 17.33
C VAL E 123 -61.87 3.85 18.78
N VAL E 124 -62.72 4.32 19.69
CA VAL E 124 -62.38 4.34 21.10
C VAL E 124 -62.32 2.95 21.70
N LYS E 125 -63.28 2.10 21.30
CA LYS E 125 -63.34 0.73 21.78
C LYS E 125 -62.07 -0.08 21.44
N TYR E 126 -61.47 0.21 20.29
CA TYR E 126 -60.35 -0.58 19.82
C TYR E 126 -59.00 0.02 20.15
N SER E 127 -58.98 1.33 20.43
CA SER E 127 -57.78 1.98 20.90
C SER E 127 -58.15 2.98 21.99
N PRO E 128 -58.38 2.48 23.21
CA PRO E 128 -58.86 3.25 24.37
C PRO E 128 -57.95 4.41 24.74
N HIS E 129 -56.66 4.28 24.42
CA HIS E 129 -55.66 5.23 24.90
C HIS E 129 -55.01 6.08 23.80
N CYS E 130 -55.68 6.17 22.65
CA CYS E 130 -55.08 6.84 21.49
C CYS E 130 -55.28 8.34 21.55
N LYS E 131 -54.56 9.05 20.68
CA LYS E 131 -54.85 10.45 20.39
C LYS E 131 -55.72 10.53 19.14
N LEU E 132 -56.71 11.42 19.15
CA LEU E 132 -57.54 11.63 17.98
C LEU E 132 -57.14 12.94 17.28
N LEU E 133 -56.79 12.85 16.01
CA LEU E 133 -56.54 14.06 15.22
C LEU E 133 -57.62 14.20 14.15
N VAL E 134 -58.44 15.23 14.28
CA VAL E 134 -59.56 15.43 13.37
C VAL E 134 -59.19 16.45 12.31
N VAL E 135 -59.44 16.10 11.06
CA VAL E 135 -59.10 16.97 9.93
C VAL E 135 -60.36 17.42 9.19
N SER E 136 -61.42 16.63 9.32
CA SER E 136 -62.71 16.89 8.67
C SER E 136 -63.25 18.30 8.96
N ASN E 137 -63.87 18.92 7.96
CA ASN E 137 -64.46 20.25 8.12
C ASN E 137 -65.97 20.18 8.33
N PRO E 138 -66.53 21.14 9.10
CA PRO E 138 -65.77 22.20 9.76
C PRO E 138 -64.99 21.67 10.97
N VAL E 139 -63.68 21.95 10.99
CA VAL E 139 -62.77 21.23 11.86
C VAL E 139 -62.97 21.57 13.34
N ASP E 140 -63.15 22.86 13.63
CA ASP E 140 -63.29 23.30 15.01
C ASP E 140 -64.50 22.60 15.63
N ILE E 141 -65.60 22.58 14.88
CA ILE E 141 -66.83 21.95 15.32
C ILE E 141 -66.66 20.45 15.43
N LEU E 142 -66.15 19.83 14.37
CA LEU E 142 -66.07 18.38 14.32
C LEU E 142 -65.05 17.81 15.30
N THR E 143 -64.06 18.60 15.69
CA THR E 143 -63.14 18.19 16.75
C THR E 143 -63.80 18.28 18.12
N TYR E 144 -64.69 19.24 18.27
CA TYR E 144 -65.55 19.33 19.46
C TYR E 144 -66.50 18.13 19.51
N VAL E 145 -67.05 17.77 18.36
CA VAL E 145 -67.93 16.60 18.28
C VAL E 145 -67.17 15.33 18.61
N ALA E 146 -65.98 15.17 18.03
CA ALA E 146 -65.13 14.04 18.34
C ALA E 146 -64.91 13.99 19.85
N TRP E 147 -64.59 15.14 20.41
CA TRP E 147 -64.29 15.21 21.83
C TRP E 147 -65.45 14.69 22.68
N LYS E 148 -66.67 15.15 22.40
CA LYS E 148 -67.80 14.80 23.24
C LYS E 148 -68.31 13.36 23.02
N ILE E 149 -68.21 12.86 21.80
CA ILE E 149 -68.61 11.48 21.51
C ILE E 149 -67.59 10.48 22.05
N SER E 150 -66.33 10.90 22.17
CA SER E 150 -65.30 9.99 22.61
C SER E 150 -65.20 9.98 24.14
N GLY E 151 -65.35 11.15 24.74
CA GLY E 151 -65.21 11.25 26.18
C GLY E 151 -63.76 11.25 26.64
N PHE E 152 -62.84 11.42 25.70
CA PHE E 152 -61.43 11.51 26.04
C PHE E 152 -61.16 12.81 26.79
N PRO E 153 -60.09 12.83 27.61
CA PRO E 153 -59.57 14.09 28.18
C PRO E 153 -59.09 15.01 27.06
N LYS E 154 -59.27 16.32 27.23
CA LYS E 154 -59.11 17.27 26.13
C LYS E 154 -57.73 17.27 25.49
N ASN E 155 -56.71 16.92 26.25
CA ASN E 155 -55.35 16.84 25.72
C ASN E 155 -55.25 15.82 24.59
N ARG E 156 -56.16 14.86 24.55
CA ARG E 156 -56.04 13.78 23.58
C ARG E 156 -56.89 13.94 22.33
N VAL E 157 -57.71 14.98 22.28
CA VAL E 157 -58.46 15.28 21.05
C VAL E 157 -58.01 16.59 20.43
N ILE E 158 -57.57 16.52 19.18
CA ILE E 158 -56.89 17.63 18.53
C ILE E 158 -57.46 17.86 17.15
N GLY E 159 -57.62 19.12 16.76
CA GLY E 159 -58.14 19.45 15.45
C GLY E 159 -57.07 20.09 14.61
N SER E 160 -57.00 19.70 13.35
CA SER E 160 -55.98 20.21 12.46
C SER E 160 -56.11 21.74 12.41
N GLY E 161 -57.32 22.23 12.67
CA GLY E 161 -57.51 23.65 12.91
C GLY E 161 -56.82 24.58 11.93
N CYS E 162 -55.93 25.44 12.44
CA CYS E 162 -55.26 26.46 11.66
C CYS E 162 -53.80 26.14 11.26
N ASN E 163 -53.42 24.87 11.31
CA ASN E 163 -52.02 24.48 11.11
C ASN E 163 -51.54 24.65 9.67
N LEU E 164 -52.32 24.16 8.71
CA LEU E 164 -51.95 24.32 7.31
C LEU E 164 -52.05 25.76 6.80
N ASP E 165 -52.93 26.56 7.38
CA ASP E 165 -53.07 27.94 6.93
C ASP E 165 -51.91 28.78 7.45
N SER E 166 -51.44 28.46 8.66
CA SER E 166 -50.23 29.07 9.17
C SER E 166 -49.03 28.75 8.27
N ALA E 167 -48.95 27.50 7.84
CA ALA E 167 -47.93 27.10 6.89
C ALA E 167 -48.08 27.83 5.55
N ARG E 168 -49.31 28.08 5.11
CA ARG E 168 -49.52 28.78 3.83
C ARG E 168 -49.17 30.26 3.97
N PHE E 169 -49.50 30.80 5.14
CA PHE E 169 -49.23 32.19 5.44
C PHE E 169 -47.71 32.41 5.39
N ARG E 170 -46.97 31.46 5.94
CA ARG E 170 -45.52 31.53 5.96
C ARG E 170 -44.94 31.40 4.56
N TYR E 171 -45.48 30.48 3.77
CA TYR E 171 -45.02 30.31 2.40
C TYR E 171 -45.20 31.60 1.59
N LEU E 172 -46.36 32.24 1.70
CA LEU E 172 -46.61 33.49 1.00
C LEU E 172 -45.67 34.59 1.52
N MET E 173 -45.52 34.64 2.83
CA MET E 173 -44.56 35.54 3.47
C MET E 173 -43.17 35.42 2.84
N GLY E 174 -42.75 34.17 2.60
CA GLY E 174 -41.44 33.94 2.02
C GLY E 174 -41.30 34.37 0.57
N GLU E 175 -42.39 34.29 -0.18
CA GLU E 175 -42.39 34.70 -1.59
C GLU E 175 -42.25 36.21 -1.71
N ARG E 176 -42.97 36.93 -0.85
CA ARG E 176 -42.88 38.38 -0.83
C ARG E 176 -41.49 38.84 -0.40
N LEU E 177 -40.83 38.08 0.47
CA LEU E 177 -39.56 38.51 1.04
C LEU E 177 -38.31 37.88 0.42
N GLY E 178 -38.48 36.80 -0.33
CA GLY E 178 -37.33 36.14 -0.93
C GLY E 178 -36.56 35.20 -0.01
N VAL E 179 -37.15 34.80 1.12
CA VAL E 179 -36.57 33.77 1.98
C VAL E 179 -37.53 32.58 2.08
N HIS E 180 -37.05 31.48 2.68
CA HIS E 180 -37.81 30.26 2.76
C HIS E 180 -38.85 30.26 3.89
N ALA E 181 -39.95 29.54 3.70
CA ALA E 181 -41.03 29.50 4.67
C ALA E 181 -40.53 29.21 6.07
N LEU E 182 -39.45 28.44 6.17
CA LEU E 182 -38.95 27.99 7.47
C LEU E 182 -38.46 29.16 8.30
N SER E 183 -37.97 30.20 7.63
CA SER E 183 -37.35 31.36 8.28
C SER E 183 -38.29 32.57 8.35
N CYS E 184 -39.52 32.38 7.85
CA CYS E 184 -40.60 33.34 8.06
C CYS E 184 -41.52 32.78 9.13
N HIS E 185 -41.89 33.62 10.09
CA HIS E 185 -42.75 33.18 11.17
C HIS E 185 -44.02 34.03 11.19
N GLY E 186 -45.14 33.38 11.43
CA GLY E 186 -46.41 34.09 11.43
C GLY E 186 -47.54 33.15 11.77
N TRP E 187 -48.52 33.67 12.51
CA TRP E 187 -49.54 32.82 13.09
C TRP E 187 -50.96 33.24 12.72
N ILE E 188 -51.76 32.26 12.32
CA ILE E 188 -53.16 32.49 12.04
C ILE E 188 -53.98 31.67 13.03
N LEU E 189 -54.75 32.36 13.84
CA LEU E 189 -55.36 31.73 15.01
C LEU E 189 -56.87 31.81 14.98
N GLY E 190 -57.48 31.30 16.04
CA GLY E 190 -58.92 31.38 16.17
C GLY E 190 -59.67 30.30 15.42
N GLU E 191 -60.79 30.68 14.82
CA GLU E 191 -61.63 29.76 14.10
C GLU E 191 -61.05 29.52 12.71
N HIS E 192 -60.94 28.26 12.32
CA HIS E 192 -60.42 27.91 11.01
C HIS E 192 -61.31 28.49 9.93
N GLY E 193 -60.70 28.98 8.87
CA GLY E 193 -61.46 29.49 7.74
C GLY E 193 -61.52 31.01 7.70
N ASP E 194 -62.66 31.53 7.28
CA ASP E 194 -62.77 32.95 6.98
C ASP E 194 -62.65 33.85 8.19
N SER E 195 -62.99 33.33 9.36
CA SER E 195 -63.01 34.14 10.58
C SER E 195 -61.72 34.03 11.38
N SER E 196 -60.65 33.55 10.73
CA SER E 196 -59.37 33.32 11.41
C SER E 196 -58.57 34.61 11.60
N VAL E 197 -57.72 34.63 12.62
CA VAL E 197 -56.97 35.82 12.97
C VAL E 197 -55.49 35.73 12.57
N PRO E 198 -55.05 36.63 11.68
CA PRO E 198 -53.61 36.79 11.40
C PRO E 198 -52.99 37.62 12.49
N VAL E 199 -52.05 37.06 13.24
CA VAL E 199 -51.46 37.81 14.35
C VAL E 199 -50.32 38.69 13.85
N TRP E 200 -50.70 39.91 13.44
CA TRP E 200 -49.78 40.83 12.82
C TRP E 200 -48.54 41.13 13.68
N SER E 201 -48.74 41.17 14.99
CA SER E 201 -47.68 41.56 15.92
C SER E 201 -46.63 40.46 16.07
N GLY E 202 -46.97 39.26 15.62
CA GLY E 202 -46.05 38.16 15.75
C GLY E 202 -45.18 37.95 14.51
N MET E 203 -45.54 38.58 13.40
CA MET E 203 -44.83 38.39 12.15
C MET E 203 -43.38 38.90 12.18
N ASN E 204 -42.43 37.97 12.13
CA ASN E 204 -41.03 38.33 12.06
C ASN E 204 -40.20 37.44 11.16
N VAL E 205 -39.01 37.92 10.80
CA VAL E 205 -37.91 37.08 10.36
C VAL E 205 -36.74 37.33 11.29
N ALA E 206 -36.08 36.26 11.72
CA ALA E 206 -34.91 36.41 12.57
C ALA E 206 -35.23 37.26 13.79
N GLY E 207 -36.48 37.18 14.25
CA GLY E 207 -36.88 37.89 15.44
C GLY E 207 -37.06 39.40 15.27
N VAL E 208 -37.04 39.89 14.03
CA VAL E 208 -37.27 41.31 13.77
C VAL E 208 -38.75 41.52 13.46
N SER E 209 -39.46 42.19 14.36
CA SER E 209 -40.87 42.47 14.17
C SER E 209 -41.14 43.29 12.91
N LEU E 210 -41.96 42.74 12.01
CA LEU E 210 -42.34 43.43 10.79
C LEU E 210 -43.29 44.59 11.08
N LYS E 211 -44.09 44.44 12.13
CA LYS E 211 -45.01 45.49 12.54
C LYS E 211 -44.20 46.69 12.99
N THR E 212 -43.18 46.41 13.79
CA THR E 212 -42.35 47.47 14.33
C THR E 212 -41.68 48.24 13.21
N LEU E 213 -41.15 47.53 12.22
CA LEU E 213 -40.64 48.17 11.01
C LEU E 213 -41.75 48.92 10.25
N HIS E 214 -42.88 48.25 10.08
CA HIS E 214 -43.94 48.73 9.20
C HIS E 214 -45.27 48.76 9.95
N PRO E 215 -45.50 49.84 10.71
CA PRO E 215 -46.65 49.93 11.62
C PRO E 215 -48.00 49.79 10.94
N GLU E 216 -48.04 50.07 9.64
CA GLU E 216 -49.27 49.97 8.86
C GLU E 216 -49.61 48.51 8.54
N LEU E 217 -48.85 47.57 9.12
CA LEU E 217 -48.97 46.16 8.78
C LEU E 217 -50.34 45.59 9.11
N GLY E 218 -51.08 45.19 8.09
CA GLY E 218 -52.34 44.51 8.32
C GLY E 218 -53.53 45.44 8.56
N THR E 219 -53.27 46.74 8.62
CA THR E 219 -54.35 47.72 8.64
C THR E 219 -54.82 47.91 7.20
N ASP E 220 -56.06 48.36 7.03
CA ASP E 220 -56.60 48.59 5.70
C ASP E 220 -56.00 49.86 5.09
N ALA E 221 -55.25 50.59 5.91
CA ALA E 221 -54.60 51.81 5.45
C ALA E 221 -53.14 51.53 5.07
N ASP E 222 -52.89 50.36 4.49
CA ASP E 222 -51.54 49.96 4.11
C ASP E 222 -51.34 49.93 2.61
N LYS E 223 -50.25 50.54 2.16
CA LYS E 223 -49.95 50.60 0.73
C LYS E 223 -49.49 49.24 0.21
N GLU E 224 -48.89 48.45 1.09
CA GLU E 224 -48.40 47.13 0.70
C GLU E 224 -49.47 46.03 0.85
N GLN E 225 -50.59 46.36 1.50
CA GLN E 225 -51.74 45.48 1.56
C GLN E 225 -51.39 44.07 2.03
N TRP E 226 -50.80 43.97 3.21
CA TRP E 226 -50.41 42.67 3.75
C TRP E 226 -51.61 41.92 4.28
N LYS E 227 -52.67 42.66 4.57
CA LYS E 227 -53.94 42.07 4.96
C LYS E 227 -54.50 41.21 3.81
N GLN E 228 -53.93 41.38 2.62
CA GLN E 228 -54.36 40.60 1.46
C GLN E 228 -53.76 39.20 1.49
N VAL E 229 -52.64 39.06 2.21
CA VAL E 229 -51.94 37.79 2.31
C VAL E 229 -52.69 36.83 3.24
N HIS E 230 -53.33 37.39 4.27
CA HIS E 230 -54.25 36.61 5.08
C HIS E 230 -55.46 36.23 4.25
N LYS E 231 -55.95 37.18 3.47
CA LYS E 231 -57.06 36.94 2.56
C LYS E 231 -56.72 35.77 1.65
N GLN E 232 -55.55 35.84 1.01
CA GLN E 232 -55.12 34.80 0.08
C GLN E 232 -55.05 33.46 0.80
N VAL E 233 -54.54 33.47 2.03
CA VAL E 233 -54.51 32.27 2.85
C VAL E 233 -55.91 31.72 3.09
N VAL E 234 -56.83 32.57 3.53
CA VAL E 234 -58.20 32.14 3.76
C VAL E 234 -58.86 31.61 2.48
N ASP E 235 -58.53 32.22 1.34
CA ASP E 235 -59.09 31.83 0.05
C ASP E 235 -58.35 30.68 -0.62
N SER E 236 -57.08 30.48 -0.27
CA SER E 236 -56.20 29.65 -1.10
C SER E 236 -56.72 28.22 -1.22
N ALA E 237 -57.39 27.73 -0.18
CA ALA E 237 -58.01 26.41 -0.26
C ALA E 237 -59.10 26.35 -1.34
N TYR E 238 -59.93 27.39 -1.41
CA TYR E 238 -60.97 27.47 -2.44
C TYR E 238 -60.38 27.67 -3.83
N GLU E 239 -59.31 28.46 -3.93
CA GLU E 239 -58.68 28.73 -5.22
C GLU E 239 -58.13 27.45 -5.82
N VAL E 240 -57.54 26.61 -4.96
CA VAL E 240 -57.02 25.32 -5.37
C VAL E 240 -58.15 24.40 -5.79
N ILE E 241 -59.18 24.34 -4.96
CA ILE E 241 -60.31 23.46 -5.26
C ILE E 241 -60.86 23.82 -6.63
N LYS E 242 -60.94 25.11 -6.92
CA LYS E 242 -61.46 25.56 -8.21
C LYS E 242 -60.60 25.02 -9.36
N LEU E 243 -59.30 24.89 -9.15
CA LEU E 243 -58.39 24.50 -10.22
C LEU E 243 -58.27 22.99 -10.41
N LYS E 244 -58.24 22.24 -9.33
CA LYS E 244 -58.03 20.80 -9.42
C LYS E 244 -59.14 19.99 -8.74
N GLY E 245 -60.10 20.69 -8.12
CA GLY E 245 -61.28 20.03 -7.60
C GLY E 245 -61.25 19.65 -6.14
N TYR E 246 -60.10 19.87 -5.50
CA TYR E 246 -59.91 19.52 -4.08
C TYR E 246 -58.45 19.81 -3.75
N THR E 247 -58.09 19.75 -2.47
CA THR E 247 -56.68 19.86 -2.10
C THR E 247 -56.24 18.61 -1.35
N THR E 248 -54.97 18.25 -1.47
CA THR E 248 -54.47 17.01 -0.86
C THR E 248 -53.05 17.06 -0.30
N TRP E 249 -52.09 17.46 -1.13
CA TRP E 249 -50.70 17.35 -0.74
C TRP E 249 -50.38 18.19 0.50
N ALA E 250 -50.70 19.48 0.44
CA ALA E 250 -50.34 20.39 1.51
C ALA E 250 -50.98 20.01 2.86
N ILE E 251 -52.18 19.45 2.81
CA ILE E 251 -52.86 19.07 4.04
C ILE E 251 -52.27 17.77 4.61
N GLY E 252 -52.01 16.82 3.73
CA GLY E 252 -51.35 15.58 4.15
C GLY E 252 -49.98 15.81 4.76
N LEU E 253 -49.20 16.69 4.14
CA LEU E 253 -47.92 17.11 4.68
C LEU E 253 -48.11 17.80 6.03
N SER E 254 -49.12 18.67 6.09
CA SER E 254 -49.46 19.37 7.33
C SER E 254 -49.78 18.40 8.47
N VAL E 255 -50.55 17.36 8.19
CA VAL E 255 -50.95 16.42 9.23
C VAL E 255 -49.77 15.55 9.68
N ALA E 256 -48.96 15.12 8.73
CA ALA E 256 -47.78 14.29 9.05
C ALA E 256 -46.86 15.02 10.01
N ASP E 257 -46.77 16.34 9.85
CA ASP E 257 -45.92 17.12 10.73
C ASP E 257 -46.51 17.06 12.13
N LEU E 258 -47.83 17.19 12.23
CA LEU E 258 -48.50 17.03 13.51
C LEU E 258 -48.28 15.62 14.06
N ALA E 259 -48.46 14.61 13.22
CA ALA E 259 -48.22 13.23 13.64
C ALA E 259 -46.78 13.03 14.09
N GLU E 260 -45.83 13.67 13.42
CA GLU E 260 -44.44 13.50 13.81
C GLU E 260 -44.21 13.97 15.23
N SER E 261 -44.75 15.14 15.57
CA SER E 261 -44.63 15.66 16.93
C SER E 261 -45.22 14.73 17.97
N ILE E 262 -46.38 14.17 17.68
CA ILE E 262 -47.08 13.34 18.65
C ILE E 262 -46.32 12.04 18.90
N MET E 263 -45.84 11.44 17.83
CA MET E 263 -45.16 10.15 17.91
C MET E 263 -43.76 10.25 18.48
N LYS E 264 -43.05 11.34 18.21
CA LYS E 264 -41.70 11.51 18.73
C LYS E 264 -41.67 12.45 19.93
N ASN E 265 -42.85 12.73 20.48
CA ASN E 265 -43.00 13.58 21.66
C ASN E 265 -42.12 14.84 21.60
N LEU E 266 -42.10 15.47 20.44
CA LEU E 266 -41.23 16.63 20.23
C LEU E 266 -41.58 17.85 21.10
N ARG E 267 -42.82 17.95 21.53
CA ARG E 267 -43.25 19.14 22.26
C ARG E 267 -42.93 20.41 21.44
N ARG E 268 -43.26 20.39 20.16
CA ARG E 268 -43.21 21.60 19.33
C ARG E 268 -44.57 22.31 19.39
N VAL E 269 -44.53 23.61 19.18
CA VAL E 269 -45.75 24.41 19.23
C VAL E 269 -46.34 24.55 17.85
N HIS E 270 -47.61 24.17 17.70
CA HIS E 270 -48.30 24.23 16.40
C HIS E 270 -49.60 25.02 16.53
N PRO E 271 -49.99 25.73 15.47
CA PRO E 271 -51.28 26.45 15.43
C PRO E 271 -52.46 25.49 15.24
N ILE E 272 -52.89 24.84 16.30
CA ILE E 272 -53.95 23.85 16.20
C ILE E 272 -55.18 24.13 17.09
N SER E 273 -56.31 23.54 16.72
CA SER E 273 -57.58 23.76 17.40
C SER E 273 -57.73 22.87 18.63
N THR E 274 -57.97 23.50 19.78
CA THR E 274 -58.02 22.79 21.04
C THR E 274 -59.20 23.35 21.85
N MET E 275 -59.55 22.70 22.96
CA MET E 275 -60.63 23.17 23.82
C MET E 275 -60.14 24.31 24.72
N LEU E 276 -60.54 25.53 24.41
CA LEU E 276 -59.96 26.71 25.03
C LEU E 276 -60.82 27.32 26.13
N LYS E 277 -61.75 26.55 26.68
CA LYS E 277 -62.64 27.09 27.69
C LYS E 277 -61.84 27.61 28.88
N GLY E 278 -62.04 28.88 29.21
CA GLY E 278 -61.37 29.47 30.36
C GLY E 278 -60.26 30.41 29.94
N LEU E 279 -59.50 29.98 28.94
CA LEU E 279 -58.38 30.76 28.41
C LEU E 279 -58.87 31.71 27.33
N TYR E 280 -58.10 32.76 27.07
CA TYR E 280 -58.39 33.65 25.95
C TYR E 280 -59.78 34.29 26.03
N GLY E 281 -60.31 34.43 27.24
CA GLY E 281 -61.56 35.14 27.43
C GLY E 281 -62.78 34.31 27.09
N ILE E 282 -62.56 33.09 26.60
CA ILE E 282 -63.63 32.24 26.14
C ILE E 282 -64.25 31.48 27.30
N LYS E 283 -65.57 31.34 27.30
CA LYS E 283 -66.29 30.73 28.41
C LYS E 283 -67.04 29.47 28.00
N GLU E 284 -67.29 29.31 26.71
CA GLU E 284 -68.01 28.16 26.19
C GLU E 284 -67.13 26.92 26.05
N ASP E 285 -67.75 25.79 25.72
CA ASP E 285 -67.03 24.59 25.30
C ASP E 285 -66.88 24.61 23.77
N VAL E 286 -65.78 25.18 23.32
CA VAL E 286 -65.52 25.29 21.90
C VAL E 286 -64.03 25.16 21.62
N PHE E 287 -63.69 24.77 20.40
CA PHE E 287 -62.31 24.63 19.99
C PHE E 287 -61.88 25.78 19.11
N LEU E 288 -60.79 26.44 19.49
CA LEU E 288 -60.14 27.41 18.62
C LEU E 288 -58.65 27.09 18.47
N SER E 289 -58.08 27.47 17.34
CA SER E 289 -56.65 27.29 17.13
C SER E 289 -55.80 28.29 17.92
N VAL E 290 -54.96 27.77 18.80
CA VAL E 290 -53.96 28.56 19.50
C VAL E 290 -52.64 27.78 19.55
N PRO E 291 -51.53 28.49 19.79
CA PRO E 291 -50.23 27.80 19.81
C PRO E 291 -50.20 26.75 20.92
N CYS E 292 -50.14 25.49 20.53
CA CYS E 292 -50.16 24.38 21.49
C CYS E 292 -48.84 23.62 21.49
N VAL E 293 -48.39 23.25 22.69
CA VAL E 293 -47.31 22.29 22.82
C VAL E 293 -47.87 20.90 22.53
N LEU E 294 -47.35 20.26 21.49
CA LEU E 294 -47.89 19.00 21.05
C LEU E 294 -46.89 17.86 21.27
N GLY E 295 -47.35 16.75 21.84
CA GLY E 295 -46.44 15.71 22.30
C GLY E 295 -47.15 14.39 22.43
N GLN E 296 -46.46 13.37 22.93
CA GLN E 296 -47.01 12.01 22.95
C GLN E 296 -48.28 11.93 23.80
N ASN E 297 -48.56 12.98 24.59
CA ASN E 297 -49.79 13.01 25.38
C ASN E 297 -50.76 14.04 24.82
N GLY E 298 -50.59 14.34 23.54
CA GLY E 298 -51.44 15.33 22.91
C GLY E 298 -51.02 16.74 23.26
N ILE E 299 -52.00 17.63 23.40
CA ILE E 299 -51.71 19.01 23.77
C ILE E 299 -51.56 19.07 25.28
N SER E 300 -50.36 19.46 25.73
CA SER E 300 -50.03 19.45 27.14
C SER E 300 -50.02 20.88 27.70
N ASP E 301 -49.84 21.83 26.80
CA ASP E 301 -49.62 23.21 27.20
C ASP E 301 -50.10 24.13 26.10
N VAL E 302 -50.55 25.32 26.48
CA VAL E 302 -50.90 26.34 25.51
C VAL E 302 -50.16 27.64 25.77
N VAL E 303 -49.61 28.22 24.71
CA VAL E 303 -48.96 29.50 24.81
C VAL E 303 -50.04 30.56 24.78
N LYS E 304 -49.93 31.52 25.69
CA LYS E 304 -50.89 32.60 25.79
C LYS E 304 -50.41 33.78 24.97
N VAL E 305 -51.03 33.96 23.81
CA VAL E 305 -50.68 35.07 22.94
C VAL E 305 -51.33 36.38 23.42
N THR E 306 -50.51 37.43 23.52
CA THR E 306 -51.00 38.75 23.85
C THR E 306 -51.69 39.37 22.64
N LEU E 307 -53.02 39.45 22.69
CA LEU E 307 -53.77 39.98 21.58
C LEU E 307 -54.21 41.41 21.86
N THR E 308 -54.64 42.09 20.81
CA THR E 308 -55.26 43.40 20.94
C THR E 308 -56.72 43.18 21.34
N SER E 309 -57.43 44.26 21.67
CA SER E 309 -58.85 44.18 22.02
C SER E 309 -59.63 43.61 20.85
N GLU E 310 -59.49 44.26 19.70
CA GLU E 310 -60.12 43.82 18.48
C GLU E 310 -59.88 42.32 18.25
N GLU E 311 -58.62 41.89 18.34
CA GLU E 311 -58.30 40.49 18.12
C GLU E 311 -59.00 39.60 19.12
N GLU E 312 -58.99 39.99 20.38
CA GLU E 312 -59.57 39.16 21.43
C GLU E 312 -61.08 39.08 21.29
N ALA E 313 -61.65 40.11 20.70
CA ALA E 313 -63.09 40.17 20.48
C ALA E 313 -63.48 39.26 19.32
N HIS E 314 -62.57 39.08 18.37
CA HIS E 314 -62.84 38.20 17.24
C HIS E 314 -62.97 36.75 17.72
N LEU E 315 -62.08 36.34 18.61
CA LEU E 315 -62.12 34.98 19.13
C LEU E 315 -63.43 34.78 19.89
N LYS E 316 -63.87 35.83 20.57
CA LYS E 316 -65.15 35.83 21.26
C LYS E 316 -66.29 35.59 20.28
N LYS E 317 -66.33 36.39 19.21
CA LYS E 317 -67.42 36.31 18.24
C LYS E 317 -67.38 34.99 17.48
N SER E 318 -66.20 34.39 17.39
CA SER E 318 -66.05 33.07 16.78
C SER E 318 -66.56 31.99 17.73
N ALA E 319 -66.14 32.07 19.00
CA ALA E 319 -66.60 31.15 20.02
C ALA E 319 -68.12 31.17 20.16
N ASP E 320 -68.73 32.34 19.96
CA ASP E 320 -70.19 32.47 20.00
C ASP E 320 -70.80 31.72 18.83
N THR E 321 -70.25 31.96 17.65
CA THR E 321 -70.74 31.32 16.44
C THR E 321 -70.73 29.80 16.60
N LEU E 322 -69.65 29.28 17.17
CA LEU E 322 -69.47 27.84 17.26
C LEU E 322 -70.36 27.21 18.32
N TRP E 323 -70.54 27.89 19.45
CA TRP E 323 -71.48 27.41 20.44
C TRP E 323 -72.89 27.42 19.85
N GLY E 324 -73.26 28.55 19.26
CA GLY E 324 -74.59 28.64 18.66
C GLY E 324 -74.88 27.47 17.74
N ILE E 325 -73.89 27.04 16.97
CA ILE E 325 -74.08 25.94 16.06
C ILE E 325 -74.11 24.61 16.81
N GLN E 326 -73.15 24.42 17.70
CA GLN E 326 -73.05 23.16 18.43
C GLN E 326 -74.29 22.89 19.26
N LYS E 327 -75.01 23.95 19.62
CA LYS E 327 -76.26 23.79 20.37
C LYS E 327 -77.33 23.10 19.55
N GLU E 328 -77.34 23.35 18.25
CA GLU E 328 -78.38 22.83 17.36
C GLU E 328 -78.05 21.43 16.83
N LEU E 329 -77.05 20.79 17.43
CA LEU E 329 -76.64 19.45 17.01
C LEU E 329 -77.26 18.40 17.93
N GLN E 330 -77.73 17.31 17.35
CA GLN E 330 -78.37 16.27 18.13
C GLN E 330 -77.55 14.98 18.20
N PHE E 331 -77.01 14.73 19.39
CA PHE E 331 -76.24 13.51 19.64
C PHE E 331 -77.18 12.36 20.00
N ALA F 1 -45.81 36.37 38.77
CA ALA F 1 -45.66 35.05 38.10
C ALA F 1 -44.40 34.99 37.25
N ALA F 2 -43.80 33.81 37.17
CA ALA F 2 -42.59 33.59 36.39
C ALA F 2 -42.82 33.83 34.89
N LEU F 3 -41.74 33.97 34.15
CA LEU F 3 -41.83 34.23 32.71
C LEU F 3 -42.50 33.07 31.95
N LYS F 4 -42.08 31.85 32.28
CA LYS F 4 -42.65 30.68 31.65
C LYS F 4 -44.16 30.62 31.89
N ASP F 5 -44.56 30.93 33.12
CA ASP F 5 -45.95 30.89 33.52
C ASP F 5 -46.82 31.99 32.91
N GLN F 6 -46.18 33.05 32.42
CA GLN F 6 -46.90 34.08 31.70
C GLN F 6 -47.08 33.69 30.23
N LEU F 7 -46.08 32.99 29.70
CA LEU F 7 -46.09 32.60 28.29
C LEU F 7 -46.91 31.34 28.10
N ILE F 8 -46.86 30.45 29.09
CA ILE F 8 -47.39 29.10 28.91
C ILE F 8 -48.38 28.67 29.99
N HIS F 9 -49.63 28.48 29.60
CA HIS F 9 -50.61 27.83 30.46
C HIS F 9 -50.45 26.31 30.38
N ASN F 10 -50.20 25.68 31.53
CA ASN F 10 -50.01 24.23 31.57
C ASN F 10 -51.31 23.48 31.84
N LEU F 11 -51.51 22.38 31.10
CA LEU F 11 -52.77 21.64 31.16
C LEU F 11 -52.61 20.21 31.67
N LEU F 12 -51.52 19.56 31.30
CA LEU F 12 -51.26 18.20 31.76
C LEU F 12 -50.14 18.14 32.79
N LYS F 13 -50.32 17.31 33.81
CA LYS F 13 -49.21 16.99 34.72
C LYS F 13 -48.44 15.82 34.11
N GLU F 14 -47.12 15.90 34.17
CA GLU F 14 -46.24 14.99 33.45
C GLU F 14 -46.42 15.12 31.95
N VAL F 17 -43.05 8.87 30.64
CA VAL F 17 -42.76 7.46 30.35
C VAL F 17 -42.36 7.22 28.88
N PRO F 18 -41.08 6.89 28.65
CA PRO F 18 -40.53 6.80 27.29
C PRO F 18 -41.12 5.63 26.49
N GLN F 19 -41.33 5.86 25.20
CA GLN F 19 -41.97 4.86 24.33
C GLN F 19 -41.03 4.17 23.34
N ASN F 20 -40.03 4.89 22.83
CA ASN F 20 -39.05 4.28 21.93
C ASN F 20 -37.62 4.62 22.36
N LYS F 21 -37.33 4.34 23.63
CA LYS F 21 -36.06 4.69 24.27
C LYS F 21 -34.97 3.71 23.86
N ILE F 22 -33.79 4.25 23.56
CA ILE F 22 -32.60 3.42 23.33
C ILE F 22 -31.49 3.80 24.30
N THR F 23 -30.84 2.80 24.89
CA THR F 23 -29.68 3.08 25.73
C THR F 23 -28.43 2.60 25.04
N VAL F 24 -27.37 3.41 25.08
CA VAL F 24 -26.05 2.97 24.66
C VAL F 24 -25.14 2.91 25.87
N VAL F 25 -24.61 1.73 26.15
CA VAL F 25 -23.75 1.48 27.30
C VAL F 25 -22.28 1.57 26.86
N GLY F 26 -21.57 2.55 27.40
CA GLY F 26 -20.21 2.82 26.98
C GLY F 26 -20.16 4.00 26.02
N VAL F 27 -19.46 5.06 26.43
CA VAL F 27 -19.39 6.27 25.64
C VAL F 27 -18.02 6.46 24.97
N GLY F 28 -17.41 5.36 24.56
CA GLY F 28 -16.17 5.45 23.83
C GLY F 28 -16.39 5.84 22.38
N ALA F 29 -15.42 5.53 21.54
CA ALA F 29 -15.51 5.85 20.13
C ALA F 29 -16.70 5.14 19.46
N VAL F 30 -16.91 3.89 19.82
CA VAL F 30 -17.95 3.09 19.18
C VAL F 30 -19.32 3.47 19.73
N GLY F 31 -19.43 3.51 21.06
CA GLY F 31 -20.69 3.91 21.66
C GLY F 31 -21.18 5.24 21.14
N MET F 32 -20.30 6.22 21.05
CA MET F 32 -20.69 7.54 20.56
C MET F 32 -21.02 7.51 19.07
N ALA F 33 -20.34 6.65 18.31
CA ALA F 33 -20.67 6.51 16.89
C ALA F 33 -22.05 5.87 16.72
N CYS F 34 -22.40 4.95 17.61
CA CYS F 34 -23.74 4.37 17.61
C CYS F 34 -24.78 5.41 17.97
N ALA F 35 -24.47 6.20 19.00
CA ALA F 35 -25.32 7.31 19.42
C ALA F 35 -25.62 8.26 18.25
N ILE F 36 -24.58 8.91 17.74
CA ILE F 36 -24.81 9.90 16.70
C ILE F 36 -25.60 9.29 15.55
N SER F 37 -25.31 8.04 15.21
CA SER F 37 -25.97 7.35 14.11
C SER F 37 -27.46 7.13 14.37
N ILE F 38 -27.78 6.71 15.59
CA ILE F 38 -29.16 6.44 15.96
C ILE F 38 -29.91 7.76 16.07
N LEU F 39 -29.26 8.76 16.63
CA LEU F 39 -29.81 10.11 16.72
C LEU F 39 -30.21 10.69 15.37
N MET F 40 -29.37 10.48 14.34
CA MET F 40 -29.67 11.05 13.02
C MET F 40 -30.56 10.16 12.14
N LYS F 41 -30.87 8.96 12.60
CA LYS F 41 -31.88 8.16 11.92
C LYS F 41 -33.25 8.20 12.60
N ASP F 42 -33.42 9.09 13.58
CA ASP F 42 -34.66 9.21 14.36
C ASP F 42 -35.25 7.87 14.73
N LEU F 43 -34.47 7.04 15.39
CA LEU F 43 -34.92 5.72 15.78
C LEU F 43 -35.53 5.74 17.19
N ALA F 44 -35.14 6.74 17.97
CA ALA F 44 -35.56 6.82 19.38
C ALA F 44 -36.24 8.16 19.69
N ASP F 45 -36.97 8.21 20.81
CA ASP F 45 -37.53 9.48 21.29
C ASP F 45 -36.85 9.87 22.60
N GLU F 46 -36.16 8.90 23.19
CA GLU F 46 -35.26 9.17 24.29
C GLU F 46 -33.97 8.38 24.09
N LEU F 47 -32.83 9.04 24.30
CA LEU F 47 -31.54 8.36 24.24
C LEU F 47 -30.84 8.50 25.58
N ALA F 48 -30.32 7.38 26.08
CA ALA F 48 -29.61 7.35 27.36
C ALA F 48 -28.19 6.78 27.24
N LEU F 49 -27.26 7.40 27.96
CA LEU F 49 -25.86 6.98 27.97
C LEU F 49 -25.48 6.51 29.38
N VAL F 50 -24.67 5.46 29.44
CA VAL F 50 -24.10 5.04 30.71
C VAL F 50 -22.62 4.78 30.58
N ASP F 51 -21.86 5.22 31.56
CA ASP F 51 -20.44 4.94 31.61
C ASP F 51 -20.00 5.11 33.05
N VAL F 52 -18.73 4.77 33.33
CA VAL F 52 -18.15 4.99 34.64
C VAL F 52 -17.32 6.26 34.68
N MET F 53 -17.00 6.79 33.51
CA MET F 53 -16.24 8.04 33.42
C MET F 53 -17.17 9.24 33.45
N GLU F 54 -17.54 9.66 34.66
CA GLU F 54 -18.58 10.67 34.84
C GLU F 54 -18.41 11.95 34.00
N ASP F 55 -17.21 12.53 33.98
CA ASP F 55 -16.99 13.79 33.27
C ASP F 55 -17.10 13.63 31.77
N LYS F 56 -16.58 12.52 31.27
CA LYS F 56 -16.65 12.18 29.86
C LYS F 56 -18.11 11.95 29.46
N LEU F 57 -18.82 11.18 30.28
CA LEU F 57 -20.22 10.87 30.04
C LEU F 57 -21.06 12.13 30.06
N LYS F 58 -20.70 13.05 30.94
CA LYS F 58 -21.42 14.30 31.05
C LYS F 58 -21.12 15.19 29.84
N GLY F 59 -19.85 15.24 29.45
CA GLY F 59 -19.46 16.03 28.30
C GLY F 59 -20.07 15.53 26.99
N GLU F 60 -20.12 14.22 26.80
CA GLU F 60 -20.73 13.65 25.61
C GLU F 60 -22.24 13.93 25.55
N MET F 61 -22.90 13.89 26.71
CA MET F 61 -24.34 14.14 26.80
C MET F 61 -24.64 15.59 26.42
N MET F 62 -23.90 16.52 27.01
CA MET F 62 -24.11 17.93 26.73
C MET F 62 -23.84 18.28 25.27
N ASP F 63 -22.73 17.78 24.72
CA ASP F 63 -22.39 18.07 23.34
C ASP F 63 -23.54 17.59 22.44
N LEU F 64 -24.03 16.38 22.69
CA LEU F 64 -25.17 15.86 21.93
C LEU F 64 -26.36 16.78 22.06
N GLN F 65 -26.66 17.21 23.29
CA GLN F 65 -27.81 18.08 23.56
C GLN F 65 -27.74 19.42 22.84
N HIS F 66 -26.53 19.95 22.67
CA HIS F 66 -26.41 21.26 22.08
C HIS F 66 -26.80 21.20 20.62
N GLY F 67 -27.04 19.98 20.15
CA GLY F 67 -27.46 19.81 18.76
C GLY F 67 -28.93 19.47 18.62
N SER F 68 -29.71 19.64 19.68
CA SER F 68 -31.12 19.27 19.68
C SER F 68 -31.91 19.96 18.58
N LEU F 69 -31.60 21.23 18.36
CA LEU F 69 -32.21 21.97 17.26
C LEU F 69 -32.13 21.23 15.94
N PHE F 70 -31.13 20.37 15.78
CA PHE F 70 -30.90 19.68 14.51
C PHE F 70 -31.29 18.21 14.61
N LEU F 71 -31.91 17.83 15.72
CA LEU F 71 -32.40 16.47 15.87
C LEU F 71 -33.92 16.40 16.05
N ARG F 72 -34.44 15.19 16.01
CA ARG F 72 -35.85 14.97 16.34
C ARG F 72 -35.86 13.92 17.45
N THR F 73 -34.89 14.03 18.35
CA THR F 73 -34.84 13.18 19.52
C THR F 73 -34.83 14.06 20.78
N PRO F 74 -36.00 14.26 21.40
CA PRO F 74 -36.25 15.33 22.37
C PRO F 74 -35.50 15.16 23.69
N LYS F 75 -35.22 13.92 24.06
CA LYS F 75 -34.70 13.65 25.38
C LYS F 75 -33.40 12.86 25.32
N ILE F 76 -32.33 13.46 25.81
CA ILE F 76 -31.06 12.77 25.97
C ILE F 76 -30.61 12.89 27.43
N VAL F 77 -30.45 11.75 28.09
CA VAL F 77 -30.03 11.70 29.49
C VAL F 77 -28.77 10.87 29.69
N SER F 78 -28.12 11.06 30.82
CA SER F 78 -26.94 10.26 31.13
C SER F 78 -26.71 10.18 32.62
N GLY F 79 -25.91 9.20 33.02
CA GLY F 79 -25.55 9.06 34.41
C GLY F 79 -24.79 7.77 34.65
N LYS F 80 -24.09 7.75 35.78
CA LYS F 80 -23.30 6.60 36.19
C LYS F 80 -24.27 5.58 36.74
N ASP F 81 -25.42 6.07 37.22
CA ASP F 81 -26.43 5.22 37.81
C ASP F 81 -27.46 4.78 36.76
N TYR F 82 -27.79 3.49 36.76
CA TYR F 82 -28.52 2.89 35.65
C TYR F 82 -30.02 3.19 35.64
N SER F 83 -30.46 4.01 36.59
CA SER F 83 -31.85 4.42 36.64
C SER F 83 -32.21 5.28 35.43
N VAL F 84 -31.21 5.90 34.81
CA VAL F 84 -31.45 6.75 33.65
C VAL F 84 -31.81 5.94 32.40
N THR F 85 -31.61 4.63 32.47
CA THR F 85 -31.87 3.77 31.31
C THR F 85 -33.20 3.03 31.41
N ALA F 86 -33.92 3.26 32.50
CA ALA F 86 -35.15 2.51 32.75
C ALA F 86 -36.09 2.58 31.56
N ASN F 87 -36.75 1.46 31.27
CA ASN F 87 -37.77 1.43 30.24
C ASN F 87 -37.20 1.69 28.85
N SER F 88 -36.07 1.06 28.55
CA SER F 88 -35.50 1.08 27.21
C SER F 88 -36.00 -0.11 26.42
N LYS F 89 -36.38 0.12 25.16
CA LYS F 89 -36.76 -1.00 24.28
C LYS F 89 -35.49 -1.73 23.86
N LEU F 90 -34.39 -0.99 23.77
CA LEU F 90 -33.14 -1.54 23.26
C LEU F 90 -31.95 -1.02 24.04
N VAL F 91 -31.05 -1.95 24.39
CA VAL F 91 -29.82 -1.59 25.09
C VAL F 91 -28.61 -2.13 24.35
N ILE F 92 -27.71 -1.23 23.98
CA ILE F 92 -26.54 -1.58 23.18
C ILE F 92 -25.31 -1.55 24.05
N ILE F 93 -24.67 -2.70 24.22
CA ILE F 93 -23.47 -2.82 25.03
C ILE F 93 -22.19 -2.59 24.21
N THR F 94 -21.44 -1.56 24.55
CA THR F 94 -20.10 -1.38 23.96
C THR F 94 -18.98 -1.38 25.01
N ALA F 95 -19.33 -1.65 26.26
CA ALA F 95 -18.38 -1.64 27.38
C ALA F 95 -17.29 -2.68 27.18
N GLY F 96 -16.08 -2.36 27.58
CA GLY F 96 -14.99 -3.32 27.46
C GLY F 96 -13.72 -2.86 28.12
N ALA F 97 -12.89 -3.81 28.54
CA ALA F 97 -11.66 -3.46 29.23
C ALA F 97 -10.57 -3.16 28.23
N ARG F 98 -9.76 -2.13 28.51
CA ARG F 98 -8.60 -1.86 27.67
C ARG F 98 -7.48 -2.84 28.01
N GLN F 99 -7.04 -3.58 27.00
CA GLN F 99 -6.00 -4.57 27.19
C GLN F 99 -4.73 -3.89 27.68
N GLN F 100 -4.19 -4.40 28.77
CA GLN F 100 -2.93 -3.89 29.31
C GLN F 100 -1.87 -4.97 29.30
N GLU F 101 -0.62 -4.57 29.51
CA GLU F 101 0.54 -5.46 29.47
C GLU F 101 0.19 -6.93 29.64
N GLY F 102 0.92 -7.79 28.94
CA GLY F 102 0.77 -9.22 29.18
C GLY F 102 0.73 -9.49 30.68
N GLU F 103 0.15 -10.61 31.09
CA GLU F 103 -0.40 -11.62 30.18
C GLU F 103 -1.76 -11.18 29.65
N SER F 104 -2.62 -12.16 29.40
CA SER F 104 -4.04 -11.96 29.19
C SER F 104 -4.56 -12.45 27.84
N ARG F 105 -5.57 -11.76 27.34
CA ARG F 105 -6.48 -12.26 26.32
C ARG F 105 -7.56 -13.14 26.93
N LEU F 106 -7.17 -14.25 27.53
CA LEU F 106 -8.12 -15.02 28.30
C LEU F 106 -8.39 -14.22 29.58
N ASN F 107 -7.37 -13.53 30.07
CA ASN F 107 -7.51 -12.64 31.22
C ASN F 107 -8.28 -11.39 30.85
N LEU F 108 -8.14 -10.96 29.60
CA LEU F 108 -8.81 -9.76 29.13
C LEU F 108 -10.30 -10.05 29.04
N VAL F 109 -10.65 -11.23 28.56
CA VAL F 109 -12.04 -11.62 28.42
C VAL F 109 -12.66 -11.79 29.80
N GLN F 110 -11.83 -12.16 30.77
CA GLN F 110 -12.31 -12.28 32.15
C GLN F 110 -12.68 -10.91 32.69
N ARG F 111 -11.78 -9.95 32.56
CA ARG F 111 -12.06 -8.59 33.01
C ARG F 111 -13.32 -8.08 32.33
N ASN F 112 -13.50 -8.44 31.07
CA ASN F 112 -14.69 -8.06 30.35
C ASN F 112 -15.95 -8.72 30.92
N VAL F 113 -15.82 -9.96 31.39
CA VAL F 113 -16.94 -10.61 32.08
C VAL F 113 -17.27 -9.92 33.40
N ASN F 114 -16.24 -9.68 34.20
CA ASN F 114 -16.42 -8.99 35.49
C ASN F 114 -17.17 -7.67 35.26
N ILE F 115 -16.95 -7.06 34.10
CA ILE F 115 -17.61 -5.81 33.77
C ILE F 115 -19.07 -6.03 33.42
N PHE F 116 -19.35 -7.07 32.66
CA PHE F 116 -20.71 -7.40 32.28
C PHE F 116 -21.47 -7.86 33.54
N LYS F 117 -20.77 -8.52 34.44
CA LYS F 117 -21.36 -9.00 35.69
C LYS F 117 -21.96 -7.85 36.48
N PHE F 118 -21.30 -6.69 36.44
CA PHE F 118 -21.85 -5.48 37.07
C PHE F 118 -22.93 -4.82 36.22
N ILE F 119 -22.74 -4.82 34.90
CA ILE F 119 -23.59 -4.03 34.00
C ILE F 119 -24.93 -4.70 33.67
N ILE F 120 -24.90 -5.96 33.22
CA ILE F 120 -26.11 -6.60 32.73
C ILE F 120 -27.21 -6.68 33.79
N PRO F 121 -26.83 -6.95 35.05
CA PRO F 121 -27.87 -6.97 36.09
C PRO F 121 -28.56 -5.60 36.25
N ASN F 122 -27.75 -4.54 36.21
CA ASN F 122 -28.26 -3.19 36.30
C ASN F 122 -29.21 -2.89 35.14
N VAL F 123 -28.86 -3.38 33.95
CA VAL F 123 -29.68 -3.12 32.78
C VAL F 123 -31.00 -3.86 32.85
N VAL F 124 -30.95 -5.14 33.21
CA VAL F 124 -32.16 -5.97 33.32
C VAL F 124 -33.04 -5.53 34.49
N LYS F 125 -32.44 -4.94 35.51
CA LYS F 125 -33.20 -4.41 36.62
C LYS F 125 -34.10 -3.28 36.15
N TYR F 126 -33.53 -2.33 35.40
CA TYR F 126 -34.28 -1.16 34.98
C TYR F 126 -34.99 -1.29 33.63
N SER F 127 -34.66 -2.32 32.86
CA SER F 127 -35.42 -2.63 31.65
C SER F 127 -35.58 -4.13 31.43
N PRO F 128 -36.48 -4.77 32.19
CA PRO F 128 -36.69 -6.23 32.15
C PRO F 128 -37.04 -6.76 30.77
N HIS F 129 -37.59 -5.90 29.92
CA HIS F 129 -38.17 -6.36 28.66
C HIS F 129 -37.42 -5.91 27.40
N CYS F 130 -36.26 -5.27 27.59
CA CYS F 130 -35.51 -4.74 26.45
C CYS F 130 -34.89 -5.85 25.61
N LYS F 131 -34.41 -5.47 24.44
CA LYS F 131 -33.49 -6.29 23.67
C LYS F 131 -32.09 -5.85 24.06
N LEU F 132 -31.17 -6.80 24.15
CA LEU F 132 -29.77 -6.48 24.35
C LEU F 132 -29.02 -6.69 23.05
N LEU F 133 -28.28 -5.66 22.63
CA LEU F 133 -27.39 -5.79 21.48
C LEU F 133 -25.95 -5.58 21.92
N VAL F 134 -25.13 -6.62 21.75
CA VAL F 134 -23.75 -6.58 22.20
C VAL F 134 -22.83 -6.31 21.02
N VAL F 135 -21.91 -5.37 21.19
CA VAL F 135 -20.98 -4.96 20.15
C VAL F 135 -19.53 -5.23 20.59
N SER F 136 -19.31 -5.18 21.90
CA SER F 136 -17.99 -5.44 22.48
C SER F 136 -17.34 -6.68 21.87
N ASN F 137 -16.02 -6.69 21.81
CA ASN F 137 -15.25 -7.84 21.28
C ASN F 137 -14.63 -8.61 22.44
N PRO F 138 -14.38 -9.91 22.24
CA PRO F 138 -14.80 -10.70 21.07
C PRO F 138 -16.31 -10.91 21.13
N VAL F 139 -17.03 -10.54 20.08
CA VAL F 139 -18.47 -10.36 20.20
C VAL F 139 -19.26 -11.63 20.49
N ASP F 140 -18.84 -12.77 19.93
CA ASP F 140 -19.58 -14.02 20.14
C ASP F 140 -19.47 -14.52 21.58
N ILE F 141 -18.34 -14.26 22.25
CA ILE F 141 -18.18 -14.61 23.65
C ILE F 141 -19.03 -13.70 24.53
N LEU F 142 -18.84 -12.39 24.39
CA LEU F 142 -19.54 -11.43 25.25
C LEU F 142 -21.06 -11.38 25.05
N THR F 143 -21.54 -11.93 23.94
CA THR F 143 -22.98 -11.98 23.74
C THR F 143 -23.55 -13.19 24.47
N TYR F 144 -22.85 -14.31 24.38
CA TYR F 144 -23.18 -15.45 25.21
C TYR F 144 -23.14 -15.09 26.69
N VAL F 145 -22.11 -14.35 27.10
CA VAL F 145 -21.97 -13.95 28.51
C VAL F 145 -23.09 -13.03 28.97
N ALA F 146 -23.46 -12.09 28.12
CA ALA F 146 -24.59 -11.22 28.41
C ALA F 146 -25.81 -12.10 28.51
N TRP F 147 -25.90 -13.08 27.62
CA TRP F 147 -27.08 -13.92 27.52
C TRP F 147 -27.33 -14.57 28.87
N LYS F 148 -26.32 -15.29 29.35
CA LYS F 148 -26.41 -16.08 30.57
C LYS F 148 -26.67 -15.18 31.79
N ILE F 149 -26.01 -14.04 31.84
CA ILE F 149 -26.14 -13.15 32.98
C ILE F 149 -27.54 -12.56 33.07
N SER F 150 -28.07 -12.10 31.95
CA SER F 150 -29.39 -11.49 31.95
C SER F 150 -30.51 -12.50 32.24
N GLY F 151 -30.28 -13.75 31.88
CA GLY F 151 -31.34 -14.74 31.97
C GLY F 151 -32.43 -14.53 30.94
N PHE F 152 -32.18 -13.65 29.97
CA PHE F 152 -33.16 -13.39 28.91
C PHE F 152 -33.30 -14.61 28.02
N PRO F 153 -34.45 -14.74 27.36
CA PRO F 153 -34.60 -15.67 26.24
C PRO F 153 -33.65 -15.31 25.10
N LYS F 154 -33.30 -16.29 24.27
CA LYS F 154 -32.22 -16.11 23.31
C LYS F 154 -32.62 -15.18 22.14
N ASN F 155 -33.91 -14.97 21.94
CA ASN F 155 -34.34 -14.04 20.92
C ASN F 155 -34.08 -12.59 21.31
N ARG F 156 -33.91 -12.34 22.60
CA ARG F 156 -33.77 -10.97 23.07
C ARG F 156 -32.32 -10.60 23.37
N VAL F 157 -31.38 -11.43 22.93
CA VAL F 157 -29.98 -11.08 23.04
C VAL F 157 -29.26 -11.27 21.71
N ILE F 158 -28.75 -10.17 21.18
CA ILE F 158 -28.13 -10.17 19.87
C ILE F 158 -26.65 -9.77 19.96
N GLY F 159 -25.79 -10.51 19.26
CA GLY F 159 -24.41 -10.07 19.12
C GLY F 159 -24.25 -9.52 17.72
N SER F 160 -23.50 -8.43 17.59
CA SER F 160 -23.36 -7.75 16.31
C SER F 160 -22.59 -8.59 15.29
N GLY F 161 -21.74 -9.50 15.78
CA GLY F 161 -21.18 -10.52 14.92
C GLY F 161 -20.67 -10.04 13.56
N CYS F 162 -21.13 -10.70 12.50
CA CYS F 162 -20.56 -10.46 11.17
C CYS F 162 -21.37 -9.47 10.34
N ASN F 163 -22.02 -8.53 11.01
CA ASN F 163 -22.90 -7.57 10.35
C ASN F 163 -22.07 -6.55 9.57
N LEU F 164 -21.09 -5.95 10.24
CA LEU F 164 -20.20 -4.99 9.61
C LEU F 164 -19.28 -5.64 8.57
N ASP F 165 -18.71 -6.80 8.92
CA ASP F 165 -17.83 -7.50 7.99
C ASP F 165 -18.53 -7.96 6.73
N SER F 166 -19.83 -8.25 6.82
CA SER F 166 -20.61 -8.48 5.61
C SER F 166 -20.77 -7.20 4.79
N ALA F 167 -20.96 -6.07 5.46
CA ALA F 167 -21.13 -4.81 4.76
C ALA F 167 -19.84 -4.42 4.05
N ARG F 168 -18.70 -4.65 4.70
CA ARG F 168 -17.39 -4.37 4.13
C ARG F 168 -17.15 -5.26 2.92
N PHE F 169 -17.46 -6.55 3.09
CA PHE F 169 -17.32 -7.56 2.05
C PHE F 169 -18.06 -7.11 0.79
N ARG F 170 -19.28 -6.59 0.99
CA ARG F 170 -20.09 -6.08 -0.11
C ARG F 170 -19.47 -4.82 -0.71
N TYR F 171 -18.85 -3.99 0.13
CA TYR F 171 -18.19 -2.79 -0.39
C TYR F 171 -17.07 -3.16 -1.35
N LEU F 172 -16.16 -4.01 -0.88
CA LEU F 172 -15.00 -4.42 -1.67
C LEU F 172 -15.47 -5.17 -2.92
N MET F 173 -16.53 -5.95 -2.75
CA MET F 173 -17.18 -6.65 -3.85
C MET F 173 -17.64 -5.62 -4.89
N GLY F 174 -18.21 -4.53 -4.41
CA GLY F 174 -18.68 -3.48 -5.30
C GLY F 174 -17.56 -2.72 -5.98
N GLU F 175 -16.47 -2.48 -5.25
CA GLU F 175 -15.32 -1.77 -5.80
C GLU F 175 -14.76 -2.53 -7.00
N ARG F 176 -14.64 -3.84 -6.87
CA ARG F 176 -14.16 -4.67 -7.96
C ARG F 176 -15.11 -4.74 -9.16
N LEU F 177 -16.42 -4.61 -8.91
CA LEU F 177 -17.41 -4.80 -9.98
C LEU F 177 -17.99 -3.52 -10.57
N GLY F 178 -17.75 -2.37 -9.94
CA GLY F 178 -18.28 -1.14 -10.48
C GLY F 178 -19.76 -0.95 -10.18
N VAL F 179 -20.17 -1.47 -9.03
CA VAL F 179 -21.58 -1.47 -8.66
C VAL F 179 -21.69 -1.16 -7.18
N HIS F 180 -22.79 -0.52 -6.78
CA HIS F 180 -22.94 -0.11 -5.40
C HIS F 180 -23.11 -1.32 -4.48
N ALA F 181 -22.54 -1.23 -3.28
CA ALA F 181 -22.65 -2.27 -2.26
C ALA F 181 -24.10 -2.73 -2.09
N LEU F 182 -25.02 -1.77 -2.14
CA LEU F 182 -26.44 -2.08 -2.00
C LEU F 182 -26.88 -3.16 -2.98
N SER F 183 -26.24 -3.23 -4.15
CA SER F 183 -26.69 -4.15 -5.18
C SER F 183 -25.73 -5.34 -5.27
N CYS F 184 -24.75 -5.36 -4.39
CA CYS F 184 -23.87 -6.51 -4.26
C CYS F 184 -24.29 -7.37 -3.06
N HIS F 185 -24.47 -8.66 -3.32
CA HIS F 185 -24.88 -9.57 -2.26
C HIS F 185 -23.85 -10.66 -1.96
N GLY F 186 -23.52 -10.81 -0.68
CA GLY F 186 -22.64 -11.86 -0.21
C GLY F 186 -22.61 -11.87 1.31
N TRP F 187 -22.38 -13.03 1.91
CA TRP F 187 -22.50 -13.18 3.36
C TRP F 187 -21.26 -13.74 4.04
N ILE F 188 -20.86 -13.10 5.13
CA ILE F 188 -19.85 -13.64 6.05
C ILE F 188 -20.56 -14.23 7.27
N LEU F 189 -20.30 -15.51 7.55
CA LEU F 189 -21.04 -16.22 8.60
C LEU F 189 -20.13 -16.92 9.60
N GLY F 190 -20.74 -17.43 10.68
CA GLY F 190 -19.98 -18.12 11.70
C GLY F 190 -19.34 -17.18 12.71
N GLU F 191 -18.10 -17.49 13.07
CA GLU F 191 -17.42 -16.81 14.17
C GLU F 191 -16.76 -15.50 13.74
N HIS F 192 -17.04 -14.43 14.47
CA HIS F 192 -16.43 -13.13 14.19
C HIS F 192 -14.91 -13.19 14.28
N GLY F 193 -14.23 -12.58 13.32
CA GLY F 193 -12.77 -12.58 13.32
C GLY F 193 -12.17 -13.38 12.18
N ASP F 194 -10.97 -13.92 12.40
CA ASP F 194 -10.26 -14.69 11.37
C ASP F 194 -11.05 -15.93 10.95
N SER F 195 -11.94 -16.38 11.81
CA SER F 195 -12.59 -17.67 11.62
C SER F 195 -13.88 -17.60 10.80
N SER F 196 -14.35 -16.39 10.54
CA SER F 196 -15.61 -16.19 9.82
C SER F 196 -15.57 -16.83 8.44
N VAL F 197 -16.74 -17.22 7.93
CA VAL F 197 -16.83 -17.95 6.68
C VAL F 197 -17.48 -17.13 5.57
N PRO F 198 -16.72 -16.84 4.50
CA PRO F 198 -17.28 -16.20 3.29
C PRO F 198 -18.09 -17.21 2.46
N VAL F 199 -19.41 -17.12 2.48
CA VAL F 199 -20.23 -18.08 1.75
C VAL F 199 -20.23 -17.78 0.25
N TRP F 200 -19.26 -18.34 -0.47
CA TRP F 200 -19.07 -18.06 -1.87
C TRP F 200 -20.28 -18.40 -2.73
N SER F 201 -20.99 -19.46 -2.34
CA SER F 201 -22.13 -19.92 -3.13
C SER F 201 -23.24 -18.89 -3.19
N GLY F 202 -23.33 -18.01 -2.19
CA GLY F 202 -24.38 -17.01 -2.16
C GLY F 202 -24.01 -15.66 -2.76
N MET F 203 -22.81 -15.53 -3.30
CA MET F 203 -22.39 -14.26 -3.89
C MET F 203 -22.98 -14.04 -5.28
N ASN F 204 -23.65 -12.91 -5.45
CA ASN F 204 -24.39 -12.67 -6.68
C ASN F 204 -24.65 -11.19 -6.91
N VAL F 205 -24.87 -10.81 -8.17
CA VAL F 205 -25.53 -9.55 -8.49
C VAL F 205 -26.82 -9.86 -9.25
N ALA F 206 -27.91 -9.24 -8.84
CA ALA F 206 -29.20 -9.40 -9.53
C ALA F 206 -29.56 -10.88 -9.66
N GLY F 207 -29.03 -11.69 -8.74
CA GLY F 207 -29.39 -13.10 -8.72
C GLY F 207 -28.60 -13.91 -9.73
N VAL F 208 -27.52 -13.33 -10.23
CA VAL F 208 -26.60 -14.09 -11.05
C VAL F 208 -25.48 -14.61 -10.16
N SER F 209 -25.41 -15.93 -10.01
CA SER F 209 -24.42 -16.56 -9.14
C SER F 209 -23.02 -16.25 -9.64
N LEU F 210 -22.20 -15.66 -8.78
CA LEU F 210 -20.82 -15.43 -9.13
C LEU F 210 -20.09 -16.77 -9.19
N LYS F 211 -20.45 -17.68 -8.28
CA LYS F 211 -19.87 -19.02 -8.24
C LYS F 211 -20.10 -19.77 -9.55
N THR F 212 -21.31 -19.68 -10.09
CA THR F 212 -21.67 -20.36 -11.33
C THR F 212 -20.91 -19.82 -12.54
N LEU F 213 -20.70 -18.50 -12.59
CA LEU F 213 -19.94 -17.88 -13.67
C LEU F 213 -18.45 -18.23 -13.57
N HIS F 214 -17.99 -18.39 -12.33
CA HIS F 214 -16.57 -18.53 -12.07
C HIS F 214 -16.42 -19.62 -11.01
N PRO F 215 -16.32 -20.88 -11.44
CA PRO F 215 -16.32 -22.04 -10.55
C PRO F 215 -15.18 -22.04 -9.54
N GLU F 216 -14.10 -21.35 -9.84
CA GLU F 216 -12.95 -21.30 -8.95
C GLU F 216 -13.07 -20.21 -7.89
N LEU F 217 -14.24 -19.58 -7.81
CA LEU F 217 -14.44 -18.46 -6.89
C LEU F 217 -14.27 -18.87 -5.42
N GLY F 218 -13.32 -18.23 -4.75
CA GLY F 218 -13.09 -18.53 -3.34
C GLY F 218 -12.23 -19.75 -3.11
N THR F 219 -11.53 -20.21 -4.16
CA THR F 219 -10.54 -21.27 -3.98
C THR F 219 -9.13 -20.70 -4.18
N ASP F 220 -8.14 -21.41 -3.65
CA ASP F 220 -6.74 -21.02 -3.82
C ASP F 220 -6.37 -21.14 -5.29
N ALA F 221 -7.11 -21.97 -6.02
CA ALA F 221 -6.89 -22.17 -7.45
C ALA F 221 -7.28 -20.93 -8.25
N ASP F 222 -8.10 -20.07 -7.67
CA ASP F 222 -8.61 -18.90 -8.37
C ASP F 222 -7.49 -17.95 -8.79
N LYS F 223 -7.54 -17.53 -10.05
CA LYS F 223 -6.52 -16.65 -10.63
C LYS F 223 -6.83 -15.18 -10.35
N GLU F 224 -8.07 -14.88 -9.98
CA GLU F 224 -8.44 -13.53 -9.59
C GLU F 224 -8.37 -13.37 -8.06
N GLN F 225 -8.20 -14.48 -7.36
CA GLN F 225 -7.85 -14.46 -5.94
C GLN F 225 -8.94 -13.82 -5.09
N TRP F 226 -10.19 -14.22 -5.32
CA TRP F 226 -11.30 -13.62 -4.58
C TRP F 226 -11.26 -13.96 -3.09
N LYS F 227 -10.50 -14.99 -2.74
CA LYS F 227 -10.22 -15.26 -1.33
C LYS F 227 -9.66 -14.04 -0.63
N GLN F 228 -8.72 -13.36 -1.29
CA GLN F 228 -8.08 -12.19 -0.71
C GLN F 228 -9.11 -11.18 -0.24
N VAL F 229 -10.32 -11.29 -0.76
CA VAL F 229 -11.38 -10.35 -0.44
C VAL F 229 -11.89 -10.63 0.96
N HIS F 230 -12.01 -11.91 1.29
CA HIS F 230 -12.35 -12.30 2.65
C HIS F 230 -11.25 -11.88 3.60
N LYS F 231 -10.00 -12.05 3.16
CA LYS F 231 -8.87 -11.69 3.99
C LYS F 231 -8.84 -10.19 4.24
N GLN F 232 -9.12 -9.41 3.20
CA GLN F 232 -9.22 -7.95 3.34
C GLN F 232 -10.28 -7.55 4.38
N VAL F 233 -11.38 -8.30 4.41
CA VAL F 233 -12.47 -8.01 5.36
C VAL F 233 -12.02 -8.34 6.78
N VAL F 234 -11.37 -9.48 6.93
CA VAL F 234 -10.88 -9.93 8.22
C VAL F 234 -9.83 -9.00 8.78
N ASP F 235 -9.11 -8.29 7.91
CA ASP F 235 -8.07 -7.36 8.38
C ASP F 235 -8.46 -5.87 8.34
N SER F 236 -9.64 -5.57 7.81
CA SER F 236 -10.08 -4.17 7.72
C SER F 236 -9.88 -3.48 9.05
N ALA F 237 -10.45 -4.06 10.11
CA ALA F 237 -10.45 -3.40 11.40
C ALA F 237 -9.03 -3.09 11.80
N TYR F 238 -8.15 -4.06 11.59
CA TYR F 238 -6.77 -3.91 12.01
C TYR F 238 -6.04 -2.90 11.14
N GLU F 239 -6.37 -2.85 9.85
CA GLU F 239 -5.72 -1.90 8.96
C GLU F 239 -6.14 -0.47 9.30
N VAL F 240 -7.39 -0.28 9.67
CA VAL F 240 -7.87 1.03 10.08
C VAL F 240 -7.32 1.40 11.45
N ILE F 241 -7.18 0.43 12.35
CA ILE F 241 -6.63 0.74 13.65
C ILE F 241 -5.20 1.26 13.53
N LYS F 242 -4.40 0.62 12.70
CA LYS F 242 -3.02 1.08 12.48
C LYS F 242 -3.02 2.51 11.97
N LEU F 243 -4.08 2.89 11.25
CA LEU F 243 -4.08 4.17 10.57
C LEU F 243 -4.65 5.29 11.44
N LYS F 244 -5.73 5.01 12.18
CA LYS F 244 -6.34 6.07 13.00
C LYS F 244 -6.45 5.76 14.49
N GLY F 245 -6.25 4.49 14.85
CA GLY F 245 -6.15 4.14 16.26
C GLY F 245 -7.34 3.36 16.80
N TYR F 246 -8.40 3.26 16.00
CA TYR F 246 -9.66 2.63 16.38
C TYR F 246 -10.61 2.73 15.18
N THR F 247 -11.71 1.99 15.15
CA THR F 247 -12.73 2.23 14.14
C THR F 247 -13.99 2.79 14.79
N THR F 248 -14.74 3.63 14.07
CA THR F 248 -16.00 4.18 14.60
C THR F 248 -17.16 4.31 13.61
N TRP F 249 -16.93 5.03 12.52
CA TRP F 249 -18.06 5.42 11.71
C TRP F 249 -18.80 4.21 11.16
N ALA F 250 -18.09 3.19 10.68
CA ALA F 250 -18.76 2.09 9.99
C ALA F 250 -19.46 1.16 10.98
N ILE F 251 -18.85 0.98 12.14
CA ILE F 251 -19.44 0.10 13.14
C ILE F 251 -20.69 0.77 13.70
N GLY F 252 -20.62 2.09 13.90
CA GLY F 252 -21.78 2.84 14.37
C GLY F 252 -22.96 2.77 13.41
N LEU F 253 -22.73 3.10 12.15
CA LEU F 253 -23.74 2.98 11.11
C LEU F 253 -24.31 1.56 11.09
N SER F 254 -23.40 0.59 11.16
CA SER F 254 -23.73 -0.83 11.18
C SER F 254 -24.69 -1.21 12.31
N VAL F 255 -24.39 -0.77 13.52
CA VAL F 255 -25.28 -0.99 14.66
C VAL F 255 -26.63 -0.33 14.44
N ALA F 256 -26.61 0.96 14.10
CA ALA F 256 -27.84 1.72 13.94
C ALA F 256 -28.77 1.04 12.94
N ASP F 257 -28.19 0.40 11.93
CA ASP F 257 -28.99 -0.28 10.94
C ASP F 257 -29.71 -1.46 11.59
N LEU F 258 -28.99 -2.15 12.48
CA LEU F 258 -29.58 -3.18 13.30
C LEU F 258 -30.65 -2.57 14.20
N ALA F 259 -30.35 -1.42 14.79
CA ALA F 259 -31.31 -0.73 15.63
C ALA F 259 -32.61 -0.43 14.86
N GLU F 260 -32.46 -0.09 13.58
CA GLU F 260 -33.62 0.28 12.76
C GLU F 260 -34.56 -0.90 12.50
N SER F 261 -34.01 -2.08 12.28
CA SER F 261 -34.84 -3.28 12.11
C SER F 261 -35.65 -3.58 13.37
N ILE F 262 -35.01 -3.46 14.53
CA ILE F 262 -35.66 -3.77 15.78
C ILE F 262 -36.75 -2.75 16.10
N MET F 263 -36.37 -1.48 16.20
CA MET F 263 -37.31 -0.42 16.56
C MET F 263 -38.54 -0.35 15.65
N LYS F 264 -38.36 -0.66 14.37
CA LYS F 264 -39.48 -0.64 13.43
C LYS F 264 -39.99 -2.03 13.04
N ASN F 265 -39.51 -3.08 13.73
CA ASN F 265 -40.02 -4.42 13.50
C ASN F 265 -39.96 -4.81 12.01
N LEU F 266 -38.85 -4.47 11.35
CA LEU F 266 -38.80 -4.61 9.89
C LEU F 266 -38.75 -6.07 9.43
N ARG F 267 -38.30 -6.96 10.31
CA ARG F 267 -38.08 -8.35 9.95
C ARG F 267 -37.15 -8.45 8.74
N ARG F 268 -36.10 -7.64 8.74
CA ARG F 268 -35.05 -7.78 7.74
C ARG F 268 -34.15 -8.95 8.13
N VAL F 269 -33.35 -9.40 7.17
CA VAL F 269 -32.40 -10.47 7.44
C VAL F 269 -30.99 -9.92 7.53
N HIS F 270 -30.36 -10.13 8.67
CA HIS F 270 -29.00 -9.62 8.92
C HIS F 270 -28.10 -10.76 9.35
N PRO F 271 -26.82 -10.72 8.94
CA PRO F 271 -25.78 -11.61 9.45
C PRO F 271 -25.37 -11.17 10.86
N ILE F 272 -26.01 -11.76 11.87
CA ILE F 272 -25.68 -11.40 13.23
C ILE F 272 -25.54 -12.64 14.11
N SER F 273 -24.81 -12.49 15.20
CA SER F 273 -24.51 -13.62 16.06
C SER F 273 -25.70 -13.95 16.95
N THR F 274 -26.11 -15.21 16.93
CA THR F 274 -27.24 -15.64 17.73
C THR F 274 -26.91 -16.98 18.39
N MET F 275 -27.67 -17.36 19.42
CA MET F 275 -27.47 -18.66 20.04
C MET F 275 -27.98 -19.73 19.08
N LEU F 276 -27.06 -20.53 18.53
CA LEU F 276 -27.46 -21.48 17.50
C LEU F 276 -27.37 -22.94 17.91
N LYS F 277 -27.20 -23.21 19.19
CA LYS F 277 -27.31 -24.59 19.64
C LYS F 277 -28.55 -25.21 19.01
N GLY F 278 -28.37 -26.32 18.32
CA GLY F 278 -29.49 -26.99 17.69
C GLY F 278 -29.61 -26.75 16.20
N LEU F 279 -28.97 -25.70 15.70
CA LEU F 279 -28.99 -25.40 14.26
C LEU F 279 -27.60 -25.51 13.64
N TYR F 280 -27.55 -25.76 12.33
CA TYR F 280 -26.29 -25.88 11.60
C TYR F 280 -25.39 -26.97 12.15
N GLY F 281 -25.99 -27.95 12.81
CA GLY F 281 -25.25 -29.10 13.29
C GLY F 281 -24.38 -28.82 14.49
N ILE F 282 -24.82 -27.92 15.36
CA ILE F 282 -24.04 -27.52 16.53
C ILE F 282 -24.73 -27.89 17.85
N LYS F 283 -23.95 -28.43 18.77
CA LYS F 283 -24.49 -29.05 19.98
C LYS F 283 -24.09 -28.28 21.24
N GLU F 284 -23.43 -27.15 21.04
CA GLU F 284 -22.98 -26.34 22.17
C GLU F 284 -23.84 -25.10 22.36
N ASP F 285 -23.75 -24.51 23.54
CA ASP F 285 -24.37 -23.21 23.80
C ASP F 285 -23.40 -22.13 23.36
N VAL F 286 -23.35 -21.86 22.06
CA VAL F 286 -22.50 -20.79 21.57
C VAL F 286 -23.21 -19.86 20.59
N PHE F 287 -22.72 -18.64 20.49
CA PHE F 287 -23.28 -17.66 19.58
C PHE F 287 -22.48 -17.57 18.29
N LEU F 288 -23.16 -17.75 17.16
CA LEU F 288 -22.55 -17.61 15.84
C LEU F 288 -23.40 -16.72 14.92
N SER F 289 -22.76 -16.09 13.94
CA SER F 289 -23.49 -15.29 12.95
C SER F 289 -24.07 -16.16 11.84
N VAL F 290 -25.36 -15.99 11.60
CA VAL F 290 -26.09 -16.62 10.50
C VAL F 290 -27.19 -15.63 10.14
N PRO F 291 -27.77 -15.75 8.94
CA PRO F 291 -28.83 -14.82 8.51
C PRO F 291 -30.05 -14.85 9.44
N CYS F 292 -30.22 -13.80 10.23
CA CYS F 292 -31.29 -13.72 11.22
C CYS F 292 -32.39 -12.77 10.81
N VAL F 293 -33.65 -13.20 10.94
CA VAL F 293 -34.77 -12.28 10.79
C VAL F 293 -34.88 -11.42 12.06
N LEU F 294 -34.72 -10.11 11.90
CA LEU F 294 -34.61 -9.20 13.03
C LEU F 294 -35.84 -8.27 13.13
N GLY F 295 -36.40 -8.18 14.33
CA GLY F 295 -37.63 -7.43 14.49
C GLY F 295 -37.83 -6.97 15.91
N GLN F 296 -39.06 -6.60 16.26
CA GLN F 296 -39.32 -6.00 17.55
C GLN F 296 -39.15 -7.00 18.69
N ASN F 297 -39.11 -8.29 18.38
CA ASN F 297 -38.83 -9.32 19.39
C ASN F 297 -37.40 -9.86 19.29
N GLY F 298 -36.53 -9.09 18.65
CA GLY F 298 -35.18 -9.56 18.40
C GLY F 298 -35.18 -10.60 17.30
N ILE F 299 -34.38 -11.64 17.47
CA ILE F 299 -34.25 -12.67 16.46
C ILE F 299 -35.37 -13.69 16.62
N SER F 300 -36.24 -13.75 15.61
CA SER F 300 -37.41 -14.63 15.63
C SER F 300 -37.21 -15.82 14.69
N ASP F 301 -36.41 -15.60 13.65
CA ASP F 301 -36.17 -16.66 12.68
C ASP F 301 -34.73 -16.65 12.18
N VAL F 302 -34.24 -17.81 11.74
CA VAL F 302 -32.96 -17.89 11.06
C VAL F 302 -33.08 -18.56 9.70
N VAL F 303 -32.44 -17.96 8.71
CA VAL F 303 -32.34 -18.56 7.38
C VAL F 303 -31.37 -19.73 7.47
N LYS F 304 -31.77 -20.86 6.89
CA LYS F 304 -30.91 -22.02 6.88
C LYS F 304 -30.11 -22.04 5.59
N VAL F 305 -28.93 -21.45 5.66
CA VAL F 305 -28.01 -21.43 4.53
C VAL F 305 -27.58 -22.86 4.20
N THR F 306 -27.57 -23.20 2.93
CA THR F 306 -27.05 -24.50 2.51
C THR F 306 -25.54 -24.42 2.46
N LEU F 307 -24.88 -25.23 3.28
CA LEU F 307 -23.44 -25.16 3.41
C LEU F 307 -22.77 -26.32 2.69
N THR F 308 -21.46 -26.23 2.53
CA THR F 308 -20.67 -27.35 2.03
C THR F 308 -20.05 -28.10 3.20
N SER F 309 -19.36 -29.19 2.92
CA SER F 309 -18.78 -30.01 3.97
C SER F 309 -17.74 -29.20 4.72
N GLU F 310 -16.89 -28.50 3.97
CA GLU F 310 -15.84 -27.70 4.56
C GLU F 310 -16.46 -26.66 5.50
N GLU F 311 -17.51 -26.01 5.03
CA GLU F 311 -18.09 -24.89 5.74
C GLU F 311 -18.78 -25.31 7.03
N GLU F 312 -19.54 -26.40 6.98
CA GLU F 312 -20.14 -26.96 8.19
C GLU F 312 -19.04 -27.29 9.18
N ALA F 313 -17.94 -27.81 8.66
CA ALA F 313 -16.81 -28.23 9.47
C ALA F 313 -16.18 -27.04 10.18
N HIS F 314 -15.97 -25.95 9.44
CA HIS F 314 -15.41 -24.74 10.03
C HIS F 314 -16.26 -24.27 11.19
N LEU F 315 -17.57 -24.17 10.96
CA LEU F 315 -18.51 -23.71 11.97
C LEU F 315 -18.43 -24.56 13.23
N LYS F 316 -18.43 -25.89 13.08
CA LYS F 316 -18.37 -26.77 14.24
C LYS F 316 -17.07 -26.60 15.00
N LYS F 317 -15.96 -26.48 14.27
CA LYS F 317 -14.67 -26.25 14.92
C LYS F 317 -14.71 -24.93 15.68
N SER F 318 -15.51 -24.00 15.19
CA SER F 318 -15.66 -22.71 15.86
C SER F 318 -16.56 -22.78 17.09
N ALA F 319 -17.66 -23.51 17.01
CA ALA F 319 -18.48 -23.73 18.20
C ALA F 319 -17.60 -24.34 19.29
N ASP F 320 -16.80 -25.33 18.91
CA ASP F 320 -15.90 -26.02 19.85
C ASP F 320 -14.93 -25.08 20.54
N THR F 321 -14.20 -24.31 19.74
CA THR F 321 -13.27 -23.33 20.30
C THR F 321 -13.97 -22.39 21.26
N LEU F 322 -15.09 -21.82 20.84
CA LEU F 322 -15.85 -20.89 21.68
C LEU F 322 -16.32 -21.54 22.97
N TRP F 323 -16.77 -22.79 22.88
CA TRP F 323 -17.22 -23.50 24.06
C TRP F 323 -16.06 -23.60 25.06
N GLY F 324 -14.89 -24.00 24.56
CA GLY F 324 -13.73 -24.12 25.41
C GLY F 324 -13.47 -22.86 26.22
N ILE F 325 -13.35 -21.73 25.52
CA ILE F 325 -13.08 -20.47 26.17
C ILE F 325 -14.13 -20.17 27.24
N GLN F 326 -15.38 -20.52 26.96
CA GLN F 326 -16.48 -20.18 27.85
C GLN F 326 -16.39 -20.94 29.17
N LYS F 327 -16.03 -22.21 29.11
CA LYS F 327 -15.87 -23.01 30.33
C LYS F 327 -14.77 -22.44 31.22
N GLU F 328 -13.91 -21.61 30.64
CA GLU F 328 -12.85 -20.97 31.40
C GLU F 328 -13.33 -19.76 32.20
N LEU F 329 -14.50 -19.24 31.83
CA LEU F 329 -14.98 -17.99 32.40
C LEU F 329 -15.60 -18.16 33.79
N GLN F 330 -15.42 -17.14 34.63
CA GLN F 330 -15.92 -17.19 35.99
C GLN F 330 -17.05 -16.19 36.18
N PHE F 331 -18.27 -16.69 36.32
CA PHE F 331 -19.43 -15.83 36.53
C PHE F 331 -19.65 -15.56 38.01
N ALA G 1 -39.23 53.19 1.84
CA ALA G 1 -38.74 51.88 1.31
C ALA G 1 -39.73 50.78 1.67
N ALA G 2 -39.94 49.87 0.73
CA ALA G 2 -40.85 48.74 0.95
C ALA G 2 -40.44 48.04 2.23
N LEU G 3 -41.39 47.37 2.87
CA LEU G 3 -41.07 46.59 4.05
C LEU G 3 -39.89 45.66 3.78
N LYS G 4 -39.95 44.96 2.65
CA LYS G 4 -38.93 43.97 2.31
C LYS G 4 -37.53 44.61 2.36
N ASP G 5 -37.43 45.85 1.90
CA ASP G 5 -36.13 46.51 1.79
C ASP G 5 -35.66 47.06 3.13
N GLN G 6 -36.60 47.49 3.97
CA GLN G 6 -36.27 47.80 5.36
C GLN G 6 -35.69 46.58 6.07
N LEU G 7 -36.22 45.41 5.74
CA LEU G 7 -35.92 44.19 6.47
C LEU G 7 -34.62 43.55 6.02
N ILE G 8 -34.43 43.48 4.71
CA ILE G 8 -33.35 42.71 4.12
C ILE G 8 -32.51 43.57 3.17
N HIS G 9 -31.19 43.57 3.37
CA HIS G 9 -30.28 44.23 2.45
C HIS G 9 -29.72 43.23 1.44
N ASN G 10 -29.84 43.55 0.15
CA ASN G 10 -29.36 42.66 -0.91
C ASN G 10 -27.90 42.90 -1.23
N LEU G 11 -27.08 41.85 -1.14
CA LEU G 11 -25.66 41.97 -1.41
C LEU G 11 -25.27 41.33 -2.75
N LEU G 12 -26.19 40.55 -3.34
CA LEU G 12 -25.88 39.80 -4.55
C LEU G 12 -27.00 39.93 -5.59
N LYS G 13 -26.62 39.88 -6.86
CA LYS G 13 -27.59 39.99 -7.94
C LYS G 13 -28.19 38.64 -8.35
N GLU G 14 -29.51 38.64 -8.57
CA GLU G 14 -30.25 37.45 -9.01
C GLU G 14 -29.46 36.53 -9.94
N GLU G 15 -29.64 35.22 -9.76
CA GLU G 15 -28.94 34.22 -10.57
C GLU G 15 -29.53 32.82 -10.40
N HIS G 16 -30.79 32.63 -10.76
CA HIS G 16 -31.37 31.31 -10.60
C HIS G 16 -31.05 30.39 -11.77
N VAL G 17 -30.06 29.53 -11.56
CA VAL G 17 -29.83 28.38 -12.42
C VAL G 17 -29.87 27.13 -11.57
N PRO G 18 -30.92 26.31 -11.73
CA PRO G 18 -31.12 25.11 -10.90
C PRO G 18 -30.01 24.09 -11.10
N GLN G 19 -29.74 23.32 -10.05
CA GLN G 19 -28.60 22.42 -10.05
C GLN G 19 -29.03 20.97 -9.98
N ASN G 20 -30.26 20.75 -9.50
CA ASN G 20 -30.81 19.40 -9.40
C ASN G 20 -32.28 19.39 -9.73
N LYS G 21 -32.63 20.17 -10.74
CA LYS G 21 -34.01 20.29 -11.18
C LYS G 21 -34.49 18.94 -11.71
N ILE G 22 -35.68 18.55 -11.29
CA ILE G 22 -36.40 17.46 -11.96
C ILE G 22 -37.73 17.94 -12.53
N THR G 23 -38.07 17.44 -13.72
CA THR G 23 -39.33 17.76 -14.37
C THR G 23 -40.21 16.53 -14.51
N VAL G 24 -41.50 16.70 -14.20
CA VAL G 24 -42.48 15.66 -14.43
C VAL G 24 -43.50 16.13 -15.46
N VAL G 25 -43.62 15.36 -16.54
CA VAL G 25 -44.62 15.62 -17.56
C VAL G 25 -45.90 14.83 -17.28
N GLY G 26 -47.01 15.56 -17.15
CA GLY G 26 -48.27 14.93 -16.83
C GLY G 26 -48.53 14.96 -15.33
N VAL G 27 -49.65 15.54 -14.96
CA VAL G 27 -49.96 15.70 -13.56
C VAL G 27 -51.15 14.84 -13.19
N GLY G 28 -51.27 13.71 -13.90
CA GLY G 28 -52.24 12.71 -13.52
C GLY G 28 -51.90 12.05 -12.20
N ALA G 29 -52.68 11.04 -11.84
CA ALA G 29 -52.45 10.28 -10.61
C ALA G 29 -51.00 9.75 -10.53
N VAL G 30 -50.47 9.33 -11.68
CA VAL G 30 -49.10 8.79 -11.73
C VAL G 30 -48.02 9.87 -11.62
N GLY G 31 -48.08 10.87 -12.50
CA GLY G 31 -47.13 11.95 -12.40
C GLY G 31 -47.13 12.64 -11.05
N MET G 32 -48.31 12.83 -10.47
CA MET G 32 -48.38 13.48 -9.16
C MET G 32 -47.85 12.58 -8.04
N ALA G 33 -48.06 11.28 -8.18
CA ALA G 33 -47.53 10.32 -7.21
C ALA G 33 -46.00 10.31 -7.27
N CYS G 34 -45.47 10.49 -8.48
CA CYS G 34 -44.04 10.68 -8.62
C CYS G 34 -43.62 12.01 -7.98
N ALA G 35 -44.40 13.07 -8.14
CA ALA G 35 -43.97 14.37 -7.62
C ALA G 35 -43.78 14.33 -6.11
N ILE G 36 -44.79 13.81 -5.41
CA ILE G 36 -44.78 13.85 -3.96
C ILE G 36 -43.75 12.91 -3.38
N SER G 37 -43.54 11.76 -4.01
CA SER G 37 -42.49 10.84 -3.57
C SER G 37 -41.11 11.45 -3.78
N ILE G 38 -40.92 12.09 -4.93
CA ILE G 38 -39.69 12.79 -5.24
C ILE G 38 -39.42 13.96 -4.30
N LEU G 39 -40.49 14.66 -3.90
CA LEU G 39 -40.32 15.83 -3.03
C LEU G 39 -39.99 15.41 -1.60
N MET G 40 -40.61 14.33 -1.14
CA MET G 40 -40.37 13.89 0.23
C MET G 40 -39.06 13.11 0.36
N LYS G 41 -38.43 12.80 -0.78
CA LYS G 41 -37.11 12.17 -0.77
C LYS G 41 -35.99 13.20 -0.94
N ASP G 42 -36.37 14.48 -1.01
CA ASP G 42 -35.41 15.58 -1.15
C ASP G 42 -34.44 15.39 -2.33
N LEU G 43 -34.91 14.85 -3.44
CA LEU G 43 -34.03 14.56 -4.58
C LEU G 43 -33.77 15.77 -5.47
N ALA G 44 -34.67 16.76 -5.40
CA ALA G 44 -34.56 17.95 -6.25
C ALA G 44 -34.45 19.26 -5.46
N ASP G 45 -33.79 20.25 -6.04
CA ASP G 45 -33.87 21.62 -5.52
C ASP G 45 -34.88 22.43 -6.33
N GLU G 46 -35.37 21.85 -7.42
CA GLU G 46 -36.45 22.45 -8.17
C GLU G 46 -37.30 21.41 -8.90
N LEU G 47 -38.61 21.50 -8.76
CA LEU G 47 -39.55 20.64 -9.48
C LEU G 47 -40.39 21.42 -10.48
N ALA G 48 -40.35 21.01 -11.75
CA ALA G 48 -41.25 21.55 -12.76
C ALA G 48 -42.38 20.57 -13.07
N LEU G 49 -43.57 21.10 -13.32
CA LEU G 49 -44.72 20.32 -13.79
C LEU G 49 -45.21 20.85 -15.15
N VAL G 50 -45.36 19.95 -16.13
CA VAL G 50 -45.92 20.31 -17.42
C VAL G 50 -47.08 19.40 -17.79
N ASP G 51 -48.12 19.98 -18.36
CA ASP G 51 -49.26 19.21 -18.86
C ASP G 51 -49.92 20.11 -19.92
N VAL G 52 -51.05 19.65 -20.46
CA VAL G 52 -51.87 20.53 -21.30
C VAL G 52 -53.10 21.07 -20.55
N MET G 53 -53.50 20.37 -19.48
CA MET G 53 -54.63 20.79 -18.66
C MET G 53 -54.24 21.89 -17.67
N GLU G 54 -54.53 23.13 -18.03
CA GLU G 54 -53.91 24.28 -17.37
C GLU G 54 -54.45 24.62 -15.99
N ASP G 55 -55.74 24.41 -15.75
CA ASP G 55 -56.28 24.55 -14.41
C ASP G 55 -55.73 23.47 -13.48
N LYS G 56 -55.77 22.23 -13.95
CA LYS G 56 -55.25 21.10 -13.19
C LYS G 56 -53.77 21.28 -12.86
N LEU G 57 -52.98 21.62 -13.87
CA LEU G 57 -51.54 21.78 -13.70
C LEU G 57 -51.26 22.85 -12.64
N LYS G 58 -51.92 24.00 -12.78
CA LYS G 58 -51.79 25.10 -11.84
C LYS G 58 -52.24 24.72 -10.41
N GLY G 59 -53.28 23.90 -10.33
CA GLY G 59 -53.80 23.54 -9.02
C GLY G 59 -52.83 22.66 -8.27
N GLU G 60 -52.28 21.65 -8.94
CA GLU G 60 -51.27 20.77 -8.36
C GLU G 60 -50.05 21.57 -7.92
N MET G 61 -49.68 22.57 -8.72
CA MET G 61 -48.55 23.40 -8.39
C MET G 61 -48.82 24.17 -7.08
N MET G 62 -49.94 24.88 -7.04
CA MET G 62 -50.28 25.68 -5.85
C MET G 62 -50.38 24.79 -4.61
N ASP G 63 -50.92 23.58 -4.77
CA ASP G 63 -51.11 22.68 -3.63
C ASP G 63 -49.77 22.21 -3.07
N LEU G 64 -48.86 21.83 -3.96
CA LEU G 64 -47.52 21.41 -3.53
C LEU G 64 -46.78 22.55 -2.85
N GLN G 65 -46.87 23.74 -3.43
CA GLN G 65 -46.19 24.91 -2.87
C GLN G 65 -46.60 25.14 -1.42
N HIS G 66 -47.89 24.98 -1.13
CA HIS G 66 -48.43 25.31 0.18
C HIS G 66 -47.81 24.42 1.23
N GLY G 67 -47.23 23.32 0.74
CA GLY G 67 -46.50 22.42 1.63
C GLY G 67 -45.03 22.77 1.79
N SER G 68 -44.58 23.90 1.25
CA SER G 68 -43.15 24.19 1.23
C SER G 68 -42.53 24.11 2.62
N LEU G 69 -43.24 24.64 3.60
CA LEU G 69 -42.78 24.67 4.98
C LEU G 69 -42.29 23.30 5.43
N PHE G 70 -42.93 22.26 4.93
CA PHE G 70 -42.63 20.89 5.34
C PHE G 70 -41.70 20.18 4.33
N LEU G 71 -41.25 20.90 3.31
CA LEU G 71 -40.41 20.29 2.29
C LEU G 71 -39.00 20.91 2.33
N ARG G 72 -38.09 20.34 1.55
CA ARG G 72 -36.76 20.91 1.38
C ARG G 72 -36.44 21.02 -0.13
N THR G 73 -37.45 21.33 -0.92
CA THR G 73 -37.29 21.64 -2.33
C THR G 73 -37.80 23.05 -2.56
N PRO G 74 -36.90 24.03 -2.62
CA PRO G 74 -37.30 25.44 -2.53
C PRO G 74 -38.16 25.97 -3.69
N LYS G 75 -38.04 25.37 -4.86
CA LYS G 75 -38.76 25.90 -6.02
C LYS G 75 -39.62 24.87 -6.74
N ILE G 76 -40.91 25.14 -6.84
CA ILE G 76 -41.82 24.29 -7.60
C ILE G 76 -42.50 25.14 -8.68
N VAL G 77 -42.34 24.77 -9.95
CA VAL G 77 -42.94 25.54 -11.04
C VAL G 77 -43.75 24.66 -11.99
N SER G 78 -44.69 25.28 -12.71
CA SER G 78 -45.46 24.58 -13.73
C SER G 78 -45.85 25.52 -14.84
N GLY G 79 -46.25 24.96 -15.97
CA GLY G 79 -46.78 25.74 -17.06
C GLY G 79 -46.96 24.82 -18.25
N LYS G 80 -47.78 25.21 -19.21
CA LYS G 80 -47.92 24.43 -20.43
C LYS G 80 -46.73 24.67 -21.35
N ASP G 81 -46.04 25.80 -21.15
CA ASP G 81 -44.89 26.14 -21.96
C ASP G 81 -43.60 25.48 -21.46
N TYR G 82 -42.85 24.84 -22.35
CA TYR G 82 -41.75 24.00 -21.90
C TYR G 82 -40.53 24.75 -21.38
N SER G 83 -40.54 26.07 -21.50
CA SER G 83 -39.47 26.88 -20.92
C SER G 83 -39.40 26.64 -19.41
N VAL G 84 -40.49 26.19 -18.82
CA VAL G 84 -40.54 25.92 -17.38
C VAL G 84 -39.71 24.70 -16.99
N THR G 85 -39.41 23.83 -17.96
CA THR G 85 -38.61 22.63 -17.72
C THR G 85 -37.12 22.87 -17.92
N ALA G 86 -36.76 24.11 -18.24
CA ALA G 86 -35.37 24.41 -18.62
C ALA G 86 -34.36 23.92 -17.59
N ASN G 87 -33.36 23.19 -18.08
CA ASN G 87 -32.15 22.87 -17.33
C ASN G 87 -32.35 21.71 -16.36
N SER G 88 -33.27 20.82 -16.69
CA SER G 88 -33.52 19.68 -15.84
C SER G 88 -32.45 18.60 -16.01
N LYS G 89 -32.05 18.01 -14.88
CA LYS G 89 -31.14 16.86 -14.90
C LYS G 89 -31.92 15.64 -15.36
N LEU G 90 -33.20 15.62 -15.00
CA LEU G 90 -34.06 14.46 -15.21
C LEU G 90 -35.47 14.90 -15.62
N VAL G 91 -35.99 14.26 -16.67
CA VAL G 91 -37.33 14.54 -17.17
C VAL G 91 -38.16 13.26 -17.20
N ILE G 92 -39.19 13.22 -16.37
CA ILE G 92 -39.99 12.01 -16.20
C ILE G 92 -41.31 12.10 -16.96
N ILE G 93 -41.55 11.14 -17.86
CA ILE G 93 -42.71 11.22 -18.76
C ILE G 93 -43.84 10.33 -18.25
N THR G 94 -44.99 10.92 -17.97
CA THR G 94 -46.16 10.13 -17.61
C THR G 94 -47.33 10.43 -18.55
N ALA G 95 -47.04 11.11 -19.65
CA ALA G 95 -48.06 11.63 -20.55
C ALA G 95 -48.57 10.55 -21.48
N GLY G 96 -49.83 10.66 -21.89
CA GLY G 96 -50.32 9.82 -22.96
C GLY G 96 -51.82 9.74 -23.15
N ALA G 97 -52.21 9.00 -24.17
CA ALA G 97 -53.62 8.75 -24.48
C ALA G 97 -53.98 7.34 -24.05
N ARG G 98 -55.27 7.06 -24.00
CA ARG G 98 -55.76 5.75 -23.58
C ARG G 98 -56.64 5.10 -24.66
N GLN G 99 -57.42 4.09 -24.28
CA GLN G 99 -58.20 3.32 -25.24
C GLN G 99 -59.10 4.18 -26.13
N GLU G 103 -58.82 0.77 -30.13
CA GLU G 103 -58.21 0.47 -31.42
C GLU G 103 -56.82 -0.16 -31.24
N SER G 104 -56.37 -0.86 -32.27
CA SER G 104 -55.25 -1.80 -32.15
C SER G 104 -54.01 -1.19 -31.50
N ARG G 105 -53.14 -2.07 -31.02
CA ARG G 105 -51.84 -1.66 -30.52
C ARG G 105 -51.03 -1.00 -31.63
N LEU G 106 -51.66 -0.83 -32.80
CA LEU G 106 -50.99 -0.15 -33.91
C LEU G 106 -51.00 1.37 -33.76
N ASN G 107 -52.19 1.95 -33.70
CA ASN G 107 -52.30 3.40 -33.80
C ASN G 107 -52.85 4.11 -32.55
N LEU G 108 -53.21 3.34 -31.52
CA LEU G 108 -53.37 3.96 -30.21
C LEU G 108 -51.98 4.34 -29.71
N VAL G 109 -51.01 3.51 -30.07
CA VAL G 109 -49.62 3.82 -29.86
C VAL G 109 -49.21 4.98 -30.78
N GLN G 110 -49.76 5.01 -31.99
CA GLN G 110 -49.38 6.03 -32.95
C GLN G 110 -49.84 7.41 -32.49
N ARG G 111 -50.93 7.44 -31.75
CA ARG G 111 -51.40 8.66 -31.11
C ARG G 111 -50.49 9.04 -29.95
N ASN G 112 -50.19 8.06 -29.09
CA ASN G 112 -49.22 8.28 -28.03
C ASN G 112 -47.89 8.67 -28.63
N VAL G 113 -47.56 8.08 -29.77
CA VAL G 113 -46.36 8.46 -30.53
C VAL G 113 -46.43 9.93 -30.89
N ASN G 114 -47.62 10.38 -31.27
CA ASN G 114 -47.82 11.74 -31.76
C ASN G 114 -47.78 12.76 -30.63
N ILE G 115 -48.20 12.34 -29.44
CA ILE G 115 -48.03 13.16 -28.25
C ILE G 115 -46.55 13.31 -27.92
N PHE G 116 -45.78 12.25 -28.14
CA PHE G 116 -44.34 12.30 -27.91
C PHE G 116 -43.63 13.14 -28.97
N LYS G 117 -44.19 13.15 -30.18
CA LYS G 117 -43.65 13.98 -31.26
C LYS G 117 -43.76 15.44 -30.87
N PHE G 118 -44.68 15.76 -29.99
CA PHE G 118 -44.77 17.11 -29.48
C PHE G 118 -43.86 17.31 -28.28
N ILE G 119 -44.01 16.44 -27.28
CA ILE G 119 -43.40 16.70 -25.99
C ILE G 119 -41.89 16.56 -25.99
N ILE G 120 -41.41 15.40 -26.44
CA ILE G 120 -39.99 15.11 -26.40
C ILE G 120 -39.15 16.18 -27.10
N PRO G 121 -39.59 16.67 -28.27
CA PRO G 121 -38.77 17.74 -28.86
C PRO G 121 -38.74 19.00 -28.01
N ASN G 122 -39.87 19.33 -27.40
CA ASN G 122 -39.95 20.42 -26.43
C ASN G 122 -39.00 20.14 -25.27
N VAL G 123 -38.97 18.90 -24.82
CA VAL G 123 -38.14 18.52 -23.68
C VAL G 123 -36.67 18.73 -23.98
N VAL G 124 -36.19 18.14 -25.08
CA VAL G 124 -34.79 18.22 -25.45
C VAL G 124 -34.36 19.66 -25.70
N LYS G 125 -35.29 20.47 -26.18
CA LYS G 125 -35.03 21.88 -26.47
C LYS G 125 -34.56 22.60 -25.20
N TYR G 126 -35.29 22.40 -24.12
CA TYR G 126 -35.02 23.14 -22.90
C TYR G 126 -34.13 22.42 -21.92
N SER G 127 -33.95 21.11 -22.12
CA SER G 127 -33.01 20.33 -21.32
C SER G 127 -32.20 19.38 -22.20
N PRO G 128 -31.24 19.94 -22.96
CA PRO G 128 -30.40 19.27 -23.96
C PRO G 128 -29.54 18.16 -23.40
N HIS G 129 -29.23 18.23 -22.10
CA HIS G 129 -28.31 17.27 -21.49
C HIS G 129 -29.00 16.36 -20.47
N CYS G 130 -30.33 16.32 -20.49
CA CYS G 130 -31.08 15.64 -19.44
C CYS G 130 -31.13 14.13 -19.68
N LYS G 131 -31.56 13.40 -18.65
CA LYS G 131 -31.93 12.01 -18.80
C LYS G 131 -33.45 11.90 -18.91
N LEU G 132 -33.93 11.00 -19.74
CA LEU G 132 -35.37 10.74 -19.87
C LEU G 132 -35.75 9.45 -19.16
N LEU G 133 -36.76 9.52 -18.32
CA LEU G 133 -37.35 8.34 -17.69
C LEU G 133 -38.80 8.25 -18.11
N VAL G 134 -39.13 7.23 -18.89
CA VAL G 134 -40.46 7.10 -19.47
C VAL G 134 -41.27 6.13 -18.65
N VAL G 135 -42.53 6.46 -18.38
CA VAL G 135 -43.34 5.61 -17.53
C VAL G 135 -44.63 5.22 -18.23
N SER G 136 -45.01 5.99 -19.25
CA SER G 136 -46.29 5.79 -19.95
C SER G 136 -46.33 4.42 -20.62
N ASN G 137 -47.52 3.82 -20.67
CA ASN G 137 -47.71 2.50 -21.28
C ASN G 137 -48.25 2.66 -22.69
N PRO G 138 -47.78 1.82 -23.64
CA PRO G 138 -46.81 0.72 -23.43
C PRO G 138 -45.38 1.22 -23.27
N VAL G 139 -44.79 0.98 -22.10
CA VAL G 139 -43.58 1.70 -21.73
C VAL G 139 -42.33 1.32 -22.54
N ASP G 140 -42.22 0.06 -22.96
CA ASP G 140 -41.08 -0.36 -23.77
C ASP G 140 -41.11 0.24 -25.18
N ILE G 141 -42.31 0.22 -25.79
CA ILE G 141 -42.50 0.87 -27.07
C ILE G 141 -42.34 2.38 -26.91
N LEU G 142 -42.99 2.95 -25.89
CA LEU G 142 -42.98 4.40 -25.72
C LEU G 142 -41.58 4.93 -25.38
N THR G 143 -40.77 4.12 -24.72
CA THR G 143 -39.38 4.51 -24.43
C THR G 143 -38.55 4.43 -25.70
N TYR G 144 -38.84 3.44 -26.54
CA TYR G 144 -38.20 3.38 -27.84
C TYR G 144 -38.55 4.64 -28.60
N VAL G 145 -39.82 5.03 -28.52
CA VAL G 145 -40.29 6.19 -29.26
C VAL G 145 -39.59 7.44 -28.78
N ALA G 146 -39.51 7.61 -27.46
CA ALA G 146 -38.85 8.78 -26.90
C ALA G 146 -37.39 8.84 -27.37
N TRP G 147 -36.72 7.68 -27.37
CA TRP G 147 -35.33 7.62 -27.75
C TRP G 147 -35.05 8.08 -29.19
N LYS G 148 -35.82 7.56 -30.15
CA LYS G 148 -35.58 7.90 -31.55
C LYS G 148 -35.79 9.40 -31.80
N ILE G 149 -36.89 9.92 -31.28
CA ILE G 149 -37.25 11.33 -31.42
C ILE G 149 -36.24 12.25 -30.76
N SER G 150 -35.82 11.89 -29.55
CA SER G 150 -34.96 12.74 -28.73
C SER G 150 -33.58 12.98 -29.34
N GLY G 151 -33.04 11.97 -30.01
CA GLY G 151 -31.68 12.09 -30.53
C GLY G 151 -30.64 11.70 -29.50
N PHE G 152 -31.07 11.56 -28.25
CA PHE G 152 -30.17 11.15 -27.17
C PHE G 152 -29.49 9.80 -27.45
N PRO G 153 -28.23 9.65 -27.01
CA PRO G 153 -27.61 8.33 -26.93
C PRO G 153 -28.38 7.47 -25.94
N LYS G 154 -28.24 6.15 -26.06
CA LYS G 154 -29.11 5.20 -25.37
C LYS G 154 -28.97 5.19 -23.85
N ASN G 155 -27.81 5.56 -23.35
CA ASN G 155 -27.62 5.56 -21.91
C ASN G 155 -28.50 6.61 -21.23
N ARG G 156 -28.97 7.61 -21.99
CA ARG G 156 -29.71 8.73 -21.42
C ARG G 156 -31.23 8.63 -21.58
N VAL G 157 -31.72 7.50 -22.10
CA VAL G 157 -33.16 7.29 -22.22
C VAL G 157 -33.57 5.98 -21.54
N ILE G 158 -34.50 6.06 -20.60
CA ILE G 158 -34.72 4.96 -19.66
C ILE G 158 -36.22 4.67 -19.54
N GLY G 159 -36.58 3.39 -19.57
CA GLY G 159 -37.96 3.02 -19.31
C GLY G 159 -38.13 2.38 -17.95
N SER G 160 -39.19 2.76 -17.22
CA SER G 160 -39.42 2.19 -15.89
C SER G 160 -39.51 0.67 -15.95
N GLY G 161 -40.02 0.17 -17.07
CA GLY G 161 -39.99 -1.26 -17.31
C GLY G 161 -40.55 -2.13 -16.22
N CYS G 162 -39.79 -3.16 -15.84
CA CYS G 162 -40.24 -4.15 -14.88
C CYS G 162 -39.84 -3.81 -13.44
N ASN G 163 -39.43 -2.56 -13.24
CA ASN G 163 -39.00 -2.07 -11.93
C ASN G 163 -40.12 -2.26 -10.90
N LEU G 164 -41.32 -1.78 -11.20
CA LEU G 164 -42.41 -1.88 -10.24
C LEU G 164 -42.86 -3.33 -10.04
N ASP G 165 -42.93 -4.10 -11.11
CA ASP G 165 -43.38 -5.49 -11.00
C ASP G 165 -42.37 -6.38 -10.24
N SER G 166 -41.09 -6.03 -10.30
CA SER G 166 -40.10 -6.69 -9.46
C SER G 166 -40.36 -6.41 -7.99
N ALA G 167 -40.70 -5.17 -7.68
CA ALA G 167 -40.96 -4.78 -6.30
C ALA G 167 -42.21 -5.46 -5.75
N ARG G 168 -43.25 -5.51 -6.55
CA ARG G 168 -44.46 -6.23 -6.16
C ARG G 168 -44.13 -7.69 -5.93
N PHE G 169 -43.36 -8.25 -6.87
CA PHE G 169 -42.97 -9.62 -6.79
C PHE G 169 -42.21 -9.90 -5.49
N ARG G 170 -41.33 -8.97 -5.13
CA ARG G 170 -40.51 -9.12 -3.93
C ARG G 170 -41.36 -8.90 -2.67
N TYR G 171 -42.39 -8.07 -2.79
CA TYR G 171 -43.36 -7.94 -1.71
C TYR G 171 -44.14 -9.25 -1.59
N LEU G 172 -44.51 -9.83 -2.71
CA LEU G 172 -45.30 -11.05 -2.70
C LEU G 172 -44.47 -12.20 -2.18
N MET G 173 -43.18 -12.16 -2.46
CA MET G 173 -42.27 -13.17 -1.96
C MET G 173 -42.20 -13.03 -0.44
N GLY G 174 -42.00 -11.80 0.03
CA GLY G 174 -41.86 -11.57 1.46
C GLY G 174 -43.06 -12.04 2.28
N GLU G 175 -44.27 -11.86 1.75
CA GLU G 175 -45.46 -12.26 2.48
C GLU G 175 -45.53 -13.79 2.65
N ARG G 176 -45.16 -14.53 1.60
CA ARG G 176 -45.11 -15.98 1.71
C ARG G 176 -44.03 -16.45 2.67
N LEU G 177 -42.93 -15.69 2.78
CA LEU G 177 -41.76 -16.16 3.52
C LEU G 177 -41.67 -15.60 4.94
N GLY G 178 -42.43 -14.55 5.21
CA GLY G 178 -42.47 -14.01 6.56
C GLY G 178 -41.32 -13.05 6.81
N VAL G 179 -40.70 -12.55 5.75
CA VAL G 179 -39.65 -11.55 5.89
C VAL G 179 -39.91 -10.38 4.95
N HIS G 180 -39.30 -9.24 5.26
CA HIS G 180 -39.51 -8.00 4.54
C HIS G 180 -39.01 -8.13 3.09
N ALA G 181 -39.67 -7.41 2.18
CA ALA G 181 -39.30 -7.43 0.76
C ALA G 181 -37.83 -7.06 0.52
N LEU G 182 -37.29 -6.14 1.31
CA LEU G 182 -35.89 -5.77 1.17
C LEU G 182 -34.98 -7.01 1.16
N SER G 183 -35.35 -8.01 1.96
CA SER G 183 -34.48 -9.17 2.16
C SER G 183 -34.85 -10.33 1.25
N CYS G 184 -35.93 -10.17 0.48
CA CYS G 184 -36.32 -11.11 -0.55
C CYS G 184 -35.87 -10.61 -1.92
N HIS G 185 -35.15 -11.46 -2.66
CA HIS G 185 -34.56 -11.04 -3.92
C HIS G 185 -35.09 -11.86 -5.08
N GLY G 186 -35.45 -11.16 -6.16
CA GLY G 186 -36.13 -11.79 -7.27
C GLY G 186 -36.32 -10.80 -8.41
N TRP G 187 -36.20 -11.28 -9.64
CA TRP G 187 -36.16 -10.39 -10.77
C TRP G 187 -37.15 -10.73 -11.88
N ILE G 188 -37.92 -9.72 -12.28
CA ILE G 188 -38.82 -9.84 -13.41
C ILE G 188 -38.21 -9.05 -14.57
N LEU G 189 -37.90 -9.73 -15.67
CA LEU G 189 -37.21 -9.09 -16.79
C LEU G 189 -38.01 -9.11 -18.09
N GLY G 190 -37.37 -8.69 -19.17
CA GLY G 190 -37.99 -8.72 -20.48
C GLY G 190 -39.06 -7.66 -20.70
N GLU G 191 -40.06 -8.00 -21.50
CA GLU G 191 -41.13 -7.09 -21.92
C GLU G 191 -42.08 -6.80 -20.74
N HIS G 192 -42.43 -5.54 -20.54
CA HIS G 192 -43.29 -5.16 -19.42
C HIS G 192 -44.70 -5.70 -19.63
N GLY G 193 -45.27 -6.30 -18.60
CA GLY G 193 -46.62 -6.82 -18.72
C GLY G 193 -46.76 -8.33 -18.69
N ASP G 194 -47.75 -8.83 -19.41
CA ASP G 194 -48.10 -10.25 -19.41
C ASP G 194 -46.95 -11.18 -19.81
N SER G 195 -46.04 -10.69 -20.64
CA SER G 195 -44.99 -11.54 -21.19
C SER G 195 -43.64 -11.43 -20.48
N SER G 196 -43.63 -10.80 -19.32
CA SER G 196 -42.38 -10.59 -18.61
C SER G 196 -41.82 -11.89 -18.04
N VAL G 197 -40.52 -11.91 -17.77
CA VAL G 197 -39.83 -13.14 -17.41
C VAL G 197 -39.50 -13.20 -15.91
N PRO G 198 -40.22 -14.03 -15.15
CA PRO G 198 -39.83 -14.26 -13.77
C PRO G 198 -38.60 -15.18 -13.77
N VAL G 199 -37.45 -14.65 -13.36
CA VAL G 199 -36.22 -15.41 -13.40
C VAL G 199 -36.05 -16.25 -12.14
N TRP G 200 -36.58 -17.47 -12.18
CA TRP G 200 -36.70 -18.33 -11.01
C TRP G 200 -35.35 -18.65 -10.36
N SER G 201 -34.31 -18.69 -11.16
CA SER G 201 -32.99 -19.08 -10.69
C SER G 201 -32.38 -18.04 -9.77
N GLY G 202 -32.96 -16.83 -9.78
CA GLY G 202 -32.41 -15.73 -9.02
C GLY G 202 -33.10 -15.53 -7.69
N MET G 203 -34.29 -16.07 -7.54
CA MET G 203 -35.01 -15.87 -6.30
C MET G 203 -34.24 -16.51 -5.15
N ASN G 204 -33.95 -15.71 -4.12
CA ASN G 204 -33.17 -16.20 -3.00
C ASN G 204 -33.41 -15.34 -1.76
N VAL G 205 -33.02 -15.87 -0.61
CA VAL G 205 -32.91 -15.09 0.62
C VAL G 205 -31.55 -15.36 1.23
N ALA G 206 -30.84 -14.29 1.58
CA ALA G 206 -29.46 -14.38 2.06
C ALA G 206 -28.56 -15.26 1.15
N GLY G 207 -28.79 -15.20 -0.15
CA GLY G 207 -27.95 -15.95 -1.06
C GLY G 207 -28.28 -17.44 -1.10
N VAL G 208 -29.42 -17.81 -0.56
CA VAL G 208 -29.89 -19.19 -0.62
C VAL G 208 -30.90 -19.33 -1.75
N SER G 209 -30.53 -20.06 -2.79
CA SER G 209 -31.38 -20.17 -3.97
C SER G 209 -32.65 -20.99 -3.70
N LEU G 210 -33.81 -20.36 -3.90
CA LEU G 210 -35.07 -21.04 -3.69
C LEU G 210 -35.28 -22.15 -4.74
N LYS G 211 -34.87 -21.88 -5.97
CA LYS G 211 -34.99 -22.86 -7.03
C LYS G 211 -34.22 -24.14 -6.70
N THR G 212 -33.14 -24.02 -5.93
CA THR G 212 -32.33 -25.18 -5.60
C THR G 212 -32.83 -25.96 -4.38
N LEU G 213 -33.48 -25.27 -3.46
CA LEU G 213 -34.18 -25.95 -2.38
C LEU G 213 -35.40 -26.64 -2.96
N HIS G 214 -35.98 -26.03 -3.99
CA HIS G 214 -37.31 -26.40 -4.45
C HIS G 214 -37.35 -26.40 -5.98
N PRO G 215 -36.79 -27.45 -6.60
CA PRO G 215 -36.56 -27.49 -8.05
C PRO G 215 -37.85 -27.37 -8.87
N GLU G 216 -38.99 -27.56 -8.20
CA GLU G 216 -40.29 -27.39 -8.84
C GLU G 216 -40.61 -25.91 -9.04
N LEU G 217 -39.89 -25.05 -8.33
CA LEU G 217 -40.20 -23.62 -8.29
C LEU G 217 -40.56 -23.06 -9.65
N GLY G 218 -41.76 -22.49 -9.74
CA GLY G 218 -42.19 -21.84 -10.96
C GLY G 218 -42.66 -22.81 -12.04
N THR G 219 -43.04 -24.01 -11.64
CA THR G 219 -43.39 -25.05 -12.60
C THR G 219 -44.86 -25.44 -12.45
N ASP G 220 -45.40 -26.07 -13.50
CA ASP G 220 -46.75 -26.60 -13.43
C ASP G 220 -46.83 -27.71 -12.39
N ALA G 221 -45.69 -28.32 -12.11
CA ALA G 221 -45.63 -29.39 -11.12
C ALA G 221 -45.57 -28.84 -9.70
N ASP G 222 -45.44 -27.52 -9.57
CA ASP G 222 -45.20 -26.90 -8.27
C ASP G 222 -46.37 -27.10 -7.32
N LYS G 223 -46.11 -27.73 -6.18
CA LYS G 223 -47.16 -27.96 -5.19
C LYS G 223 -47.53 -26.64 -4.53
N GLU G 224 -46.63 -25.67 -4.62
CA GLU G 224 -46.82 -24.38 -3.96
C GLU G 224 -47.25 -23.32 -4.97
N GLN G 225 -47.31 -23.72 -6.24
CA GLN G 225 -47.76 -22.84 -7.32
C GLN G 225 -47.12 -21.46 -7.28
N TRP G 226 -45.80 -21.41 -7.14
CA TRP G 226 -45.10 -20.13 -7.17
C TRP G 226 -45.32 -19.43 -8.50
N LYS G 227 -45.54 -20.20 -9.56
CA LYS G 227 -45.81 -19.60 -10.85
C LYS G 227 -46.98 -18.64 -10.71
N GLN G 228 -47.89 -18.94 -9.79
CA GLN G 228 -49.03 -18.04 -9.58
C GLN G 228 -48.59 -16.70 -9.02
N VAL G 229 -47.44 -16.67 -8.34
CA VAL G 229 -46.89 -15.42 -7.83
C VAL G 229 -46.59 -14.48 -9.01
N HIS G 230 -45.90 -14.98 -10.02
CA HIS G 230 -45.64 -14.15 -11.19
C HIS G 230 -46.95 -13.69 -11.80
N LYS G 231 -47.93 -14.58 -11.84
CA LYS G 231 -49.22 -14.24 -12.45
C LYS G 231 -49.97 -13.15 -11.69
N GLN G 232 -49.80 -13.13 -10.37
CA GLN G 232 -50.49 -12.15 -9.54
C GLN G 232 -49.84 -10.78 -9.70
N VAL G 233 -48.52 -10.78 -9.87
CA VAL G 233 -47.80 -9.57 -10.25
C VAL G 233 -48.27 -9.07 -11.62
N VAL G 234 -48.30 -9.96 -12.60
CA VAL G 234 -48.79 -9.61 -13.91
C VAL G 234 -50.23 -9.08 -13.86
N ASP G 235 -51.03 -9.58 -12.92
CA ASP G 235 -52.40 -9.11 -12.77
C ASP G 235 -52.58 -7.95 -11.78
N SER G 236 -51.52 -7.59 -11.06
CA SER G 236 -51.65 -6.61 -9.99
C SER G 236 -52.26 -5.28 -10.44
N ALA G 237 -51.71 -4.70 -11.50
CA ALA G 237 -52.17 -3.41 -11.95
C ALA G 237 -53.68 -3.44 -12.18
N TYR G 238 -54.14 -4.44 -12.92
CA TYR G 238 -55.54 -4.53 -13.29
C TYR G 238 -56.44 -4.75 -12.07
N GLU G 239 -55.99 -5.53 -11.10
CA GLU G 239 -56.80 -5.79 -9.92
C GLU G 239 -56.99 -4.52 -9.11
N VAL G 240 -55.95 -3.71 -9.03
CA VAL G 240 -56.01 -2.47 -8.26
C VAL G 240 -56.84 -1.42 -9.00
N ILE G 241 -56.66 -1.35 -10.32
CA ILE G 241 -57.48 -0.47 -11.13
C ILE G 241 -58.96 -0.84 -10.98
N LYS G 242 -59.22 -2.13 -10.81
CA LYS G 242 -60.58 -2.61 -10.69
C LYS G 242 -61.20 -2.17 -9.36
N LEU G 243 -60.36 -2.01 -8.33
CA LEU G 243 -60.85 -1.62 -7.01
C LEU G 243 -60.89 -0.11 -6.80
N LYS G 244 -59.88 0.61 -7.29
CA LYS G 244 -59.79 2.05 -7.08
C LYS G 244 -59.74 2.89 -8.36
N GLY G 245 -59.60 2.23 -9.50
CA GLY G 245 -59.72 2.94 -10.76
C GLY G 245 -58.41 3.29 -11.44
N TYR G 246 -57.31 2.98 -10.78
CA TYR G 246 -55.98 3.29 -11.29
C TYR G 246 -54.98 2.89 -10.20
N THR G 247 -53.69 2.91 -10.53
CA THR G 247 -52.67 2.82 -9.49
C THR G 247 -51.82 4.09 -9.48
N THR G 248 -51.22 4.40 -8.33
CA THR G 248 -50.49 5.64 -8.12
C THR G 248 -49.30 5.56 -7.16
N TRP G 249 -49.58 5.12 -5.94
CA TRP G 249 -48.60 5.19 -4.86
C TRP G 249 -47.36 4.31 -5.08
N ALA G 250 -47.54 3.06 -5.50
CA ALA G 250 -46.40 2.16 -5.70
C ALA G 250 -45.60 2.53 -6.96
N ILE G 251 -46.31 2.85 -8.03
CA ILE G 251 -45.63 3.21 -9.26
C ILE G 251 -44.89 4.51 -8.99
N GLY G 252 -45.50 5.37 -8.17
CA GLY G 252 -44.84 6.60 -7.75
C GLY G 252 -43.58 6.35 -6.93
N LEU G 253 -43.66 5.44 -5.97
CA LEU G 253 -42.53 5.18 -5.09
C LEU G 253 -41.41 4.50 -5.84
N SER G 254 -41.76 3.72 -6.86
CA SER G 254 -40.73 3.02 -7.62
C SER G 254 -39.95 3.99 -8.53
N VAL G 255 -40.62 4.99 -9.10
CA VAL G 255 -39.94 5.99 -9.91
C VAL G 255 -39.00 6.90 -9.10
N ALA G 256 -39.42 7.22 -7.88
CA ALA G 256 -38.59 8.03 -7.00
C ALA G 256 -37.30 7.29 -6.70
N ASP G 257 -37.40 5.98 -6.62
CA ASP G 257 -36.23 5.16 -6.36
C ASP G 257 -35.25 5.23 -7.53
N LEU G 258 -35.76 5.24 -8.75
CA LEU G 258 -34.88 5.35 -9.90
C LEU G 258 -34.23 6.73 -9.93
N ALA G 259 -35.06 7.76 -9.73
CA ALA G 259 -34.57 9.13 -9.64
C ALA G 259 -33.46 9.26 -8.60
N GLU G 260 -33.57 8.54 -7.48
CA GLU G 260 -32.57 8.65 -6.44
C GLU G 260 -31.21 8.16 -6.94
N SER G 261 -31.20 6.96 -7.50
CA SER G 261 -29.96 6.44 -8.08
C SER G 261 -29.41 7.41 -9.12
N ILE G 262 -30.28 8.02 -9.92
CA ILE G 262 -29.83 8.93 -10.95
C ILE G 262 -29.23 10.23 -10.37
N MET G 263 -29.95 10.90 -9.48
CA MET G 263 -29.47 12.18 -8.95
C MET G 263 -28.27 12.03 -7.99
N LYS G 264 -28.15 10.87 -7.35
CA LYS G 264 -27.07 10.63 -6.41
C LYS G 264 -25.94 9.78 -7.02
N ASN G 265 -26.08 9.47 -8.30
CA ASN G 265 -25.13 8.62 -9.02
C ASN G 265 -24.77 7.39 -8.17
N LEU G 266 -25.79 6.64 -7.76
CA LEU G 266 -25.56 5.55 -6.81
C LEU G 266 -25.01 4.30 -7.49
N ARG G 267 -25.34 4.14 -8.76
CA ARG G 267 -24.90 2.95 -9.50
C ARG G 267 -25.47 1.67 -8.87
N ARG G 268 -26.70 1.75 -8.38
CA ARG G 268 -27.44 0.58 -7.96
C ARG G 268 -27.91 -0.18 -9.19
N VAL G 269 -28.26 -1.45 -9.02
CA VAL G 269 -28.76 -2.27 -10.11
C VAL G 269 -30.30 -2.39 -10.06
N HIS G 270 -30.97 -1.96 -11.13
CA HIS G 270 -32.43 -1.99 -11.23
C HIS G 270 -32.92 -2.75 -12.45
N PRO G 271 -34.02 -3.49 -12.29
CA PRO G 271 -34.69 -4.07 -13.45
C PRO G 271 -35.48 -3.01 -14.24
N ILE G 272 -34.80 -2.34 -15.18
CA ILE G 272 -35.41 -1.28 -15.96
C ILE G 272 -35.19 -1.49 -17.44
N SER G 273 -35.89 -0.71 -18.27
CA SER G 273 -35.91 -0.97 -19.70
C SER G 273 -34.88 -0.15 -20.43
N THR G 274 -33.99 -0.82 -21.14
CA THR G 274 -32.86 -0.16 -21.79
C THR G 274 -32.76 -0.68 -23.23
N MET G 275 -32.12 0.10 -24.11
CA MET G 275 -31.99 -0.26 -25.53
C MET G 275 -30.93 -1.36 -25.65
N LEU G 276 -31.35 -2.60 -25.84
CA LEU G 276 -30.39 -3.69 -25.66
C LEU G 276 -29.97 -4.41 -26.91
N LYS G 277 -29.95 -3.70 -28.03
CA LYS G 277 -29.43 -4.26 -29.26
C LYS G 277 -27.98 -4.68 -29.02
N GLY G 278 -27.62 -5.90 -29.41
CA GLY G 278 -26.25 -6.33 -29.28
C GLY G 278 -25.97 -7.18 -28.06
N LEU G 279 -26.95 -7.30 -27.17
CA LEU G 279 -26.79 -8.16 -25.99
C LEU G 279 -27.97 -9.10 -25.89
N TYR G 280 -27.84 -10.14 -25.06
CA TYR G 280 -28.93 -11.09 -24.89
C TYR G 280 -29.37 -11.66 -26.24
N GLY G 281 -28.50 -11.51 -27.23
CA GLY G 281 -28.76 -12.10 -28.53
C GLY G 281 -29.76 -11.34 -29.36
N ILE G 282 -30.18 -10.17 -28.88
CA ILE G 282 -31.15 -9.35 -29.61
C ILE G 282 -30.47 -8.52 -30.70
N LYS G 283 -31.08 -8.50 -31.88
CA LYS G 283 -30.47 -7.93 -33.08
C LYS G 283 -31.22 -6.70 -33.54
N GLU G 284 -32.25 -6.32 -32.79
CA GLU G 284 -33.12 -5.23 -33.21
C GLU G 284 -33.04 -4.06 -32.24
N ASP G 285 -33.45 -2.88 -32.69
CA ASP G 285 -33.57 -1.72 -31.82
C ASP G 285 -34.82 -1.81 -30.94
N VAL G 286 -34.73 -2.51 -29.81
CA VAL G 286 -35.84 -2.53 -28.88
C VAL G 286 -35.41 -2.28 -27.44
N PHE G 287 -36.40 -2.05 -26.59
CA PHE G 287 -36.16 -1.86 -25.16
C PHE G 287 -36.76 -2.98 -24.35
N LEU G 288 -35.93 -3.56 -23.49
CA LEU G 288 -36.34 -4.65 -22.62
C LEU G 288 -35.71 -4.46 -21.24
N SER G 289 -36.44 -4.85 -20.21
CA SER G 289 -35.93 -4.74 -18.85
C SER G 289 -34.83 -5.77 -18.60
N VAL G 290 -33.63 -5.28 -18.35
CA VAL G 290 -32.59 -6.12 -17.83
C VAL G 290 -32.02 -5.44 -16.58
N PRO G 291 -31.17 -6.15 -15.81
CA PRO G 291 -30.62 -5.49 -14.62
C PRO G 291 -29.59 -4.43 -15.04
N CYS G 292 -29.87 -3.16 -14.71
CA CYS G 292 -29.06 -2.06 -15.22
C CYS G 292 -28.35 -1.29 -14.11
N VAL G 293 -27.08 -0.96 -14.33
CA VAL G 293 -26.40 -0.08 -13.41
C VAL G 293 -26.78 1.35 -13.76
N LEU G 294 -27.27 2.08 -12.76
CA LEU G 294 -28.00 3.33 -12.99
C LEU G 294 -27.36 4.45 -12.17
N GLY G 295 -27.08 5.58 -12.82
CA GLY G 295 -26.35 6.64 -12.16
C GLY G 295 -26.49 7.93 -12.92
N GLN G 296 -25.59 8.89 -12.67
CA GLN G 296 -25.76 10.25 -13.18
C GLN G 296 -25.72 10.33 -14.71
N ASN G 297 -25.31 9.24 -15.35
CA ASN G 297 -25.29 9.18 -16.80
C ASN G 297 -26.30 8.14 -17.27
N GLY G 298 -27.26 7.85 -16.41
CA GLY G 298 -28.31 6.92 -16.77
C GLY G 298 -27.78 5.50 -16.73
N ILE G 299 -28.06 4.74 -17.78
CA ILE G 299 -27.69 3.33 -17.82
C ILE G 299 -26.32 3.15 -18.48
N SER G 300 -25.31 2.82 -17.67
CA SER G 300 -23.92 2.79 -18.12
C SER G 300 -23.41 1.36 -18.32
N ASP G 301 -24.14 0.41 -17.73
CA ASP G 301 -23.72 -0.97 -17.71
C ASP G 301 -24.99 -1.81 -17.60
N VAL G 302 -24.95 -3.03 -18.14
CA VAL G 302 -25.99 -4.00 -17.83
C VAL G 302 -25.38 -5.32 -17.34
N VAL G 303 -26.04 -5.97 -16.38
CA VAL G 303 -25.66 -7.31 -15.96
C VAL G 303 -26.09 -8.33 -17.00
N LYS G 304 -25.21 -9.26 -17.32
CA LYS G 304 -25.55 -10.35 -18.23
C LYS G 304 -26.08 -11.51 -17.42
N VAL G 305 -27.39 -11.72 -17.49
CA VAL G 305 -28.03 -12.74 -16.68
C VAL G 305 -27.89 -14.08 -17.36
N THR G 306 -27.55 -15.09 -16.57
CA THR G 306 -27.46 -16.46 -17.07
C THR G 306 -28.86 -17.00 -17.21
N LEU G 307 -29.33 -17.10 -18.44
CA LEU G 307 -30.70 -17.52 -18.71
C LEU G 307 -30.73 -18.93 -19.24
N THR G 308 -31.84 -19.63 -19.00
CA THR G 308 -32.08 -20.92 -19.65
C THR G 308 -32.47 -20.64 -21.10
N SER G 309 -32.29 -21.63 -21.96
CA SER G 309 -32.59 -21.46 -23.38
C SER G 309 -34.07 -21.17 -23.59
N GLU G 310 -34.90 -21.64 -22.68
CA GLU G 310 -36.32 -21.26 -22.71
C GLU G 310 -36.49 -19.77 -22.37
N GLU G 311 -35.78 -19.31 -21.35
CA GLU G 311 -35.82 -17.89 -20.99
C GLU G 311 -35.25 -17.04 -22.11
N GLU G 312 -34.07 -17.43 -22.58
CA GLU G 312 -33.38 -16.76 -23.68
C GLU G 312 -34.28 -16.60 -24.90
N ALA G 313 -35.07 -17.63 -25.19
CA ALA G 313 -35.95 -17.60 -26.35
C ALA G 313 -37.18 -16.72 -26.11
N HIS G 314 -37.58 -16.58 -24.84
CA HIS G 314 -38.65 -15.65 -24.49
C HIS G 314 -38.30 -14.21 -24.83
N LEU G 315 -37.07 -13.81 -24.50
CA LEU G 315 -36.64 -12.43 -24.70
C LEU G 315 -36.59 -12.10 -26.18
N LYS G 316 -35.98 -12.98 -26.96
CA LYS G 316 -35.94 -12.83 -28.41
C LYS G 316 -37.34 -12.67 -29.00
N LYS G 317 -38.29 -13.50 -28.57
CA LYS G 317 -39.67 -13.33 -29.00
C LYS G 317 -40.18 -11.93 -28.64
N SER G 318 -39.87 -11.47 -27.43
CA SER G 318 -40.34 -10.15 -27.03
C SER G 318 -39.73 -9.09 -27.93
N ALA G 319 -38.42 -9.17 -28.13
CA ALA G 319 -37.72 -8.27 -29.04
C ALA G 319 -38.43 -8.25 -30.40
N ASP G 320 -38.80 -9.44 -30.90
CA ASP G 320 -39.48 -9.57 -32.18
C ASP G 320 -40.90 -9.01 -32.15
N THR G 321 -41.56 -9.12 -31.00
CA THR G 321 -42.91 -8.60 -30.85
C THR G 321 -42.88 -7.09 -30.78
N LEU G 322 -41.93 -6.56 -30.01
CA LEU G 322 -41.72 -5.13 -29.86
C LEU G 322 -41.41 -4.51 -31.23
N TRP G 323 -40.43 -5.08 -31.94
CA TRP G 323 -40.01 -4.55 -33.23
C TRP G 323 -41.19 -4.54 -34.19
N GLY G 324 -41.99 -5.61 -34.14
CA GLY G 324 -43.16 -5.73 -35.00
C GLY G 324 -44.11 -4.56 -34.86
N ILE G 325 -44.46 -4.22 -33.62
CA ILE G 325 -45.31 -3.07 -33.35
C ILE G 325 -44.60 -1.78 -33.74
N GLN G 326 -43.28 -1.74 -33.56
CA GLN G 326 -42.52 -0.53 -33.83
C GLN G 326 -42.43 -0.20 -35.32
N LYS G 327 -42.27 -1.21 -36.15
CA LYS G 327 -42.22 -1.02 -37.61
C LYS G 327 -43.43 -0.25 -38.15
N GLU G 328 -44.58 -0.39 -37.50
CA GLU G 328 -45.81 0.17 -38.04
C GLU G 328 -46.23 1.50 -37.42
N LEU G 329 -45.33 2.13 -36.68
CA LEU G 329 -45.56 3.50 -36.20
C LEU G 329 -44.91 4.47 -37.18
N GLN G 330 -45.42 5.70 -37.24
CA GLN G 330 -44.85 6.72 -38.12
C GLN G 330 -44.35 7.91 -37.32
N PHE G 331 -43.09 8.30 -37.55
CA PHE G 331 -42.48 9.39 -36.81
C PHE G 331 -42.43 10.67 -37.64
N ALA H 1 -13.54 -12.37 -20.25
CA ALA H 1 -12.91 -13.54 -19.58
C ALA H 1 -12.96 -13.35 -18.06
N ALA H 2 -12.46 -12.22 -17.57
CA ALA H 2 -12.55 -11.87 -16.15
C ALA H 2 -14.00 -11.98 -15.65
N LEU H 3 -14.16 -12.28 -14.37
CA LEU H 3 -15.49 -12.43 -13.79
C LEU H 3 -16.31 -11.17 -14.05
N LYS H 4 -15.73 -10.01 -13.75
CA LYS H 4 -16.43 -8.75 -13.94
C LYS H 4 -17.01 -8.63 -15.34
N ASP H 5 -16.24 -9.04 -16.33
CA ASP H 5 -16.63 -8.91 -17.73
C ASP H 5 -17.65 -9.96 -18.15
N GLN H 6 -17.59 -11.14 -17.54
CA GLN H 6 -18.63 -12.15 -17.71
C GLN H 6 -19.96 -11.61 -17.17
N LEU H 7 -19.89 -10.98 -15.99
CA LEU H 7 -21.08 -10.56 -15.26
C LEU H 7 -21.70 -9.29 -15.85
N ILE H 8 -20.84 -8.33 -16.19
CA ILE H 8 -21.31 -7.01 -16.57
C ILE H 8 -20.83 -6.62 -17.96
N HIS H 9 -21.75 -6.11 -18.78
CA HIS H 9 -21.37 -5.52 -20.05
C HIS H 9 -21.34 -4.00 -19.97
N ASN H 10 -20.15 -3.43 -20.19
CA ASN H 10 -20.00 -1.99 -20.20
C ASN H 10 -20.63 -1.37 -21.45
N LEU H 11 -21.73 -0.64 -21.25
CA LEU H 11 -22.46 0.00 -22.35
C LEU H 11 -22.03 1.44 -22.56
N LEU H 12 -21.83 2.16 -21.46
CA LEU H 12 -21.37 3.53 -21.56
C LEU H 12 -19.86 3.50 -21.61
N LYS H 13 -19.25 4.51 -21.01
CA LYS H 13 -17.88 4.89 -21.35
C LYS H 13 -17.67 6.35 -21.00
N GLU H 14 -18.02 6.74 -19.78
CA GLU H 14 -17.91 8.15 -19.41
C GLU H 14 -16.99 8.36 -18.21
N GLU H 15 -16.86 9.61 -17.79
CA GLU H 15 -15.95 9.95 -16.72
C GLU H 15 -16.49 11.07 -15.83
N HIS H 16 -16.76 10.75 -14.56
CA HIS H 16 -15.83 11.13 -13.50
C HIS H 16 -16.28 12.40 -12.76
N VAL H 17 -17.27 13.10 -13.30
CA VAL H 17 -17.55 14.47 -12.85
C VAL H 17 -18.69 14.60 -11.84
N PRO H 18 -18.34 14.70 -10.55
CA PRO H 18 -19.30 14.73 -9.45
C PRO H 18 -20.10 16.03 -9.48
N GLN H 19 -21.36 15.94 -9.10
CA GLN H 19 -22.31 17.02 -9.34
C GLN H 19 -22.54 17.82 -8.08
N ASN H 20 -22.40 17.15 -6.94
CA ASN H 20 -22.66 17.76 -5.65
C ASN H 20 -21.59 17.37 -4.62
N LYS H 21 -20.37 17.80 -4.90
CA LYS H 21 -19.21 17.37 -4.15
C LYS H 21 -19.00 18.32 -3.00
N ILE H 22 -18.71 17.76 -1.82
CA ILE H 22 -18.26 18.57 -0.70
C ILE H 22 -16.87 18.13 -0.25
N THR H 23 -16.03 19.09 0.13
CA THR H 23 -14.77 18.75 0.77
C THR H 23 -14.73 19.18 2.21
N VAL H 24 -14.19 18.32 3.06
CA VAL H 24 -13.90 18.74 4.40
C VAL H 24 -12.39 18.72 4.57
N VAL H 25 -11.82 19.87 4.89
CA VAL H 25 -10.38 20.00 5.12
C VAL H 25 -10.10 19.86 6.62
N GLY H 26 -9.23 18.91 6.96
CA GLY H 26 -8.99 18.60 8.35
C GLY H 26 -9.86 17.45 8.81
N VAL H 27 -9.22 16.40 9.32
CA VAL H 27 -9.95 15.23 9.81
C VAL H 27 -9.77 15.07 11.31
N GLY H 28 -9.66 16.20 12.00
CA GLY H 28 -9.78 16.18 13.44
C GLY H 28 -11.23 15.92 13.83
N ALA H 29 -11.53 16.08 15.11
CA ALA H 29 -12.84 15.74 15.64
C ALA H 29 -13.96 16.57 15.02
N VAL H 30 -13.68 17.83 14.73
CA VAL H 30 -14.69 18.67 14.08
C VAL H 30 -14.87 18.33 12.60
N GLY H 31 -13.77 18.08 11.91
CA GLY H 31 -13.86 17.69 10.51
C GLY H 31 -14.73 16.47 10.32
N MET H 32 -14.49 15.44 11.13
CA MET H 32 -15.17 14.15 10.96
C MET H 32 -16.64 14.20 11.39
N ALA H 33 -16.94 15.00 12.41
CA ALA H 33 -18.32 15.22 12.83
C ALA H 33 -19.10 15.92 11.71
N CYS H 34 -18.46 16.87 11.03
CA CYS H 34 -19.04 17.47 9.83
C CYS H 34 -19.24 16.44 8.75
N ALA H 35 -18.19 15.65 8.49
CA ALA H 35 -18.26 14.62 7.47
C ALA H 35 -19.44 13.70 7.75
N ILE H 36 -19.47 13.14 8.94
CA ILE H 36 -20.47 12.13 9.24
C ILE H 36 -21.89 12.72 9.19
N SER H 37 -22.06 13.94 9.70
CA SER H 37 -23.37 14.56 9.69
C SER H 37 -23.82 14.77 8.23
N ILE H 38 -22.89 15.22 7.39
CA ILE H 38 -23.18 15.46 5.99
C ILE H 38 -23.55 14.18 5.24
N LEU H 39 -22.86 13.09 5.57
CA LEU H 39 -23.16 11.78 4.97
C LEU H 39 -24.50 11.24 5.44
N MET H 40 -24.89 11.57 6.66
CA MET H 40 -26.14 11.01 7.16
C MET H 40 -27.37 11.83 6.77
N LYS H 41 -27.15 13.04 6.26
CA LYS H 41 -28.21 13.83 5.65
C LYS H 41 -28.23 13.78 4.12
N ASP H 42 -27.32 13.03 3.52
CA ASP H 42 -27.28 12.86 2.06
C ASP H 42 -27.13 14.15 1.25
N LEU H 43 -26.14 14.98 1.58
CA LEU H 43 -26.01 16.28 0.94
C LEU H 43 -25.08 16.26 -0.26
N ALA H 44 -24.32 15.19 -0.41
CA ALA H 44 -23.26 15.14 -1.42
C ALA H 44 -23.34 13.84 -2.21
N ASP H 45 -22.97 13.88 -3.48
CA ASP H 45 -22.78 12.63 -4.19
C ASP H 45 -21.32 12.20 -4.15
N GLU H 46 -20.46 13.08 -3.63
CA GLU H 46 -19.06 12.73 -3.42
C GLU H 46 -18.45 13.53 -2.29
N LEU H 47 -17.66 12.87 -1.45
CA LEU H 47 -17.02 13.53 -0.32
C LEU H 47 -15.52 13.41 -0.40
N ALA H 48 -14.83 14.53 -0.21
CA ALA H 48 -13.38 14.51 -0.13
C ALA H 48 -12.87 14.95 1.26
N LEU H 49 -11.95 14.17 1.80
CA LEU H 49 -11.23 14.55 3.01
C LEU H 49 -9.78 14.89 2.68
N VAL H 50 -9.29 15.99 3.23
CA VAL H 50 -7.89 16.38 3.03
C VAL H 50 -7.28 16.83 4.36
N ASP H 51 -6.00 16.51 4.55
CA ASP H 51 -5.25 16.85 5.76
C ASP H 51 -3.77 16.58 5.49
N VAL H 52 -2.89 16.81 6.48
CA VAL H 52 -1.47 16.44 6.35
C VAL H 52 -1.04 15.19 7.10
N MET H 53 -1.85 14.75 8.07
CA MET H 53 -1.61 13.50 8.81
C MET H 53 -2.04 12.29 7.97
N GLU H 54 -1.15 11.82 7.10
CA GLU H 54 -1.51 10.88 6.04
C GLU H 54 -2.17 9.56 6.45
N ASP H 55 -1.70 8.95 7.54
CA ASP H 55 -2.34 7.71 8.00
C ASP H 55 -3.73 8.00 8.56
N LYS H 56 -3.84 9.06 9.35
CA LYS H 56 -5.12 9.44 9.94
C LYS H 56 -6.13 9.76 8.84
N LEU H 57 -5.72 10.54 7.84
CA LEU H 57 -6.57 10.84 6.70
C LEU H 57 -7.08 9.55 6.07
N LYS H 58 -6.14 8.65 5.76
CA LYS H 58 -6.45 7.38 5.10
C LYS H 58 -7.36 6.49 5.96
N GLY H 59 -7.15 6.52 7.27
CA GLY H 59 -7.94 5.68 8.15
C GLY H 59 -9.38 6.14 8.21
N GLU H 60 -9.59 7.45 8.28
CA GLU H 60 -10.92 8.01 8.37
C GLU H 60 -11.68 7.75 7.06
N MET H 61 -10.98 7.88 5.94
CA MET H 61 -11.58 7.59 4.65
C MET H 61 -12.05 6.15 4.58
N MET H 62 -11.22 5.22 5.03
CA MET H 62 -11.56 3.80 4.93
C MET H 62 -12.68 3.43 5.89
N ASP H 63 -12.67 4.02 7.08
CA ASP H 63 -13.73 3.76 8.05
C ASP H 63 -15.06 4.20 7.46
N LEU H 64 -15.07 5.38 6.83
CA LEU H 64 -16.29 5.89 6.21
C LEU H 64 -16.74 5.02 5.04
N GLN H 65 -15.84 4.71 4.12
CA GLN H 65 -16.19 3.87 2.97
C GLN H 65 -16.78 2.53 3.43
N HIS H 66 -16.27 2.03 4.53
CA HIS H 66 -16.77 0.78 5.08
C HIS H 66 -18.26 0.82 5.45
N GLY H 67 -18.80 2.01 5.67
CA GLY H 67 -20.23 2.15 5.91
C GLY H 67 -21.06 2.35 4.66
N SER H 68 -20.44 2.23 3.49
CA SER H 68 -21.11 2.57 2.23
C SER H 68 -22.49 1.94 2.08
N LEU H 69 -22.63 0.68 2.50
CA LEU H 69 -23.91 -0.03 2.40
C LEU H 69 -25.08 0.74 3.05
N PHE H 70 -24.74 1.62 4.00
CA PHE H 70 -25.73 2.29 4.84
C PHE H 70 -25.88 3.78 4.48
N LEU H 71 -25.05 4.23 3.54
CA LEU H 71 -25.06 5.61 3.10
C LEU H 71 -25.62 5.70 1.68
N ARG H 72 -25.88 6.92 1.21
CA ARG H 72 -26.25 7.11 -0.19
C ARG H 72 -25.32 8.17 -0.76
N THR H 73 -24.07 8.16 -0.32
CA THR H 73 -23.04 9.00 -0.88
C THR H 73 -21.99 8.06 -1.43
N PRO H 74 -22.03 7.82 -2.76
CA PRO H 74 -21.37 6.70 -3.45
C PRO H 74 -19.83 6.74 -3.49
N LYS H 75 -19.25 7.88 -3.12
CA LYS H 75 -17.82 8.07 -3.34
C LYS H 75 -17.16 8.92 -2.26
N ILE H 76 -16.21 8.33 -1.55
CA ILE H 76 -15.42 9.03 -0.55
C ILE H 76 -13.95 8.94 -0.94
N VAL H 77 -13.30 10.11 -1.08
CA VAL H 77 -11.89 10.19 -1.41
C VAL H 77 -11.14 10.98 -0.37
N SER H 78 -9.86 10.69 -0.21
CA SER H 78 -8.99 11.57 0.57
C SER H 78 -7.59 11.62 -0.01
N GLY H 79 -6.80 12.56 0.47
CA GLY H 79 -5.42 12.61 0.08
C GLY H 79 -4.81 13.87 0.58
N LYS H 80 -3.47 13.88 0.61
CA LYS H 80 -2.71 15.06 0.98
C LYS H 80 -2.72 16.07 -0.17
N ASP H 81 -2.76 15.58 -1.40
CA ASP H 81 -2.79 16.44 -2.58
C ASP H 81 -4.22 16.93 -2.80
N TYR H 82 -4.37 18.22 -3.10
CA TYR H 82 -5.69 18.81 -3.19
C TYR H 82 -6.40 18.53 -4.51
N SER H 83 -5.76 17.75 -5.38
CA SER H 83 -6.40 17.35 -6.62
C SER H 83 -7.62 16.50 -6.31
N VAL H 84 -7.58 15.77 -5.20
CA VAL H 84 -8.74 14.99 -4.76
C VAL H 84 -9.93 15.88 -4.42
N THR H 85 -9.67 17.18 -4.36
CA THR H 85 -10.65 18.20 -3.98
C THR H 85 -11.39 18.80 -5.19
N ALA H 86 -10.89 18.51 -6.39
CA ALA H 86 -11.36 19.16 -7.61
C ALA H 86 -12.88 19.20 -7.75
N ASN H 87 -13.38 20.35 -8.19
CA ASN H 87 -14.78 20.54 -8.52
C ASN H 87 -15.76 20.43 -7.35
N SER H 88 -15.33 20.82 -6.14
CA SER H 88 -16.26 20.84 -5.00
C SER H 88 -17.24 22.01 -5.13
N LYS H 89 -18.51 21.77 -4.83
CA LYS H 89 -19.48 22.85 -4.72
C LYS H 89 -19.22 23.64 -3.45
N LEU H 90 -18.70 22.93 -2.45
CA LEU H 90 -18.53 23.49 -1.11
C LEU H 90 -17.32 22.88 -0.39
N VAL H 91 -16.56 23.74 0.28
CA VAL H 91 -15.37 23.28 0.99
C VAL H 91 -15.40 23.78 2.43
N ILE H 92 -15.28 22.85 3.37
CA ILE H 92 -15.37 23.17 4.79
C ILE H 92 -13.99 23.14 5.46
N ILE H 93 -13.56 24.30 5.98
CA ILE H 93 -12.23 24.44 6.56
C ILE H 93 -12.27 24.30 8.07
N THR H 94 -11.70 23.21 8.58
CA THR H 94 -11.61 22.99 10.03
C THR H 94 -10.15 22.88 10.43
N ALA H 95 -9.27 23.21 9.50
CA ALA H 95 -7.83 23.16 9.76
C ALA H 95 -7.39 24.32 10.63
N GLY H 96 -6.42 24.06 11.49
CA GLY H 96 -5.80 25.12 12.25
C GLY H 96 -4.74 24.62 13.21
N ALA H 97 -4.20 25.53 14.01
CA ALA H 97 -3.34 25.18 15.14
C ALA H 97 -4.08 25.53 16.41
N SER H 104 -0.30 34.45 22.49
CA SER H 104 -0.32 35.69 21.71
C SER H 104 -1.42 35.62 20.64
N ARG H 105 -2.46 36.42 20.82
CA ARG H 105 -3.53 36.49 19.83
C ARG H 105 -2.98 37.00 18.50
N LEU H 106 -1.72 37.44 18.51
CA LEU H 106 -1.11 37.98 17.30
C LEU H 106 -0.27 36.95 16.56
N ASN H 107 0.17 35.91 17.27
CA ASN H 107 1.05 34.91 16.67
C ASN H 107 0.38 33.56 16.43
N LEU H 108 -0.47 33.15 17.37
CA LEU H 108 -1.31 31.97 17.16
C LEU H 108 -2.03 32.10 15.83
N VAL H 109 -2.71 33.22 15.66
CA VAL H 109 -3.44 33.51 14.45
C VAL H 109 -2.51 33.48 13.24
N GLN H 110 -1.35 34.11 13.37
CA GLN H 110 -0.41 34.21 12.27
C GLN H 110 0.10 32.84 11.84
N ARG H 111 0.19 31.91 12.79
CA ARG H 111 0.52 30.54 12.43
C ARG H 111 -0.67 29.89 11.73
N ASN H 112 -1.88 30.33 12.05
CA ASN H 112 -3.07 29.85 11.34
C ASN H 112 -3.14 30.46 9.96
N VAL H 113 -2.72 31.73 9.86
CA VAL H 113 -2.70 32.40 8.57
C VAL H 113 -1.73 31.68 7.65
N ASN H 114 -0.63 31.19 8.22
CA ASN H 114 0.40 30.51 7.44
C ASN H 114 -0.18 29.20 6.90
N ILE H 115 -0.85 28.47 7.77
CA ILE H 115 -1.60 27.30 7.36
C ILE H 115 -2.52 27.66 6.19
N PHE H 116 -3.38 28.64 6.38
CA PHE H 116 -4.31 29.06 5.34
C PHE H 116 -3.60 29.49 4.06
N LYS H 117 -2.39 30.02 4.19
CA LYS H 117 -1.60 30.47 3.03
C LYS H 117 -1.28 29.31 2.09
N PHE H 118 -1.15 28.12 2.68
CA PHE H 118 -0.89 26.91 1.91
C PHE H 118 -2.17 26.23 1.46
N ILE H 119 -3.17 26.16 2.34
CA ILE H 119 -4.38 25.42 2.05
C ILE H 119 -5.33 26.14 1.10
N ILE H 120 -5.57 27.41 1.36
CA ILE H 120 -6.63 28.13 0.65
C ILE H 120 -6.34 28.29 -0.83
N PRO H 121 -5.07 28.56 -1.21
CA PRO H 121 -4.74 28.62 -2.64
C PRO H 121 -4.87 27.26 -3.32
N ASN H 122 -4.58 26.19 -2.57
CA ASN H 122 -4.71 24.83 -3.09
C ASN H 122 -6.15 24.53 -3.39
N VAL H 123 -7.03 25.00 -2.50
CA VAL H 123 -8.46 24.78 -2.64
C VAL H 123 -9.04 25.52 -3.83
N VAL H 124 -8.66 26.79 -4.02
CA VAL H 124 -9.27 27.57 -5.10
C VAL H 124 -8.76 27.14 -6.47
N LYS H 125 -7.55 26.62 -6.52
CA LYS H 125 -6.96 26.13 -7.76
C LYS H 125 -7.69 24.88 -8.28
N TYR H 126 -8.20 24.06 -7.37
CA TYR H 126 -8.93 22.84 -7.77
C TYR H 126 -10.44 23.00 -7.75
N SER H 127 -10.95 23.94 -6.97
CA SER H 127 -12.37 24.25 -6.95
C SER H 127 -12.62 25.75 -7.04
N PRO H 128 -12.36 26.32 -8.21
CA PRO H 128 -12.41 27.76 -8.48
C PRO H 128 -13.77 28.39 -8.18
N HIS H 129 -14.84 27.61 -8.26
CA HIS H 129 -16.17 28.16 -8.06
C HIS H 129 -16.87 27.72 -6.77
N CYS H 130 -16.14 27.08 -5.84
CA CYS H 130 -16.76 26.58 -4.62
C CYS H 130 -17.09 27.72 -3.66
N LYS H 131 -18.10 27.51 -2.83
CA LYS H 131 -18.28 28.30 -1.63
C LYS H 131 -17.28 27.79 -0.57
N LEU H 132 -16.67 28.72 0.17
CA LEU H 132 -15.85 28.37 1.34
C LEU H 132 -16.66 28.52 2.62
N LEU H 133 -16.63 27.49 3.48
CA LEU H 133 -17.23 27.60 4.80
C LEU H 133 -16.17 27.33 5.84
N VAL H 134 -15.76 28.39 6.55
CA VAL H 134 -14.70 28.33 7.53
C VAL H 134 -15.25 28.13 8.93
N VAL H 135 -14.65 27.19 9.66
CA VAL H 135 -15.13 26.79 10.96
C VAL H 135 -14.01 26.92 12.00
N SER H 136 -12.76 26.99 11.55
CA SER H 136 -11.63 27.12 12.46
C SER H 136 -11.74 28.41 13.27
N ASN H 137 -11.30 28.36 14.53
CA ASN H 137 -11.20 29.56 15.38
C ASN H 137 -9.80 30.15 15.39
N PRO H 138 -9.69 31.48 15.52
CA PRO H 138 -10.81 32.40 15.73
C PRO H 138 -11.58 32.65 14.43
N VAL H 139 -12.83 32.18 14.40
CA VAL H 139 -13.53 31.99 13.14
C VAL H 139 -13.81 33.25 12.33
N ASP H 140 -14.02 34.38 12.98
CA ASP H 140 -14.25 35.63 12.24
C ASP H 140 -13.00 36.14 11.54
N ILE H 141 -11.87 36.06 12.24
CA ILE H 141 -10.60 36.49 11.68
C ILE H 141 -10.09 35.50 10.64
N LEU H 142 -10.36 34.21 10.85
CA LEU H 142 -9.93 33.20 9.90
C LEU H 142 -10.76 33.22 8.61
N THR H 143 -12.05 33.51 8.74
CA THR H 143 -12.91 33.66 7.57
C THR H 143 -12.51 34.90 6.76
N TYR H 144 -12.08 35.96 7.45
CA TYR H 144 -11.49 37.10 6.76
C TYR H 144 -10.23 36.69 6.01
N VAL H 145 -9.41 35.86 6.64
CA VAL H 145 -8.14 35.45 6.07
C VAL H 145 -8.35 34.62 4.80
N ALA H 146 -9.32 33.71 4.86
CA ALA H 146 -9.64 32.84 3.74
C ALA H 146 -10.20 33.66 2.60
N TRP H 147 -11.03 34.63 2.95
CA TRP H 147 -11.59 35.54 1.96
C TRP H 147 -10.43 36.25 1.24
N LYS H 148 -9.56 36.87 2.02
CA LYS H 148 -8.46 37.66 1.48
C LYS H 148 -7.52 36.82 0.61
N ILE H 149 -7.15 35.64 1.11
CA ILE H 149 -6.21 34.79 0.38
C ILE H 149 -6.85 34.13 -0.83
N SER H 150 -8.15 33.87 -0.76
CA SER H 150 -8.85 33.11 -1.81
C SER H 150 -9.10 33.98 -3.02
N GLY H 151 -9.43 35.25 -2.79
CA GLY H 151 -9.75 36.15 -3.88
C GLY H 151 -11.21 36.07 -4.24
N PHE H 152 -11.98 35.33 -3.44
CA PHE H 152 -13.39 35.15 -3.74
C PHE H 152 -14.20 36.43 -3.47
N PRO H 153 -15.30 36.62 -4.20
CA PRO H 153 -16.27 37.61 -3.75
C PRO H 153 -16.85 37.18 -2.40
N LYS H 154 -17.33 38.14 -1.62
CA LYS H 154 -17.64 37.90 -0.22
C LYS H 154 -18.81 36.94 -0.04
N ASN H 155 -19.74 36.93 -0.99
CA ASN H 155 -20.93 36.10 -0.88
C ASN H 155 -20.58 34.61 -0.83
N ARG H 156 -19.37 34.25 -1.26
CA ARG H 156 -18.94 32.87 -1.35
C ARG H 156 -17.99 32.47 -0.23
N VAL H 157 -17.72 33.39 0.69
CA VAL H 157 -16.88 33.09 1.84
C VAL H 157 -17.65 33.26 3.15
N ILE H 158 -17.80 32.15 3.87
CA ILE H 158 -18.75 32.07 4.96
C ILE H 158 -18.09 31.53 6.22
N GLY H 159 -18.25 32.23 7.33
CA GLY H 159 -17.74 31.74 8.60
C GLY H 159 -18.86 31.14 9.41
N SER H 160 -18.62 30.00 10.05
CA SER H 160 -19.70 29.38 10.83
C SER H 160 -20.12 30.28 12.00
N GLY H 161 -19.28 31.26 12.35
CA GLY H 161 -19.65 32.26 13.33
C GLY H 161 -20.54 31.82 14.48
N CYS H 162 -21.68 32.49 14.66
CA CYS H 162 -22.53 32.25 15.83
C CYS H 162 -23.62 31.20 15.60
N ASN H 163 -23.53 30.45 14.51
CA ASN H 163 -24.61 29.53 14.19
C ASN H 163 -24.83 28.57 15.36
N LEU H 164 -23.76 27.87 15.75
CA LEU H 164 -23.82 26.92 16.84
C LEU H 164 -24.28 27.53 18.18
N ASP H 165 -23.76 28.71 18.51
CA ASP H 165 -24.08 29.30 19.80
C ASP H 165 -25.57 29.72 19.89
N SER H 166 -26.16 30.11 18.76
CA SER H 166 -27.60 30.36 18.74
C SER H 166 -28.38 29.06 18.92
N ALA H 167 -27.83 27.97 18.41
CA ALA H 167 -28.42 26.66 18.60
C ALA H 167 -28.41 26.29 20.07
N ARG H 168 -27.30 26.59 20.75
CA ARG H 168 -27.21 26.31 22.17
C ARG H 168 -28.16 27.22 22.93
N PHE H 169 -28.23 28.47 22.51
CA PHE H 169 -29.11 29.44 23.14
C PHE H 169 -30.55 28.94 23.14
N ARG H 170 -30.99 28.47 21.98
CA ARG H 170 -32.36 27.99 21.78
C ARG H 170 -32.54 26.65 22.49
N TYR H 171 -31.48 25.85 22.56
CA TYR H 171 -31.58 24.65 23.36
C TYR H 171 -31.90 25.05 24.81
N LEU H 172 -31.03 25.85 25.41
CA LEU H 172 -31.19 26.30 26.80
C LEU H 172 -32.53 26.97 27.05
N MET H 173 -32.95 27.77 26.08
CA MET H 173 -34.22 28.46 26.14
C MET H 173 -35.34 27.43 26.22
N GLY H 174 -35.16 26.30 25.53
CA GLY H 174 -36.18 25.27 25.52
C GLY H 174 -36.19 24.42 26.77
N GLU H 175 -35.05 24.39 27.46
CA GLU H 175 -34.98 23.78 28.78
C GLU H 175 -35.86 24.55 29.74
N ARG H 176 -35.66 25.86 29.79
CA ARG H 176 -36.34 26.72 30.74
C ARG H 176 -37.86 26.74 30.54
N LEU H 177 -38.29 26.82 29.28
CA LEU H 177 -39.70 27.02 28.96
C LEU H 177 -40.50 25.71 28.90
N GLY H 178 -39.81 24.59 28.78
CA GLY H 178 -40.49 23.31 28.65
C GLY H 178 -40.81 22.98 27.20
N VAL H 179 -40.03 23.55 26.29
CA VAL H 179 -40.34 23.46 24.87
C VAL H 179 -39.12 23.11 24.02
N HIS H 180 -39.36 22.43 22.91
CA HIS H 180 -38.28 22.00 22.06
C HIS H 180 -37.63 23.23 21.43
N ALA H 181 -36.30 23.15 21.25
CA ALA H 181 -35.54 24.25 20.65
C ALA H 181 -36.14 24.70 19.33
N LEU H 182 -36.79 23.78 18.63
CA LEU H 182 -37.35 24.09 17.33
C LEU H 182 -38.40 25.20 17.41
N SER H 183 -39.03 25.34 18.57
CA SER H 183 -40.12 26.31 18.76
C SER H 183 -39.70 27.44 19.68
N CYS H 184 -38.42 27.48 20.02
CA CYS H 184 -37.87 28.61 20.73
C CYS H 184 -36.97 29.42 19.82
N HIS H 185 -37.19 30.72 19.79
CA HIS H 185 -36.46 31.57 18.88
C HIS H 185 -35.63 32.60 19.64
N GLY H 186 -34.43 32.84 19.14
CA GLY H 186 -33.47 33.67 19.84
C GLY H 186 -32.19 33.74 19.05
N TRP H 187 -31.61 34.92 18.97
CA TRP H 187 -30.46 35.09 18.11
C TRP H 187 -29.28 35.63 18.87
N ILE H 188 -28.14 34.94 18.74
CA ILE H 188 -26.87 35.45 19.20
C ILE H 188 -26.10 35.94 17.99
N LEU H 189 -25.67 37.21 18.03
CA LEU H 189 -25.09 37.86 16.87
C LEU H 189 -23.75 38.53 17.20
N GLY H 190 -23.09 39.07 16.18
CA GLY H 190 -21.89 39.83 16.40
C GLY H 190 -20.62 39.02 16.29
N GLU H 191 -19.64 39.34 17.13
CA GLU H 191 -18.35 38.64 17.15
C GLU H 191 -18.49 37.29 17.85
N HIS H 192 -17.98 36.23 17.23
CA HIS H 192 -18.13 34.91 17.82
C HIS H 192 -17.35 34.83 19.12
N GLY H 193 -17.96 34.25 20.15
CA GLY H 193 -17.25 34.10 21.40
C GLY H 193 -17.77 35.00 22.51
N ASP H 194 -16.87 35.43 23.38
CA ASP H 194 -17.25 36.11 24.62
C ASP H 194 -17.96 37.43 24.41
N SER H 195 -17.67 38.09 23.30
CA SER H 195 -18.22 39.42 23.04
C SER H 195 -19.43 39.39 22.10
N SER H 196 -20.06 38.22 21.98
CA SER H 196 -21.25 38.08 21.15
C SER H 196 -22.48 38.71 21.81
N VAL H 197 -23.48 39.05 21.00
CA VAL H 197 -24.60 39.85 21.44
C VAL H 197 -25.90 39.07 21.47
N PRO H 198 -26.35 38.64 22.66
CA PRO H 198 -27.67 37.98 22.69
C PRO H 198 -28.76 39.05 22.52
N VAL H 199 -29.51 38.95 21.43
CA VAL H 199 -30.42 40.04 21.04
C VAL H 199 -31.80 39.90 21.67
N TRP H 200 -31.93 40.35 22.91
CA TRP H 200 -33.08 40.08 23.75
C TRP H 200 -34.43 40.39 23.11
N SER H 201 -34.46 41.39 22.24
CA SER H 201 -35.71 41.84 21.65
C SER H 201 -36.33 40.82 20.69
N GLY H 202 -35.52 39.86 20.23
CA GLY H 202 -35.97 38.92 19.22
C GLY H 202 -36.51 37.63 19.80
N MET H 203 -36.13 37.34 21.04
CA MET H 203 -36.50 36.07 21.67
C MET H 203 -38.01 35.91 21.80
N ASN H 204 -38.52 34.76 21.39
CA ASN H 204 -39.96 34.51 21.46
C ASN H 204 -40.32 33.04 21.33
N VAL H 205 -41.57 32.74 21.66
CA VAL H 205 -42.23 31.52 21.22
C VAL H 205 -43.53 31.90 20.54
N ALA H 206 -43.74 31.38 19.33
CA ALA H 206 -44.97 31.60 18.58
C ALA H 206 -45.25 33.09 18.46
N GLY H 207 -44.22 33.87 18.19
CA GLY H 207 -44.41 35.28 18.00
C GLY H 207 -44.62 36.09 19.27
N VAL H 208 -44.70 35.45 20.43
CA VAL H 208 -44.85 36.21 21.69
C VAL H 208 -43.49 36.68 22.20
N SER H 209 -43.22 37.97 22.05
CA SER H 209 -41.99 38.57 22.54
C SER H 209 -41.80 38.34 24.04
N LEU H 210 -40.71 37.67 24.41
CA LEU H 210 -40.44 37.39 25.82
C LEU H 210 -40.10 38.67 26.56
N LYS H 211 -39.46 39.61 25.89
CA LYS H 211 -38.98 40.81 26.55
C LYS H 211 -40.13 41.76 26.83
N THR H 212 -41.17 41.69 26.02
CA THR H 212 -42.38 42.47 26.27
C THR H 212 -43.14 41.91 27.46
N LEU H 213 -43.20 40.59 27.58
CA LEU H 213 -43.80 39.94 28.75
C LEU H 213 -42.97 40.30 29.96
N HIS H 214 -41.66 40.41 29.75
CA HIS H 214 -40.72 40.54 30.84
C HIS H 214 -39.69 41.63 30.50
N PRO H 215 -39.96 42.87 30.91
CA PRO H 215 -39.12 44.01 30.50
C PRO H 215 -37.69 43.91 31.02
N GLU H 216 -37.52 43.23 32.16
CA GLU H 216 -36.21 43.06 32.79
C GLU H 216 -35.34 42.02 32.07
N LEU H 217 -35.89 41.41 31.02
CA LEU H 217 -35.20 40.30 30.36
C LEU H 217 -33.80 40.69 29.91
N GLY H 218 -32.80 40.05 30.48
CA GLY H 218 -31.43 40.32 30.08
C GLY H 218 -30.62 41.21 31.01
N THR H 219 -31.29 41.95 31.88
CA THR H 219 -30.61 42.93 32.71
C THR H 219 -30.18 42.34 34.05
N ASP H 220 -29.37 43.09 34.80
CA ASP H 220 -28.95 42.66 36.14
C ASP H 220 -30.14 42.64 37.10
N ALA H 221 -31.19 43.39 36.78
CA ALA H 221 -32.39 43.44 37.60
C ALA H 221 -33.23 42.19 37.39
N ASP H 222 -32.89 41.44 36.35
CA ASP H 222 -33.64 40.25 35.98
C ASP H 222 -33.63 39.25 37.14
N LYS H 223 -34.79 39.05 37.75
CA LYS H 223 -34.91 38.13 38.88
C LYS H 223 -34.82 36.68 38.42
N GLU H 224 -35.04 36.44 37.13
CA GLU H 224 -34.83 35.12 36.56
C GLU H 224 -33.43 34.94 35.97
N GLN H 225 -32.66 36.02 35.92
CA GLN H 225 -31.26 35.95 35.53
C GLN H 225 -31.06 35.26 34.18
N TRP H 226 -31.75 35.74 33.16
CA TRP H 226 -31.62 35.19 31.81
C TRP H 226 -30.31 35.59 31.14
N LYS H 227 -29.72 36.68 31.59
CA LYS H 227 -28.42 37.08 31.10
C LYS H 227 -27.40 35.96 31.32
N GLN H 228 -27.66 35.13 32.33
CA GLN H 228 -26.83 33.96 32.62
C GLN H 228 -26.96 32.89 31.54
N VAL H 229 -28.03 32.96 30.76
CA VAL H 229 -28.22 32.00 29.68
C VAL H 229 -27.22 32.31 28.58
N HIS H 230 -27.05 33.58 28.27
CA HIS H 230 -26.00 33.99 27.35
C HIS H 230 -24.62 33.64 27.91
N LYS H 231 -24.48 33.65 29.23
CA LYS H 231 -23.21 33.30 29.83
C LYS H 231 -22.92 31.82 29.59
N GLN H 232 -23.91 30.95 29.75
CA GLN H 232 -23.71 29.51 29.60
C GLN H 232 -23.31 29.15 28.18
N VAL H 233 -23.95 29.81 27.22
CA VAL H 233 -23.63 29.60 25.81
C VAL H 233 -22.19 29.98 25.53
N VAL H 234 -21.79 31.17 25.95
CA VAL H 234 -20.44 31.64 25.73
C VAL H 234 -19.40 30.75 26.43
N ASP H 235 -19.85 30.01 27.45
CA ASP H 235 -18.96 29.19 28.26
C ASP H 235 -19.00 27.70 27.91
N SER H 236 -20.05 27.28 27.21
CA SER H 236 -20.34 25.85 27.11
C SER H 236 -19.24 25.05 26.40
N ALA H 237 -18.54 25.67 25.46
CA ALA H 237 -17.48 24.97 24.74
C ALA H 237 -16.35 24.66 25.72
N TYR H 238 -15.97 25.66 26.48
CA TYR H 238 -14.97 25.49 27.52
C TYR H 238 -15.40 24.38 28.48
N GLU H 239 -16.65 24.42 28.91
CA GLU H 239 -17.18 23.39 29.79
C GLU H 239 -17.07 22.00 29.18
N VAL H 240 -17.43 21.87 27.91
CA VAL H 240 -17.45 20.55 27.30
C VAL H 240 -16.03 20.04 27.13
N ILE H 241 -15.12 20.93 26.73
CA ILE H 241 -13.71 20.58 26.57
C ILE H 241 -13.12 20.08 27.88
N LYS H 242 -13.59 20.62 29.00
CA LYS H 242 -13.14 20.19 30.31
C LYS H 242 -13.69 18.81 30.67
N LEU H 243 -14.84 18.45 30.11
CA LEU H 243 -15.45 17.15 30.37
C LEU H 243 -14.96 16.05 29.42
N LYS H 244 -14.82 16.39 28.13
CA LYS H 244 -14.44 15.39 27.12
C LYS H 244 -13.28 15.83 26.21
N GLY H 245 -12.68 16.97 26.51
CA GLY H 245 -11.44 17.35 25.86
C GLY H 245 -11.63 18.16 24.59
N TYR H 246 -12.84 18.12 24.04
CA TYR H 246 -13.14 18.83 22.81
C TYR H 246 -14.65 18.82 22.63
N THR H 247 -15.13 19.48 21.58
CA THR H 247 -16.52 19.32 21.19
C THR H 247 -16.54 18.93 19.74
N THR H 248 -17.64 18.31 19.31
CA THR H 248 -17.75 17.79 17.96
C THR H 248 -19.17 17.71 17.45
N TRP H 249 -20.02 17.00 18.19
CA TRP H 249 -21.32 16.62 17.66
C TRP H 249 -22.22 17.81 17.32
N ALA H 250 -22.40 18.74 18.27
CA ALA H 250 -23.23 19.90 18.01
C ALA H 250 -22.68 20.73 16.84
N ILE H 251 -21.37 20.98 16.83
CA ILE H 251 -20.77 21.83 15.78
C ILE H 251 -20.89 21.16 14.41
N GLY H 252 -20.69 19.84 14.39
CA GLY H 252 -20.93 19.08 13.18
C GLY H 252 -22.34 19.14 12.64
N LEU H 253 -23.33 19.01 13.53
CA LEU H 253 -24.72 19.05 13.10
C LEU H 253 -25.05 20.44 12.62
N SER H 254 -24.47 21.44 13.26
CA SER H 254 -24.72 22.84 12.87
C SER H 254 -24.11 23.19 11.51
N VAL H 255 -22.95 22.61 11.19
CA VAL H 255 -22.32 22.87 9.90
C VAL H 255 -23.04 22.13 8.78
N ALA H 256 -23.59 20.97 9.11
CA ALA H 256 -24.33 20.17 8.12
C ALA H 256 -25.65 20.88 7.82
N ASP H 257 -26.20 21.56 8.81
CA ASP H 257 -27.37 22.39 8.57
C ASP H 257 -27.03 23.50 7.58
N LEU H 258 -25.87 24.14 7.75
CA LEU H 258 -25.44 25.19 6.80
C LEU H 258 -25.19 24.55 5.44
N ALA H 259 -24.61 23.34 5.45
CA ALA H 259 -24.37 22.62 4.21
C ALA H 259 -25.71 22.42 3.51
N GLU H 260 -26.73 22.04 4.26
CA GLU H 260 -28.01 21.74 3.62
C GLU H 260 -28.60 22.95 2.90
N SER H 261 -28.57 24.11 3.55
CA SER H 261 -29.13 25.31 2.94
C SER H 261 -28.42 25.62 1.64
N ILE H 262 -27.10 25.48 1.65
CA ILE H 262 -26.27 25.76 0.48
C ILE H 262 -26.51 24.77 -0.65
N MET H 263 -26.50 23.48 -0.35
CA MET H 263 -26.64 22.43 -1.37
C MET H 263 -28.07 22.36 -1.94
N LYS H 264 -29.05 22.74 -1.14
CA LYS H 264 -30.43 22.70 -1.57
C LYS H 264 -31.00 24.06 -2.00
N ASN H 265 -30.14 25.08 -2.04
CA ASN H 265 -30.60 26.43 -2.37
C ASN H 265 -31.90 26.79 -1.63
N LEU H 266 -31.89 26.61 -0.31
CA LEU H 266 -33.09 26.80 0.49
C LEU H 266 -33.35 28.28 0.77
N ARG H 267 -32.29 29.07 0.83
CA ARG H 267 -32.41 30.46 1.23
C ARG H 267 -33.11 30.51 2.59
N ARG H 268 -32.65 29.69 3.52
CA ARG H 268 -32.98 29.87 4.92
C ARG H 268 -32.10 30.95 5.51
N VAL H 269 -32.54 31.53 6.62
CA VAL H 269 -31.78 32.57 7.31
C VAL H 269 -31.01 31.99 8.51
N HIS H 270 -29.69 32.18 8.55
CA HIS H 270 -28.87 31.62 9.65
C HIS H 270 -28.02 32.71 10.28
N PRO H 271 -27.76 32.59 11.59
CA PRO H 271 -26.79 33.48 12.23
C PRO H 271 -25.36 33.01 11.95
N ILE H 272 -24.76 33.56 10.89
CA ILE H 272 -23.41 33.18 10.47
C ILE H 272 -22.62 34.43 10.07
N SER H 273 -21.30 34.36 10.04
CA SER H 273 -20.52 35.57 9.87
C SER H 273 -20.21 35.90 8.42
N THR H 274 -20.47 37.15 8.03
CA THR H 274 -20.34 37.55 6.65
C THR H 274 -19.63 38.90 6.65
N MET H 275 -18.98 39.22 5.54
CA MET H 275 -18.25 40.46 5.36
C MET H 275 -19.24 41.65 5.34
N LEU H 276 -19.36 42.37 6.46
CA LEU H 276 -20.47 43.30 6.63
C LEU H 276 -20.15 44.77 6.42
N LYS H 277 -18.99 45.05 5.86
CA LYS H 277 -18.65 46.43 5.56
C LYS H 277 -19.86 47.07 4.90
N GLY H 278 -20.15 48.31 5.27
CA GLY H 278 -21.26 49.01 4.66
C GLY H 278 -22.58 48.82 5.40
N LEU H 279 -22.63 47.81 6.27
CA LEU H 279 -23.85 47.44 6.94
C LEU H 279 -23.71 47.65 8.43
N TYR H 280 -24.82 47.86 9.11
CA TYR H 280 -24.80 47.90 10.57
C TYR H 280 -23.80 48.93 11.08
N GLY H 281 -23.54 49.96 10.29
CA GLY H 281 -22.66 51.04 10.73
C GLY H 281 -21.19 50.69 10.65
N ILE H 282 -20.87 49.55 10.05
CA ILE H 282 -19.48 49.12 10.02
C ILE H 282 -18.75 49.62 8.78
N LYS H 283 -17.54 50.11 8.97
CA LYS H 283 -16.74 50.66 7.87
C LYS H 283 -15.49 49.86 7.56
N GLU H 284 -15.31 48.73 8.26
CA GLU H 284 -14.10 47.91 8.12
C GLU H 284 -14.34 46.59 7.37
N ASP H 285 -13.29 46.05 6.75
CA ASP H 285 -13.40 44.72 6.12
C ASP H 285 -13.30 43.62 7.15
N VAL H 286 -14.43 43.33 7.79
CA VAL H 286 -14.49 42.35 8.86
C VAL H 286 -15.69 41.43 8.74
N PHE H 287 -15.61 40.32 9.47
CA PHE H 287 -16.65 39.31 9.42
C PHE H 287 -17.36 39.19 10.77
N LEU H 288 -18.66 39.46 10.75
CA LEU H 288 -19.50 39.36 11.94
C LEU H 288 -20.75 38.58 11.59
N SER H 289 -21.32 37.88 12.56
CA SER H 289 -22.58 37.16 12.38
C SER H 289 -23.79 38.10 12.33
N VAL H 290 -24.48 38.09 11.20
CA VAL H 290 -25.80 38.69 11.10
C VAL H 290 -26.73 37.65 10.50
N PRO H 291 -28.05 37.88 10.61
CA PRO H 291 -29.00 36.92 10.02
C PRO H 291 -28.86 36.88 8.49
N CYS H 292 -28.22 35.83 7.98
CA CYS H 292 -27.86 35.77 6.56
C CYS H 292 -28.75 34.83 5.76
N VAL H 293 -29.17 35.29 4.59
CA VAL H 293 -29.94 34.45 3.68
C VAL H 293 -28.92 33.60 2.91
N LEU H 294 -28.98 32.28 3.13
CA LEU H 294 -27.95 31.37 2.65
C LEU H 294 -28.52 30.42 1.58
N GLY H 295 -27.96 30.45 0.37
CA GLY H 295 -28.40 29.55 -0.69
C GLY H 295 -27.26 29.08 -1.59
N GLN H 296 -27.59 28.62 -2.80
CA GLN H 296 -26.59 28.00 -3.68
C GLN H 296 -25.46 28.96 -4.08
N ASN H 297 -25.68 30.25 -3.87
CA ASN H 297 -24.64 31.25 -4.14
C ASN H 297 -23.99 31.75 -2.85
N GLY H 298 -24.16 31.00 -1.77
CA GLY H 298 -23.62 31.41 -0.49
C GLY H 298 -24.55 32.42 0.16
N ILE H 299 -24.01 33.54 0.61
CA ILE H 299 -24.82 34.58 1.25
C ILE H 299 -25.20 35.72 0.31
N SER H 300 -26.47 35.76 -0.08
CA SER H 300 -26.91 36.72 -1.09
C SER H 300 -27.60 37.94 -0.44
N ASP H 301 -27.93 37.81 0.83
CA ASP H 301 -28.74 38.80 1.51
C ASP H 301 -28.53 38.69 3.02
N VAL H 302 -28.78 39.79 3.72
CA VAL H 302 -28.76 39.78 5.18
C VAL H 302 -29.98 40.50 5.74
N VAL H 303 -30.49 39.97 6.84
CA VAL H 303 -31.54 40.65 7.57
C VAL H 303 -30.91 41.76 8.38
N LYS H 304 -31.47 42.96 8.29
CA LYS H 304 -31.07 44.07 9.14
C LYS H 304 -31.86 44.05 10.45
N VAL H 305 -31.23 43.57 11.51
CA VAL H 305 -31.86 43.55 12.83
C VAL H 305 -31.93 44.95 13.45
N THR H 306 -33.10 45.31 13.97
CA THR H 306 -33.25 46.55 14.72
C THR H 306 -32.58 46.42 16.07
N LEU H 307 -31.42 47.03 16.22
CA LEU H 307 -30.65 46.94 17.46
C LEU H 307 -30.79 48.21 18.29
N THR H 308 -30.70 48.05 19.61
CA THR H 308 -30.64 49.22 20.50
C THR H 308 -29.32 49.93 20.27
N SER H 309 -29.06 50.97 21.06
CA SER H 309 -27.86 51.77 20.88
C SER H 309 -26.65 51.08 21.44
N GLU H 310 -26.81 50.41 22.58
CA GLU H 310 -25.71 49.67 23.17
C GLU H 310 -25.45 48.41 22.36
N GLU H 311 -26.50 47.81 21.81
CA GLU H 311 -26.32 46.65 20.94
C GLU H 311 -25.56 47.10 19.70
N GLU H 312 -25.96 48.25 19.17
CA GLU H 312 -25.43 48.76 17.91
C GLU H 312 -23.98 49.22 18.07
N ALA H 313 -23.70 49.87 19.20
CA ALA H 313 -22.35 50.34 19.48
C ALA H 313 -21.45 49.18 19.84
N HIS H 314 -22.05 48.14 20.42
CA HIS H 314 -21.33 46.94 20.81
C HIS H 314 -20.79 46.20 19.59
N LEU H 315 -21.53 46.24 18.49
CA LEU H 315 -21.12 45.58 17.26
C LEU H 315 -19.99 46.34 16.58
N LYS H 316 -20.05 47.66 16.68
CA LYS H 316 -19.02 48.55 16.15
C LYS H 316 -17.67 48.26 16.83
N LYS H 317 -17.71 48.03 18.14
CA LYS H 317 -16.49 47.74 18.91
C LYS H 317 -15.92 46.40 18.52
N SER H 318 -16.77 45.48 18.07
CA SER H 318 -16.29 44.20 17.57
C SER H 318 -15.66 44.38 16.20
N ALA H 319 -16.26 45.21 15.35
CA ALA H 319 -15.64 45.54 14.06
C ALA H 319 -14.22 46.11 14.24
N ASP H 320 -14.06 47.07 15.15
CA ASP H 320 -12.75 47.71 15.34
C ASP H 320 -11.75 46.74 15.97
N THR H 321 -12.21 45.92 16.91
CA THR H 321 -11.34 44.95 17.56
C THR H 321 -10.77 43.98 16.53
N LEU H 322 -11.63 43.47 15.64
CA LEU H 322 -11.19 42.46 14.68
C LEU H 322 -10.26 43.06 13.66
N TRP H 323 -10.54 44.31 13.28
CA TRP H 323 -9.75 44.98 12.26
C TRP H 323 -8.33 45.25 12.78
N GLY H 324 -8.23 45.60 14.05
CA GLY H 324 -6.92 45.80 14.65
C GLY H 324 -6.08 44.52 14.66
N ILE H 325 -6.73 43.40 14.95
CA ILE H 325 -6.05 42.11 14.94
C ILE H 325 -5.63 41.80 13.51
N GLN H 326 -6.48 42.15 12.57
CA GLN H 326 -6.22 41.92 11.16
C GLN H 326 -5.15 42.81 10.54
N LYS H 327 -5.00 44.03 11.03
CA LYS H 327 -3.98 44.94 10.49
C LYS H 327 -2.59 44.38 10.72
N GLU H 328 -2.48 43.55 11.76
CA GLU H 328 -1.19 43.04 12.21
C GLU H 328 -0.94 41.59 11.80
N LEU H 329 -1.75 41.10 10.88
CA LEU H 329 -1.49 39.81 10.27
C LEU H 329 -0.57 40.00 9.06
N GLN H 330 0.24 39.01 8.76
CA GLN H 330 1.06 39.07 7.56
C GLN H 330 0.67 38.04 6.51
N PHE H 331 0.16 38.53 5.38
CA PHE H 331 -0.27 37.67 4.29
C PHE H 331 0.84 37.52 3.24
C1 1E6 I . 50.65 -31.17 -37.29
C2 1E6 I . 51.56 -30.87 -36.17
O3 1E6 I . 50.02 -30.12 -37.84
O4 1E6 I . 50.50 -32.30 -37.67
C5 1E6 I . 51.94 -29.54 -35.85
N6 1E6 I . 52.80 -29.25 -34.80
C7 1E6 I . 53.31 -30.27 -34.03
C8 1E6 I . 52.99 -31.63 -34.27
C9 1E6 I . 52.12 -31.92 -35.35
S10 1E6 I . 54.39 -29.87 -32.71
C11 1E6 I . 54.46 -28.37 -32.33
C12 1E6 I . 53.07 -27.69 -31.67
N15 1E6 I . 52.04 -27.30 -32.49
C16 1E6 I . 50.81 -26.73 -32.07
C17 1E6 I . 50.69 -25.96 -30.79
C18 1E6 I . 49.43 -25.38 -30.42
C19 1E6 I . 48.27 -25.55 -31.28
C20 1E6 I . 48.42 -26.29 -32.48
C21 1E6 I . 49.64 -26.88 -32.90
O22 1E6 I . 47.03 -25.01 -30.96
C23 1E6 I . 46.40 -24.31 -32.02
C24 1E6 I . 45.30 -23.41 -31.47
C27 1E6 I . 45.86 -22.39 -30.48
O28 1E6 I . 46.50 -21.37 -31.24
CL3 1E6 I . 49.32 -24.50 -28.93
O37 1E6 I . 49.76 -27.62 -34.11
C38 1E6 I . 48.91 -27.26 -35.22
O43 1E6 I . 53.31 -27.68 -30.47
O44 1E6 I . 44.33 -24.20 -30.82
C1 1E5 J . 37.35 -26.40 -28.10
C2 1E5 J . 38.36 -26.81 -27.09
C3 1E5 J . 39.73 -26.60 -27.36
C4 1E5 J . 40.16 -25.99 -28.54
C5 1E5 J . 39.20 -25.56 -29.52
C6 1E5 J . 37.82 -25.78 -29.27
O7 1E5 J . 39.48 -24.92 -30.76
C8 1E5 J . 40.82 -24.49 -31.06
C9 1E5 J . 41.24 -23.01 -30.37
O12 1E5 J . 42.29 -22.51 -30.50
O13 1E5 J . 40.33 -22.57 -29.48
C17 1E5 J . 35.90 -26.58 -27.80
N18 1E5 J . 35.02 -25.80 -28.53
C19 1E5 J . 33.68 -25.84 -28.34
C20 1E5 J . 33.11 -26.71 -27.37
C21 1E5 J . 33.99 -27.57 -26.59
C22 1E5 J . 35.39 -27.48 -26.82
C23 1E5 J . 31.66 -26.73 -27.18
O24 1E5 J . 31.17 -27.71 -26.40
O25 1E5 J . 30.93 -25.53 -27.40
F31 1E5 J . 40.62 -26.97 -26.45
C1 1E6 K . 50.08 -12.58 31.18
C2 1E6 K . 50.53 -13.68 30.29
O3 1E6 K . 48.75 -12.35 31.24
O4 1E6 K . 50.87 -11.92 31.82
C5 1E6 K . 49.61 -14.61 29.75
N6 1E6 K . 50.00 -15.65 28.92
C7 1E6 K . 51.33 -15.80 28.59
C8 1E6 K . 52.32 -14.92 29.08
C9 1E6 K . 51.91 -13.86 29.94
S10 1E6 K . 51.78 -17.13 27.52
C11 1E6 K . 50.58 -17.97 27.00
C12 1E6 K . 49.57 -17.22 25.89
N15 1E6 K . 48.69 -16.23 26.27
C16 1E6 K . 47.87 -15.47 25.42
C17 1E6 K . 47.50 -15.88 24.02
C18 1E6 K . 46.65 -15.03 23.23
C19 1E6 K . 46.14 -13.80 23.75
C20 1E6 K . 46.50 -13.44 25.08
C21 1E6 K . 47.35 -14.24 25.92
O22 1E6 K . 45.30 -12.96 22.99
C23 1E6 K . 44.39 -12.17 23.76
C24 1E6 K . 43.27 -11.63 22.88
C27 1E6 K . 42.66 -12.71 21.98
O28 1E6 K . 41.72 -13.39 22.81
CL3 1E6 K . 46.24 -15.53 21.62
O37 1E6 K . 47.69 -13.85 27.26
C38 1E6 K . 46.82 -12.96 27.98
O43 1E6 K . 49.87 -17.80 24.84
O44 1E6 K . 43.78 -10.60 22.06
C1 1E5 L . 44.37 -3.94 18.10
C2 1E5 L . 45.30 -4.89 17.41
C3 1E5 L . 45.51 -6.16 17.95
C4 1E5 L . 44.86 -6.59 19.12
C5 1E5 L . 43.96 -5.71 19.80
C6 1E5 L . 43.74 -4.41 19.27
O7 1E5 L . 43.24 -6.01 21.00
C8 1E5 L . 43.08 -7.37 21.42
C9 1E5 L . 42.01 -8.27 20.49
O12 1E5 L . 41.88 -9.44 20.61
O13 1E5 L . 41.18 -7.51 19.74
C17 1E5 L . 44.12 -2.60 17.50
N18 1E5 L . 42.90 -2.00 17.82
C19 1E5 L . 42.55 -0.81 17.31
C20 1E5 L . 43.40 -0.10 16.42
C21 1E5 L . 44.68 -0.68 16.05
C22 1E5 L . 45.02 -1.94 16.61
C23 1E5 L . 42.95 1.19 15.88
O24 1E5 L . 41.56 1.35 15.62
O25 1E5 L . 43.85 1.90 15.20
F31 1E5 L . 46.32 -6.98 17.35
C1 1E6 M . 28.01 2.59 -43.24
C2 1E6 M . 26.82 2.62 -42.35
O3 1E6 M . 28.23 1.45 -43.90
O4 1E6 M . 28.74 3.54 -43.34
C5 1E6 M . 26.44 1.49 -41.60
N6 1E6 M . 25.34 1.47 -40.75
C7 1E6 M . 24.58 2.60 -40.62
C8 1E6 M . 24.86 3.79 -41.33
C9 1E6 M . 25.99 3.80 -42.20
S10 1E6 M . 23.20 2.51 -39.50
C11 1E6 M . 22.92 1.10 -38.94
C12 1E6 M . 23.98 0.52 -37.78
N15 1E6 M . 25.19 -0.02 -38.16
C16 1E6 M . 26.18 -0.57 -37.33
C17 1E6 M . 25.92 -1.05 -35.95
C18 1E6 M . 26.99 -1.62 -35.17
C19 1E6 M . 28.33 -1.68 -35.71
C20 1E6 M . 28.55 -1.20 -37.04
C21 1E6 M . 27.51 -0.64 -37.86
O22 1E6 M . 29.38 -2.22 -34.96
C23 1E6 M . 30.42 -2.87 -35.71
C24 1E6 M . 31.44 -3.49 -34.77
C27 1E6 M . 30.85 -4.62 -33.96
O28 1E6 M . 30.53 -5.65 -34.89
CL3 1E6 M . 26.63 -2.16 -33.57
O37 1E6 M . 27.73 -0.17 -39.19
C38 1E6 M . 28.86 -0.64 -39.92
O43 1E6 M . 23.38 0.68 -36.71
O44 1E6 M . 31.93 -2.50 -33.89
C1 1E5 N . 38.21 0.05 -30.37
C2 1E5 N . 37.02 0.62 -29.69
C3 1E5 N . 35.74 0.38 -30.22
C4 1E5 N . 35.53 -0.38 -31.38
C5 1E5 N . 36.67 -0.96 -32.05
C6 1E5 N . 37.98 -0.72 -31.53
O7 1E5 N . 36.64 -1.75 -33.22
C8 1E5 N . 35.43 -2.40 -33.63
C9 1E5 N . 35.01 -3.72 -32.70
O12 1E5 N . 36.01 -4.15 -31.90
O13 1E5 N . 33.89 -4.11 -32.59
C17 1E5 N . 39.57 0.28 -29.79
N18 1E5 N . 40.52 -0.71 -30.00
C19 1E5 N . 41.77 -0.63 -29.49
C20 1E5 N . 42.18 0.48 -28.70
C21 1E5 N . 41.23 1.54 -28.47
C22 1E5 N . 39.92 1.42 -29.02
C23 1E5 N . 43.54 0.52 -28.15
O24 1E5 N . 43.87 1.66 -27.50
O25 1E5 N . 44.16 -0.72 -27.82
F31 1E5 N . 34.68 0.90 -29.59
C1 1E6 O . 11.22 -3.73 25.53
C2 1E6 O . 11.01 -2.79 24.40
O3 1E6 O . 10.33 -4.43 25.94
O4 1E6 O . 12.45 -3.74 26.06
C5 1E6 O . 12.00 -1.84 24.03
N6 1E6 O . 11.83 -0.96 22.98
C7 1E6 O . 10.67 -1.00 22.25
C8 1E6 O . 9.63 -1.90 22.53
C9 1E6 O . 9.80 -2.80 23.61
S10 1E6 O . 10.52 0.16 20.90
C11 1E6 O . 11.84 0.89 20.52
C12 1E6 O . 13.04 -0.02 19.81
N15 1E6 O . 13.84 -0.85 20.58
C16 1E6 O . 14.86 -1.71 20.14
C17 1E6 O . 15.58 -1.55 18.85
C18 1E6 O . 16.63 -2.47 18.47
C19 1E6 O . 16.99 -3.57 19.35
C20 1E6 O . 16.27 -3.71 20.58
C21 1E6 O . 15.22 -2.81 21.01
O22 1E6 O . 17.99 -4.47 18.98
C23 1E6 O . 18.87 -4.95 20.02
C24 1E6 O . 19.83 -5.97 19.43
C27 1E6 O . 20.68 -5.35 18.32
O28 1E6 O . 21.45 -4.31 18.93
CL3 1E6 O . 17.45 -2.25 16.96
O37 1E6 O . 14.53 -2.96 22.24
C38 1E6 O . 15.30 -3.26 23.42
O43 1E6 O . 12.96 0.27 18.62
O44 1E6 O . 19.09 -7.05 18.87
C1 1E5 P . 19.84 -14.24 15.89
C2 1E5 P . 19.11 -13.40 14.89
C3 1E5 P . 18.84 -12.06 15.21
C4 1E5 P . 19.21 -11.49 16.42
C5 1E5 P . 19.91 -12.28 17.40
C6 1E5 P . 20.20 -13.64 17.11
O7 1E5 P . 20.36 -11.83 18.67
C8 1E5 P . 20.40 -10.43 18.96
C9 1E5 P . 21.68 -9.59 18.24
O12 1E5 P . 22.63 -10.43 17.78
O13 1E5 P . 21.62 -8.45 17.95
C17 1E5 P . 20.17 -15.65 15.58
N18 1E5 P . 21.16 -16.20 16.36
C19 1E5 P . 21.59 -17.45 16.19
C20 1E5 P . 21.05 -18.28 15.18
C21 1E5 P . 20.01 -17.76 14.34
C22 1E5 P . 19.58 -16.43 14.56
C23 1E5 P . 21.60 -19.62 15.03
O24 1E5 P . 20.99 -20.42 14.15
O25 1E5 P . 22.95 -19.79 15.36
F31 1E5 P . 18.20 -11.30 14.32
C1 1E6 Q . -74.88 9.93 6.17
C2 1E6 Q . -74.21 8.97 7.08
O3 1E6 Q . -75.10 11.06 6.51
O4 1E6 Q . -75.24 9.46 4.98
C5 1E6 Q . -73.35 7.95 6.59
N6 1E6 Q . -72.71 7.05 7.43
C7 1E6 Q . -72.89 7.15 8.79
C8 1E6 Q . -73.72 8.12 9.37
C9 1E6 Q . -74.38 9.04 8.52
S10 1E6 Q . -72.04 5.97 9.82
C11 1E6 Q . -71.14 4.96 9.04
C12 1E6 Q . -69.73 5.55 8.33
N15 1E6 Q . -69.78 6.32 7.18
C16 1E6 Q . -68.71 6.99 6.54
C17 1E6 Q . -67.29 6.64 6.76
C18 1E6 Q . -66.24 7.36 6.08
C19 1E6 Q . -66.57 8.46 5.18
C20 1E6 Q . -67.94 8.77 4.99
C21 1E6 Q . -69.02 8.09 5.65
O22 1E6 Q . -65.56 9.17 4.50
C23 1E6 Q . -65.85 9.52 3.16
C24 1E6 Q . -64.64 10.19 2.54
C27 1E6 Q . -63.42 9.25 2.53
O28 1E6 Q . -63.68 8.31 1.48
CL3 1E6 Q . -64.60 6.89 6.37
O37 1E6 Q . -70.39 8.43 5.45
C38 1E6 Q . -70.74 9.17 4.27
O43 1E6 Q . -68.85 5.11 9.05
O44 1E6 Q . -64.30 11.38 3.24
C1 1E5 R . -60.43 18.09 3.90
C2 1E5 R . -60.26 17.36 5.20
C3 1E5 R . -60.93 16.13 5.38
C4 1E5 R . -61.73 15.56 4.38
C5 1E5 R . -61.92 16.24 3.14
C6 1E5 R . -61.26 17.50 2.92
O7 1E5 R . -62.69 15.80 2.04
C8 1E5 R . -63.14 14.43 1.98
C9 1E5 R . -61.93 13.31 1.65
O12 1E5 R . -60.80 13.89 1.21
O13 1E5 R . -61.96 12.19 2.06
C17 1E5 R . -59.73 19.38 3.70
N18 1E5 R . -59.57 19.80 2.37
C19 1E5 R . -58.92 20.93 2.04
C20 1E5 R . -58.37 21.77 3.04
C21 1E5 R . -58.52 21.39 4.44
C22 1E5 R . -59.21 20.19 4.74
C23 1E5 R . -57.67 22.99 2.66
O24 1E5 R . -57.44 23.89 3.63
O25 1E5 R . -57.03 23.07 1.38
F31 1E5 R . -60.76 15.47 6.54
C1 1E6 S . -11.73 -3.96 35.38
C2 1E6 S . -13.15 -3.75 35.73
O3 1E6 S . -10.93 -2.89 35.47
O4 1E6 S . -11.31 -5.04 35.02
C5 1E6 S . -13.73 -2.46 35.69
N6 1E6 S . -15.05 -2.23 36.00
C7 1E6 S . -15.85 -3.29 36.37
C8 1E6 S . -15.37 -4.62 36.44
C9 1E6 S . -14.01 -4.83 36.12
S10 1E6 S . -17.54 -2.92 36.75
C11 1E6 S . -17.90 -1.42 36.60
C12 1E6 S . -18.07 -0.86 35.02
N15 1E6 S . -16.95 -0.64 34.24
C16 1E6 S . -16.90 -0.21 32.91
C17 1E6 S . -18.05 0.43 32.20
C18 1E6 S . -17.91 0.85 30.82
C19 1E6 S . -16.65 0.67 30.12
C20 1E6 S . -15.57 0.04 30.82
C21 1E6 S . -15.66 -0.38 32.19
O22 1E6 S . -16.49 1.08 28.80
C23 1E6 S . -15.30 1.78 28.51
C24 1E6 S . -15.31 2.22 27.05
C27 1E6 S . -16.23 3.41 26.85
O28 1E6 S . -15.56 4.49 27.48
CL3 1E6 S . -19.28 1.59 30.05
O37 1E6 S . -14.57 -1.01 32.89
C38 1E6 S . -13.23 -0.63 32.56
O43 1E6 S . -19.29 -0.77 34.89
O44 1E6 S . -15.74 1.17 26.21
C1 1E5 T . -15.52 -2.26 19.16
C2 1E5 T . -16.86 -2.57 19.78
C3 1E5 T . -17.12 -2.13 21.09
C4 1E5 T . -16.17 -1.43 21.85
C5 1E5 T . -14.88 -1.13 21.28
C6 1E5 T . -14.59 -1.55 19.96
O7 1E5 T . -13.85 -0.42 21.93
C8 1E5 T . -14.13 0.29 23.14
C9 1E5 T . -14.84 1.78 22.87
O12 1E5 T . -14.99 2.03 21.56
O13 1E5 T . -15.42 2.39 23.71
C17 1E5 T . -15.25 -2.71 17.74
N18 1E5 T . -14.24 -2.04 17.07
C19 1E5 T . -13.92 -2.33 15.79
C20 1E5 T . -14.62 -3.34 15.08
C21 1E5 T . -15.68 -4.07 15.74
C22 1E5 T . -15.98 -3.73 17.08
C23 1E5 T . -14.27 -3.61 13.70
O24 1E5 T . -14.72 -4.74 13.18
O25 1E5 T . -13.90 -2.51 12.89
F31 1E5 T . -18.31 -2.40 21.64
C1 1E6 U . -54.52 13.03 -29.15
C2 1E6 U . -53.38 13.98 -29.00
O3 1E6 U . -55.47 13.08 -28.21
O4 1E6 U . -54.59 12.28 -30.08
C5 1E6 U . -53.33 14.93 -27.94
N6 1E6 U . -52.28 15.81 -27.78
C7 1E6 U . -51.23 15.80 -28.69
C8 1E6 U . -51.19 14.90 -29.78
C9 1E6 U . -52.28 13.99 -29.93
S10 1E6 U . -49.91 16.95 -28.44
C11 1E6 U . -50.05 17.82 -27.16
C12 1E6 U . -49.85 17.05 -25.68
N15 1E6 U . -50.91 16.45 -25.08
C16 1E6 U . -50.88 15.74 -23.86
C17 1E6 U . -49.93 16.05 -22.77
C18 1E6 U . -49.96 15.30 -21.55
C19 1E6 U . -50.92 14.21 -21.39
C20 1E6 U . -51.82 13.95 -22.46
C21 1E6 U . -51.83 14.68 -23.69
O22 1E6 U . -50.97 13.46 -20.22
C23 1E6 U . -52.22 12.81 -19.96
C24 1E6 U . -52.31 12.35 -18.50
C27 1E6 U . -51.75 13.38 -17.50
O28 1E6 U . -52.75 14.40 -17.39
CL3 1E6 U . -48.83 15.69 -20.30
O37 1E6 U . -52.72 14.39 -24.75
C38 1E6 U . -53.99 13.79 -24.44
O43 1E6 U . -48.67 17.21 -25.42
O44 1E6 U . -51.58 11.14 -18.36
C1 1E5 V . -49.22 4.46 -15.65
C2 1E5 V . -47.99 5.19 -16.08
C3 1E5 V . -48.10 6.44 -16.70
C4 1E5 V . -49.32 7.05 -16.94
C5 1E5 V . -50.54 6.38 -16.54
C6 1E5 V . -50.46 5.09 -15.91
O7 1E5 V . -51.85 6.88 -16.71
C8 1E5 V . -52.04 8.25 -17.02
C9 1E5 V . -51.83 9.28 -15.72
O12 1E5 V . -51.76 10.45 -15.83
O13 1E5 V . -51.54 8.62 -14.59
C17 1E5 V . -49.09 3.12 -14.99
N18 1E5 V . -50.17 2.64 -14.25
C19 1E5 V . -50.14 1.45 -13.60
C20 1E5 V . -48.95 0.63 -13.63
C21 1E5 V . -47.82 1.11 -14.39
C22 1E5 V . -47.91 2.35 -15.05
C23 1E5 V . -48.91 -0.65 -12.92
O24 1E5 V . -49.54 -0.76 -11.66
O25 1E5 V . -47.88 -1.48 -13.25
F31 1E5 V . -46.99 7.09 -17.06
C1 1E6 W . 2.61 25.48 11.75
C2 1E6 W . 2.22 25.26 10.33
O3 1E6 W . 2.40 24.46 12.59
O4 1E6 W . 3.10 26.52 12.11
C5 1E6 W . 1.96 23.96 9.83
N6 1E6 W . 1.59 23.72 8.51
C7 1E6 W . 1.45 24.78 7.65
C8 1E6 W . 1.68 26.12 8.04
C9 1E6 W . 2.07 26.35 9.40
S10 1E6 W . 0.96 24.42 5.98
C11 1E6 W . 0.63 22.94 5.71
C12 1E6 W . -0.84 22.37 6.28
N15 1E6 W . -0.93 21.73 7.49
C16 1E6 W . -2.12 21.46 8.20
C17 1E6 W . -3.34 20.95 7.55
C18 1E6 W . -4.52 20.69 8.33
C19 1E6 W . -4.52 20.93 9.76
C20 1E6 W . -3.34 21.43 10.36
C21 1E6 W . -2.13 21.70 9.62
O22 1E6 W . -5.69 20.68 10.51
C23 1E6 W . -5.54 20.68 11.94
C24 1E6 W . -6.46 19.63 12.58
C27 1E6 W . -6.61 18.35 11.75
O28 1E6 W . -6.28 17.29 12.64
CL3 1E6 W . -5.91 20.09 7.53
O37 1E6 W . -0.93 22.20 10.23
C38 1E6 W . -0.93 22.51 11.64
O43 1E6 W . -1.62 22.68 5.38
O44 1E6 W . -7.73 20.18 12.81
C1 1E5 X . -13.40 23.92 16.37
C2 1E5 X . -13.52 24.26 14.90
C3 1E5 X . -12.52 23.81 14.02
C4 1E5 X . -11.40 23.06 14.46
C5 1E5 X . -11.28 22.73 15.85
C6 1E5 X . -12.28 23.18 16.77
O7 1E5 X . -10.22 22.00 16.44
C8 1E5 X . -9.40 21.14 15.66
C9 1E5 X . -10.17 19.76 15.14
O12 1E5 X . -9.81 19.14 14.20
O13 1E5 X . -11.36 19.58 15.72
C17 1E5 X . -14.47 24.37 17.31
N18 1E5 X . -14.57 23.71 18.52
C19 1E5 X . -15.52 24.01 19.44
C20 1E5 X . -16.46 25.05 19.19
C21 1E5 X . -16.38 25.77 17.94
C22 1E5 X . -15.39 25.42 17.02
C23 1E5 X . -17.49 25.35 20.19
O24 1E5 X . -18.21 24.29 20.77
O25 1E5 X . -17.96 26.62 20.20
F31 1E5 X . -12.62 24.10 12.73
#